data_9EV9
#
_entry.id   9EV9
#
_cell.length_a   1.00
_cell.length_b   1.00
_cell.length_c   1.00
_cell.angle_alpha   90.00
_cell.angle_beta   90.00
_cell.angle_gamma   90.00
#
_symmetry.space_group_name_H-M   'P 1'
#
loop_
_entity.id
_entity.type
_entity.pdbx_description
1 polymer 'Neur_chan_LBD domain-containing protein'
2 non-polymer N-OCTANE
3 non-polymer DECANE
4 non-polymer TETRADECANE
#
_entity_poly.entity_id   1
_entity_poly.type   'polypeptide(L)'
_entity_poly.pdbx_seq_one_letter_code
;MHNLQQLLPTRSLIWIFSFLTSISIWCTVAHAETEGRVQHFTGYIEDGRGIFYSLPDMKQGDIIYASMQNTGGNLDPLVG
IMAEEIDPAVSLGQVLEKALASENDLISELTAVADRIFLGWDDDGGKGYSASLEFTIPRDGTYHIFAGSTITNQRLDKFQ
PTYTTGSFQLILGLNAPQVISGEGEPEGEVFASLASLEIKPEAHVQELEIRLDKDTRYLTQHTRNLQPGDTFHALVEPIG
EAPLPRLRLTDSGGKPLAFGLIDQPGESVELNYTCDQDICELVVHVDGTDGQKDSGEAVYRLLVGINAPNLRESGQTPVG
SSVFLESDLVTVGLAVDQIVGVDQRSENFSVVGTLKLSWHDPKLGFSPDQCGCTVKSFEDASIRAVAGEINLPLPSFSFY
NQQGNRWSQNQVIFVTPDGRASYFERFTVTLQAPDFDFLAYPFDRQKFSIKVDLAVPTNMFIFNEIERFQQVVGDQLGEE
EWVVTSYSQEITEVPFERGSTNSRFTTTLLVKRNLEYYILRIFVPLFLIISVSWVIFFLKDYGRQLEVASGNLLVFVAFN
FTISGDLPRLGYLTVLDRFMIVSFCLTAIVVLISVCQKRLGAVGKQAVAAQIDTWVLVIYPLVYSLYIIWVYLRFFTDHI
GW
;
_entity_poly.pdbx_strand_id   A,B,C,D,E
#
loop_
_chem_comp.id
_chem_comp.type
_chem_comp.name
_chem_comp.formula
C14 non-polymer TETRADECANE 'C14 H30'
D10 non-polymer DECANE 'C10 H22'
OCT non-polymer N-OCTANE 'C8 H18'
#
# COMPACT_ATOMS: atom_id res chain seq x y z
N ARG A 37 -63.06 5.12 8.75
CA ARG A 37 -62.68 6.53 8.68
C ARG A 37 -61.24 6.72 9.17
N VAL A 38 -60.31 6.85 8.23
CA VAL A 38 -58.88 6.93 8.53
C VAL A 38 -58.30 8.15 7.84
N GLN A 39 -57.44 8.86 8.54
CA GLN A 39 -56.81 10.07 8.03
C GLN A 39 -55.33 10.08 8.41
N HIS A 40 -54.49 10.64 7.54
CA HIS A 40 -53.05 10.71 7.75
C HIS A 40 -52.60 12.16 7.92
N PHE A 41 -51.57 12.35 8.74
CA PHE A 41 -50.97 13.65 8.96
C PHE A 41 -49.47 13.47 9.13
N THR A 42 -48.72 14.51 8.75
CA THR A 42 -47.27 14.53 8.90
C THR A 42 -46.85 15.91 9.40
N GLY A 43 -45.86 15.94 10.29
CA GLY A 43 -45.42 17.20 10.86
C GLY A 43 -43.99 17.12 11.34
N TYR A 44 -43.58 18.17 12.04
CA TYR A 44 -42.24 18.30 12.60
C TYR A 44 -42.33 18.92 13.98
N ILE A 45 -41.55 18.39 14.92
CA ILE A 45 -41.52 18.87 16.30
C ILE A 45 -40.16 19.47 16.58
N GLU A 46 -40.16 20.68 17.15
CA GLU A 46 -38.93 21.40 17.45
C GLU A 46 -38.90 21.75 18.93
N ASP A 47 -37.96 21.14 19.66
CA ASP A 47 -37.68 21.48 21.06
C ASP A 47 -38.94 21.40 21.92
N GLY A 48 -39.73 20.36 21.72
CA GLY A 48 -40.92 20.16 22.53
C GLY A 48 -42.00 21.19 22.34
N ARG A 49 -42.28 21.56 21.09
CA ARG A 49 -43.40 22.43 20.75
C ARG A 49 -44.42 21.60 19.99
N GLY A 50 -45.54 21.32 20.64
CA GLY A 50 -46.52 20.40 20.09
C GLY A 50 -47.42 21.02 19.03
N ILE A 51 -48.23 20.15 18.43
CA ILE A 51 -49.17 20.53 17.39
C ILE A 51 -50.56 20.06 17.80
N PHE A 52 -51.53 20.95 17.72
CA PHE A 52 -52.92 20.65 18.04
C PHE A 52 -53.69 20.28 16.78
N TYR A 53 -54.57 19.29 16.91
CA TYR A 53 -55.49 18.90 15.85
C TYR A 53 -56.90 18.92 16.40
N SER A 54 -57.83 19.44 15.60
CA SER A 54 -59.20 19.66 16.03
C SER A 54 -60.10 18.55 15.50
N LEU A 55 -60.96 18.02 16.38
CA LEU A 55 -61.95 17.01 16.03
C LEU A 55 -63.34 17.59 16.21
N PRO A 56 -63.89 18.26 15.20
CA PRO A 56 -65.15 19.00 15.37
C PRO A 56 -66.35 18.07 15.51
N ASP A 57 -67.15 18.32 16.55
CA ASP A 57 -68.46 17.70 16.74
C ASP A 57 -68.43 16.18 16.68
N MET A 58 -67.71 15.54 17.59
CA MET A 58 -67.86 14.11 17.75
C MET A 58 -69.16 13.80 18.51
N LYS A 59 -69.65 12.58 18.33
CA LYS A 59 -70.87 12.13 18.97
C LYS A 59 -70.56 11.13 20.07
N GLN A 60 -71.37 11.16 21.12
CA GLN A 60 -71.23 10.21 22.23
C GLN A 60 -71.36 8.78 21.73
N GLY A 61 -70.46 7.91 22.20
CA GLY A 61 -70.41 6.54 21.76
C GLY A 61 -69.36 6.24 20.72
N ASP A 62 -68.74 7.26 20.13
CA ASP A 62 -67.67 7.04 19.16
C ASP A 62 -66.39 6.60 19.85
N ILE A 63 -65.56 5.89 19.10
CA ILE A 63 -64.25 5.41 19.58
C ILE A 63 -63.17 6.06 18.74
N ILE A 64 -62.25 6.77 19.39
CA ILE A 64 -61.11 7.38 18.71
C ILE A 64 -59.91 6.46 18.82
N TYR A 65 -59.12 6.40 17.74
CA TYR A 65 -57.87 5.66 17.73
C TYR A 65 -56.75 6.58 17.25
N ALA A 66 -55.57 6.42 17.85
CA ALA A 66 -54.42 7.24 17.50
C ALA A 66 -53.16 6.40 17.48
N SER A 67 -52.23 6.76 16.60
CA SER A 67 -50.93 6.12 16.53
C SER A 67 -49.92 7.12 15.97
N MET A 68 -48.74 7.18 16.59
CA MET A 68 -47.72 8.14 16.21
C MET A 68 -46.38 7.44 16.15
N GLN A 69 -45.70 7.54 15.01
CA GLN A 69 -44.44 6.85 14.78
C GLN A 69 -43.35 7.84 14.38
N ASN A 70 -42.12 7.53 14.79
CA ASN A 70 -40.98 8.36 14.46
C ASN A 70 -40.48 8.04 13.06
N THR A 71 -40.27 9.08 12.24
CA THR A 71 -39.80 8.91 10.88
C THR A 71 -38.46 9.61 10.62
N GLY A 72 -37.83 10.16 11.65
CA GLY A 72 -36.55 10.84 11.48
C GLY A 72 -36.15 11.59 12.73
N GLY A 73 -34.86 11.57 13.06
CA GLY A 73 -34.39 12.19 14.27
C GLY A 73 -34.54 11.30 15.49
N ASN A 74 -34.48 11.94 16.66
CA ASN A 74 -34.57 11.25 17.94
C ASN A 74 -35.91 11.47 18.64
N LEU A 75 -36.96 11.80 17.91
CA LEU A 75 -38.25 12.12 18.50
C LEU A 75 -38.82 10.93 19.26
N ASP A 76 -39.39 11.22 20.43
CA ASP A 76 -40.10 10.23 21.24
C ASP A 76 -41.58 10.61 21.30
N PRO A 77 -42.46 9.95 20.56
CA PRO A 77 -43.84 10.43 20.44
C PRO A 77 -44.62 10.40 21.75
N LEU A 78 -45.56 11.34 21.86
CA LEU A 78 -46.54 11.40 22.93
C LEU A 78 -47.84 11.96 22.37
N VAL A 79 -48.97 11.38 22.79
CA VAL A 79 -50.28 11.80 22.30
C VAL A 79 -51.24 11.93 23.47
N GLY A 80 -52.07 12.97 23.42
CA GLY A 80 -53.08 13.20 24.44
C GLY A 80 -54.31 13.84 23.85
N ILE A 81 -55.45 13.63 24.52
CA ILE A 81 -56.74 14.11 24.03
C ILE A 81 -57.41 14.91 25.15
N MET A 82 -58.06 16.02 24.78
CA MET A 82 -58.68 16.91 25.75
C MET A 82 -59.79 17.70 25.07
N ALA A 83 -60.66 18.28 25.89
CA ALA A 83 -61.78 19.06 25.39
C ALA A 83 -61.38 20.49 25.07
N GLU A 84 -60.95 21.25 26.07
CA GLU A 84 -60.58 22.65 25.86
C GLU A 84 -59.10 22.76 25.52
N GLU A 85 -58.80 23.49 24.44
CA GLU A 85 -57.43 23.63 23.96
C GLU A 85 -56.65 24.57 24.86
N ILE A 86 -55.66 24.03 25.57
CA ILE A 86 -54.73 24.80 26.37
C ILE A 86 -53.32 24.29 26.11
N ASP A 87 -52.36 25.20 26.05
CA ASP A 87 -50.98 24.83 25.74
C ASP A 87 -50.35 24.11 26.94
N PRO A 88 -49.92 22.86 26.78
CA PRO A 88 -49.31 22.15 27.92
C PRO A 88 -47.90 22.60 28.26
N ALA A 89 -47.33 23.55 27.52
CA ALA A 89 -45.92 23.90 27.69
C ALA A 89 -45.63 24.40 29.10
N VAL A 90 -46.49 25.27 29.62
CA VAL A 90 -46.25 25.85 30.95
C VAL A 90 -46.28 24.78 32.03
N SER A 91 -47.20 23.82 31.93
CA SER A 91 -47.31 22.78 32.94
C SER A 91 -46.19 21.75 32.81
N LEU A 92 -45.87 21.34 31.58
CA LEU A 92 -44.82 20.35 31.37
C LEU A 92 -43.44 20.90 31.71
N GLY A 93 -43.24 22.21 31.56
CA GLY A 93 -41.95 22.80 31.89
C GLY A 93 -41.58 22.63 33.35
N GLN A 94 -42.56 22.68 34.25
CA GLN A 94 -42.29 22.49 35.66
C GLN A 94 -41.78 21.09 35.97
N VAL A 95 -42.15 20.10 35.16
CA VAL A 95 -41.63 18.75 35.34
C VAL A 95 -40.14 18.72 35.04
N LEU A 96 -39.71 19.39 33.97
CA LEU A 96 -38.29 19.49 33.68
C LEU A 96 -37.57 20.33 34.73
N GLU A 97 -38.26 21.31 35.32
CA GLU A 97 -37.65 22.14 36.35
C GLU A 97 -37.37 21.35 37.63
N LYS A 98 -38.15 20.34 37.91
CA LYS A 98 -37.98 19.65 39.16
C LYS A 98 -36.97 18.58 39.06
N ALA A 99 -36.92 17.91 37.94
CA ALA A 99 -36.04 16.79 37.77
C ALA A 99 -34.67 17.30 37.63
N LEU A 100 -34.53 18.43 36.97
CA LEU A 100 -33.21 18.99 36.76
C LEU A 100 -32.54 19.39 38.05
N ALA A 101 -33.27 19.39 39.14
CA ALA A 101 -32.65 19.89 40.36
C ALA A 101 -32.58 18.85 41.42
N SER A 102 -33.19 17.72 41.20
CA SER A 102 -33.23 16.75 42.25
C SER A 102 -33.36 15.36 41.78
N GLU A 103 -33.93 14.52 42.61
CA GLU A 103 -34.19 13.16 42.21
C GLU A 103 -35.53 13.28 41.56
N ASN A 104 -36.54 13.62 42.34
CA ASN A 104 -37.90 13.86 41.81
C ASN A 104 -38.62 12.75 41.08
N ASP A 105 -37.91 11.76 40.55
CA ASP A 105 -38.55 10.63 39.91
C ASP A 105 -39.47 11.05 38.78
N LEU A 106 -38.91 11.48 37.68
CA LEU A 106 -39.67 11.80 36.49
C LEU A 106 -40.87 10.96 36.17
N ILE A 107 -40.79 9.64 36.26
CA ILE A 107 -41.91 8.80 35.81
C ILE A 107 -43.07 8.96 36.72
N SER A 108 -42.84 9.41 37.92
CA SER A 108 -43.95 9.69 38.78
C SER A 108 -44.48 11.05 38.43
N GLU A 109 -43.63 12.07 38.44
CA GLU A 109 -44.14 13.42 38.18
C GLU A 109 -44.83 13.63 36.81
N LEU A 110 -44.41 12.94 35.79
CA LEU A 110 -44.99 13.04 34.46
C LEU A 110 -46.38 12.41 34.43
N THR A 111 -46.56 11.26 35.10
CA THR A 111 -47.86 10.62 35.12
C THR A 111 -48.88 11.49 35.85
N ALA A 112 -48.49 12.07 36.98
CA ALA A 112 -49.41 12.90 37.75
C ALA A 112 -49.83 14.14 36.96
N VAL A 113 -48.88 14.77 36.25
CA VAL A 113 -49.21 15.95 35.47
C VAL A 113 -50.08 15.58 34.26
N ALA A 114 -49.76 14.47 33.61
CA ALA A 114 -50.52 14.05 32.43
C ALA A 114 -51.95 13.68 32.80
N ASP A 115 -52.14 12.99 33.92
CA ASP A 115 -53.48 12.62 34.35
C ASP A 115 -54.35 13.84 34.69
N ARG A 116 -53.75 15.01 34.85
CA ARG A 116 -54.48 16.25 35.06
C ARG A 116 -54.70 16.99 33.75
N ILE A 117 -53.66 17.09 32.91
CA ILE A 117 -53.77 17.85 31.67
C ILE A 117 -54.72 17.18 30.70
N PHE A 118 -54.60 15.87 30.53
CA PHE A 118 -55.32 15.15 29.47
C PHE A 118 -56.37 14.23 30.07
N LEU A 119 -57.43 14.00 29.29
CA LEU A 119 -58.41 12.98 29.65
C LEU A 119 -57.89 11.58 29.32
N GLY A 120 -57.00 11.47 28.34
CA GLY A 120 -56.42 10.20 27.96
C GLY A 120 -55.13 10.39 27.20
N TRP A 121 -54.18 9.45 27.35
CA TRP A 121 -52.86 9.63 26.80
C TRP A 121 -52.15 8.28 26.73
N ASP A 122 -51.06 8.25 26.00
CA ASP A 122 -50.23 7.05 25.89
C ASP A 122 -48.82 7.45 25.49
N ASP A 123 -47.82 6.80 26.07
CA ASP A 123 -46.42 7.10 25.81
C ASP A 123 -45.78 6.06 24.89
N ASP A 124 -45.77 4.79 25.29
CA ASP A 124 -44.98 3.76 24.61
C ASP A 124 -45.80 2.51 24.33
N GLY A 125 -47.07 2.68 23.99
CA GLY A 125 -47.94 1.54 23.79
C GLY A 125 -47.73 0.77 22.51
N GLY A 126 -46.93 1.30 21.58
CA GLY A 126 -46.73 0.69 20.29
C GLY A 126 -45.38 0.01 20.16
N LYS A 127 -44.97 -0.23 18.91
CA LYS A 127 -43.71 -0.88 18.63
C LYS A 127 -42.57 0.09 18.92
N GLY A 128 -41.77 -0.23 19.93
CA GLY A 128 -40.71 0.66 20.35
C GLY A 128 -41.25 1.77 21.24
N TYR A 129 -40.89 3.02 20.93
CA TYR A 129 -41.32 4.17 21.70
C TYR A 129 -42.56 4.83 21.11
N SER A 130 -43.18 4.20 20.11
CA SER A 130 -44.37 4.77 19.47
C SER A 130 -45.59 4.63 20.37
N ALA A 131 -46.51 5.58 20.23
CA ALA A 131 -47.72 5.63 21.05
C ALA A 131 -48.93 5.10 20.30
N SER A 132 -49.89 4.56 21.06
CA SER A 132 -51.15 4.10 20.52
C SER A 132 -52.23 4.30 21.57
N LEU A 133 -53.39 4.81 21.16
CA LEU A 133 -54.40 5.26 22.12
C LEU A 133 -55.79 4.88 21.63
N GLU A 134 -56.61 4.37 22.57
CA GLU A 134 -58.03 4.14 22.36
C GLU A 134 -58.81 4.98 23.37
N PHE A 135 -59.81 5.72 22.89
CA PHE A 135 -60.53 6.66 23.75
C PHE A 135 -62.00 6.68 23.32
N THR A 136 -62.88 6.29 24.24
CA THR A 136 -64.32 6.35 24.00
C THR A 136 -64.83 7.76 24.28
N ILE A 137 -65.53 8.36 23.31
CA ILE A 137 -66.01 9.73 23.41
C ILE A 137 -67.03 9.83 24.54
N PRO A 138 -66.74 10.58 25.61
CA PRO A 138 -67.62 10.60 26.79
C PRO A 138 -69.02 11.11 26.51
N ARG A 139 -69.13 12.36 26.08
CA ARG A 139 -70.38 13.03 25.79
C ARG A 139 -70.33 13.59 24.37
N ASP A 140 -71.32 14.40 24.00
CA ASP A 140 -71.41 14.99 22.68
C ASP A 140 -70.73 16.36 22.68
N GLY A 141 -69.91 16.60 21.66
CA GLY A 141 -69.19 17.85 21.54
C GLY A 141 -67.94 17.67 20.70
N THR A 142 -67.06 18.66 20.78
CA THR A 142 -65.79 18.65 20.05
C THR A 142 -64.62 18.48 21.02
N TYR A 143 -63.51 17.96 20.51
CA TYR A 143 -62.33 17.70 21.32
C TYR A 143 -61.07 18.06 20.54
N HIS A 144 -59.94 18.04 21.24
CA HIS A 144 -58.65 18.38 20.67
C HIS A 144 -57.66 17.23 20.90
N ILE A 145 -56.80 16.99 19.90
CA ILE A 145 -55.74 15.99 19.97
C ILE A 145 -54.40 16.73 20.00
N PHE A 146 -53.54 16.34 20.94
CA PHE A 146 -52.24 16.98 21.13
C PHE A 146 -51.14 15.99 20.80
N ALA A 147 -50.27 16.35 19.87
CA ALA A 147 -49.10 15.55 19.51
C ALA A 147 -47.84 16.33 19.84
N GLY A 148 -46.83 15.62 20.35
CA GLY A 148 -45.63 16.29 20.80
C GLY A 148 -44.58 15.31 21.28
N SER A 149 -43.71 15.81 22.15
CA SER A 149 -42.57 15.05 22.65
C SER A 149 -42.68 14.87 24.16
N THR A 150 -42.37 13.66 24.62
CA THR A 150 -42.30 13.40 26.05
C THR A 150 -40.93 13.80 26.61
N ILE A 151 -40.77 13.64 27.92
CA ILE A 151 -39.51 13.93 28.60
C ILE A 151 -38.81 12.60 28.87
N THR A 152 -37.60 12.45 28.33
CA THR A 152 -36.87 11.19 28.40
C THR A 152 -35.40 11.45 28.62
N ASN A 153 -34.69 10.39 29.00
CA ASN A 153 -33.23 10.38 29.09
C ASN A 153 -32.68 9.43 28.03
N GLN A 154 -31.59 9.84 27.38
CA GLN A 154 -31.00 9.05 26.29
C GLN A 154 -29.49 8.92 26.46
N ARG A 155 -29.00 8.87 27.69
CA ARG A 155 -27.57 8.75 27.95
C ARG A 155 -27.33 7.74 29.07
N LEU A 156 -26.13 7.15 29.06
CA LEU A 156 -25.73 6.21 30.09
C LEU A 156 -24.58 6.71 30.96
N ASP A 157 -23.92 7.80 30.57
CA ASP A 157 -22.85 8.36 31.38
C ASP A 157 -23.38 9.26 32.49
N LYS A 158 -24.46 9.97 32.24
CA LYS A 158 -25.09 10.82 33.24
C LYS A 158 -26.59 10.90 32.94
N PHE A 159 -27.34 11.33 33.94
CA PHE A 159 -28.79 11.44 33.82
C PHE A 159 -29.17 12.89 33.54
N GLN A 160 -29.87 13.11 32.44
CA GLN A 160 -30.28 14.46 32.02
C GLN A 160 -31.56 14.36 31.21
N PRO A 161 -32.71 14.62 31.83
CA PRO A 161 -33.97 14.60 31.05
C PRO A 161 -34.07 15.80 30.12
N THR A 162 -34.55 15.54 28.91
CA THR A 162 -34.64 16.55 27.87
C THR A 162 -35.82 16.24 26.95
N TYR A 163 -36.15 17.21 26.10
CA TYR A 163 -37.13 17.01 25.04
C TYR A 163 -36.46 16.35 23.83
N THR A 164 -37.25 16.14 22.77
CA THR A 164 -36.77 15.48 21.56
C THR A 164 -37.29 16.22 20.33
N THR A 165 -36.60 16.04 19.21
CA THR A 165 -36.94 16.71 17.96
C THR A 165 -36.93 15.71 16.81
N GLY A 166 -37.79 15.95 15.83
CA GLY A 166 -37.82 15.10 14.66
C GLY A 166 -39.16 15.17 13.94
N SER A 167 -39.26 14.40 12.88
CA SER A 167 -40.47 14.28 12.09
C SER A 167 -41.30 13.08 12.56
N PHE A 168 -42.59 13.13 12.25
CA PHE A 168 -43.51 12.09 12.73
C PHE A 168 -44.62 11.85 11.72
N GLN A 169 -45.22 10.67 11.83
CA GLN A 169 -46.40 10.28 11.06
C GLN A 169 -47.52 9.96 12.04
N LEU A 170 -48.69 10.57 11.84
CA LEU A 170 -49.82 10.41 12.73
C LEU A 170 -51.00 9.84 11.97
N ILE A 171 -51.57 8.75 12.48
CA ILE A 171 -52.74 8.11 11.89
C ILE A 171 -53.87 8.18 12.89
N LEU A 172 -54.99 8.79 12.48
CA LEU A 172 -56.17 8.91 13.32
C LEU A 172 -57.32 8.13 12.71
N GLY A 173 -58.09 7.46 13.56
CA GLY A 173 -59.24 6.68 13.12
C GLY A 173 -60.45 6.95 13.98
N LEU A 174 -61.63 6.77 13.38
CA LEU A 174 -62.91 6.90 14.08
C LEU A 174 -63.70 5.62 13.86
N ASN A 175 -63.93 4.89 14.95
CA ASN A 175 -64.62 3.60 14.90
C ASN A 175 -63.98 2.66 13.89
N ALA A 176 -62.64 2.66 13.88
CA ALA A 176 -61.84 1.81 12.99
C ALA A 176 -60.82 1.08 13.85
N PRO A 177 -61.18 -0.10 14.38
CA PRO A 177 -60.28 -0.78 15.34
C PRO A 177 -58.96 -1.24 14.75
N GLN A 178 -58.77 -1.16 13.43
CA GLN A 178 -57.50 -1.59 12.85
C GLN A 178 -56.41 -0.52 12.96
N VAL A 179 -56.75 0.68 13.46
CA VAL A 179 -55.76 1.75 13.55
C VAL A 179 -54.69 1.43 14.58
N ILE A 180 -55.06 0.78 15.68
CA ILE A 180 -54.12 0.51 16.77
C ILE A 180 -53.04 -0.47 16.33
N SER A 181 -53.27 -1.16 15.21
CA SER A 181 -52.22 -1.98 14.62
C SER A 181 -51.16 -1.13 13.93
N GLY A 182 -51.46 0.13 13.64
CA GLY A 182 -50.51 1.02 12.98
C GLY A 182 -50.49 0.92 11.47
N GLU A 183 -51.39 0.14 10.87
CA GLU A 183 -51.39 -0.08 9.43
C GLU A 183 -52.66 0.38 8.74
N GLY A 184 -53.42 1.28 9.36
CA GLY A 184 -54.68 1.72 8.80
C GLY A 184 -54.49 2.56 7.55
N GLU A 185 -55.07 2.13 6.43
CA GLU A 185 -55.06 2.87 5.18
C GLU A 185 -56.19 3.89 5.16
N PRO A 186 -55.99 5.05 4.53
CA PRO A 186 -57.04 6.07 4.54
C PRO A 186 -58.32 5.57 3.88
N GLU A 187 -59.45 5.93 4.49
CA GLU A 187 -60.76 5.48 4.02
C GLU A 187 -61.83 6.44 4.49
N GLY A 188 -62.98 6.41 3.83
CA GLY A 188 -64.12 7.20 4.26
C GLY A 188 -63.94 8.68 4.00
N GLU A 189 -64.73 9.46 4.74
CA GLU A 189 -64.74 10.92 4.63
C GLU A 189 -64.09 11.52 5.86
N VAL A 190 -63.25 12.54 5.64
CA VAL A 190 -62.42 13.13 6.68
C VAL A 190 -63.26 13.65 7.84
N PHE A 191 -62.65 13.74 9.01
CA PHE A 191 -63.34 14.19 10.22
C PHE A 191 -62.53 15.14 11.09
N ALA A 192 -61.22 15.25 10.89
CA ALA A 192 -60.37 16.12 11.68
C ALA A 192 -59.50 16.97 10.77
N SER A 193 -59.06 18.11 11.29
CA SER A 193 -58.28 19.06 10.50
C SER A 193 -57.26 19.75 11.39
N LEU A 194 -56.29 20.40 10.74
CA LEU A 194 -55.27 21.15 11.47
C LEU A 194 -55.90 22.32 12.21
N ALA A 195 -55.52 22.49 13.47
CA ALA A 195 -56.06 23.57 14.28
C ALA A 195 -55.42 24.92 13.98
N SER A 196 -54.14 24.92 13.60
CA SER A 196 -53.43 26.19 13.41
C SER A 196 -54.00 26.99 12.24
N LEU A 197 -54.69 26.34 11.31
CA LEU A 197 -55.26 27.02 10.16
C LEU A 197 -56.39 27.96 10.53
N GLU A 198 -56.93 27.88 11.74
CA GLU A 198 -58.05 28.71 12.14
C GLU A 198 -57.65 30.14 12.50
N ILE A 199 -56.35 30.38 12.69
CA ILE A 199 -55.87 31.70 13.11
C ILE A 199 -54.76 32.29 12.24
N LYS A 200 -54.08 33.32 12.74
CA LYS A 200 -53.01 33.99 11.99
C LYS A 200 -51.64 33.33 12.17
N PRO A 201 -50.80 33.35 11.10
CA PRO A 201 -49.44 32.79 11.19
C PRO A 201 -48.47 33.52 12.13
N GLU A 202 -47.37 32.87 12.47
CA GLU A 202 -46.37 33.47 13.36
C GLU A 202 -45.26 34.13 12.54
N ALA A 203 -44.89 35.35 12.93
CA ALA A 203 -43.90 36.11 12.19
C ALA A 203 -42.49 35.80 12.69
N HIS A 204 -41.54 35.79 11.76
CA HIS A 204 -40.13 35.65 12.06
C HIS A 204 -39.38 36.82 11.46
N VAL A 205 -38.56 37.49 12.26
CA VAL A 205 -37.84 38.69 11.85
C VAL A 205 -36.38 38.55 12.25
N GLN A 206 -35.48 38.92 11.34
CA GLN A 206 -34.05 38.91 11.59
C GLN A 206 -33.42 40.15 10.98
N GLU A 207 -32.48 40.75 11.69
CA GLU A 207 -31.77 41.93 11.24
C GLU A 207 -30.28 41.69 11.28
N LEU A 208 -29.58 42.10 10.22
CA LEU A 208 -28.15 41.90 10.10
C LEU A 208 -27.49 43.17 9.59
N GLU A 209 -26.23 43.36 9.97
CA GLU A 209 -25.42 44.48 9.51
C GLU A 209 -24.38 43.97 8.52
N ILE A 210 -24.33 44.61 7.35
CA ILE A 210 -23.44 44.17 6.28
C ILE A 210 -22.59 45.35 5.83
N ARG A 211 -21.40 45.04 5.31
CA ARG A 211 -20.45 46.03 4.83
C ARG A 211 -19.95 45.61 3.46
N LEU A 212 -19.94 46.54 2.51
CA LEU A 212 -19.49 46.28 1.14
C LEU A 212 -18.12 46.91 0.96
N ASP A 213 -17.08 46.09 1.07
CA ASP A 213 -15.71 46.55 0.90
C ASP A 213 -15.43 46.83 -0.58
N LYS A 214 -14.21 47.27 -0.87
CA LYS A 214 -13.82 47.55 -2.25
C LYS A 214 -13.85 46.30 -3.10
N ASP A 215 -13.35 45.18 -2.57
CA ASP A 215 -13.29 43.92 -3.29
C ASP A 215 -14.45 43.00 -2.95
N THR A 216 -15.41 43.44 -2.15
CA THR A 216 -16.54 42.63 -1.71
C THR A 216 -17.84 43.38 -1.92
N ARG A 217 -18.01 43.93 -3.13
CA ARG A 217 -19.17 44.74 -3.44
C ARG A 217 -20.42 43.92 -3.77
N TYR A 218 -20.30 42.60 -3.84
CA TYR A 218 -21.42 41.71 -4.11
C TYR A 218 -21.61 40.75 -2.94
N LEU A 219 -22.84 40.63 -2.45
CA LEU A 219 -23.13 39.78 -1.32
C LEU A 219 -24.46 39.06 -1.55
N THR A 220 -24.51 37.78 -1.18
CA THR A 220 -25.71 36.97 -1.31
C THR A 220 -25.94 36.19 -0.02
N GLN A 221 -27.21 35.95 0.29
CA GLN A 221 -27.60 35.19 1.47
C GLN A 221 -28.70 34.21 1.11
N HIS A 222 -28.72 33.07 1.79
CA HIS A 222 -29.70 32.03 1.56
C HIS A 222 -30.75 32.03 2.65
N THR A 223 -32.00 31.77 2.28
CA THR A 223 -33.13 31.76 3.19
C THR A 223 -33.65 30.34 3.37
N ARG A 224 -34.30 30.10 4.50
CA ARG A 224 -34.90 28.81 4.77
C ARG A 224 -36.07 28.56 3.81
N ASN A 225 -36.50 27.30 3.74
CA ASN A 225 -37.58 26.93 2.84
C ASN A 225 -38.89 27.60 3.25
N LEU A 226 -39.68 27.98 2.26
CA LEU A 226 -40.97 28.62 2.47
C LEU A 226 -42.10 27.69 2.04
N GLN A 227 -43.12 27.58 2.88
CA GLN A 227 -44.30 26.79 2.56
C GLN A 227 -45.21 27.57 1.60
N PRO A 228 -46.05 26.86 0.84
CA PRO A 228 -46.97 27.56 -0.07
C PRO A 228 -47.90 28.49 0.69
N GLY A 229 -48.16 29.65 0.11
CA GLY A 229 -49.00 30.65 0.72
C GLY A 229 -48.27 31.67 1.58
N ASP A 230 -47.00 31.46 1.87
CA ASP A 230 -46.24 32.36 2.72
C ASP A 230 -45.93 33.66 2.00
N THR A 231 -45.42 34.63 2.76
CA THR A 231 -45.04 35.93 2.22
C THR A 231 -43.64 36.29 2.72
N PHE A 232 -42.94 37.10 1.92
CA PHE A 232 -41.56 37.45 2.18
C PHE A 232 -41.37 38.95 1.96
N HIS A 233 -40.73 39.61 2.93
CA HIS A 233 -40.46 41.04 2.85
C HIS A 233 -39.01 41.30 3.25
N ALA A 234 -38.47 42.39 2.73
CA ALA A 234 -37.10 42.81 3.05
C ALA A 234 -36.96 44.29 2.79
N LEU A 235 -36.00 44.91 3.49
CA LEU A 235 -35.69 46.32 3.28
C LEU A 235 -34.26 46.57 3.72
N VAL A 236 -33.65 47.61 3.13
CA VAL A 236 -32.27 47.97 3.40
C VAL A 236 -32.21 49.46 3.69
N GLU A 237 -31.47 49.83 4.75
CA GLU A 237 -31.30 51.22 5.13
C GLU A 237 -29.84 51.46 5.47
N PRO A 238 -29.16 52.39 4.81
CA PRO A 238 -27.75 52.65 5.10
C PRO A 238 -27.56 53.26 6.47
N ILE A 239 -26.40 52.98 7.06
CA ILE A 239 -26.04 53.58 8.35
C ILE A 239 -25.89 55.08 8.22
N GLY A 240 -25.20 55.55 7.19
CA GLY A 240 -24.94 56.96 7.03
C GLY A 240 -25.17 57.48 5.62
N GLU A 241 -24.18 58.17 5.07
CA GLU A 241 -24.28 58.79 3.76
C GLU A 241 -23.92 57.84 2.62
N ALA A 242 -23.90 56.54 2.88
CA ALA A 242 -23.56 55.59 1.83
C ALA A 242 -24.65 55.58 0.75
N PRO A 243 -24.29 55.44 -0.51
CA PRO A 243 -25.31 55.40 -1.58
C PRO A 243 -26.16 54.16 -1.49
N LEU A 244 -27.40 54.28 -1.97
CA LEU A 244 -28.34 53.18 -1.91
C LEU A 244 -27.95 52.07 -2.89
N PRO A 245 -27.76 50.85 -2.43
CA PRO A 245 -27.44 49.74 -3.34
C PRO A 245 -28.70 49.16 -3.96
N ARG A 246 -28.48 48.26 -4.92
CA ARG A 246 -29.58 47.59 -5.61
C ARG A 246 -29.95 46.30 -4.88
N LEU A 247 -31.23 45.94 -4.96
CA LEU A 247 -31.76 44.77 -4.27
C LEU A 247 -32.61 43.96 -5.23
N ARG A 248 -32.46 42.64 -5.18
CA ARG A 248 -33.23 41.74 -6.02
C ARG A 248 -33.35 40.39 -5.33
N LEU A 249 -34.29 39.58 -5.81
CA LEU A 249 -34.58 38.28 -5.22
C LEU A 249 -34.57 37.21 -6.31
N THR A 250 -33.81 36.15 -6.10
CA THR A 250 -33.72 35.03 -7.03
C THR A 250 -33.77 33.73 -6.25
N ASP A 251 -34.09 32.65 -6.95
CA ASP A 251 -34.15 31.32 -6.35
C ASP A 251 -32.74 30.76 -6.24
N SER A 252 -32.64 29.47 -5.90
CA SER A 252 -31.34 28.83 -5.77
C SER A 252 -30.61 28.66 -7.09
N GLY A 253 -31.33 28.71 -8.21
CA GLY A 253 -30.70 28.59 -9.51
C GLY A 253 -30.37 29.92 -10.15
N GLY A 254 -30.91 30.99 -9.59
CA GLY A 254 -30.68 32.33 -10.09
C GLY A 254 -31.82 32.93 -10.90
N LYS A 255 -32.93 32.23 -11.03
CA LYS A 255 -34.06 32.76 -11.80
C LYS A 255 -34.65 33.96 -11.06
N PRO A 256 -34.73 35.13 -11.66
CA PRO A 256 -35.24 36.31 -10.96
C PRO A 256 -36.71 36.15 -10.60
N LEU A 257 -37.06 36.68 -9.43
CA LEU A 257 -38.42 36.62 -8.92
C LEU A 257 -38.99 37.98 -8.55
N ALA A 258 -38.16 38.88 -8.03
CA ALA A 258 -38.63 40.20 -7.63
C ALA A 258 -37.45 41.18 -7.67
N PHE A 259 -37.78 42.46 -7.68
CA PHE A 259 -36.78 43.51 -7.70
C PHE A 259 -37.14 44.60 -6.69
N GLY A 260 -36.13 45.31 -6.21
CA GLY A 260 -36.34 46.30 -5.17
C GLY A 260 -36.96 47.58 -5.73
N LEU A 261 -37.80 48.20 -4.91
CA LEU A 261 -38.48 49.44 -5.26
C LEU A 261 -38.00 50.56 -4.34
N ILE A 262 -37.59 51.67 -4.93
CA ILE A 262 -37.16 52.83 -4.15
C ILE A 262 -38.39 53.63 -3.73
N ASP A 263 -38.53 53.87 -2.43
CA ASP A 263 -39.67 54.60 -1.92
C ASP A 263 -39.57 56.08 -2.27
N GLN A 264 -40.71 56.77 -2.18
CA GLN A 264 -40.72 58.22 -2.43
C GLN A 264 -39.80 58.96 -1.47
N PRO A 265 -39.79 58.68 -0.16
CA PRO A 265 -38.68 59.18 0.67
C PRO A 265 -37.44 58.34 0.44
N GLY A 266 -36.68 58.68 -0.60
CA GLY A 266 -35.66 57.77 -1.11
C GLY A 266 -34.47 57.58 -0.19
N GLU A 267 -34.71 56.91 0.94
CA GLU A 267 -33.65 56.53 1.87
C GLU A 267 -33.60 55.03 2.11
N SER A 268 -34.47 54.25 1.47
CA SER A 268 -34.49 52.80 1.66
C SER A 268 -35.05 52.14 0.42
N VAL A 269 -34.74 50.85 0.26
CA VAL A 269 -35.24 50.03 -0.83
C VAL A 269 -35.93 48.82 -0.22
N GLU A 270 -37.10 48.46 -0.76
CA GLU A 270 -37.92 47.40 -0.21
C GLU A 270 -38.27 46.39 -1.28
N LEU A 271 -38.69 45.21 -0.84
CA LEU A 271 -38.97 44.09 -1.73
C LEU A 271 -40.10 43.26 -1.13
N ASN A 272 -40.81 42.54 -1.99
CA ASN A 272 -41.94 41.73 -1.55
C ASN A 272 -42.11 40.55 -2.51
N TYR A 273 -42.61 39.45 -1.97
CA TYR A 273 -42.82 38.24 -2.75
C TYR A 273 -43.83 37.35 -2.04
N THR A 274 -44.44 36.45 -2.80
CA THR A 274 -45.39 35.49 -2.26
C THR A 274 -45.09 34.11 -2.84
N CYS A 275 -45.43 33.07 -2.08
CA CYS A 275 -45.04 31.71 -2.42
C CYS A 275 -46.15 31.01 -3.18
N ASP A 276 -45.79 30.34 -4.27
CA ASP A 276 -46.74 29.58 -5.09
C ASP A 276 -46.42 28.10 -5.16
N GLN A 277 -45.14 27.74 -5.30
CA GLN A 277 -44.74 26.35 -5.44
C GLN A 277 -44.81 25.63 -4.08
N ASP A 278 -44.70 24.31 -4.13
CA ASP A 278 -44.75 23.52 -2.90
C ASP A 278 -43.57 23.84 -1.99
N ILE A 279 -42.37 23.96 -2.56
CA ILE A 279 -41.17 24.32 -1.80
C ILE A 279 -40.43 25.41 -2.56
N CYS A 280 -40.12 26.50 -1.88
CA CYS A 280 -39.40 27.62 -2.47
C CYS A 280 -38.14 27.91 -1.65
N GLU A 281 -37.01 27.97 -2.33
CA GLU A 281 -35.73 28.36 -1.73
C GLU A 281 -35.31 29.67 -2.34
N LEU A 282 -35.08 30.67 -1.50
CA LEU A 282 -34.85 32.04 -1.95
C LEU A 282 -33.43 32.49 -1.61
N VAL A 283 -32.90 33.37 -2.45
CA VAL A 283 -31.59 33.98 -2.26
C VAL A 283 -31.74 35.48 -2.44
N VAL A 284 -31.19 36.25 -1.50
CA VAL A 284 -31.28 37.70 -1.49
C VAL A 284 -29.95 38.27 -1.96
N HIS A 285 -30.00 39.12 -2.99
CA HIS A 285 -28.83 39.74 -3.56
C HIS A 285 -28.77 41.21 -3.18
N VAL A 286 -27.62 41.65 -2.68
CA VAL A 286 -27.35 43.06 -2.41
C VAL A 286 -26.02 43.41 -3.07
N ASP A 287 -26.05 44.37 -4.00
CA ASP A 287 -24.86 44.76 -4.74
C ASP A 287 -24.78 46.27 -4.85
N GLY A 288 -23.55 46.78 -4.78
CA GLY A 288 -23.31 48.20 -4.96
C GLY A 288 -22.32 48.47 -6.07
N THR A 289 -22.22 47.54 -7.02
CA THR A 289 -21.26 47.65 -8.11
C THR A 289 -21.87 48.41 -9.29
N ASP A 290 -22.34 49.63 -8.98
CA ASP A 290 -22.87 50.50 -10.03
C ASP A 290 -21.76 50.90 -11.01
N GLY A 291 -20.58 51.20 -10.50
CA GLY A 291 -19.45 51.53 -11.33
C GLY A 291 -18.16 50.90 -10.84
N GLN A 292 -17.11 51.70 -10.70
CA GLN A 292 -15.83 51.18 -10.19
C GLN A 292 -15.26 52.08 -9.08
N LYS A 293 -16.08 52.92 -8.48
CA LYS A 293 -15.60 53.81 -7.42
C LYS A 293 -15.24 53.01 -6.18
N ASP A 294 -14.12 53.37 -5.56
CA ASP A 294 -13.69 52.75 -4.30
C ASP A 294 -14.13 53.64 -3.13
N SER A 295 -15.43 53.54 -2.83
CA SER A 295 -16.02 54.37 -1.78
C SER A 295 -15.41 54.07 -0.42
N GLY A 296 -15.00 52.82 -0.18
CA GLY A 296 -14.36 52.49 1.06
C GLY A 296 -15.13 51.55 1.97
N GLU A 297 -15.65 52.08 3.07
CA GLU A 297 -16.23 51.25 4.13
C GLU A 297 -17.73 51.50 4.28
N ALA A 298 -18.46 51.53 3.17
CA ALA A 298 -19.90 51.70 3.24
C ALA A 298 -20.54 50.54 4.00
N VAL A 299 -21.48 50.88 4.89
CA VAL A 299 -22.15 49.89 5.73
C VAL A 299 -23.65 50.14 5.68
N TYR A 300 -24.43 49.06 5.60
CA TYR A 300 -25.87 49.14 5.46
C TYR A 300 -26.53 48.24 6.50
N ARG A 301 -27.79 48.55 6.80
CA ARG A 301 -28.62 47.74 7.69
C ARG A 301 -29.66 47.00 6.86
N LEU A 302 -29.71 45.67 7.04
CA LEU A 302 -30.64 44.84 6.30
C LEU A 302 -31.65 44.23 7.27
N LEU A 303 -32.94 44.41 6.96
CA LEU A 303 -34.03 43.85 7.76
C LEU A 303 -34.84 42.92 6.88
N VAL A 304 -35.10 41.71 7.38
CA VAL A 304 -35.83 40.70 6.64
C VAL A 304 -36.86 40.06 7.56
N GLY A 305 -37.93 39.55 6.99
CA GLY A 305 -38.97 38.93 7.76
C GLY A 305 -39.80 37.97 6.93
N ILE A 306 -40.39 36.99 7.59
CA ILE A 306 -41.31 36.03 6.98
C ILE A 306 -42.64 36.15 7.69
N ASN A 307 -43.71 36.35 6.92
CA ASN A 307 -45.06 36.56 7.45
C ASN A 307 -45.09 37.73 8.43
N ALA A 308 -44.31 38.76 8.12
CA ALA A 308 -44.20 39.96 8.96
C ALA A 308 -44.35 41.19 8.07
N PRO A 309 -45.59 41.55 7.71
CA PRO A 309 -45.79 42.74 6.86
C PRO A 309 -45.47 44.05 7.56
N ASN A 310 -45.28 44.06 8.88
CA ASN A 310 -45.02 45.27 9.64
C ASN A 310 -43.54 45.54 9.85
N LEU A 311 -42.68 45.11 8.90
CA LEU A 311 -41.25 45.31 9.05
C LEU A 311 -40.86 46.79 9.07
N ARG A 312 -41.70 47.67 8.54
CA ARG A 312 -41.38 49.10 8.55
C ARG A 312 -41.23 49.62 9.98
N GLU A 313 -42.14 49.21 10.87
CA GLU A 313 -42.07 49.52 12.29
C GLU A 313 -42.28 48.22 13.06
N SER A 314 -41.20 47.46 13.22
CA SER A 314 -41.30 46.17 13.90
C SER A 314 -41.62 46.34 15.38
N GLY A 315 -40.88 47.21 16.07
CA GLY A 315 -41.09 47.43 17.48
C GLY A 315 -40.45 46.37 18.35
N GLN A 316 -40.91 45.13 18.21
CA GLN A 316 -40.35 44.02 18.97
C GLN A 316 -38.95 43.67 18.46
N THR A 317 -38.14 43.12 19.37
CA THR A 317 -36.85 42.58 18.98
C THR A 317 -37.06 41.36 18.09
N PRO A 318 -36.05 41.00 17.27
CA PRO A 318 -36.17 39.83 16.38
C PRO A 318 -36.75 38.61 17.07
N VAL A 319 -37.90 38.14 16.59
CA VAL A 319 -38.61 37.03 17.19
C VAL A 319 -38.52 35.81 16.27
N GLY A 320 -38.89 34.65 16.81
CA GLY A 320 -38.91 33.43 16.04
C GLY A 320 -37.52 32.94 15.67
N SER A 321 -37.50 32.01 14.73
CA SER A 321 -36.25 31.44 14.26
C SER A 321 -35.58 32.37 13.26
N SER A 322 -34.31 32.07 12.95
CA SER A 322 -33.56 32.87 11.99
C SER A 322 -34.15 32.73 10.60
N VAL A 323 -34.25 33.85 9.89
CA VAL A 323 -34.74 33.83 8.52
C VAL A 323 -33.71 33.20 7.59
N PHE A 324 -32.44 33.56 7.77
CA PHE A 324 -31.37 33.04 6.93
C PHE A 324 -30.77 31.78 7.54
N LEU A 325 -30.23 30.93 6.66
CA LEU A 325 -29.53 29.73 7.13
C LEU A 325 -28.21 30.13 7.79
N GLU A 326 -27.76 29.29 8.72
CA GLU A 326 -26.55 29.54 9.49
C GLU A 326 -25.53 28.45 9.24
N SER A 327 -24.36 28.89 9.47
CA SER A 327 -23.26 27.96 9.31
C SER A 327 -23.06 27.14 10.57
N ASP A 328 -22.62 25.90 10.39
CA ASP A 328 -22.38 25.00 11.52
C ASP A 328 -21.07 25.36 12.21
N LEU A 329 -21.08 25.31 13.53
CA LEU A 329 -19.93 25.71 14.34
C LEU A 329 -19.10 24.48 14.70
N VAL A 330 -17.78 24.60 14.52
CA VAL A 330 -16.86 23.49 14.75
C VAL A 330 -15.82 23.92 15.77
N THR A 331 -15.56 23.04 16.74
CA THR A 331 -14.52 23.25 17.74
C THR A 331 -13.30 22.42 17.38
N VAL A 332 -12.13 23.05 17.41
CA VAL A 332 -10.89 22.40 16.96
C VAL A 332 -9.83 22.53 18.06
N GLY A 333 -8.98 21.51 18.14
CA GLY A 333 -7.86 21.53 19.06
C GLY A 333 -6.74 20.66 18.55
N LEU A 334 -5.51 21.05 18.84
CA LEU A 334 -4.33 20.34 18.36
C LEU A 334 -3.23 20.41 19.40
N ALA A 335 -2.45 19.33 19.49
CA ALA A 335 -1.32 19.25 20.41
C ALA A 335 -0.11 18.66 19.68
N VAL A 336 1.08 19.06 20.12
CA VAL A 336 2.33 18.57 19.57
C VAL A 336 3.01 17.71 20.61
N ASP A 337 3.38 16.49 20.23
CA ASP A 337 4.03 15.55 21.14
C ASP A 337 5.54 15.54 21.00
N GLN A 338 6.05 15.53 19.77
CA GLN A 338 7.48 15.43 19.54
C GLN A 338 7.82 15.93 18.15
N ILE A 339 8.90 16.70 18.05
CA ILE A 339 9.50 17.06 16.77
C ILE A 339 10.55 16.02 16.45
N VAL A 340 10.32 15.24 15.39
CA VAL A 340 11.13 14.05 15.11
C VAL A 340 12.14 14.29 14.00
N GLY A 341 12.20 15.48 13.42
CA GLY A 341 13.19 15.74 12.40
C GLY A 341 13.05 17.06 11.68
N VAL A 342 14.19 17.63 11.26
CA VAL A 342 14.22 18.86 10.48
C VAL A 342 15.20 18.65 9.32
N ASP A 343 14.74 18.93 8.11
CA ASP A 343 15.57 18.82 6.90
C ASP A 343 15.93 20.24 6.46
N GLN A 344 17.21 20.58 6.56
CA GLN A 344 17.65 21.94 6.30
C GLN A 344 17.94 22.23 4.84
N ARG A 345 18.13 21.20 4.01
CA ARG A 345 18.35 21.43 2.59
C ARG A 345 17.03 21.48 1.82
N SER A 346 16.10 20.57 2.12
CA SER A 346 14.80 20.55 1.46
C SER A 346 13.77 21.42 2.17
N GLU A 347 14.11 21.97 3.33
CA GLU A 347 13.25 22.90 4.07
C GLU A 347 11.90 22.26 4.42
N ASN A 348 11.96 21.21 5.24
CA ASN A 348 10.75 20.58 5.75
C ASN A 348 11.07 19.95 7.11
N PHE A 349 10.02 19.72 7.89
CA PHE A 349 10.15 19.11 9.20
C PHE A 349 9.00 18.13 9.42
N SER A 350 9.16 17.27 10.41
CA SER A 350 8.18 16.25 10.76
C SER A 350 7.78 16.38 12.22
N VAL A 351 6.51 16.10 12.51
CA VAL A 351 5.95 16.30 13.84
C VAL A 351 4.96 15.18 14.15
N VAL A 352 4.80 14.90 15.44
CA VAL A 352 3.85 13.90 15.94
C VAL A 352 2.91 14.60 16.91
N GLY A 353 1.61 14.37 16.74
CA GLY A 353 0.65 15.05 17.58
C GLY A 353 -0.73 14.45 17.45
N THR A 354 -1.71 15.17 18.01
CA THR A 354 -3.10 14.74 18.07
C THR A 354 -4.01 15.86 17.63
N LEU A 355 -5.11 15.51 16.95
CA LEU A 355 -6.09 16.46 16.45
C LEU A 355 -7.49 16.03 16.90
N LYS A 356 -8.34 17.00 17.18
CA LYS A 356 -9.70 16.73 17.64
C LYS A 356 -10.66 17.75 17.05
N LEU A 357 -11.82 17.26 16.60
CA LEU A 357 -12.87 18.10 16.05
C LEU A 357 -14.20 17.75 16.71
N SER A 358 -15.09 18.73 16.78
CA SER A 358 -16.40 18.53 17.40
C SER A 358 -17.40 19.52 16.81
N TRP A 359 -18.60 19.04 16.49
CA TRP A 359 -19.65 19.88 15.95
C TRP A 359 -21.00 19.24 16.26
N HIS A 360 -22.07 19.97 15.94
CA HIS A 360 -23.43 19.54 16.22
C HIS A 360 -24.27 19.61 14.95
N ASP A 361 -24.96 18.51 14.64
CA ASP A 361 -25.78 18.43 13.44
C ASP A 361 -27.01 17.56 13.69
N PRO A 362 -28.21 18.15 13.71
CA PRO A 362 -29.42 17.34 13.96
C PRO A 362 -29.70 16.31 12.88
N LYS A 363 -29.19 16.49 11.66
CA LYS A 363 -29.44 15.52 10.59
C LYS A 363 -28.77 14.19 10.85
N LEU A 364 -27.76 14.15 11.73
CA LEU A 364 -27.10 12.89 12.08
C LEU A 364 -27.78 12.19 13.24
N GLY A 365 -28.79 12.79 13.84
CA GLY A 365 -29.46 12.16 14.97
C GLY A 365 -30.24 10.92 14.56
N PHE A 366 -30.42 10.02 15.53
CA PHE A 366 -31.13 8.78 15.32
C PHE A 366 -31.90 8.43 16.59
N SER A 367 -32.69 7.36 16.50
CA SER A 367 -33.47 6.88 17.64
C SER A 367 -32.84 5.63 18.20
N PRO A 368 -32.68 5.53 19.53
CA PRO A 368 -32.02 4.35 20.10
C PRO A 368 -32.74 3.04 19.82
N ASP A 369 -34.06 3.05 19.71
CA ASP A 369 -34.82 1.80 19.58
C ASP A 369 -34.63 1.12 18.24
N GLN A 370 -34.04 1.78 17.25
CA GLN A 370 -33.75 1.15 15.97
C GLN A 370 -32.38 0.49 15.95
N CYS A 371 -31.55 0.70 16.98
CA CYS A 371 -30.26 0.03 17.08
C CYS A 371 -29.95 -0.51 18.48
N GLY A 372 -30.72 -0.15 19.51
CA GLY A 372 -30.44 -0.62 20.85
C GLY A 372 -29.13 -0.14 21.41
N CYS A 373 -28.65 1.02 20.97
CA CYS A 373 -27.37 1.56 21.42
C CYS A 373 -27.48 3.07 21.56
N THR A 374 -26.55 3.63 22.32
CA THR A 374 -26.48 5.07 22.52
C THR A 374 -25.37 5.73 21.70
N VAL A 375 -24.42 4.95 21.18
CA VAL A 375 -23.30 5.49 20.41
C VAL A 375 -23.21 4.75 19.09
N LYS A 376 -23.15 5.50 18.00
CA LYS A 376 -22.88 4.97 16.67
C LYS A 376 -21.49 5.43 16.24
N SER A 377 -20.66 4.49 15.81
CA SER A 377 -19.25 4.75 15.61
C SER A 377 -18.78 4.30 14.24
N PHE A 378 -17.80 5.03 13.70
CA PHE A 378 -17.09 4.67 12.49
C PHE A 378 -15.60 4.66 12.80
N GLU A 379 -14.90 3.66 12.30
CA GLU A 379 -13.50 3.46 12.64
C GLU A 379 -12.65 3.26 11.39
N ASP A 380 -11.40 3.72 11.47
CA ASP A 380 -10.40 3.54 10.42
C ASP A 380 -10.87 4.11 9.08
N ALA A 381 -11.59 5.22 9.12
CA ALA A 381 -12.07 5.88 7.92
C ALA A 381 -11.89 7.38 8.03
N SER A 382 -11.59 8.02 6.91
CA SER A 382 -11.51 9.47 6.89
C SER A 382 -12.90 10.08 6.88
N ILE A 383 -12.96 11.40 7.10
CA ILE A 383 -14.23 12.11 7.11
C ILE A 383 -14.89 12.06 5.73
N ARG A 384 -14.09 12.14 4.67
CA ARG A 384 -14.64 12.09 3.31
C ARG A 384 -15.31 10.74 3.04
N ALA A 385 -14.68 9.64 3.46
CA ALA A 385 -15.25 8.32 3.24
C ALA A 385 -16.57 8.14 3.98
N VAL A 386 -16.62 8.59 5.23
CA VAL A 386 -17.87 8.49 6.01
C VAL A 386 -18.95 9.36 5.39
N ALA A 387 -18.59 10.57 4.93
CA ALA A 387 -19.57 11.44 4.29
C ALA A 387 -20.11 10.82 3.02
N GLY A 388 -19.24 10.17 2.23
CA GLY A 388 -19.71 9.48 1.04
C GLY A 388 -20.57 8.28 1.35
N GLU A 389 -20.28 7.58 2.44
CA GLU A 389 -21.06 6.40 2.80
C GLU A 389 -22.44 6.75 3.32
N ILE A 390 -22.54 7.78 4.17
CA ILE A 390 -23.83 8.15 4.76
C ILE A 390 -24.56 9.21 3.96
N ASN A 391 -23.94 9.72 2.88
CA ASN A 391 -24.58 10.69 1.99
C ASN A 391 -25.05 11.95 2.72
N LEU A 392 -24.19 12.47 3.59
CA LEU A 392 -24.44 13.74 4.24
C LEU A 392 -23.17 14.58 4.26
N PRO A 393 -23.28 15.91 4.19
CA PRO A 393 -22.08 16.76 4.21
C PRO A 393 -21.43 16.74 5.58
N LEU A 394 -20.11 16.59 5.60
CA LEU A 394 -19.31 16.54 6.80
C LEU A 394 -18.13 17.49 6.67
N PRO A 395 -17.60 18.00 7.79
CA PRO A 395 -16.47 18.96 7.74
C PRO A 395 -15.11 18.30 7.55
N SER A 396 -14.78 17.99 6.30
CA SER A 396 -13.49 17.41 5.97
C SER A 396 -12.39 18.47 6.05
N PHE A 397 -11.16 18.00 6.25
CA PHE A 397 -10.02 18.89 6.46
C PHE A 397 -8.80 18.31 5.77
N SER A 398 -7.75 19.13 5.70
CA SER A 398 -6.47 18.71 5.13
C SER A 398 -5.35 19.56 5.70
N PHE A 399 -4.14 19.03 5.64
CA PHE A 399 -2.95 19.80 5.98
C PHE A 399 -2.46 20.55 4.75
N TYR A 400 -2.20 21.85 4.91
CA TYR A 400 -1.93 22.69 3.75
C TYR A 400 -0.59 22.35 3.09
N ASN A 401 0.45 22.13 3.89
CA ASN A 401 1.80 21.89 3.38
C ASN A 401 2.25 20.45 3.58
N GLN A 402 1.33 19.50 3.49
CA GLN A 402 1.68 18.10 3.70
C GLN A 402 2.51 17.59 2.53
N GLN A 403 3.60 16.89 2.83
CA GLN A 403 4.48 16.29 1.84
C GLN A 403 4.35 14.77 1.95
N GLY A 404 3.87 14.14 0.89
CA GLY A 404 3.67 12.70 0.92
C GLY A 404 2.45 12.30 1.72
N ASN A 405 2.37 11.01 2.01
CA ASN A 405 1.25 10.46 2.76
C ASN A 405 1.42 10.73 4.25
N ARG A 406 0.31 10.66 4.97
CA ARG A 406 0.27 10.89 6.41
C ARG A 406 -0.11 9.59 7.13
N TRP A 407 0.61 9.29 8.20
CA TRP A 407 0.35 8.12 9.02
C TRP A 407 -0.64 8.48 10.12
N SER A 408 -1.71 7.70 10.24
CA SER A 408 -2.79 7.99 11.17
C SER A 408 -3.10 6.75 12.00
N GLN A 409 -3.39 6.98 13.29
CA GLN A 409 -3.74 5.91 14.21
C GLN A 409 -4.90 6.37 15.08
N ASN A 410 -5.68 5.40 15.57
CA ASN A 410 -6.81 5.65 16.46
C ASN A 410 -7.81 6.61 15.84
N GLN A 411 -8.08 6.44 14.55
CA GLN A 411 -9.03 7.30 13.84
C GLN A 411 -10.44 6.77 14.07
N VAL A 412 -11.31 7.62 14.62
CA VAL A 412 -12.66 7.19 14.99
C VAL A 412 -13.60 8.39 14.91
N ILE A 413 -14.83 8.12 14.48
CA ILE A 413 -15.91 9.10 14.50
C ILE A 413 -17.10 8.45 15.19
N PHE A 414 -17.66 9.13 16.19
CA PHE A 414 -18.83 8.63 16.89
C PHE A 414 -19.84 9.74 17.09
N VAL A 415 -21.12 9.38 17.02
CA VAL A 415 -22.24 10.33 17.04
C VAL A 415 -23.23 9.90 18.11
N THR A 416 -23.78 10.88 18.83
CA THR A 416 -24.81 10.69 19.83
C THR A 416 -26.20 10.85 19.21
N PRO A 417 -27.24 10.33 19.85
CA PRO A 417 -28.59 10.44 19.26
C PRO A 417 -29.06 11.87 19.06
N ASP A 418 -28.60 12.81 19.89
CA ASP A 418 -29.01 14.20 19.72
C ASP A 418 -28.38 14.84 18.50
N GLY A 419 -27.31 14.26 17.96
CA GLY A 419 -26.62 14.80 16.81
C GLY A 419 -25.25 15.37 17.06
N ARG A 420 -24.70 15.18 18.26
CA ARG A 420 -23.37 15.68 18.58
C ARG A 420 -22.32 14.70 18.05
N ALA A 421 -21.42 15.20 17.22
CA ALA A 421 -20.39 14.39 16.59
C ALA A 421 -19.01 14.91 16.95
N SER A 422 -18.03 14.01 16.97
CA SER A 422 -16.66 14.38 17.30
C SER A 422 -15.69 13.48 16.54
N TYR A 423 -14.50 14.01 16.28
CA TYR A 423 -13.47 13.32 15.52
C TYR A 423 -12.17 13.29 16.33
N PHE A 424 -11.43 12.19 16.19
CA PHE A 424 -10.17 12.00 16.89
C PHE A 424 -9.17 11.33 15.96
N GLU A 425 -7.90 11.73 16.06
CA GLU A 425 -6.86 11.17 15.22
C GLU A 425 -5.49 11.46 15.83
N ARG A 426 -4.61 10.47 15.74
CA ARG A 426 -3.19 10.63 16.07
C ARG A 426 -2.38 10.53 14.79
N PHE A 427 -1.59 11.55 14.50
CA PHE A 427 -0.97 11.71 13.20
C PHE A 427 0.54 11.84 13.30
N THR A 428 1.22 11.45 12.23
CA THR A 428 2.64 11.72 12.02
C THR A 428 2.79 12.22 10.60
N VAL A 429 3.20 13.48 10.44
CA VAL A 429 3.17 14.15 9.15
C VAL A 429 4.46 14.92 8.93
N THR A 430 4.80 15.13 7.66
CA THR A 430 5.93 15.96 7.24
C THR A 430 5.39 17.18 6.51
N LEU A 431 5.84 18.37 6.92
CA LEU A 431 5.29 19.62 6.42
C LEU A 431 6.41 20.47 5.81
N GLN A 432 6.12 21.04 4.64
CA GLN A 432 7.07 21.94 3.99
C GLN A 432 7.13 23.27 4.70
N ALA A 433 8.34 23.83 4.80
CA ALA A 433 8.58 25.10 5.46
C ALA A 433 9.44 25.98 4.57
N PRO A 434 8.83 26.63 3.57
CA PRO A 434 9.61 27.49 2.67
C PRO A 434 10.11 28.77 3.32
N ASP A 435 9.66 29.09 4.54
CA ASP A 435 10.06 30.30 5.23
C ASP A 435 11.37 30.16 6.01
N PHE A 436 12.00 28.99 5.98
CA PHE A 436 13.24 28.79 6.71
C PHE A 436 14.32 29.77 6.24
N ASP A 437 15.08 30.29 7.19
CA ASP A 437 16.17 31.22 6.90
C ASP A 437 17.33 30.87 7.82
N PHE A 438 18.43 30.36 7.26
CA PHE A 438 19.60 29.96 8.01
C PHE A 438 20.78 30.90 7.81
N LEU A 439 20.51 32.18 7.53
CA LEU A 439 21.59 33.13 7.32
C LEU A 439 22.39 33.37 8.59
N ALA A 440 21.71 33.42 9.74
CA ALA A 440 22.35 33.66 11.03
C ALA A 440 22.77 32.38 11.73
N TYR A 441 23.01 31.31 11.00
CA TYR A 441 23.41 30.05 11.60
C TYR A 441 24.74 30.22 12.34
N PRO A 442 24.90 29.63 13.54
CA PRO A 442 23.91 28.81 14.25
C PRO A 442 23.03 29.59 15.22
N PHE A 443 23.06 30.92 15.16
CA PHE A 443 22.29 31.77 16.05
C PHE A 443 20.91 32.11 15.50
N ASP A 444 20.45 31.39 14.48
CA ASP A 444 19.18 31.69 13.85
C ASP A 444 18.01 31.19 14.70
N ARG A 445 16.85 31.79 14.49
CA ARG A 445 15.61 31.37 15.11
C ARG A 445 14.58 31.10 14.02
N GLN A 446 13.81 30.03 14.18
CA GLN A 446 12.91 29.55 13.15
C GLN A 446 11.48 29.51 13.69
N LYS A 447 10.53 29.46 12.77
CA LYS A 447 9.11 29.32 13.09
C LYS A 447 8.58 28.04 12.46
N PHE A 448 7.91 27.21 13.26
CA PHE A 448 7.26 26.00 12.77
C PHE A 448 5.75 26.26 12.75
N SER A 449 5.17 26.28 11.55
CA SER A 449 3.76 26.60 11.37
C SER A 449 3.01 25.36 10.92
N ILE A 450 1.90 25.07 11.60
CA ILE A 450 1.03 23.95 11.26
C ILE A 450 -0.34 24.53 10.93
N LYS A 451 -0.80 24.29 9.70
CA LYS A 451 -2.05 24.86 9.20
C LYS A 451 -3.03 23.75 8.87
N VAL A 452 -4.25 23.88 9.39
CA VAL A 452 -5.35 22.95 9.10
C VAL A 452 -6.46 23.75 8.44
N ASP A 453 -6.85 23.35 7.23
CA ASP A 453 -7.87 24.04 6.45
C ASP A 453 -9.05 23.13 6.21
N LEU A 454 -10.26 23.65 6.43
CA LEU A 454 -11.46 22.92 6.06
C LEU A 454 -11.64 22.91 4.55
N ALA A 455 -12.10 21.78 4.03
CA ALA A 455 -12.31 21.62 2.59
C ALA A 455 -13.73 21.97 2.16
N VAL A 456 -14.41 22.83 2.91
CA VAL A 456 -15.78 23.22 2.60
C VAL A 456 -15.88 24.74 2.69
N PRO A 457 -16.84 25.33 1.96
CA PRO A 457 -17.02 26.78 2.05
C PRO A 457 -17.48 27.20 3.44
N THR A 458 -17.16 28.46 3.79
CA THR A 458 -17.43 28.96 5.12
C THR A 458 -18.93 29.08 5.41
N ASN A 459 -19.77 29.06 4.37
CA ASN A 459 -21.22 29.11 4.58
C ASN A 459 -21.80 27.77 5.00
N MET A 460 -21.00 26.69 4.95
CA MET A 460 -21.43 25.38 5.40
C MET A 460 -20.87 25.06 6.79
N PHE A 461 -19.55 25.13 6.96
CA PHE A 461 -18.90 24.89 8.24
C PHE A 461 -17.86 25.96 8.48
N ILE A 462 -17.60 26.25 9.76
CA ILE A 462 -16.66 27.29 10.14
C ILE A 462 -16.12 26.97 11.53
N PHE A 463 -14.82 27.19 11.72
CA PHE A 463 -14.21 27.04 13.04
C PHE A 463 -14.67 28.18 13.95
N ASN A 464 -15.05 27.83 15.17
CA ASN A 464 -15.65 28.82 16.07
C ASN A 464 -14.89 28.95 17.39
N GLU A 465 -14.40 27.83 17.92
CA GLU A 465 -13.75 27.81 19.22
C GLU A 465 -12.51 26.95 19.17
N ILE A 466 -11.62 27.17 20.14
CA ILE A 466 -10.38 26.42 20.29
C ILE A 466 -10.43 25.67 21.62
N GLU A 467 -10.20 24.37 21.57
CA GLU A 467 -10.26 23.50 22.75
C GLU A 467 -8.86 23.06 23.13
N ARG A 468 -8.51 23.22 24.41
CA ARG A 468 -7.22 22.79 24.94
C ARG A 468 -7.45 21.53 25.76
N PHE A 469 -7.47 20.39 25.07
CA PHE A 469 -7.64 19.11 25.75
C PHE A 469 -6.36 18.63 26.43
N GLN A 470 -5.20 19.04 25.92
CA GLN A 470 -3.92 18.72 26.53
C GLN A 470 -3.00 19.92 26.38
N GLN A 471 -1.77 19.78 26.86
CA GLN A 471 -0.76 20.80 26.62
C GLN A 471 -0.43 20.85 25.14
N VAL A 472 -0.32 22.07 24.61
CA VAL A 472 -0.02 22.24 23.19
C VAL A 472 1.36 21.67 22.86
N VAL A 473 2.34 21.93 23.72
CA VAL A 473 3.69 21.38 23.58
C VAL A 473 3.95 20.49 24.79
N GLY A 474 4.27 19.22 24.53
CA GLY A 474 4.46 18.26 25.60
C GLY A 474 5.92 18.11 25.97
N ASP A 475 6.15 17.78 27.24
CA ASP A 475 7.50 17.58 27.76
C ASP A 475 7.92 16.12 27.60
N GLN A 476 9.20 15.92 27.28
CA GLN A 476 9.76 14.59 27.11
C GLN A 476 11.09 14.50 27.86
N LEU A 477 11.43 13.28 28.26
CA LEU A 477 12.68 13.04 28.97
C LEU A 477 13.87 13.25 28.04
N GLY A 478 14.97 13.74 28.62
CA GLY A 478 16.17 14.01 27.86
C GLY A 478 16.17 15.38 27.21
N GLU A 479 17.29 15.68 26.56
CA GLU A 479 17.46 16.96 25.89
C GLU A 479 16.97 16.89 24.45
N GLU A 480 16.73 18.06 23.86
CA GLU A 480 16.26 18.16 22.49
C GLU A 480 17.17 19.10 21.71
N GLU A 481 17.27 18.85 20.41
CA GLU A 481 18.08 19.71 19.55
C GLU A 481 17.44 21.08 19.41
N TRP A 482 16.11 21.14 19.36
CA TRP A 482 15.37 22.39 19.23
C TRP A 482 14.55 22.61 20.50
N VAL A 483 14.59 23.84 21.01
CA VAL A 483 13.90 24.21 22.25
C VAL A 483 12.78 25.18 21.90
N VAL A 484 11.57 24.88 22.37
CA VAL A 484 10.41 25.71 22.08
C VAL A 484 10.34 26.85 23.10
N THR A 485 10.27 28.08 22.61
CA THR A 485 10.21 29.25 23.49
C THR A 485 8.78 29.71 23.74
N SER A 486 7.94 29.69 22.72
CA SER A 486 6.55 30.11 22.86
C SER A 486 5.73 29.50 21.74
N TYR A 487 4.41 29.54 21.92
CA TYR A 487 3.49 29.00 20.92
C TYR A 487 2.25 29.89 20.87
N SER A 488 1.48 29.74 19.79
CA SER A 488 0.27 30.51 19.61
C SER A 488 -0.69 29.74 18.70
N GLN A 489 -1.98 30.06 18.84
CA GLN A 489 -3.03 29.46 18.02
C GLN A 489 -4.03 30.54 17.62
N GLU A 490 -4.49 30.49 16.37
CA GLU A 490 -5.36 31.52 15.84
C GLU A 490 -6.26 30.92 14.76
N ILE A 491 -7.40 31.57 14.54
CA ILE A 491 -8.36 31.18 13.52
C ILE A 491 -8.55 32.35 12.57
N THR A 492 -8.43 32.08 11.26
CA THR A 492 -8.55 33.11 10.23
C THR A 492 -9.35 32.56 9.07
N GLU A 493 -9.45 33.36 8.01
CA GLU A 493 -10.15 33.00 6.79
C GLU A 493 -9.26 33.24 5.59
N VAL A 494 -9.27 32.32 4.64
CA VAL A 494 -8.40 32.38 3.46
C VAL A 494 -9.23 32.16 2.20
N PRO A 495 -8.81 32.70 1.05
CA PRO A 495 -9.58 32.49 -0.17
C PRO A 495 -9.66 31.02 -0.56
N PHE A 496 -10.79 30.65 -1.14
CA PHE A 496 -11.12 29.26 -1.46
C PHE A 496 -11.46 29.14 -2.93
N GLU A 497 -11.20 27.95 -3.49
CA GLU A 497 -11.51 27.69 -4.89
C GLU A 497 -13.03 27.74 -5.10
N ARG A 498 -13.43 28.10 -6.33
CA ARG A 498 -14.83 28.38 -6.65
C ARG A 498 -15.38 29.46 -5.72
N GLY A 499 -14.58 30.49 -5.50
CA GLY A 499 -15.00 31.62 -4.70
C GLY A 499 -15.20 31.25 -3.23
N SER A 500 -16.00 32.08 -2.57
CA SER A 500 -16.36 31.91 -1.15
C SER A 500 -15.08 31.95 -0.33
N THR A 501 -15.08 31.27 0.82
CA THR A 501 -13.98 31.33 1.77
C THR A 501 -13.99 30.04 2.60
N ASN A 502 -12.82 29.67 3.12
CA ASN A 502 -12.68 28.52 3.99
C ASN A 502 -11.88 28.92 5.23
N SER A 503 -12.18 28.27 6.35
CA SER A 503 -11.53 28.58 7.60
C SER A 503 -10.16 27.91 7.70
N ARG A 504 -9.28 28.50 8.49
CA ARG A 504 -7.94 27.98 8.70
C ARG A 504 -7.59 28.05 10.19
N PHE A 505 -6.97 26.99 10.69
CA PHE A 505 -6.49 26.91 12.06
C PHE A 505 -4.98 26.76 12.04
N THR A 506 -4.27 27.70 12.63
CA THR A 506 -2.82 27.78 12.55
C THR A 506 -2.20 27.66 13.94
N THR A 507 -1.19 26.79 14.06
CA THR A 507 -0.39 26.66 15.26
C THR A 507 1.05 26.97 14.92
N THR A 508 1.67 27.89 15.68
CA THR A 508 3.02 28.36 15.40
C THR A 508 3.91 28.09 16.61
N LEU A 509 5.08 27.54 16.36
CA LEU A 509 6.07 27.25 17.38
C LEU A 509 7.35 28.05 17.10
N LEU A 510 7.82 28.79 18.09
CA LEU A 510 9.07 29.52 18.00
C LEU A 510 10.17 28.69 18.68
N VAL A 511 11.22 28.38 17.92
CA VAL A 511 12.24 27.45 18.38
C VAL A 511 13.63 28.06 18.18
N LYS A 512 14.57 27.55 18.97
CA LYS A 512 15.98 27.95 18.88
C LYS A 512 16.85 26.73 19.10
N ARG A 513 18.13 26.87 18.73
CA ARG A 513 19.08 25.79 18.87
C ARG A 513 19.72 25.78 20.25
N ASN A 514 20.50 24.74 20.52
CA ASN A 514 21.25 24.63 21.77
C ASN A 514 22.59 25.34 21.61
N LEU A 515 22.73 26.49 22.28
CA LEU A 515 23.88 27.36 22.06
C LEU A 515 25.15 26.83 22.73
N GLU A 516 25.01 26.19 23.89
CA GLU A 516 26.18 25.69 24.61
C GLU A 516 26.94 24.67 23.77
N TYR A 517 26.21 23.79 23.08
CA TYR A 517 26.84 22.79 22.22
C TYR A 517 27.79 23.45 21.23
N TYR A 518 27.26 24.35 20.39
CA TYR A 518 28.09 24.98 19.37
C TYR A 518 29.22 25.79 19.99
N ILE A 519 28.91 26.59 21.03
CA ILE A 519 29.93 27.44 21.64
C ILE A 519 31.09 26.59 22.12
N LEU A 520 30.83 25.66 23.05
CA LEU A 520 31.90 24.88 23.65
C LEU A 520 32.59 23.97 22.63
N ARG A 521 31.86 23.51 21.60
CA ARG A 521 32.47 22.57 20.67
C ARG A 521 33.32 23.24 19.61
N ILE A 522 33.04 24.50 19.27
CA ILE A 522 33.69 25.17 18.14
C ILE A 522 34.53 26.35 18.59
N PHE A 523 33.93 27.29 19.33
CA PHE A 523 34.55 28.62 19.44
C PHE A 523 35.75 28.63 20.37
N VAL A 524 35.70 27.89 21.48
CA VAL A 524 36.85 27.86 22.40
C VAL A 524 38.09 27.26 21.75
N PRO A 525 38.03 26.08 21.10
CA PRO A 525 39.24 25.59 20.42
C PRO A 525 39.76 26.53 19.34
N LEU A 526 38.86 27.17 18.60
CA LEU A 526 39.29 28.12 17.58
C LEU A 526 40.01 29.30 18.21
N PHE A 527 39.49 29.80 19.33
CA PHE A 527 40.16 30.88 20.05
C PHE A 527 41.53 30.45 20.53
N LEU A 528 41.65 29.22 21.03
CA LEU A 528 42.95 28.73 21.48
C LEU A 528 43.94 28.62 20.33
N ILE A 529 43.49 28.15 19.16
CA ILE A 529 44.37 28.06 18.00
C ILE A 529 44.82 29.46 17.57
N ILE A 530 43.89 30.42 17.54
CA ILE A 530 44.26 31.79 17.19
C ILE A 530 45.25 32.36 18.19
N SER A 531 45.07 32.05 19.48
CA SER A 531 46.00 32.52 20.51
C SER A 531 47.39 31.90 20.31
N VAL A 532 47.43 30.63 19.93
CA VAL A 532 48.72 29.99 19.65
C VAL A 532 49.42 30.69 18.50
N SER A 533 48.68 31.02 17.45
CA SER A 533 49.29 31.73 16.32
C SER A 533 49.70 33.16 16.70
N TRP A 534 49.00 33.78 17.64
CA TRP A 534 49.33 35.15 18.04
C TRP A 534 50.56 35.20 18.97
N VAL A 535 50.70 34.21 19.85
CA VAL A 535 51.70 34.31 20.92
C VAL A 535 53.13 34.14 20.40
N ILE A 536 53.31 33.61 19.19
CA ILE A 536 54.66 33.29 18.72
C ILE A 536 55.47 34.51 18.32
N PHE A 537 54.85 35.68 18.24
CA PHE A 537 55.57 36.89 17.85
C PHE A 537 56.44 37.46 18.98
N PHE A 538 56.33 36.92 20.20
CA PHE A 538 57.23 37.33 21.27
C PHE A 538 58.63 36.78 21.07
N LEU A 539 58.77 35.70 20.31
CA LEU A 539 60.09 35.10 20.08
C LEU A 539 60.94 36.00 19.19
N LYS A 540 62.26 35.93 19.40
CA LYS A 540 63.22 36.62 18.56
C LYS A 540 64.01 35.66 17.68
N ASP A 541 63.82 34.36 17.83
CA ASP A 541 64.37 33.37 16.90
C ASP A 541 63.29 33.11 15.85
N TYR A 542 63.48 33.68 14.67
CA TYR A 542 62.42 33.68 13.67
C TYR A 542 62.26 32.34 12.96
N GLY A 543 63.28 31.47 13.01
CA GLY A 543 63.10 30.14 12.47
C GLY A 543 62.09 29.32 13.25
N ARG A 544 62.16 29.38 14.58
CA ARG A 544 61.18 28.72 15.42
C ARG A 544 59.79 29.29 15.19
N GLN A 545 59.70 30.62 15.05
CA GLN A 545 58.41 31.25 14.78
C GLN A 545 57.82 30.76 13.46
N LEU A 546 58.63 30.70 12.41
CA LEU A 546 58.15 30.22 11.12
C LEU A 546 57.70 28.77 11.20
N GLU A 547 58.48 27.93 11.89
CA GLU A 547 58.12 26.52 12.00
C GLU A 547 56.81 26.35 12.76
N VAL A 548 56.64 27.07 13.87
CA VAL A 548 55.42 26.94 14.67
C VAL A 548 54.22 27.47 13.90
N ALA A 549 54.41 28.55 13.13
CA ALA A 549 53.31 29.06 12.30
C ALA A 549 52.91 28.05 11.24
N SER A 550 53.89 27.43 10.59
CA SER A 550 53.60 26.43 9.58
C SER A 550 52.85 25.23 10.18
N GLY A 551 53.27 24.78 11.36
CA GLY A 551 52.56 23.70 12.02
C GLY A 551 51.15 24.09 12.45
N ASN A 552 50.99 25.34 12.93
CA ASN A 552 49.70 25.78 13.41
C ASN A 552 48.69 25.95 12.29
N LEU A 553 49.15 26.33 11.08
CA LEU A 553 48.24 26.36 9.94
C LEU A 553 47.67 24.98 9.65
N LEU A 554 48.53 23.95 9.68
CA LEU A 554 48.05 22.58 9.46
C LEU A 554 47.11 22.15 10.58
N VAL A 555 47.41 22.52 11.82
CA VAL A 555 46.53 22.19 12.94
C VAL A 555 45.16 22.85 12.74
N PHE A 556 45.16 24.10 12.26
CA PHE A 556 43.90 24.80 12.00
C PHE A 556 43.09 24.08 10.93
N VAL A 557 43.76 23.66 9.85
CA VAL A 557 43.05 22.94 8.79
C VAL A 557 42.49 21.62 9.33
N ALA A 558 43.26 20.94 10.17
CA ALA A 558 42.81 19.67 10.74
C ALA A 558 41.57 19.88 11.61
N PHE A 559 41.58 20.92 12.45
CA PHE A 559 40.41 21.21 13.28
C PHE A 559 39.22 21.58 12.43
N ASN A 560 39.43 22.37 11.37
CA ASN A 560 38.33 22.78 10.51
C ASN A 560 37.66 21.57 9.86
N PHE A 561 38.46 20.64 9.31
CA PHE A 561 37.83 19.48 8.70
C PHE A 561 37.31 18.50 9.74
N THR A 562 37.83 18.53 10.97
CA THR A 562 37.25 17.71 12.03
C THR A 562 35.86 18.19 12.41
N ILE A 563 35.66 19.51 12.46
CA ILE A 563 34.35 20.05 12.79
C ILE A 563 33.46 20.22 11.57
N SER A 564 33.98 19.93 10.37
CA SER A 564 33.16 19.97 9.15
C SER A 564 31.86 19.20 9.27
N GLY A 565 31.77 18.23 10.18
CA GLY A 565 30.53 17.49 10.35
C GLY A 565 29.37 18.35 10.81
N ASP A 566 29.66 19.40 11.60
CA ASP A 566 28.64 20.34 12.05
C ASP A 566 28.53 21.56 11.14
N LEU A 567 28.90 21.42 9.86
CA LEU A 567 28.87 22.51 8.90
C LEU A 567 27.92 22.12 7.77
N PRO A 568 26.66 22.57 7.84
CA PRO A 568 25.70 22.20 6.79
C PRO A 568 26.09 22.76 5.43
N ARG A 569 25.81 21.97 4.39
CA ARG A 569 26.08 22.36 3.01
C ARG A 569 24.77 22.86 2.41
N LEU A 570 24.54 24.16 2.47
CA LEU A 570 23.30 24.77 2.00
C LEU A 570 23.43 25.47 0.66
N GLY A 571 24.65 25.62 0.14
CA GLY A 571 24.85 26.37 -1.08
C GLY A 571 25.03 27.86 -0.90
N TYR A 572 25.03 28.35 0.34
CA TYR A 572 25.25 29.76 0.61
C TYR A 572 25.93 29.89 1.97
N LEU A 573 26.55 31.05 2.19
CA LEU A 573 27.40 31.25 3.35
C LEU A 573 26.60 31.57 4.60
N THR A 574 27.07 31.07 5.74
CA THR A 574 26.58 31.43 7.06
C THR A 574 27.66 32.21 7.81
N VAL A 575 27.35 32.59 9.05
CA VAL A 575 28.31 33.34 9.86
C VAL A 575 29.54 32.49 10.16
N LEU A 576 29.33 31.23 10.49
CA LEU A 576 30.44 30.35 10.87
C LEU A 576 31.43 30.17 9.72
N ASP A 577 30.91 30.01 8.50
CA ASP A 577 31.80 29.88 7.35
C ASP A 577 32.66 31.12 7.16
N ARG A 578 32.07 32.31 7.28
CA ARG A 578 32.82 33.55 7.14
C ARG A 578 33.89 33.66 8.21
N PHE A 579 33.55 33.31 9.46
CA PHE A 579 34.53 33.37 10.53
C PHE A 579 35.68 32.42 10.28
N MET A 580 35.38 31.20 9.82
CA MET A 580 36.44 30.24 9.52
C MET A 580 37.34 30.75 8.41
N ILE A 581 36.75 31.33 7.36
CA ILE A 581 37.56 31.85 6.25
C ILE A 581 38.48 32.97 6.71
N VAL A 582 37.95 33.90 7.51
CA VAL A 582 38.77 35.01 8.00
C VAL A 582 39.91 34.49 8.87
N SER A 583 39.61 33.53 9.75
CA SER A 583 40.64 32.98 10.62
C SER A 583 41.73 32.29 9.81
N PHE A 584 41.34 31.51 8.80
CA PHE A 584 42.33 30.85 7.95
C PHE A 584 43.20 31.86 7.21
N CYS A 585 42.59 32.92 6.69
CA CYS A 585 43.36 33.93 5.97
C CYS A 585 44.38 34.61 6.89
N LEU A 586 43.95 34.96 8.10
CA LEU A 586 44.88 35.57 9.05
C LEU A 586 46.00 34.61 9.42
N THR A 587 45.67 33.33 9.59
CA THR A 587 46.70 32.35 9.93
C THR A 587 47.74 32.23 8.81
N ALA A 588 47.30 32.29 7.55
CA ALA A 588 48.26 32.23 6.44
C ALA A 588 49.10 33.50 6.37
N ILE A 589 48.49 34.66 6.62
CA ILE A 589 49.24 35.90 6.62
C ILE A 589 50.29 35.89 7.72
N VAL A 590 50.03 35.19 8.83
CA VAL A 590 51.03 35.05 9.88
C VAL A 590 52.27 34.35 9.34
N VAL A 591 52.09 33.27 8.59
CA VAL A 591 53.24 32.56 8.01
C VAL A 591 53.98 33.45 7.02
N LEU A 592 53.24 34.21 6.21
CA LEU A 592 53.89 35.12 5.26
C LEU A 592 54.76 36.14 5.99
N ILE A 593 54.22 36.75 7.05
CA ILE A 593 54.98 37.72 7.83
C ILE A 593 56.18 37.07 8.48
N SER A 594 56.04 35.81 8.92
CA SER A 594 57.17 35.10 9.51
C SER A 594 58.29 34.92 8.49
N VAL A 595 57.95 34.57 7.25
CA VAL A 595 58.97 34.43 6.20
C VAL A 595 59.65 35.76 5.95
N CYS A 596 58.87 36.84 5.88
CA CYS A 596 59.45 38.17 5.64
C CYS A 596 60.41 38.55 6.77
N GLN A 597 60.02 38.30 8.02
CA GLN A 597 60.87 38.61 9.16
C GLN A 597 62.14 37.76 9.16
N LYS A 598 62.01 36.48 8.78
CA LYS A 598 63.20 35.63 8.68
C LYS A 598 64.18 36.19 7.67
N ARG A 599 63.69 36.62 6.51
CA ARG A 599 64.59 37.21 5.51
C ARG A 599 65.22 38.50 6.02
N LEU A 600 64.41 39.36 6.67
CA LEU A 600 64.94 40.62 7.20
C LEU A 600 66.03 40.37 8.23
N GLY A 601 65.83 39.40 9.11
CA GLY A 601 66.86 39.05 10.06
C GLY A 601 68.10 38.47 9.38
N ALA A 602 67.90 37.73 8.30
CA ALA A 602 69.03 37.18 7.55
C ALA A 602 69.88 38.30 6.96
N VAL A 603 69.24 39.35 6.45
CA VAL A 603 69.99 40.46 5.84
C VAL A 603 70.66 41.35 6.87
N GLY A 604 70.23 41.31 8.12
CA GLY A 604 70.80 42.13 9.17
C GLY A 604 70.02 43.37 9.55
N LYS A 605 68.68 43.29 9.57
CA LYS A 605 67.84 44.43 9.93
C LYS A 605 66.88 44.04 11.04
N GLN A 606 67.41 43.48 12.13
CA GLN A 606 66.58 42.91 13.19
C GLN A 606 65.67 43.96 13.83
N ALA A 607 66.07 45.23 13.82
CA ALA A 607 65.23 46.28 14.40
C ALA A 607 63.90 46.37 13.67
N VAL A 608 63.92 46.29 12.35
CA VAL A 608 62.68 46.33 11.56
C VAL A 608 61.81 45.13 11.90
N ALA A 609 62.43 43.96 12.08
CA ALA A 609 61.67 42.76 12.44
C ALA A 609 61.01 42.91 13.80
N ALA A 610 61.72 43.49 14.78
CA ALA A 610 61.12 43.72 16.09
C ALA A 610 59.97 44.71 16.00
N GLN A 611 60.13 45.76 15.18
CA GLN A 611 59.03 46.72 15.00
C GLN A 611 57.82 46.05 14.37
N ILE A 612 58.04 45.17 13.39
CA ILE A 612 56.94 44.43 12.78
C ILE A 612 56.27 43.53 13.81
N ASP A 613 57.06 42.90 14.67
CA ASP A 613 56.48 42.06 15.73
C ASP A 613 55.56 42.88 16.63
N THR A 614 56.02 44.06 17.06
CA THR A 614 55.19 44.91 17.90
C THR A 614 53.91 45.33 17.17
N TRP A 615 54.04 45.69 15.90
CA TRP A 615 52.87 46.12 15.13
C TRP A 615 51.85 45.00 15.02
N VAL A 616 52.31 43.78 14.72
CA VAL A 616 51.37 42.66 14.59
C VAL A 616 50.69 42.36 15.92
N LEU A 617 51.48 42.35 17.00
CA LEU A 617 50.92 42.09 18.33
C LEU A 617 49.86 43.10 18.69
N VAL A 618 50.05 44.36 18.29
CA VAL A 618 49.04 45.38 18.58
C VAL A 618 47.82 45.22 17.67
N ILE A 619 48.04 44.86 16.39
CA ILE A 619 46.99 45.00 15.40
C ILE A 619 46.03 43.82 15.40
N TYR A 620 46.56 42.58 15.40
CA TYR A 620 45.70 41.39 15.23
C TYR A 620 44.41 41.27 16.09
N PRO A 621 44.49 41.42 17.42
CA PRO A 621 43.23 41.36 18.19
C PRO A 621 42.27 42.48 17.84
N LEU A 622 42.79 43.66 17.49
CA LEU A 622 41.91 44.75 17.05
C LEU A 622 41.17 44.38 15.78
N VAL A 623 41.85 43.73 14.83
CA VAL A 623 41.20 43.27 13.60
C VAL A 623 40.12 42.26 13.92
N TYR A 624 40.41 41.29 14.80
CA TYR A 624 39.40 40.31 15.17
C TYR A 624 38.18 40.97 15.80
N SER A 625 38.41 41.91 16.73
CA SER A 625 37.29 42.57 17.41
C SER A 625 36.46 43.39 16.43
N LEU A 626 37.13 44.10 15.52
CA LEU A 626 36.39 44.89 14.53
C LEU A 626 35.56 44.00 13.62
N TYR A 627 36.11 42.85 13.22
CA TYR A 627 35.34 41.92 12.39
C TYR A 627 34.11 41.40 13.13
N ILE A 628 34.28 41.07 14.42
CA ILE A 628 33.15 40.57 15.20
C ILE A 628 32.07 41.64 15.33
N ILE A 629 32.48 42.89 15.60
CA ILE A 629 31.52 43.98 15.71
C ILE A 629 30.79 44.19 14.39
N TRP A 630 31.53 44.14 13.28
CA TRP A 630 30.90 44.31 11.97
C TRP A 630 29.88 43.21 11.69
N VAL A 631 30.23 41.96 12.01
CA VAL A 631 29.30 40.86 11.79
C VAL A 631 28.04 41.04 12.63
N TYR A 632 28.22 41.43 13.90
CA TYR A 632 27.05 41.66 14.75
C TYR A 632 26.17 42.77 14.20
N LEU A 633 26.78 43.86 13.72
CA LEU A 633 26.01 44.96 13.17
C LEU A 633 25.26 44.54 11.91
N ARG A 634 25.90 43.76 11.04
CA ARG A 634 25.31 43.44 9.73
C ARG A 634 24.41 42.22 9.74
N PHE A 635 24.35 41.46 10.83
CA PHE A 635 23.51 40.27 10.85
C PHE A 635 22.51 40.20 12.01
N PHE A 636 22.66 41.03 13.05
CA PHE A 636 21.81 40.88 14.22
C PHE A 636 21.17 42.19 14.65
N THR A 637 21.16 43.20 13.79
CA THR A 637 20.50 44.47 14.09
C THR A 637 20.24 45.27 12.82
N ARG B 37 -56.82 15.24 -30.24
CA ARG B 37 -55.88 15.66 -31.29
C ARG B 37 -54.56 16.12 -30.66
N VAL B 38 -53.56 15.24 -30.70
CA VAL B 38 -52.27 15.48 -30.06
C VAL B 38 -51.16 15.25 -31.07
N GLN B 39 -50.16 16.12 -31.06
CA GLN B 39 -49.03 16.04 -31.98
C GLN B 39 -47.75 16.33 -31.23
N HIS B 40 -46.65 15.67 -31.64
CA HIS B 40 -45.35 15.83 -31.02
C HIS B 40 -44.37 16.49 -31.98
N PHE B 41 -43.45 17.27 -31.42
CA PHE B 41 -42.39 17.91 -32.19
C PHE B 41 -41.12 17.93 -31.34
N THR B 42 -39.98 17.91 -32.03
CA THR B 42 -38.68 18.00 -31.39
C THR B 42 -37.78 18.93 -32.18
N GLY B 43 -36.97 19.73 -31.49
CA GLY B 43 -36.12 20.67 -32.16
C GLY B 43 -34.91 21.04 -31.32
N TYR B 44 -34.19 22.06 -31.79
CA TYR B 44 -32.98 22.55 -31.13
C TYR B 44 -32.97 24.07 -31.21
N ILE B 45 -32.59 24.72 -30.12
CA ILE B 45 -32.52 26.17 -30.03
C ILE B 45 -31.06 26.58 -29.88
N GLU B 46 -30.63 27.54 -30.68
CA GLU B 46 -29.25 28.03 -30.66
C GLU B 46 -29.25 29.53 -30.43
N ASP B 47 -28.73 29.95 -29.27
CA ASP B 47 -28.50 31.36 -28.96
C ASP B 47 -29.76 32.21 -29.13
N GLY B 48 -30.89 31.68 -28.67
CA GLY B 48 -32.14 32.41 -28.71
C GLY B 48 -32.67 32.66 -30.11
N ARG B 49 -32.63 31.64 -30.96
CA ARG B 49 -33.23 31.69 -32.29
C ARG B 49 -34.42 30.73 -32.29
N GLY B 50 -35.63 31.29 -32.30
CA GLY B 50 -36.82 30.50 -32.13
C GLY B 50 -37.27 29.78 -33.39
N ILE B 51 -38.29 28.93 -33.22
CA ILE B 51 -38.87 28.15 -34.30
C ILE B 51 -40.37 28.42 -34.34
N PHE B 52 -40.87 28.72 -35.55
CA PHE B 52 -42.28 28.98 -35.76
C PHE B 52 -43.00 27.71 -36.21
N TYR B 53 -44.21 27.52 -35.71
CA TYR B 53 -45.08 26.43 -36.13
C TYR B 53 -46.42 27.02 -36.58
N SER B 54 -46.94 26.50 -37.67
CA SER B 54 -48.15 27.04 -38.29
C SER B 54 -49.36 26.20 -37.92
N LEU B 55 -50.45 26.87 -37.55
CA LEU B 55 -51.72 26.23 -37.23
C LEU B 55 -52.77 26.68 -38.25
N PRO B 56 -52.87 25.99 -39.39
CA PRO B 56 -53.72 26.49 -40.48
C PRO B 56 -55.20 26.33 -40.16
N ASP B 57 -55.94 27.43 -40.36
CA ASP B 57 -57.40 27.46 -40.33
C ASP B 57 -58.00 26.85 -39.06
N MET B 58 -57.72 27.43 -37.91
CA MET B 58 -58.46 27.09 -36.71
C MET B 58 -59.84 27.73 -36.75
N LYS B 59 -60.77 27.16 -36.00
CA LYS B 59 -62.13 27.65 -35.92
C LYS B 59 -62.37 28.31 -34.56
N GLN B 60 -63.23 29.34 -34.57
CA GLN B 60 -63.60 30.02 -33.34
C GLN B 60 -64.26 29.04 -32.37
N GLY B 61 -63.86 29.15 -31.10
CA GLY B 61 -64.34 28.23 -30.07
C GLY B 61 -63.38 27.11 -29.73
N ASP B 62 -62.34 26.89 -30.53
CA ASP B 62 -61.36 25.86 -30.23
C ASP B 62 -60.46 26.28 -29.07
N ILE B 63 -59.91 25.28 -28.39
CA ILE B 63 -58.98 25.51 -27.28
C ILE B 63 -57.64 24.90 -27.64
N ILE B 64 -56.59 25.72 -27.62
CA ILE B 64 -55.24 25.25 -27.89
C ILE B 64 -54.53 24.95 -26.57
N TYR B 65 -53.73 23.90 -26.55
CA TYR B 65 -52.90 23.56 -25.40
C TYR B 65 -51.45 23.39 -25.86
N ALA B 66 -50.52 23.83 -25.03
CA ALA B 66 -49.11 23.75 -25.35
C ALA B 66 -48.30 23.37 -24.11
N SER B 67 -47.22 22.64 -24.33
CA SER B 67 -46.29 22.27 -23.26
C SER B 67 -44.92 22.06 -23.86
N MET B 68 -43.90 22.60 -23.20
CA MET B 68 -42.53 22.55 -23.71
C MET B 68 -41.60 22.17 -22.57
N GLN B 69 -40.81 21.11 -22.76
CA GLN B 69 -39.93 20.59 -21.72
C GLN B 69 -38.50 20.53 -22.22
N ASN B 70 -37.56 20.74 -21.31
CA ASN B 70 -36.14 20.67 -21.64
C ASN B 70 -35.67 19.22 -21.63
N THR B 71 -34.96 18.83 -22.69
CA THR B 71 -34.44 17.47 -22.82
C THR B 71 -32.93 17.41 -22.92
N GLY B 72 -32.24 18.54 -22.77
CA GLY B 72 -30.79 18.56 -22.85
C GLY B 72 -30.25 19.98 -22.88
N GLY B 73 -29.13 20.22 -22.21
CA GLY B 73 -28.59 21.55 -22.11
C GLY B 73 -29.23 22.37 -21.01
N ASN B 74 -29.05 23.69 -21.12
CA ASN B 74 -29.55 24.65 -20.14
C ASN B 74 -30.74 25.44 -20.65
N LEU B 75 -31.47 24.92 -21.63
CA LEU B 75 -32.58 25.66 -22.24
C LEU B 75 -33.68 25.98 -21.22
N ASP B 76 -34.20 27.19 -21.29
CA ASP B 76 -35.34 27.62 -20.50
C ASP B 76 -36.52 27.89 -21.42
N PRO B 77 -37.51 27.00 -21.50
CA PRO B 77 -38.55 27.12 -22.52
C PRO B 77 -39.41 28.37 -22.39
N LEU B 78 -39.89 28.86 -23.53
CA LEU B 78 -40.87 29.93 -23.62
C LEU B 78 -41.75 29.67 -24.84
N VAL B 79 -43.06 29.90 -24.69
CA VAL B 79 -44.02 29.65 -25.76
C VAL B 79 -44.96 30.85 -25.88
N GLY B 80 -45.28 31.20 -27.13
CA GLY B 80 -46.21 32.29 -27.39
C GLY B 80 -46.99 32.02 -28.65
N ILE B 81 -48.18 32.62 -28.73
CA ILE B 81 -49.10 32.41 -29.85
C ILE B 81 -49.50 33.77 -30.41
N MET B 82 -49.59 33.85 -31.74
CA MET B 82 -49.89 35.10 -32.43
C MET B 82 -50.49 34.80 -33.79
N ALA B 83 -51.13 35.82 -34.37
CA ALA B 83 -51.77 35.69 -35.66
C ALA B 83 -50.79 35.87 -36.81
N GLU B 84 -50.19 37.07 -36.92
CA GLU B 84 -49.27 37.34 -38.00
C GLU B 84 -47.84 37.00 -37.59
N GLU B 85 -47.15 36.25 -38.45
CA GLU B 85 -45.80 35.78 -38.14
C GLU B 85 -44.80 36.92 -38.29
N ILE B 86 -44.22 37.34 -37.17
CA ILE B 86 -43.14 38.33 -37.15
C ILE B 86 -42.05 37.82 -36.21
N ASP B 87 -40.80 38.04 -36.59
CA ASP B 87 -39.67 37.57 -35.80
C ASP B 87 -39.53 38.39 -34.52
N PRO B 88 -39.63 37.78 -33.34
CA PRO B 88 -39.50 38.56 -32.09
C PRO B 88 -38.09 38.98 -31.76
N ALA B 89 -37.09 38.58 -32.57
CA ALA B 89 -35.70 38.80 -32.20
C ALA B 89 -35.38 40.28 -32.02
N VAL B 90 -35.87 41.13 -32.93
CA VAL B 90 -35.55 42.55 -32.86
C VAL B 90 -36.14 43.19 -31.60
N SER B 91 -37.36 42.80 -31.23
CA SER B 91 -38.00 43.37 -30.05
C SER B 91 -37.39 42.83 -28.76
N LEU B 92 -37.14 41.51 -28.71
CA LEU B 92 -36.58 40.92 -27.49
C LEU B 92 -35.14 41.36 -27.27
N GLY B 93 -34.40 41.68 -28.33
CA GLY B 93 -33.03 42.14 -28.16
C GLY B 93 -32.92 43.42 -27.36
N GLN B 94 -33.89 44.33 -27.51
CA GLN B 94 -33.88 45.57 -26.75
C GLN B 94 -34.03 45.32 -25.25
N VAL B 95 -34.69 44.23 -24.86
CA VAL B 95 -34.78 43.89 -23.44
C VAL B 95 -33.42 43.52 -22.89
N LEU B 96 -32.64 42.74 -23.64
CA LEU B 96 -31.27 42.45 -23.22
C LEU B 96 -30.40 43.69 -23.26
N GLU B 97 -30.69 44.63 -24.18
CA GLU B 97 -29.92 45.86 -24.25
C GLU B 97 -30.12 46.75 -23.03
N LYS B 98 -31.28 46.69 -22.42
CA LYS B 98 -31.55 47.60 -21.34
C LYS B 98 -31.06 47.08 -20.05
N ALA B 99 -31.17 45.79 -19.86
CA ALA B 99 -30.81 45.19 -18.60
C ALA B 99 -29.34 45.17 -18.49
N LEU B 100 -28.68 44.95 -19.61
CA LEU B 100 -27.22 44.89 -19.59
C LEU B 100 -26.62 46.22 -19.19
N ALA B 101 -27.40 47.26 -19.13
CA ALA B 101 -26.76 48.55 -18.87
C ALA B 101 -27.23 49.17 -17.60
N SER B 102 -28.23 48.58 -16.99
CA SER B 102 -28.78 49.22 -15.83
C SER B 102 -29.43 48.29 -14.89
N GLU B 103 -30.39 48.79 -14.14
CA GLU B 103 -31.13 47.95 -13.24
C GLU B 103 -32.22 47.44 -14.13
N ASN B 104 -33.09 48.34 -14.60
CA ASN B 104 -34.15 47.99 -15.55
C ASN B 104 -35.18 46.95 -15.17
N ASP B 105 -34.88 46.07 -14.22
CA ASP B 105 -35.86 45.10 -13.76
C ASP B 105 -36.39 44.24 -14.89
N LEU B 106 -35.57 43.34 -15.39
CA LEU B 106 -36.02 42.39 -16.40
C LEU B 106 -37.40 41.84 -16.31
N ILE B 107 -37.88 41.44 -15.14
CA ILE B 107 -39.19 40.78 -15.06
C ILE B 107 -40.28 41.74 -15.38
N SER B 108 -40.02 43.01 -15.25
CA SER B 108 -41.00 43.97 -15.66
C SER B 108 -40.88 44.14 -17.14
N GLU B 109 -39.70 44.48 -17.63
CA GLU B 109 -39.57 44.76 -19.07
C GLU B 109 -39.96 43.59 -20.01
N LEU B 110 -39.74 42.36 -19.60
CA LEU B 110 -40.09 41.18 -20.39
C LEU B 110 -41.60 41.01 -20.46
N THR B 111 -42.30 41.22 -19.34
CA THR B 111 -43.75 41.08 -19.34
C THR B 111 -44.40 42.11 -20.25
N ALA B 112 -43.93 43.36 -20.19
CA ALA B 112 -44.50 44.42 -21.02
C ALA B 112 -44.27 44.14 -22.49
N VAL B 113 -43.09 43.66 -22.87
CA VAL B 113 -42.82 43.37 -24.27
C VAL B 113 -43.61 42.15 -24.73
N ALA B 114 -43.71 41.13 -23.90
CA ALA B 114 -44.44 39.92 -24.28
C ALA B 114 -45.93 40.20 -24.44
N ASP B 115 -46.51 41.02 -23.56
CA ASP B 115 -47.93 41.34 -23.68
C ASP B 115 -48.24 42.14 -24.94
N ARG B 116 -47.23 42.68 -25.62
CA ARG B 116 -47.41 43.35 -26.89
C ARG B 116 -47.16 42.40 -28.06
N ILE B 117 -46.08 41.61 -27.98
CA ILE B 117 -45.73 40.73 -29.10
C ILE B 117 -46.76 39.63 -29.27
N PHE B 118 -47.18 38.99 -28.19
CA PHE B 118 -47.99 37.79 -28.24
C PHE B 118 -49.40 38.06 -27.72
N LEU B 119 -50.36 37.31 -28.25
CA LEU B 119 -51.70 37.32 -27.68
C LEU B 119 -51.77 36.49 -26.40
N GLY B 120 -50.91 35.49 -26.27
CA GLY B 120 -50.87 34.66 -25.09
C GLY B 120 -49.53 33.95 -24.95
N TRP B 121 -49.08 33.72 -23.72
CA TRP B 121 -47.75 33.20 -23.49
C TRP B 121 -47.66 32.63 -22.08
N ASP B 122 -46.59 31.86 -21.84
CA ASP B 122 -46.33 31.30 -20.53
C ASP B 122 -44.84 31.00 -20.42
N ASP B 123 -44.27 31.27 -19.24
CA ASP B 123 -42.85 31.06 -18.99
C ASP B 123 -42.60 29.81 -18.16
N ASP B 124 -43.16 29.72 -16.96
CA ASP B 124 -42.79 28.68 -15.98
C ASP B 124 -44.02 28.02 -15.39
N GLY B 125 -45.06 27.82 -16.18
CA GLY B 125 -46.29 27.27 -15.66
C GLY B 125 -46.27 25.78 -15.37
N GLY B 126 -45.23 25.06 -15.78
CA GLY B 126 -45.16 23.64 -15.63
C GLY B 126 -44.20 23.21 -14.54
N LYS B 127 -43.79 21.94 -14.60
CA LYS B 127 -42.88 21.37 -13.61
C LYS B 127 -41.49 21.94 -13.84
N GLY B 128 -41.01 22.73 -12.89
CA GLY B 128 -39.73 23.39 -13.05
C GLY B 128 -39.86 24.64 -13.89
N TYR B 129 -38.99 24.78 -14.90
CA TYR B 129 -38.99 25.93 -15.78
C TYR B 129 -39.77 25.68 -17.06
N SER B 130 -40.49 24.56 -17.15
CA SER B 130 -41.25 24.22 -18.33
C SER B 130 -42.51 25.07 -18.43
N ALA B 131 -42.95 25.32 -19.66
CA ALA B 131 -44.10 26.16 -19.94
C ALA B 131 -45.34 25.33 -20.26
N SER B 132 -46.51 25.89 -19.96
CA SER B 132 -47.78 25.28 -20.30
C SER B 132 -48.79 26.38 -20.55
N LEU B 133 -49.57 26.25 -21.62
CA LEU B 133 -50.42 27.34 -22.10
C LEU B 133 -51.79 26.82 -22.52
N GLU B 134 -52.83 27.55 -22.13
CA GLU B 134 -54.19 27.34 -22.62
C GLU B 134 -54.66 28.61 -23.30
N PHE B 135 -55.20 28.48 -24.51
CA PHE B 135 -55.57 29.65 -25.30
C PHE B 135 -56.84 29.34 -26.09
N THR B 136 -57.90 30.10 -25.83
CA THR B 136 -59.15 29.96 -26.57
C THR B 136 -59.06 30.76 -27.87
N ILE B 137 -59.34 30.10 -28.99
CA ILE B 137 -59.22 30.70 -30.31
C ILE B 137 -60.23 31.84 -30.44
N PRO B 138 -59.77 33.10 -30.59
CA PRO B 138 -60.69 34.24 -30.57
C PRO B 138 -61.73 34.24 -31.69
N ARG B 139 -61.26 34.28 -32.93
CA ARG B 139 -62.08 34.31 -34.12
C ARG B 139 -61.65 33.19 -35.06
N ASP B 140 -62.17 33.18 -36.28
CA ASP B 140 -61.85 32.16 -37.27
C ASP B 140 -60.67 32.61 -38.12
N GLY B 141 -59.72 31.72 -38.33
CA GLY B 141 -58.54 32.01 -39.12
C GLY B 141 -57.40 31.11 -38.73
N THR B 142 -56.20 31.50 -39.15
CA THR B 142 -54.97 30.76 -38.85
C THR B 142 -54.10 31.54 -37.88
N TYR B 143 -53.25 30.83 -37.15
CA TYR B 143 -52.38 31.43 -36.16
C TYR B 143 -51.01 30.78 -36.20
N HIS B 144 -50.07 31.36 -35.46
CA HIS B 144 -48.69 30.88 -35.38
C HIS B 144 -48.29 30.65 -33.93
N ILE B 145 -47.51 29.59 -33.71
CA ILE B 145 -46.97 29.25 -32.40
C ILE B 145 -45.46 29.47 -32.43
N PHE B 146 -44.94 30.16 -31.42
CA PHE B 146 -43.53 30.51 -31.34
C PHE B 146 -42.90 29.79 -30.14
N ALA B 147 -41.85 29.02 -30.41
CA ALA B 147 -41.09 28.34 -29.37
C ALA B 147 -39.67 28.87 -29.37
N GLY B 148 -39.11 29.04 -28.18
CA GLY B 148 -37.80 29.64 -28.07
C GLY B 148 -37.30 29.69 -26.65
N SER B 149 -36.40 30.63 -26.39
CA SER B 149 -35.74 30.78 -25.10
C SER B 149 -36.08 32.12 -24.48
N THR B 150 -36.36 32.12 -23.17
CA THR B 150 -36.55 33.36 -22.44
C THR B 150 -35.22 33.95 -22.00
N ILE B 151 -35.28 35.10 -21.34
CA ILE B 151 -34.11 35.79 -20.81
C ILE B 151 -34.04 35.52 -19.32
N THR B 152 -32.96 34.91 -18.87
CA THR B 152 -32.82 34.48 -17.48
C THR B 152 -31.41 34.71 -16.99
N ASN B 153 -31.24 34.65 -15.67
CA ASN B 153 -29.95 34.66 -15.01
C ASN B 153 -29.72 33.31 -14.35
N GLN B 154 -28.49 32.79 -14.46
CA GLN B 154 -28.16 31.48 -13.93
C GLN B 154 -26.87 31.51 -13.11
N ARG B 155 -26.58 32.62 -12.44
CA ARG B 155 -25.37 32.75 -11.64
C ARG B 155 -25.69 33.42 -10.31
N LEU B 156 -24.85 33.15 -9.31
CA LEU B 156 -24.99 33.75 -7.99
C LEU B 156 -23.84 34.68 -7.63
N ASP B 157 -22.75 34.68 -8.40
CA ASP B 157 -21.64 35.59 -8.13
C ASP B 157 -21.87 36.97 -8.73
N LYS B 158 -22.54 37.04 -9.88
CA LYS B 158 -22.87 38.30 -10.50
C LYS B 158 -24.14 38.12 -11.31
N PHE B 159 -24.77 39.25 -11.65
CA PHE B 159 -26.02 39.25 -12.39
C PHE B 159 -25.73 39.52 -13.86
N GLN B 160 -26.15 38.60 -14.73
CA GLN B 160 -25.92 38.72 -16.18
C GLN B 160 -27.02 37.99 -16.91
N PRO B 161 -28.03 38.71 -17.41
CA PRO B 161 -29.09 38.04 -18.19
C PRO B 161 -28.58 37.61 -19.55
N THR B 162 -29.00 36.41 -19.96
CA THR B 162 -28.54 35.80 -21.20
C THR B 162 -29.63 34.89 -21.76
N TYR B 163 -29.43 34.45 -23.00
CA TYR B 163 -30.28 33.44 -23.61
C TYR B 163 -29.82 32.05 -23.19
N THR B 164 -30.49 31.02 -23.71
CA THR B 164 -30.20 29.64 -23.38
C THR B 164 -30.23 28.79 -24.64
N THR B 165 -29.56 27.63 -24.57
CA THR B 165 -29.45 26.73 -25.72
C THR B 165 -29.72 25.31 -25.26
N GLY B 166 -30.28 24.51 -26.16
CA GLY B 166 -30.53 23.12 -25.87
C GLY B 166 -31.63 22.55 -26.75
N SER B 167 -31.93 21.27 -26.50
CA SER B 167 -32.99 20.56 -27.19
C SER B 167 -34.28 20.61 -26.39
N PHE B 168 -35.40 20.39 -27.07
CA PHE B 168 -36.70 20.51 -26.42
C PHE B 168 -37.69 19.54 -27.04
N GLN B 169 -38.73 19.24 -26.27
CA GLN B 169 -39.87 18.45 -26.70
C GLN B 169 -41.14 19.29 -26.57
N LEU B 170 -41.91 19.38 -27.65
CA LEU B 170 -43.11 20.22 -27.70
C LEU B 170 -44.33 19.35 -27.98
N ILE B 171 -45.34 19.47 -27.13
CA ILE B 171 -46.60 18.74 -27.28
C ILE B 171 -47.71 19.76 -27.48
N LEU B 172 -48.41 19.64 -28.60
CA LEU B 172 -49.54 20.53 -28.92
C LEU B 172 -50.83 19.74 -28.97
N GLY B 173 -51.90 20.33 -28.43
CA GLY B 173 -53.20 19.69 -28.42
C GLY B 173 -54.29 20.65 -28.87
N LEU B 174 -55.36 20.09 -29.43
CA LEU B 174 -56.53 20.84 -29.84
C LEU B 174 -57.75 20.22 -29.18
N ASN B 175 -58.39 20.98 -28.29
CA ASN B 175 -59.54 20.50 -27.51
C ASN B 175 -59.23 19.20 -26.79
N ALA B 176 -58.02 19.12 -26.24
CA ALA B 176 -57.55 17.96 -25.49
C ALA B 176 -57.02 18.45 -24.15
N PRO B 177 -57.88 18.53 -23.14
CA PRO B 177 -57.47 19.14 -21.86
C PRO B 177 -56.40 18.36 -21.11
N GLN B 178 -56.04 17.16 -21.55
CA GLN B 178 -55.01 16.40 -20.85
C GLN B 178 -53.59 16.83 -21.25
N VAL B 179 -53.47 17.73 -22.22
CA VAL B 179 -52.14 18.16 -22.67
C VAL B 179 -51.41 18.96 -21.59
N ILE B 180 -52.14 19.77 -20.82
CA ILE B 180 -51.52 20.65 -19.84
C ILE B 180 -50.90 19.83 -18.71
N SER B 181 -51.27 18.55 -18.61
CA SER B 181 -50.58 17.66 -17.68
C SER B 181 -49.20 17.27 -18.18
N GLY B 182 -48.92 17.47 -19.46
CA GLY B 182 -47.63 17.12 -20.03
C GLY B 182 -47.47 15.68 -20.45
N GLU B 183 -48.54 14.88 -20.39
CA GLU B 183 -48.48 13.46 -20.69
C GLU B 183 -49.36 13.05 -21.86
N GLY B 184 -49.74 13.98 -22.72
CA GLY B 184 -50.64 13.67 -23.82
C GLY B 184 -49.98 12.79 -24.87
N GLU B 185 -50.56 11.62 -25.14
CA GLU B 185 -50.10 10.72 -26.19
C GLU B 185 -50.71 11.13 -27.53
N PRO B 186 -49.98 10.95 -28.63
CA PRO B 186 -50.51 11.36 -29.94
C PRO B 186 -51.80 10.63 -30.28
N GLU B 187 -52.74 11.38 -30.85
CA GLU B 187 -54.06 10.85 -31.18
C GLU B 187 -54.67 11.68 -32.28
N GLY B 188 -55.66 11.10 -32.97
CA GLY B 188 -56.41 11.85 -33.96
C GLY B 188 -55.60 12.14 -35.23
N GLU B 189 -56.08 13.13 -35.97
CA GLU B 189 -55.48 13.55 -37.22
C GLU B 189 -54.77 14.88 -37.03
N VAL B 190 -53.58 15.01 -37.61
CA VAL B 190 -52.70 16.15 -37.39
C VAL B 190 -53.37 17.45 -37.78
N PHE B 191 -52.92 18.55 -37.19
CA PHE B 191 -53.49 19.87 -37.45
C PHE B 191 -52.46 20.98 -37.60
N ALA B 192 -51.21 20.77 -37.21
CA ALA B 192 -50.17 21.79 -37.31
C ALA B 192 -48.94 21.20 -37.96
N SER B 193 -48.13 22.07 -38.56
CA SER B 193 -46.95 21.63 -39.30
C SER B 193 -45.84 22.65 -39.14
N LEU B 194 -44.62 22.24 -39.49
CA LEU B 194 -43.47 23.14 -39.44
C LEU B 194 -43.64 24.28 -40.44
N ALA B 195 -43.36 25.49 -39.97
CA ALA B 195 -43.50 26.67 -40.83
C ALA B 195 -42.34 26.84 -41.79
N SER B 196 -41.12 26.42 -41.38
CA SER B 196 -39.95 26.66 -42.21
C SER B 196 -40.01 25.90 -43.53
N LEU B 197 -40.79 24.82 -43.59
CA LEU B 197 -40.89 24.01 -44.79
C LEU B 197 -41.57 24.75 -45.94
N GLU B 198 -41.94 26.00 -45.72
CA GLU B 198 -42.44 26.82 -46.81
C GLU B 198 -41.30 27.71 -47.38
N ILE B 199 -40.13 27.76 -46.73
CA ILE B 199 -39.00 28.64 -47.18
C ILE B 199 -37.58 28.02 -47.18
N LYS B 200 -36.54 28.83 -47.38
CA LYS B 200 -35.13 28.35 -47.44
C LYS B 200 -34.06 29.38 -46.99
N PRO B 201 -32.89 28.93 -46.47
CA PRO B 201 -31.85 29.86 -45.97
C PRO B 201 -30.53 30.02 -46.78
N GLU B 202 -29.44 30.47 -46.13
CA GLU B 202 -28.13 30.72 -46.82
C GLU B 202 -27.22 29.51 -46.98
N ALA B 203 -25.99 29.69 -47.49
CA ALA B 203 -25.16 28.52 -47.75
C ALA B 203 -23.84 28.60 -46.99
N HIS B 204 -23.33 27.43 -46.61
CA HIS B 204 -22.03 27.29 -45.96
C HIS B 204 -21.19 26.30 -46.74
N VAL B 205 -19.95 26.68 -47.05
CA VAL B 205 -19.06 25.85 -47.86
C VAL B 205 -17.70 25.77 -47.17
N GLN B 206 -17.13 24.57 -47.14
CA GLN B 206 -15.81 24.36 -46.58
C GLN B 206 -15.05 23.38 -47.46
N GLU B 207 -13.76 23.63 -47.64
CA GLU B 207 -12.89 22.78 -48.43
C GLU B 207 -11.70 22.34 -47.59
N LEU B 208 -11.39 21.05 -47.65
CA LEU B 208 -10.31 20.48 -46.87
C LEU B 208 -9.48 19.55 -47.75
N GLU B 209 -8.20 19.44 -47.41
CA GLU B 209 -7.27 18.54 -48.10
C GLU B 209 -6.94 17.38 -47.17
N ILE B 210 -7.10 16.15 -47.68
CA ILE B 210 -6.89 14.95 -46.89
C ILE B 210 -5.93 14.03 -47.63
N ARG B 211 -5.18 13.23 -46.86
CA ARG B 211 -4.20 12.30 -47.38
C ARG B 211 -4.41 10.95 -46.75
N LEU B 212 -4.38 9.89 -47.56
CA LEU B 212 -4.59 8.52 -47.10
C LEU B 212 -3.24 7.80 -47.12
N ASP B 213 -2.61 7.69 -45.95
CA ASP B 213 -1.35 6.98 -45.83
C ASP B 213 -1.56 5.48 -45.95
N LYS B 214 -0.46 4.73 -45.86
CA LYS B 214 -0.54 3.28 -45.96
C LYS B 214 -1.34 2.70 -44.80
N ASP B 215 -1.13 3.21 -43.59
CA ASP B 215 -1.81 2.72 -42.39
C ASP B 215 -3.01 3.57 -42.01
N THR B 216 -3.37 4.57 -42.82
CA THR B 216 -4.47 5.47 -42.52
C THR B 216 -5.39 5.59 -43.74
N ARG B 217 -5.78 4.43 -44.29
CA ARG B 217 -6.59 4.39 -45.50
C ARG B 217 -8.07 4.64 -45.25
N TYR B 218 -8.49 4.77 -43.98
CA TYR B 218 -9.88 5.04 -43.64
C TYR B 218 -9.96 6.31 -42.82
N LEU B 219 -10.87 7.21 -43.20
CA LEU B 219 -11.03 8.50 -42.53
C LEU B 219 -12.51 8.83 -42.42
N THR B 220 -12.89 9.39 -41.26
CA THR B 220 -14.27 9.79 -41.02
C THR B 220 -14.29 11.19 -40.41
N GLN B 221 -15.33 11.95 -40.73
CA GLN B 221 -15.51 13.30 -40.22
C GLN B 221 -16.96 13.50 -39.81
N HIS B 222 -17.16 14.24 -38.72
CA HIS B 222 -18.49 14.51 -38.19
C HIS B 222 -18.98 15.88 -38.64
N THR B 223 -20.27 15.98 -38.91
CA THR B 223 -20.91 17.21 -39.35
C THR B 223 -21.81 17.76 -38.25
N ARG B 224 -22.05 19.06 -38.30
CA ARG B 224 -22.94 19.71 -37.35
C ARG B 224 -24.38 19.27 -37.60
N ASN B 225 -25.25 19.59 -36.65
CA ASN B 225 -26.66 19.21 -36.75
C ASN B 225 -27.34 19.95 -37.90
N LEU B 226 -28.22 19.24 -38.59
CA LEU B 226 -28.97 19.80 -39.71
C LEU B 226 -30.44 19.94 -39.33
N GLN B 227 -31.01 21.11 -39.59
CA GLN B 227 -32.41 21.36 -39.34
C GLN B 227 -33.26 20.68 -40.41
N PRO B 228 -34.53 20.38 -40.10
CA PRO B 228 -35.38 19.70 -41.09
C PRO B 228 -35.53 20.52 -42.36
N GLY B 229 -35.47 19.83 -43.50
CA GLY B 229 -35.60 20.47 -44.80
C GLY B 229 -34.31 20.91 -45.43
N ASP B 230 -33.20 20.88 -44.69
CA ASP B 230 -31.92 21.29 -45.24
C ASP B 230 -31.37 20.23 -46.19
N THR B 231 -30.33 20.60 -46.94
CA THR B 231 -29.73 19.72 -47.92
C THR B 231 -28.22 19.66 -47.70
N PHE B 232 -27.63 18.56 -48.15
CA PHE B 232 -26.21 18.30 -47.96
C PHE B 232 -25.59 17.86 -49.29
N HIS B 233 -24.42 18.39 -49.60
CA HIS B 233 -23.70 18.04 -50.82
C HIS B 233 -22.22 17.84 -50.49
N ALA B 234 -21.58 16.99 -51.28
CA ALA B 234 -20.16 16.71 -51.09
C ALA B 234 -19.55 16.26 -52.41
N LEU B 235 -18.25 16.46 -52.55
CA LEU B 235 -17.50 15.99 -53.71
C LEU B 235 -16.02 15.88 -53.34
N VAL B 236 -15.33 14.96 -54.01
CA VAL B 236 -13.92 14.71 -53.77
C VAL B 236 -13.20 14.62 -55.12
N GLU B 237 -12.05 15.28 -55.23
CA GLU B 237 -11.25 15.29 -56.44
C GLU B 237 -9.79 15.05 -56.08
N PRO B 238 -9.13 14.07 -56.71
CA PRO B 238 -7.73 13.80 -56.38
C PRO B 238 -6.82 14.93 -56.82
N ILE B 239 -5.70 15.08 -56.09
CA ILE B 239 -4.69 16.07 -56.46
C ILE B 239 -4.05 15.71 -57.79
N GLY B 240 -3.69 14.44 -57.97
CA GLY B 240 -3.01 14.02 -59.18
C GLY B 240 -3.53 12.71 -59.74
N GLU B 241 -2.62 11.76 -59.97
CA GLU B 241 -2.96 10.48 -60.57
C GLU B 241 -3.44 9.46 -59.53
N ALA B 242 -3.82 9.91 -58.34
CA ALA B 242 -4.30 8.99 -57.32
C ALA B 242 -5.63 8.39 -57.75
N PRO B 243 -5.88 7.10 -57.46
CA PRO B 243 -7.15 6.50 -57.85
C PRO B 243 -8.31 7.07 -57.06
N LEU B 244 -9.49 7.03 -57.67
CA LEU B 244 -10.69 7.58 -57.05
C LEU B 244 -11.12 6.70 -55.88
N PRO B 245 -11.23 7.24 -54.66
CA PRO B 245 -11.67 6.44 -53.52
C PRO B 245 -13.19 6.36 -53.45
N ARG B 246 -13.66 5.53 -52.53
CA ARG B 246 -15.09 5.37 -52.31
C ARG B 246 -15.58 6.35 -51.25
N LEU B 247 -16.82 6.79 -51.42
CA LEU B 247 -17.43 7.78 -50.54
C LEU B 247 -18.83 7.32 -50.15
N ARG B 248 -19.19 7.55 -48.89
CA ARG B 248 -20.51 7.21 -48.39
C ARG B 248 -20.85 8.09 -47.21
N LEU B 249 -22.14 8.16 -46.89
CA LEU B 249 -22.65 8.99 -45.81
C LEU B 249 -23.48 8.14 -44.86
N THR B 250 -23.19 8.24 -43.57
CA THR B 250 -23.92 7.53 -42.53
C THR B 250 -24.21 8.48 -41.37
N ASP B 251 -25.14 8.06 -40.52
CA ASP B 251 -25.47 8.83 -39.32
C ASP B 251 -24.41 8.57 -38.25
N SER B 252 -24.67 9.07 -37.03
CA SER B 252 -23.75 8.86 -35.92
C SER B 252 -23.73 7.43 -35.43
N GLY B 253 -24.75 6.63 -35.74
CA GLY B 253 -24.77 5.24 -35.32
C GLY B 253 -24.23 4.31 -36.37
N GLY B 254 -23.99 4.81 -37.58
CA GLY B 254 -23.49 4.03 -38.67
C GLY B 254 -24.52 3.59 -39.69
N LYS B 255 -25.78 3.94 -39.50
CA LYS B 255 -26.82 3.54 -40.43
C LYS B 255 -26.60 4.24 -41.77
N PRO B 256 -26.50 3.49 -42.87
CA PRO B 256 -26.24 4.13 -44.17
C PRO B 256 -27.40 5.01 -44.61
N LEU B 257 -27.05 6.11 -45.26
CA LEU B 257 -28.05 7.06 -45.77
C LEU B 257 -27.88 7.38 -47.25
N ALA B 258 -26.65 7.44 -47.74
CA ALA B 258 -26.39 7.74 -49.14
C ALA B 258 -25.02 7.20 -49.52
N PHE B 259 -24.78 7.11 -50.84
CA PHE B 259 -23.50 6.64 -51.36
C PHE B 259 -23.08 7.52 -52.52
N GLY B 260 -21.77 7.56 -52.77
CA GLY B 260 -21.23 8.42 -53.81
C GLY B 260 -21.53 7.89 -55.20
N LEU B 261 -21.67 8.82 -56.15
CA LEU B 261 -21.93 8.51 -57.54
C LEU B 261 -20.76 8.99 -58.39
N ILE B 262 -20.24 8.10 -59.23
CA ILE B 262 -19.15 8.45 -60.13
C ILE B 262 -19.71 9.14 -61.36
N ASP B 263 -19.23 10.35 -61.63
CA ASP B 263 -19.72 11.12 -62.77
C ASP B 263 -19.24 10.51 -64.09
N GLN B 264 -19.91 10.89 -65.17
CA GLN B 264 -19.50 10.41 -66.50
C GLN B 264 -18.08 10.84 -66.84
N PRO B 265 -17.66 12.09 -66.62
CA PRO B 265 -16.22 12.39 -66.64
C PRO B 265 -15.55 11.88 -65.37
N GLY B 266 -15.20 10.60 -65.35
CA GLY B 266 -14.85 9.94 -64.11
C GLY B 266 -13.56 10.40 -63.48
N GLU B 267 -13.56 11.64 -62.99
CA GLU B 267 -12.43 12.19 -62.24
C GLU B 267 -12.82 12.62 -60.82
N SER B 268 -14.08 12.47 -60.44
CA SER B 268 -14.53 12.89 -59.12
C SER B 268 -15.75 12.07 -58.72
N VAL B 269 -16.04 12.07 -57.42
CA VAL B 269 -17.19 11.39 -56.85
C VAL B 269 -18.03 12.39 -56.08
N GLU B 270 -19.34 12.34 -56.28
CA GLU B 270 -20.26 13.31 -55.69
C GLU B 270 -21.33 12.58 -54.89
N LEU B 271 -21.97 13.32 -53.99
CA LEU B 271 -22.95 12.77 -53.08
C LEU B 271 -24.02 13.81 -52.80
N ASN B 272 -25.22 13.34 -52.45
CA ASN B 272 -26.32 14.23 -52.14
C ASN B 272 -27.21 13.59 -51.09
N TYR B 273 -27.85 14.43 -50.29
CA TYR B 273 -28.75 13.97 -49.23
C TYR B 273 -29.69 15.11 -48.86
N THR B 274 -30.82 14.74 -48.25
CA THR B 274 -31.82 15.69 -47.81
C THR B 274 -32.31 15.29 -46.43
N CYS B 275 -32.71 16.29 -45.63
CA CYS B 275 -33.02 16.07 -44.23
C CYS B 275 -34.50 15.84 -44.04
N ASP B 276 -34.84 14.84 -43.22
CA ASP B 276 -36.22 14.50 -42.89
C ASP B 276 -36.54 14.61 -41.40
N GLN B 277 -35.61 14.21 -40.54
CA GLN B 277 -35.87 14.20 -39.11
C GLN B 277 -35.68 15.59 -38.51
N ASP B 278 -36.06 15.72 -37.24
CA ASP B 278 -35.92 17.00 -36.55
C ASP B 278 -34.46 17.40 -36.41
N ILE B 279 -33.60 16.45 -36.03
CA ILE B 279 -32.17 16.69 -35.92
C ILE B 279 -31.43 15.56 -36.61
N CYS B 280 -30.52 15.90 -37.52
CA CYS B 280 -29.73 14.93 -38.25
C CYS B 280 -28.24 15.16 -37.97
N GLU B 281 -27.55 14.11 -37.56
CA GLU B 281 -26.11 14.12 -37.38
C GLU B 281 -25.50 13.20 -38.42
N LEU B 282 -24.57 13.71 -39.21
CA LEU B 282 -24.03 13.01 -40.35
C LEU B 282 -22.53 12.77 -40.18
N VAL B 283 -22.06 11.66 -40.75
CA VAL B 283 -20.66 11.30 -40.75
C VAL B 283 -20.26 10.95 -42.18
N VAL B 284 -19.17 11.56 -42.66
CA VAL B 284 -18.71 11.37 -44.02
C VAL B 284 -17.54 10.39 -44.00
N HIS B 285 -17.66 9.31 -44.77
CA HIS B 285 -16.65 8.27 -44.84
C HIS B 285 -15.92 8.35 -46.17
N VAL B 286 -14.59 8.42 -46.11
CA VAL B 286 -13.74 8.38 -47.31
C VAL B 286 -12.72 7.27 -47.10
N ASP B 287 -12.72 6.29 -47.99
CA ASP B 287 -11.83 5.14 -47.86
C ASP B 287 -11.28 4.77 -49.22
N GLY B 288 -10.02 4.34 -49.23
CA GLY B 288 -9.39 3.84 -50.43
C GLY B 288 -8.84 2.44 -50.23
N THR B 289 -9.47 1.68 -49.32
CA THR B 289 -9.02 0.34 -48.97
C THR B 289 -9.69 -0.69 -49.88
N ASP B 290 -9.52 -0.48 -51.19
CA ASP B 290 -10.03 -1.44 -52.17
C ASP B 290 -9.31 -2.78 -52.05
N GLY B 291 -7.99 -2.74 -51.87
CA GLY B 291 -7.21 -3.96 -51.69
C GLY B 291 -6.20 -3.82 -50.57
N GLN B 292 -4.94 -4.15 -50.88
CA GLN B 292 -3.86 -4.00 -49.90
C GLN B 292 -2.64 -3.30 -50.51
N LYS B 293 -2.81 -2.62 -51.63
CA LYS B 293 -1.68 -1.94 -52.27
C LYS B 293 -1.23 -0.75 -51.43
N ASP B 294 0.08 -0.59 -51.31
CA ASP B 294 0.66 0.56 -50.59
C ASP B 294 1.04 1.64 -51.60
N SER B 295 0.02 2.38 -52.03
CA SER B 295 0.22 3.43 -53.03
C SER B 295 1.16 4.51 -52.52
N GLY B 296 1.13 4.79 -51.21
CA GLY B 296 2.04 5.76 -50.65
C GLY B 296 1.38 7.02 -50.11
N GLU B 297 1.56 8.14 -50.81
CA GLU B 297 1.14 9.43 -50.30
C GLU B 297 0.01 10.02 -51.13
N ALA B 298 -0.97 9.20 -51.48
CA ALA B 298 -2.13 9.69 -52.22
C ALA B 298 -2.85 10.78 -51.43
N VAL B 299 -3.16 11.88 -52.10
CA VAL B 299 -3.77 13.04 -51.46
C VAL B 299 -4.97 13.47 -52.30
N TYR B 300 -6.07 13.79 -51.64
CA TYR B 300 -7.31 14.17 -52.29
C TYR B 300 -7.82 15.48 -51.72
N ARG B 301 -8.64 16.16 -52.52
CA ARG B 301 -9.30 17.40 -52.12
C ARG B 301 -10.77 17.11 -51.86
N LEU B 302 -11.26 17.53 -50.69
CA LEU B 302 -12.64 17.31 -50.30
C LEU B 302 -13.37 18.63 -50.23
N LEU B 303 -14.51 18.72 -50.91
CA LEU B 303 -15.35 19.91 -50.89
C LEU B 303 -16.71 19.54 -50.33
N VAL B 304 -17.19 20.32 -49.37
CA VAL B 304 -18.43 20.04 -48.67
C VAL B 304 -19.22 21.33 -48.53
N GLY B 305 -20.54 21.21 -48.51
CA GLY B 305 -21.40 22.37 -48.37
C GLY B 305 -22.75 21.99 -47.83
N ILE B 306 -23.39 22.95 -47.15
CA ILE B 306 -24.74 22.81 -46.63
C ILE B 306 -25.60 23.88 -47.27
N ASN B 307 -26.74 23.47 -47.84
CA ASN B 307 -27.63 24.37 -48.56
C ASN B 307 -26.90 25.07 -49.71
N ALA B 308 -25.94 24.38 -50.31
CA ALA B 308 -25.11 24.93 -51.38
C ALA B 308 -25.07 23.94 -52.53
N PRO B 309 -26.13 23.89 -53.34
CA PRO B 309 -26.14 22.98 -54.50
C PRO B 309 -25.15 23.36 -55.60
N ASN B 310 -24.52 24.54 -55.52
CA ASN B 310 -23.60 25.01 -56.54
C ASN B 310 -22.14 24.69 -56.22
N LEU B 311 -21.89 23.57 -55.53
CA LEU B 311 -20.52 23.22 -55.17
C LEU B 311 -19.64 22.95 -56.38
N ARG B 312 -20.23 22.63 -57.53
CA ARG B 312 -19.44 22.36 -58.73
C ARG B 312 -18.61 23.56 -59.12
N GLU B 313 -19.21 24.75 -59.10
CA GLU B 313 -18.53 26.02 -59.36
C GLU B 313 -18.92 26.98 -58.24
N SER B 314 -18.19 26.90 -57.12
CA SER B 314 -18.49 27.77 -55.99
C SER B 314 -18.15 29.22 -56.30
N GLY B 315 -16.95 29.46 -56.83
CA GLY B 315 -16.51 30.80 -57.15
C GLY B 315 -16.00 31.55 -55.94
N GLN B 316 -16.88 31.78 -54.97
CA GLN B 316 -16.50 32.47 -53.75
C GLN B 316 -15.63 31.58 -52.87
N THR B 317 -14.79 32.21 -52.05
CA THR B 317 -14.03 31.49 -51.06
C THR B 317 -14.99 30.91 -50.01
N PRO B 318 -14.58 29.83 -49.30
CA PRO B 318 -15.44 29.25 -48.26
C PRO B 318 -16.09 30.28 -47.36
N VAL B 319 -17.42 30.35 -47.41
CA VAL B 319 -18.14 31.38 -46.65
C VAL B 319 -19.20 30.84 -45.70
N GLY B 320 -20.02 31.73 -45.17
CA GLY B 320 -21.08 31.33 -44.26
C GLY B 320 -20.63 31.19 -42.83
N SER B 321 -20.74 29.97 -42.31
CA SER B 321 -20.51 29.72 -40.90
C SER B 321 -19.44 28.65 -40.71
N SER B 322 -19.70 27.69 -39.84
CA SER B 322 -18.71 26.65 -39.56
C SER B 322 -19.12 25.31 -40.12
N VAL B 323 -18.81 25.02 -41.37
CA VAL B 323 -19.09 23.67 -41.87
C VAL B 323 -18.10 22.70 -41.19
N PHE B 324 -18.50 21.44 -41.01
CA PHE B 324 -17.66 20.43 -40.31
C PHE B 324 -17.45 20.82 -38.83
N LEU B 325 -16.23 20.73 -38.31
CA LEU B 325 -16.01 20.98 -36.87
C LEU B 325 -14.78 21.79 -36.45
N GLU B 326 -14.73 22.21 -35.18
CA GLU B 326 -13.64 23.01 -34.64
C GLU B 326 -13.12 22.38 -33.35
N SER B 327 -11.81 22.49 -33.16
CA SER B 327 -11.19 21.98 -31.94
C SER B 327 -11.53 22.88 -30.76
N ASP B 328 -11.71 22.26 -29.60
CA ASP B 328 -12.02 22.99 -28.38
C ASP B 328 -10.78 23.73 -27.87
N LEU B 329 -10.97 24.98 -27.49
CA LEU B 329 -9.87 25.85 -27.06
C LEU B 329 -9.68 25.72 -25.56
N VAL B 330 -8.43 25.55 -25.13
CA VAL B 330 -8.10 25.34 -23.73
C VAL B 330 -7.11 26.42 -23.30
N THR B 331 -7.38 27.04 -22.16
CA THR B 331 -6.48 28.00 -21.54
C THR B 331 -5.71 27.32 -20.42
N VAL B 332 -4.40 27.53 -20.38
CA VAL B 332 -3.51 26.86 -19.44
C VAL B 332 -2.64 27.87 -18.73
N GLY B 333 -2.25 27.55 -17.50
CA GLY B 333 -1.33 28.38 -16.74
C GLY B 333 -0.62 27.55 -15.71
N LEU B 334 0.63 27.93 -15.42
CA LEU B 334 1.47 27.21 -14.47
C LEU B 334 2.32 28.20 -13.70
N ALA B 335 2.52 27.91 -12.41
CA ALA B 335 3.33 28.74 -11.53
C ALA B 335 4.28 27.84 -10.75
N VAL B 336 5.48 28.36 -10.47
CA VAL B 336 6.50 27.64 -9.73
C VAL B 336 6.64 28.29 -8.36
N ASP B 337 6.51 27.49 -7.31
CA ASP B 337 6.60 27.99 -5.93
C ASP B 337 7.99 27.80 -5.33
N GLN B 338 8.59 26.63 -5.50
CA GLN B 338 9.88 26.35 -4.87
C GLN B 338 10.57 25.22 -5.60
N ILE B 339 11.87 25.39 -5.83
CA ILE B 339 12.74 24.32 -6.31
C ILE B 339 13.32 23.63 -5.09
N VAL B 340 13.00 22.35 -4.91
CA VAL B 340 13.28 21.64 -3.67
C VAL B 340 14.43 20.66 -3.81
N GLY B 341 15.05 20.54 -4.99
CA GLY B 341 16.18 19.65 -5.11
C GLY B 341 16.69 19.46 -6.53
N VAL B 342 18.00 19.22 -6.65
CA VAL B 342 18.63 18.93 -7.94
C VAL B 342 19.58 17.75 -7.74
N ASP B 343 19.43 16.73 -8.59
CA ASP B 343 20.30 15.56 -8.58
C ASP B 343 21.27 15.69 -9.75
N GLN B 344 22.56 15.77 -9.44
CA GLN B 344 23.56 16.03 -10.47
C GLN B 344 24.14 14.75 -11.07
N ARG B 345 24.01 13.61 -10.41
CA ARG B 345 24.47 12.35 -10.98
C ARG B 345 23.39 11.66 -11.80
N SER B 346 22.16 11.62 -11.29
CA SER B 346 21.05 11.02 -12.01
C SER B 346 20.34 12.01 -12.93
N GLU B 347 20.71 13.29 -12.87
CA GLU B 347 20.20 14.33 -13.78
C GLU B 347 18.67 14.45 -13.68
N ASN B 348 18.20 14.83 -12.50
CA ASN B 348 16.79 15.12 -12.29
C ASN B 348 16.65 16.19 -11.23
N PHE B 349 15.50 16.88 -11.25
CA PHE B 349 15.20 17.92 -10.28
C PHE B 349 13.73 17.82 -9.88
N SER B 350 13.40 18.42 -8.74
CA SER B 350 12.06 18.40 -8.18
C SER B 350 11.56 19.82 -7.99
N VAL B 351 10.27 20.02 -8.20
CA VAL B 351 9.67 21.35 -8.17
C VAL B 351 8.27 21.27 -7.57
N VAL B 352 7.85 22.34 -6.91
CA VAL B 352 6.52 22.46 -6.32
C VAL B 352 5.82 23.66 -6.97
N GLY B 353 4.59 23.45 -7.40
CA GLY B 353 3.88 24.51 -8.09
C GLY B 353 2.40 24.22 -8.21
N THR B 354 1.74 25.00 -9.08
CA THR B 354 0.30 24.94 -9.27
C THR B 354 -0.02 24.92 -10.75
N LEU B 355 -1.08 24.21 -11.11
CA LEU B 355 -1.52 24.09 -12.50
C LEU B 355 -3.01 24.42 -12.59
N LYS B 356 -3.40 25.05 -13.70
CA LYS B 356 -4.79 25.46 -13.91
C LYS B 356 -5.16 25.29 -15.38
N LEU B 357 -6.36 24.74 -15.62
CA LEU B 357 -6.90 24.56 -16.96
C LEU B 357 -8.31 25.09 -17.01
N SER B 358 -8.75 25.49 -18.21
CA SER B 358 -10.09 26.01 -18.40
C SER B 358 -10.49 25.84 -19.87
N TRP B 359 -11.74 25.44 -20.09
CA TRP B 359 -12.26 25.27 -21.44
C TRP B 359 -13.78 25.38 -21.41
N HIS B 360 -14.37 25.41 -22.60
CA HIS B 360 -15.81 25.57 -22.76
C HIS B 360 -16.37 24.43 -23.60
N ASP B 361 -17.40 23.75 -23.08
CA ASP B 361 -18.01 22.62 -23.76
C ASP B 361 -19.50 22.57 -23.47
N PRO B 362 -20.36 22.82 -24.46
CA PRO B 362 -21.81 22.76 -24.22
C PRO B 362 -22.33 21.39 -23.83
N LYS B 363 -21.61 20.31 -24.18
CA LYS B 363 -22.06 18.98 -23.82
C LYS B 363 -22.05 18.73 -22.31
N LEU B 364 -21.29 19.51 -21.55
CA LEU B 364 -21.26 19.39 -20.10
C LEU B 364 -22.32 20.23 -19.42
N GLY B 365 -23.06 21.05 -20.17
CA GLY B 365 -24.05 21.91 -19.56
C GLY B 365 -25.22 21.13 -18.99
N PHE B 366 -25.85 21.73 -17.98
CA PHE B 366 -26.98 21.09 -17.28
C PHE B 366 -28.01 22.15 -16.96
N SER B 367 -29.17 21.70 -16.47
CA SER B 367 -30.26 22.59 -16.09
C SER B 367 -30.34 22.65 -14.57
N PRO B 368 -30.34 23.85 -13.99
CA PRO B 368 -30.30 23.94 -12.52
C PRO B 368 -31.49 23.32 -11.82
N ASP B 369 -32.67 23.29 -12.45
CA ASP B 369 -33.88 22.83 -11.78
C ASP B 369 -33.84 21.34 -11.44
N GLN B 370 -32.94 20.56 -12.02
CA GLN B 370 -32.81 19.15 -11.67
C GLN B 370 -31.86 18.92 -10.50
N CYS B 371 -31.12 19.95 -10.07
CA CYS B 371 -30.27 19.84 -8.89
C CYS B 371 -30.36 21.03 -7.95
N GLY B 372 -30.94 22.15 -8.36
CA GLY B 372 -31.01 23.32 -7.50
C GLY B 372 -29.66 23.89 -7.14
N CYS B 373 -28.69 23.82 -8.06
CA CYS B 373 -27.35 24.30 -7.81
C CYS B 373 -26.82 24.99 -9.06
N THR B 374 -25.84 25.87 -8.86
CA THR B 374 -25.18 26.56 -9.95
C THR B 374 -23.80 26.00 -10.27
N VAL B 375 -23.21 25.21 -9.36
CA VAL B 375 -21.89 24.66 -9.55
C VAL B 375 -21.94 23.16 -9.29
N LYS B 376 -21.43 22.37 -10.24
CA LYS B 376 -21.29 20.94 -10.09
C LYS B 376 -19.81 20.59 -10.06
N SER B 377 -19.40 19.82 -9.05
CA SER B 377 -17.98 19.66 -8.75
C SER B 377 -17.61 18.19 -8.62
N PHE B 378 -16.36 17.89 -8.94
CA PHE B 378 -15.74 16.59 -8.74
C PHE B 378 -14.42 16.80 -8.02
N GLU B 379 -14.14 15.95 -7.02
CA GLU B 379 -13.01 16.15 -6.14
C GLU B 379 -12.16 14.87 -6.05
N ASP B 380 -10.86 15.07 -5.87
CA ASP B 380 -9.89 13.99 -5.63
C ASP B 380 -9.91 12.96 -6.76
N ALA B 381 -10.06 13.42 -8.00
CA ALA B 381 -10.05 12.52 -9.15
C ALA B 381 -9.29 13.17 -10.30
N SER B 382 -8.63 12.34 -11.10
CA SER B 382 -7.96 12.83 -12.29
C SER B 382 -8.97 13.09 -13.40
N ILE B 383 -8.50 13.74 -14.46
CA ILE B 383 -9.37 14.05 -15.60
C ILE B 383 -9.81 12.77 -16.30
N ARG B 384 -8.93 11.78 -16.39
CA ARG B 384 -9.29 10.51 -17.02
C ARG B 384 -10.39 9.80 -16.26
N ALA B 385 -10.31 9.80 -14.93
CA ALA B 385 -11.35 9.14 -14.13
C ALA B 385 -12.71 9.81 -14.31
N VAL B 386 -12.74 11.14 -14.29
CA VAL B 386 -14.00 11.85 -14.47
C VAL B 386 -14.55 11.60 -15.87
N ALA B 387 -13.68 11.61 -16.88
CA ALA B 387 -14.12 11.34 -18.24
C ALA B 387 -14.70 9.95 -18.37
N GLY B 388 -14.09 8.96 -17.73
CA GLY B 388 -14.63 7.62 -17.74
C GLY B 388 -15.94 7.50 -16.99
N GLU B 389 -16.10 8.27 -15.91
CA GLU B 389 -17.33 8.19 -15.12
C GLU B 389 -18.50 8.86 -15.83
N ILE B 390 -18.27 9.99 -16.51
CA ILE B 390 -19.34 10.71 -17.19
C ILE B 390 -19.44 10.37 -18.67
N ASN B 391 -18.54 9.53 -19.19
CA ASN B 391 -18.57 9.08 -20.58
C ASN B 391 -18.57 10.25 -21.55
N LEU B 392 -17.69 11.22 -21.32
CA LEU B 392 -17.49 12.33 -22.25
C LEU B 392 -16.00 12.58 -22.41
N PRO B 393 -15.56 13.00 -23.61
CA PRO B 393 -14.13 13.28 -23.81
C PRO B 393 -13.70 14.54 -23.09
N LEU B 394 -12.60 14.44 -22.36
CA LEU B 394 -12.04 15.54 -21.58
C LEU B 394 -10.55 15.67 -21.89
N PRO B 395 -9.99 16.86 -21.75
CA PRO B 395 -8.55 17.08 -22.07
C PRO B 395 -7.58 16.62 -20.99
N SER B 396 -7.27 15.33 -21.01
CA SER B 396 -6.30 14.79 -20.07
C SER B 396 -4.88 15.23 -20.44
N PHE B 397 -4.00 15.25 -19.44
CA PHE B 397 -2.64 15.73 -19.61
C PHE B 397 -1.68 14.84 -18.83
N SER B 398 -0.39 15.05 -19.06
CA SER B 398 0.65 14.34 -18.34
C SER B 398 1.95 15.14 -18.39
N PHE B 399 2.83 14.85 -17.45
CA PHE B 399 4.18 15.41 -17.47
C PHE B 399 5.09 14.50 -18.28
N TYR B 400 5.81 15.09 -19.24
CA TYR B 400 6.54 14.28 -20.21
C TYR B 400 7.71 13.55 -19.57
N ASN B 401 8.45 14.21 -18.68
CA ASN B 401 9.64 13.64 -18.08
C ASN B 401 9.43 13.28 -16.60
N GLN B 402 8.21 12.90 -16.24
CA GLN B 402 7.92 12.56 -14.86
C GLN B 402 8.63 11.28 -14.46
N GLN B 403 9.28 11.30 -13.29
CA GLN B 403 9.97 10.14 -12.74
C GLN B 403 9.22 9.68 -11.50
N GLY B 404 8.61 8.49 -11.58
CA GLY B 404 7.85 7.99 -10.46
C GLY B 404 6.48 8.63 -10.36
N ASN B 405 5.82 8.39 -9.22
CA ASN B 405 4.50 8.91 -8.98
C ASN B 405 4.55 10.38 -8.62
N ARG B 406 3.40 11.05 -8.76
CA ARG B 406 3.27 12.47 -8.47
C ARG B 406 2.31 12.69 -7.31
N TRP B 407 2.70 13.56 -6.38
CA TRP B 407 1.86 13.92 -5.26
C TRP B 407 1.02 15.13 -5.62
N SER B 408 -0.28 15.04 -5.38
CA SER B 408 -1.23 16.08 -5.76
C SER B 408 -2.12 16.44 -4.59
N GLN B 409 -2.50 17.71 -4.50
CA GLN B 409 -3.37 18.21 -3.44
C GLN B 409 -4.37 19.19 -4.03
N ASN B 410 -5.52 19.30 -3.36
CA ASN B 410 -6.58 20.24 -3.74
C ASN B 410 -7.01 20.05 -5.20
N GLN B 411 -7.14 18.80 -5.60
CA GLN B 411 -7.56 18.48 -6.96
C GLN B 411 -9.08 18.54 -7.06
N VAL B 412 -9.58 19.37 -7.97
CA VAL B 412 -11.02 19.60 -8.08
C VAL B 412 -11.35 20.01 -9.51
N ILE B 413 -12.52 19.58 -9.97
CA ILE B 413 -13.08 20.00 -11.26
C ILE B 413 -14.51 20.47 -11.01
N PHE B 414 -14.83 21.68 -11.46
CA PHE B 414 -16.18 22.21 -11.30
C PHE B 414 -16.65 22.85 -12.60
N VAL B 415 -17.95 22.72 -12.88
CA VAL B 415 -18.55 23.08 -14.15
C VAL B 415 -19.74 24.00 -13.90
N THR B 416 -19.93 24.98 -14.78
CA THR B 416 -21.07 25.90 -14.76
C THR B 416 -22.16 25.40 -15.70
N PRO B 417 -23.40 25.86 -15.52
CA PRO B 417 -24.49 25.41 -16.41
C PRO B 417 -24.25 25.72 -17.88
N ASP B 418 -23.58 26.84 -18.19
CA ASP B 418 -23.31 27.16 -19.59
C ASP B 418 -22.31 26.18 -20.22
N GLY B 419 -21.57 25.44 -19.42
CA GLY B 419 -20.58 24.50 -19.91
C GLY B 419 -19.14 24.89 -19.67
N ARG B 420 -18.88 25.99 -18.97
CA ARG B 420 -17.52 26.42 -18.69
C ARG B 420 -16.95 25.59 -17.55
N ALA B 421 -15.87 24.87 -17.83
CA ALA B 421 -15.24 23.98 -16.87
C ALA B 421 -13.80 24.41 -16.61
N SER B 422 -13.30 24.09 -15.43
CA SER B 422 -11.94 24.45 -15.05
C SER B 422 -11.35 23.37 -14.15
N TYR B 423 -10.02 23.30 -14.15
CA TYR B 423 -9.28 22.30 -13.38
C TYR B 423 -8.22 23.00 -12.54
N PHE B 424 -8.02 22.48 -11.32
CA PHE B 424 -7.06 23.05 -10.39
C PHE B 424 -6.30 21.93 -9.70
N GLU B 425 -5.01 22.13 -9.49
CA GLU B 425 -4.17 21.12 -8.84
C GLU B 425 -2.93 21.77 -8.25
N ARG B 426 -2.49 21.27 -7.10
CA ARG B 426 -1.21 21.60 -6.50
C ARG B 426 -0.35 20.34 -6.49
N PHE B 427 0.84 20.42 -7.09
CA PHE B 427 1.64 19.24 -7.38
C PHE B 427 3.06 19.37 -6.85
N THR B 428 3.66 18.22 -6.57
CA THR B 428 5.09 18.11 -6.31
C THR B 428 5.62 16.96 -7.16
N VAL B 429 6.49 17.27 -8.11
CA VAL B 429 6.90 16.30 -9.12
C VAL B 429 8.42 16.34 -9.30
N THR B 430 8.97 15.23 -9.77
CA THR B 430 10.38 15.09 -10.11
C THR B 430 10.49 14.86 -11.61
N LEU B 431 11.36 15.63 -12.28
CA LEU B 431 11.47 15.61 -13.73
C LEU B 431 12.89 15.31 -14.15
N GLN B 432 13.03 14.44 -15.16
CA GLN B 432 14.35 14.12 -15.70
C GLN B 432 14.88 15.26 -16.55
N ALA B 433 16.19 15.47 -16.47
CA ALA B 433 16.87 16.55 -17.19
C ALA B 433 18.10 16.00 -17.89
N PRO B 434 17.91 15.34 -19.04
CA PRO B 434 19.07 14.79 -19.76
C PRO B 434 19.97 15.86 -20.38
N ASP B 435 19.55 17.12 -20.43
CA ASP B 435 20.34 18.18 -21.04
C ASP B 435 21.32 18.83 -20.07
N PHE B 436 21.39 18.37 -18.82
CA PHE B 436 22.32 18.95 -17.87
C PHE B 436 23.76 18.83 -18.36
N ASP B 437 24.53 19.89 -18.15
CA ASP B 437 25.94 19.94 -18.54
C ASP B 437 26.70 20.67 -17.44
N PHE B 438 27.54 19.94 -16.72
CA PHE B 438 28.32 20.48 -15.61
C PHE B 438 29.80 20.62 -15.97
N LEU B 439 30.12 20.80 -17.25
CA LEU B 439 31.51 20.93 -17.67
C LEU B 439 32.15 22.19 -17.09
N ALA B 440 31.40 23.29 -17.05
CA ALA B 440 31.90 24.58 -16.58
C ALA B 440 31.66 24.79 -15.09
N TYR B 441 31.53 23.72 -14.32
CA TYR B 441 31.31 23.84 -12.88
C TYR B 441 32.49 24.57 -12.24
N PRO B 442 32.23 25.48 -11.28
CA PRO B 442 30.92 25.87 -10.76
C PRO B 442 30.28 27.04 -11.49
N PHE B 443 30.88 27.48 -12.59
CA PHE B 443 30.39 28.61 -13.36
C PHE B 443 29.36 28.20 -14.40
N ASP B 444 28.77 27.02 -14.26
CA ASP B 444 27.82 26.50 -15.24
C ASP B 444 26.46 27.19 -15.10
N ARG B 445 25.72 27.21 -16.20
CA ARG B 445 24.34 27.69 -16.23
C ARG B 445 23.46 26.59 -16.80
N GLN B 446 22.28 26.41 -16.21
CA GLN B 446 21.41 25.30 -16.56
C GLN B 446 20.03 25.81 -16.94
N LYS B 447 19.27 24.95 -17.60
CA LYS B 447 17.89 25.24 -17.98
C LYS B 447 16.98 24.18 -17.36
N PHE B 448 15.92 24.62 -16.69
CA PHE B 448 14.91 23.73 -16.12
C PHE B 448 13.67 23.82 -17.01
N SER B 449 13.33 22.71 -17.66
CA SER B 449 12.21 22.67 -18.60
C SER B 449 11.08 21.84 -18.01
N ILE B 450 9.89 22.43 -17.97
CA ILE B 450 8.68 21.75 -17.50
C ILE B 450 7.71 21.67 -18.68
N LYS B 451 7.39 20.46 -19.11
CA LYS B 451 6.58 20.24 -20.29
C LYS B 451 5.28 19.55 -19.91
N VAL B 452 4.16 20.10 -20.34
CA VAL B 452 2.84 19.50 -20.16
C VAL B 452 2.28 19.20 -21.53
N ASP B 453 1.93 17.93 -21.77
CA ASP B 453 1.44 17.48 -23.07
C ASP B 453 0.01 16.97 -22.94
N LEU B 454 -0.84 17.37 -23.87
CA LEU B 454 -2.19 16.83 -23.92
C LEU B 454 -2.16 15.40 -24.44
N ALA B 455 -2.99 14.55 -23.83
CA ALA B 455 -3.08 13.15 -24.20
C ALA B 455 -4.15 12.88 -25.25
N VAL B 456 -4.53 13.90 -26.02
CA VAL B 456 -5.56 13.77 -27.05
C VAL B 456 -5.04 14.40 -28.34
N PRO B 457 -5.56 13.97 -29.49
CA PRO B 457 -5.12 14.56 -30.76
C PRO B 457 -5.53 16.02 -30.86
N THR B 458 -4.79 16.77 -31.67
CA THR B 458 -5.00 18.20 -31.80
C THR B 458 -6.33 18.55 -32.45
N ASN B 459 -6.98 17.59 -33.12
CA ASN B 459 -8.28 17.85 -33.72
C ASN B 459 -9.42 17.82 -32.71
N MET B 460 -9.15 17.40 -31.47
CA MET B 460 -10.14 17.41 -30.40
C MET B 460 -9.93 18.56 -29.43
N PHE B 461 -8.72 18.69 -28.89
CA PHE B 461 -8.38 19.77 -27.97
C PHE B 461 -7.04 20.37 -28.36
N ILE B 462 -6.84 21.64 -28.04
CA ILE B 462 -5.61 22.34 -28.35
C ILE B 462 -5.44 23.49 -27.37
N PHE B 463 -4.19 23.69 -26.93
CA PHE B 463 -3.86 24.85 -26.11
C PHE B 463 -3.89 26.12 -26.97
N ASN B 464 -4.54 27.16 -26.46
CA ASN B 464 -4.74 28.35 -27.27
C ASN B 464 -4.22 29.61 -26.58
N GLU B 465 -4.37 29.70 -25.25
CA GLU B 465 -3.99 30.90 -24.52
C GLU B 465 -3.21 30.51 -23.28
N ILE B 466 -2.39 31.46 -22.81
CA ILE B 466 -1.61 31.30 -21.59
C ILE B 466 -2.13 32.28 -20.56
N GLU B 467 -2.47 31.78 -19.38
CA GLU B 467 -3.04 32.58 -18.31
C GLU B 467 -2.01 32.78 -17.21
N ARG B 468 -1.82 34.02 -16.79
CA ARG B 468 -0.92 34.36 -15.68
C ARG B 468 -1.77 34.67 -14.45
N PHE B 469 -2.18 33.61 -13.75
CA PHE B 469 -2.97 33.78 -12.55
C PHE B 469 -2.14 34.23 -11.35
N GLN B 470 -0.86 33.88 -11.32
CA GLN B 470 0.07 34.31 -10.29
C GLN B 470 1.41 34.60 -10.94
N GLN B 471 2.38 35.02 -10.13
CA GLN B 471 3.75 35.13 -10.60
C GLN B 471 4.28 33.75 -10.96
N VAL B 472 4.95 33.66 -12.11
CA VAL B 472 5.46 32.37 -12.58
C VAL B 472 6.49 31.82 -11.61
N VAL B 473 7.40 32.67 -11.15
CA VAL B 473 8.38 32.30 -10.14
C VAL B 473 8.07 33.08 -8.87
N GLY B 474 7.85 32.36 -7.78
CA GLY B 474 7.49 32.98 -6.51
C GLY B 474 8.70 33.30 -5.65
N ASP B 475 8.59 34.36 -4.87
CA ASP B 475 9.65 34.77 -3.96
C ASP B 475 9.46 34.10 -2.60
N GLN B 476 10.58 33.71 -1.99
CA GLN B 476 10.57 33.06 -0.69
C GLN B 476 11.61 33.72 0.21
N LEU B 477 11.35 33.66 1.52
CA LEU B 477 12.28 34.23 2.48
C LEU B 477 13.58 33.43 2.52
N GLY B 478 14.67 34.15 2.74
CA GLY B 478 15.98 33.54 2.78
C GLY B 478 16.61 33.38 1.41
N GLU B 479 17.86 32.90 1.43
CA GLU B 479 18.61 32.70 0.20
C GLU B 479 18.33 31.32 -0.38
N GLU B 480 18.67 31.16 -1.66
CA GLU B 480 18.48 29.91 -2.37
C GLU B 480 19.79 29.48 -3.02
N GLU B 481 19.95 28.16 -3.16
CA GLU B 481 21.14 27.64 -3.82
C GLU B 481 21.16 28.00 -5.31
N TRP B 482 19.99 27.98 -5.96
CA TRP B 482 19.86 28.31 -7.36
C TRP B 482 19.05 29.60 -7.50
N VAL B 483 19.55 30.52 -8.32
CA VAL B 483 18.91 31.82 -8.54
C VAL B 483 18.37 31.85 -9.96
N VAL B 484 17.09 32.17 -10.08
CA VAL B 484 16.43 32.22 -11.39
C VAL B 484 16.68 33.58 -12.02
N THR B 485 17.24 33.59 -13.23
CA THR B 485 17.54 34.82 -13.94
C THR B 485 16.40 35.27 -14.84
N SER B 486 15.78 34.34 -15.56
CA SER B 486 14.68 34.68 -16.45
C SER B 486 13.86 33.41 -16.71
N TYR B 487 12.68 33.61 -17.28
CA TYR B 487 11.78 32.51 -17.57
C TYR B 487 11.01 32.80 -18.85
N SER B 488 10.46 31.75 -19.45
CA SER B 488 9.65 31.90 -20.65
C SER B 488 8.61 30.78 -20.68
N GLN B 489 7.52 31.06 -21.41
CA GLN B 489 6.44 30.10 -21.60
C GLN B 489 6.00 30.12 -23.04
N GLU B 490 5.77 28.94 -23.62
CA GLU B 490 5.48 28.83 -25.04
C GLU B 490 4.58 27.63 -25.29
N ILE B 491 3.84 27.69 -26.39
CA ILE B 491 2.96 26.62 -26.83
C ILE B 491 3.44 26.14 -28.20
N THR B 492 3.59 24.83 -28.35
CA THR B 492 4.09 24.24 -29.59
C THR B 492 3.29 23.00 -29.91
N GLU B 493 3.66 22.34 -31.02
CA GLU B 493 3.04 21.10 -31.45
C GLU B 493 4.12 20.06 -31.70
N VAL B 494 3.85 18.83 -31.25
CA VAL B 494 4.84 17.75 -31.31
C VAL B 494 4.19 16.51 -31.92
N PRO B 495 4.97 15.62 -32.56
CA PRO B 495 4.38 14.41 -33.12
C PRO B 495 3.75 13.53 -32.05
N PHE B 496 2.66 12.87 -32.42
CA PHE B 496 1.84 12.09 -31.50
C PHE B 496 1.65 10.68 -32.04
N GLU B 497 1.48 9.73 -31.13
CA GLU B 497 1.25 8.35 -31.53
C GLU B 497 -0.07 8.22 -32.29
N ARG B 498 -0.12 7.24 -33.19
CA ARG B 498 -1.23 7.09 -34.13
C ARG B 498 -1.42 8.38 -34.94
N GLY B 499 -0.29 8.93 -35.40
CA GLY B 499 -0.32 10.11 -36.24
C GLY B 499 -0.85 11.32 -35.52
N SER B 500 -1.34 12.27 -36.32
CA SER B 500 -1.93 13.53 -35.84
C SER B 500 -0.88 14.29 -35.03
N THR B 501 -1.33 15.12 -34.08
CA THR B 501 -0.45 15.98 -33.32
C THR B 501 -1.10 16.24 -31.96
N ASN B 502 -0.28 16.60 -30.97
CA ASN B 502 -0.75 16.99 -29.67
C ASN B 502 -0.05 18.27 -29.22
N SER B 503 -0.74 19.05 -28.40
CA SER B 503 -0.21 20.33 -27.94
C SER B 503 0.74 20.13 -26.77
N ARG B 504 1.71 21.04 -26.65
CA ARG B 504 2.68 21.02 -25.57
C ARG B 504 2.84 22.43 -25.00
N PHE B 505 2.84 22.51 -23.68
CA PHE B 505 3.05 23.76 -22.95
C PHE B 505 4.33 23.64 -22.16
N THR B 506 5.30 24.51 -22.44
CA THR B 506 6.64 24.41 -21.88
C THR B 506 6.97 25.65 -21.07
N THR B 507 7.49 25.43 -19.86
CA THR B 507 8.01 26.50 -19.01
C THR B 507 9.50 26.25 -18.79
N THR B 508 10.32 27.26 -19.09
CA THR B 508 11.76 27.13 -19.01
C THR B 508 12.32 28.15 -18.03
N LEU B 509 13.14 27.67 -17.10
CA LEU B 509 13.78 28.52 -16.09
C LEU B 509 15.28 28.52 -16.32
N LEU B 510 15.88 29.71 -16.41
CA LEU B 510 17.32 29.87 -16.52
C LEU B 510 17.87 30.17 -15.13
N VAL B 511 18.77 29.33 -14.64
CA VAL B 511 19.24 29.40 -13.27
C VAL B 511 20.77 29.37 -13.24
N LYS B 512 21.32 29.92 -12.16
CA LYS B 512 22.77 29.92 -11.93
C LYS B 512 23.03 29.74 -10.44
N ARG B 513 24.27 29.37 -10.12
CA ARG B 513 24.68 29.12 -8.75
C ARG B 513 25.06 30.41 -8.05
N ASN B 514 25.32 30.29 -6.75
CA ASN B 514 25.79 31.41 -5.93
C ASN B 514 27.31 31.48 -6.04
N LEU B 515 27.81 32.50 -6.74
CA LEU B 515 29.23 32.58 -7.04
C LEU B 515 30.06 33.01 -5.85
N GLU B 516 29.51 33.89 -5.00
CA GLU B 516 30.26 34.38 -3.84
C GLU B 516 30.64 33.23 -2.91
N TYR B 517 29.72 32.28 -2.71
CA TYR B 517 29.99 31.14 -1.84
C TYR B 517 31.23 30.39 -2.29
N TYR B 518 31.27 29.98 -3.56
CA TYR B 518 32.40 29.22 -4.08
C TYR B 518 33.67 30.05 -4.06
N ILE B 519 33.59 31.32 -4.52
CA ILE B 519 34.78 32.17 -4.56
C ILE B 519 35.40 32.28 -3.17
N LEU B 520 34.64 32.80 -2.21
CA LEU B 520 35.18 33.05 -0.89
C LEU B 520 35.56 31.76 -0.16
N ARG B 521 34.89 30.64 -0.47
CA ARG B 521 35.17 29.42 0.27
C ARG B 521 36.36 28.64 -0.29
N ILE B 522 36.68 28.80 -1.58
CA ILE B 522 37.70 27.98 -2.23
C ILE B 522 38.88 28.82 -2.70
N PHE B 523 38.63 29.87 -3.49
CA PHE B 523 39.70 30.44 -4.29
C PHE B 523 40.66 31.30 -3.46
N VAL B 524 40.15 32.06 -2.49
CA VAL B 524 41.04 32.88 -1.66
C VAL B 524 42.00 32.03 -0.84
N PRO B 525 41.56 30.99 -0.11
CA PRO B 525 42.55 30.15 0.58
C PRO B 525 43.55 29.48 -0.36
N LEU B 526 43.09 29.06 -1.54
CA LEU B 526 44.01 28.45 -2.50
C LEU B 526 45.07 29.45 -2.96
N PHE B 527 44.64 30.70 -3.22
CA PHE B 527 45.58 31.74 -3.59
C PHE B 527 46.58 31.99 -2.47
N LEU B 528 46.11 31.99 -1.22
CA LEU B 528 47.02 32.21 -0.09
C LEU B 528 48.03 31.07 0.03
N ILE B 529 47.60 29.82 -0.17
CA ILE B 529 48.52 28.70 -0.11
C ILE B 529 49.57 28.79 -1.22
N ILE B 530 49.13 29.13 -2.44
CA ILE B 530 50.06 29.29 -3.54
C ILE B 530 51.05 30.42 -3.25
N SER B 531 50.57 31.51 -2.63
CA SER B 531 51.46 32.60 -2.28
C SER B 531 52.49 32.17 -1.24
N VAL B 532 52.07 31.36 -0.27
CA VAL B 532 53.01 30.85 0.72
C VAL B 532 54.09 30.01 0.04
N SER B 533 53.69 29.16 -0.91
CA SER B 533 54.67 28.36 -1.64
C SER B 533 55.58 29.21 -2.52
N TRP B 534 55.09 30.34 -3.02
CA TRP B 534 55.90 31.18 -3.91
C TRP B 534 56.88 32.04 -3.13
N VAL B 535 56.49 32.53 -1.95
CA VAL B 535 57.29 33.53 -1.25
C VAL B 535 58.56 32.95 -0.64
N ILE B 536 58.64 31.63 -0.48
CA ILE B 536 59.78 31.02 0.23
C ILE B 536 61.08 31.09 -0.56
N PHE B 537 61.03 31.45 -1.84
CA PHE B 537 62.25 31.46 -2.65
C PHE B 537 63.12 32.69 -2.40
N PHE B 538 62.67 33.64 -1.58
CA PHE B 538 63.54 34.76 -1.21
C PHE B 538 64.60 34.36 -0.21
N LEU B 539 64.38 33.27 0.54
CA LEU B 539 65.35 32.83 1.53
C LEU B 539 66.59 32.27 0.85
N LYS B 540 67.74 32.50 1.49
CA LYS B 540 69.01 31.94 1.05
C LYS B 540 69.46 30.75 1.90
N ASP B 541 68.70 30.40 2.93
CA ASP B 541 68.92 29.17 3.69
C ASP B 541 67.98 28.11 3.13
N TYR B 542 68.53 27.17 2.36
CA TYR B 542 67.69 26.27 1.58
C TYR B 542 67.10 25.13 2.42
N GLY B 543 67.66 24.85 3.60
CA GLY B 543 67.03 23.89 4.48
C GLY B 543 65.67 24.35 4.97
N ARG B 544 65.58 25.62 5.39
CA ARG B 544 64.30 26.18 5.77
C ARG B 544 63.32 26.20 4.61
N GLN B 545 63.81 26.54 3.42
CA GLN B 545 62.94 26.54 2.24
C GLN B 545 62.38 25.15 1.96
N LEU B 546 63.24 24.12 2.02
CA LEU B 546 62.78 22.76 1.80
C LEU B 546 61.77 22.34 2.85
N GLU B 547 62.03 22.65 4.12
CA GLU B 547 61.11 22.26 5.18
C GLU B 547 59.75 22.94 5.01
N VAL B 548 59.75 24.24 4.68
CA VAL B 548 58.49 24.96 4.53
C VAL B 548 57.73 24.45 3.31
N ALA B 549 58.44 24.12 2.23
CA ALA B 549 57.78 23.56 1.05
C ALA B 549 57.15 22.20 1.38
N SER B 550 57.88 21.37 2.13
CA SER B 550 57.34 20.06 2.49
C SER B 550 56.11 20.19 3.38
N GLY B 551 56.13 21.15 4.31
CA GLY B 551 54.94 21.39 5.12
C GLY B 551 53.78 21.96 4.33
N ASN B 552 54.06 22.86 3.39
CA ASN B 552 53.02 23.49 2.61
C ASN B 552 52.33 22.51 1.67
N LEU B 553 53.08 21.52 1.16
CA LEU B 553 52.43 20.50 0.34
C LEU B 553 51.39 19.73 1.16
N LEU B 554 51.73 19.35 2.39
CA LEU B 554 50.77 18.67 3.26
C LEU B 554 49.59 19.57 3.60
N VAL B 555 49.85 20.85 3.84
CA VAL B 555 48.76 21.80 4.09
C VAL B 555 47.82 21.87 2.89
N PHE B 556 48.39 21.87 1.68
CA PHE B 556 47.59 21.90 0.46
C PHE B 556 46.71 20.66 0.36
N VAL B 557 47.29 19.48 0.64
CA VAL B 557 46.50 18.25 0.60
C VAL B 557 45.38 18.29 1.63
N ALA B 558 45.69 18.80 2.83
CA ALA B 558 44.68 18.90 3.87
C ALA B 558 43.53 19.81 3.44
N PHE B 559 43.85 20.96 2.84
CA PHE B 559 42.80 21.87 2.38
C PHE B 559 41.99 21.24 1.25
N ASN B 560 42.65 20.52 0.34
CA ASN B 560 41.95 19.87 -0.75
C ASN B 560 40.93 18.86 -0.23
N PHE B 561 41.33 18.02 0.71
CA PHE B 561 40.38 17.04 1.21
C PHE B 561 39.36 17.68 2.15
N THR B 562 39.68 18.84 2.73
CA THR B 562 38.68 19.56 3.52
C THR B 562 37.57 20.11 2.63
N ILE B 563 37.93 20.62 1.45
CA ILE B 563 36.93 21.13 0.52
C ILE B 563 36.36 20.06 -0.39
N SER B 564 36.87 18.83 -0.30
CA SER B 564 36.32 17.71 -1.06
C SER B 564 34.81 17.58 -0.95
N GLY B 565 34.20 18.11 0.11
CA GLY B 565 32.76 18.05 0.25
C GLY B 565 32.02 18.80 -0.83
N ASP B 566 32.60 19.91 -1.31
CA ASP B 566 32.01 20.71 -2.39
C ASP B 566 32.53 20.29 -3.76
N LEU B 567 32.96 19.04 -3.92
CA LEU B 567 33.52 18.54 -5.17
C LEU B 567 32.68 17.35 -5.63
N PRO B 568 31.67 17.57 -6.45
CA PRO B 568 30.80 16.46 -6.88
C PRO B 568 31.58 15.42 -7.68
N ARG B 569 31.21 14.16 -7.50
CA ARG B 569 31.82 13.04 -8.21
C ARG B 569 30.91 12.68 -9.38
N LEU B 570 31.26 13.17 -10.57
CA LEU B 570 30.43 12.99 -11.76
C LEU B 570 31.00 11.97 -12.74
N GLY B 571 32.24 11.52 -12.55
CA GLY B 571 32.89 10.65 -13.51
C GLY B 571 33.63 11.35 -14.62
N TYR B 572 33.65 12.68 -14.63
CA TYR B 572 34.39 13.43 -15.63
C TYR B 572 34.87 14.74 -15.00
N LEU B 573 35.91 15.31 -15.61
CA LEU B 573 36.60 16.45 -15.02
C LEU B 573 35.82 17.75 -15.22
N THR B 574 35.90 18.62 -14.21
CA THR B 574 35.41 19.98 -14.29
C THR B 574 36.59 20.95 -14.22
N VAL B 575 36.29 22.25 -14.26
CA VAL B 575 37.34 23.26 -14.21
C VAL B 575 38.05 23.25 -12.86
N LEU B 576 37.29 23.12 -11.78
CA LEU B 576 37.87 23.14 -10.44
C LEU B 576 38.84 21.99 -10.24
N ASP B 577 38.49 20.80 -10.73
CA ASP B 577 39.38 19.65 -10.61
C ASP B 577 40.69 19.90 -11.33
N ARG B 578 40.64 20.44 -12.55
CA ARG B 578 41.86 20.72 -13.30
C ARG B 578 42.71 21.76 -12.58
N PHE B 579 42.09 22.80 -12.04
CA PHE B 579 42.84 23.81 -11.31
C PHE B 579 43.52 23.22 -10.09
N MET B 580 42.81 22.37 -9.35
CA MET B 580 43.40 21.71 -8.18
C MET B 580 44.59 20.84 -8.58
N ILE B 581 44.45 20.08 -9.68
CA ILE B 581 45.53 19.22 -10.12
C ILE B 581 46.77 20.03 -10.51
N VAL B 582 46.57 21.12 -11.26
CA VAL B 582 47.70 21.95 -11.67
C VAL B 582 48.39 22.56 -10.44
N SER B 583 47.59 23.05 -9.49
CA SER B 583 48.18 23.65 -8.28
C SER B 583 48.99 22.62 -7.50
N PHE B 584 48.45 21.40 -7.36
CA PHE B 584 49.19 20.34 -6.65
C PHE B 584 50.49 20.01 -7.37
N CYS B 585 50.45 19.90 -8.69
CA CYS B 585 51.67 19.57 -9.44
C CYS B 585 52.73 20.65 -9.28
N LEU B 586 52.33 21.92 -9.36
CA LEU B 586 53.29 22.99 -9.17
C LEU B 586 53.84 23.01 -7.76
N THR B 587 53.00 22.72 -6.76
CA THR B 587 53.47 22.68 -5.38
C THR B 587 54.51 21.57 -5.20
N ALA B 588 54.31 20.42 -5.84
CA ALA B 588 55.30 19.35 -5.74
C ALA B 588 56.59 19.71 -6.47
N ILE B 589 56.48 20.36 -7.63
CA ILE B 589 57.67 20.79 -8.34
C ILE B 589 58.47 21.79 -7.52
N VAL B 590 57.78 22.58 -6.68
CA VAL B 590 58.48 23.49 -5.77
C VAL B 590 59.40 22.70 -4.84
N VAL B 591 58.90 21.60 -4.27
CA VAL B 591 59.72 20.78 -3.38
C VAL B 591 60.89 20.17 -4.13
N LEU B 592 60.65 19.70 -5.36
CA LEU B 592 61.74 19.14 -6.15
C LEU B 592 62.84 20.17 -6.40
N ILE B 593 62.45 21.39 -6.78
CA ILE B 593 63.43 22.44 -7.03
C ILE B 593 64.16 22.80 -5.74
N SER B 594 63.45 22.77 -4.60
CA SER B 594 64.10 23.04 -3.32
C SER B 594 65.17 22.01 -3.00
N VAL B 595 64.88 20.73 -3.27
CA VAL B 595 65.88 19.69 -3.06
C VAL B 595 67.10 19.92 -3.96
N CYS B 596 66.84 20.25 -5.23
CA CYS B 596 67.94 20.50 -6.16
C CYS B 596 68.80 21.67 -5.69
N GLN B 597 68.17 22.75 -5.23
CA GLN B 597 68.92 23.91 -4.75
C GLN B 597 69.69 23.58 -3.48
N LYS B 598 69.11 22.76 -2.60
CA LYS B 598 69.84 22.35 -1.40
C LYS B 598 71.11 21.59 -1.78
N ARG B 599 71.01 20.67 -2.74
CA ARG B 599 72.20 19.95 -3.18
C ARG B 599 73.22 20.90 -3.81
N LEU B 600 72.77 21.82 -4.66
CA LEU B 600 73.69 22.75 -5.30
C LEU B 600 74.40 23.62 -4.28
N GLY B 601 73.69 24.07 -3.24
CA GLY B 601 74.34 24.80 -2.17
C GLY B 601 75.32 23.94 -1.39
N ALA B 602 74.98 22.65 -1.22
CA ALA B 602 75.88 21.75 -0.51
C ALA B 602 77.20 21.58 -1.27
N VAL B 603 77.14 21.49 -2.60
CA VAL B 603 78.35 21.30 -3.39
C VAL B 603 79.18 22.58 -3.53
N GLY B 604 78.59 23.74 -3.29
CA GLY B 604 79.31 24.99 -3.41
C GLY B 604 79.08 25.77 -4.68
N LYS B 605 77.85 25.82 -5.18
CA LYS B 605 77.52 26.58 -6.38
C LYS B 605 76.34 27.51 -6.11
N GLN B 606 76.46 28.32 -5.06
CA GLN B 606 75.32 29.12 -4.59
C GLN B 606 74.85 30.13 -5.63
N ALA B 607 75.74 30.54 -6.54
CA ALA B 607 75.33 31.48 -7.58
C ALA B 607 74.27 30.87 -8.48
N VAL B 608 74.43 29.59 -8.84
CA VAL B 608 73.43 28.91 -9.65
C VAL B 608 72.11 28.82 -8.89
N ALA B 609 72.18 28.56 -7.58
CA ALA B 609 70.96 28.50 -6.78
C ALA B 609 70.24 29.83 -6.74
N ALA B 610 70.98 30.93 -6.60
CA ALA B 610 70.35 32.25 -6.62
C ALA B 610 69.72 32.54 -7.98
N GLN B 611 70.41 32.16 -9.06
CA GLN B 611 69.84 32.35 -10.39
C GLN B 611 68.55 31.54 -10.56
N ILE B 612 68.53 30.31 -10.06
CA ILE B 612 67.33 29.50 -10.11
C ILE B 612 66.21 30.15 -9.30
N ASP B 613 66.54 30.71 -8.14
CA ASP B 613 65.53 31.41 -7.33
C ASP B 613 64.91 32.55 -8.12
N THR B 614 65.74 33.37 -8.76
CA THR B 614 65.22 34.48 -9.56
C THR B 614 64.34 33.98 -10.69
N TRP B 615 64.78 32.92 -11.38
CA TRP B 615 64.01 32.38 -12.49
C TRP B 615 62.64 31.89 -12.04
N VAL B 616 62.60 31.16 -10.92
CA VAL B 616 61.32 30.64 -10.42
C VAL B 616 60.41 31.80 -10.03
N LEU B 617 60.96 32.79 -9.33
CA LEU B 617 60.15 33.93 -8.90
C LEU B 617 59.56 34.66 -10.09
N VAL B 618 60.32 34.79 -11.18
CA VAL B 618 59.78 35.43 -12.37
C VAL B 618 58.75 34.55 -13.06
N ILE B 619 58.98 33.23 -13.10
CA ILE B 619 58.22 32.37 -14.00
C ILE B 619 56.86 31.98 -13.42
N TYR B 620 56.83 31.52 -12.17
CA TYR B 620 55.57 30.97 -11.60
C TYR B 620 54.23 31.75 -11.78
N PRO B 621 54.18 33.05 -11.41
CA PRO B 621 52.91 33.75 -11.65
C PRO B 621 52.54 33.85 -13.13
N LEU B 622 53.53 33.95 -14.01
CA LEU B 622 53.25 33.95 -15.44
C LEU B 622 52.62 32.64 -15.87
N VAL B 623 53.13 31.52 -15.36
CA VAL B 623 52.54 30.22 -15.70
C VAL B 623 51.10 30.13 -15.20
N TYR B 624 50.86 30.59 -13.97
CA TYR B 624 49.49 30.56 -13.45
C TYR B 624 48.54 31.42 -14.30
N SER B 625 48.98 32.63 -14.66
CA SER B 625 48.14 33.51 -15.47
C SER B 625 47.87 32.92 -16.85
N LEU B 626 48.90 32.32 -17.45
CA LEU B 626 48.70 31.71 -18.77
C LEU B 626 47.72 30.53 -18.69
N TYR B 627 47.81 29.73 -17.63
CA TYR B 627 46.86 28.64 -17.48
C TYR B 627 45.43 29.17 -17.31
N ILE B 628 45.26 30.24 -16.52
CA ILE B 628 43.93 30.80 -16.33
C ILE B 628 43.37 31.31 -17.66
N ILE B 629 44.21 32.02 -18.42
CA ILE B 629 43.76 32.54 -19.72
C ILE B 629 43.39 31.39 -20.66
N TRP B 630 44.20 30.33 -20.67
CA TRP B 630 43.90 29.19 -21.53
C TRP B 630 42.58 28.54 -21.14
N VAL B 631 42.33 28.37 -19.84
CA VAL B 631 41.07 27.78 -19.40
C VAL B 631 39.89 28.65 -19.82
N TYR B 632 40.03 29.97 -19.64
CA TYR B 632 38.95 30.88 -20.04
C TYR B 632 38.69 30.78 -21.53
N LEU B 633 39.75 30.71 -22.34
CA LEU B 633 39.57 30.61 -23.79
C LEU B 633 38.91 29.28 -24.18
N ARG B 634 39.29 28.19 -23.54
CA ARG B 634 38.83 26.88 -23.95
C ARG B 634 37.50 26.46 -23.33
N PHE B 635 36.99 27.19 -22.34
CA PHE B 635 35.73 26.79 -21.71
C PHE B 635 34.64 27.86 -21.69
N PHE B 636 34.95 29.12 -22.01
CA PHE B 636 33.97 30.18 -21.88
C PHE B 636 33.85 31.05 -23.12
N THR B 637 34.37 30.59 -24.25
CA THR B 637 34.25 31.33 -25.50
C THR B 637 34.50 30.42 -26.70
N GLU C 202 -13.13 -27.48 -53.38
CA GLU C 202 -11.80 -26.99 -53.72
C GLU C 202 -10.77 -27.59 -52.76
N ALA C 203 -9.65 -28.04 -53.32
CA ALA C 203 -8.61 -28.68 -52.51
C ALA C 203 -7.54 -27.67 -52.10
N HIS C 204 -6.93 -27.95 -50.95
CA HIS C 204 -5.77 -27.20 -50.48
C HIS C 204 -4.64 -28.18 -50.22
N VAL C 205 -3.42 -27.83 -50.65
CA VAL C 205 -2.26 -28.68 -50.51
C VAL C 205 -1.11 -27.87 -49.95
N GLN C 206 -0.36 -28.45 -49.01
CA GLN C 206 0.81 -27.81 -48.44
C GLN C 206 1.91 -28.86 -48.25
N GLU C 207 3.15 -28.45 -48.49
CA GLU C 207 4.30 -29.31 -48.34
C GLU C 207 5.33 -28.64 -47.44
N LEU C 208 5.90 -29.41 -46.52
CA LEU C 208 6.88 -28.90 -45.58
C LEU C 208 8.02 -29.91 -45.44
N GLU C 209 9.21 -29.38 -45.15
CA GLU C 209 10.39 -30.20 -44.89
C GLU C 209 10.68 -30.17 -43.39
N ILE C 210 10.78 -31.35 -42.79
CA ILE C 210 10.96 -31.47 -41.35
C ILE C 210 12.17 -32.33 -41.06
N ARG C 211 12.87 -31.99 -39.98
CA ARG C 211 14.09 -32.67 -39.58
C ARG C 211 13.96 -33.12 -38.13
N LEU C 212 14.30 -34.38 -37.86
CA LEU C 212 14.24 -34.94 -36.52
C LEU C 212 15.67 -35.08 -36.00
N ASP C 213 16.08 -34.14 -35.15
CA ASP C 213 17.40 -34.17 -34.57
C ASP C 213 17.49 -35.26 -33.50
N LYS C 214 18.66 -35.35 -32.86
CA LYS C 214 18.86 -36.34 -31.80
C LYS C 214 17.93 -36.09 -30.62
N ASP C 215 17.77 -34.82 -30.23
CA ASP C 215 16.93 -34.46 -29.10
C ASP C 215 15.55 -33.96 -29.52
N THR C 216 15.22 -34.02 -30.81
CA THR C 216 13.96 -33.53 -31.34
C THR C 216 13.31 -34.58 -32.22
N ARG C 217 13.24 -35.81 -31.72
CA ARG C 217 12.73 -36.94 -32.48
C ARG C 217 11.20 -36.99 -32.54
N TYR C 218 10.50 -36.11 -31.85
CA TYR C 218 9.04 -36.07 -31.86
C TYR C 218 8.59 -34.69 -32.33
N LEU C 219 7.65 -34.67 -33.27
CA LEU C 219 7.14 -33.42 -33.83
C LEU C 219 5.63 -33.51 -33.98
N THR C 220 4.94 -32.41 -33.69
CA THR C 220 3.49 -32.33 -33.81
C THR C 220 3.10 -31.02 -34.49
N GLN C 221 2.03 -31.08 -35.27
CA GLN C 221 1.52 -29.93 -35.98
C GLN C 221 0.00 -29.86 -35.84
N HIS C 222 -0.53 -28.64 -35.76
CA HIS C 222 -1.96 -28.42 -35.62
C HIS C 222 -2.55 -27.99 -36.95
N THR C 223 -3.77 -28.46 -37.22
CA THR C 223 -4.47 -28.19 -38.46
C THR C 223 -5.67 -27.28 -38.21
N ARG C 224 -6.11 -26.61 -39.27
CA ARG C 224 -7.29 -25.76 -39.18
C ARG C 224 -8.56 -26.60 -39.02
N ASN C 225 -9.66 -25.92 -38.73
CA ASN C 225 -10.93 -26.60 -38.52
C ASN C 225 -11.45 -27.17 -39.83
N LEU C 226 -12.11 -28.31 -39.74
CA LEU C 226 -12.67 -29.01 -40.89
C LEU C 226 -14.18 -29.09 -40.77
N GLN C 227 -14.87 -28.79 -41.87
CA GLN C 227 -16.32 -28.91 -41.93
C GLN C 227 -16.73 -30.36 -42.11
N PRO C 228 -17.93 -30.73 -41.66
CA PRO C 228 -18.38 -32.12 -41.79
C PRO C 228 -18.43 -32.57 -43.24
N GLY C 229 -18.04 -33.81 -43.46
CA GLY C 229 -17.99 -34.38 -44.79
C GLY C 229 -16.67 -34.21 -45.51
N ASP C 230 -15.75 -33.40 -44.99
CA ASP C 230 -14.45 -33.21 -45.60
C ASP C 230 -13.56 -34.41 -45.34
N THR C 231 -12.41 -34.43 -46.02
CA THR C 231 -11.46 -35.52 -45.90
C THR C 231 -10.06 -34.98 -45.70
N PHE C 232 -9.20 -35.81 -45.11
CA PHE C 232 -7.84 -35.43 -44.74
C PHE C 232 -6.88 -36.51 -45.24
N HIS C 233 -5.79 -36.07 -45.86
CA HIS C 233 -4.78 -36.98 -46.39
C HIS C 233 -3.39 -36.50 -46.00
N ALA C 234 -2.49 -37.45 -45.83
CA ALA C 234 -1.11 -37.13 -45.47
C ALA C 234 -0.20 -38.27 -45.90
N LEU C 235 1.03 -37.92 -46.26
CA LEU C 235 2.04 -38.90 -46.60
C LEU C 235 3.42 -38.32 -46.30
N VAL C 236 4.36 -39.21 -45.95
CA VAL C 236 5.71 -38.82 -45.59
C VAL C 236 6.69 -39.66 -46.41
N GLU C 237 7.68 -39.00 -47.01
CA GLU C 237 8.69 -39.68 -47.81
C GLU C 237 10.07 -39.14 -47.41
N PRO C 238 11.01 -40.01 -47.05
CA PRO C 238 12.33 -39.52 -46.64
C PRO C 238 13.11 -38.93 -47.80
N ILE C 239 13.99 -37.99 -47.47
CA ILE C 239 14.88 -37.40 -48.47
C ILE C 239 15.84 -38.45 -49.01
N GLY C 240 16.43 -39.25 -48.13
CA GLY C 240 17.40 -40.24 -48.53
C GLY C 240 17.24 -41.58 -47.85
N GLU C 241 18.32 -42.08 -47.25
CA GLU C 241 18.34 -43.40 -46.64
C GLU C 241 17.83 -43.39 -45.19
N ALA C 242 17.13 -42.34 -44.78
CA ALA C 242 16.62 -42.27 -43.42
C ALA C 242 15.54 -43.33 -43.21
N PRO C 243 15.45 -43.94 -42.04
CA PRO C 243 14.41 -44.95 -41.80
C PRO C 243 13.03 -44.33 -41.76
N LEU C 244 12.04 -45.13 -42.10
CA LEU C 244 10.66 -44.65 -42.17
C LEU C 244 10.12 -44.37 -40.78
N PRO C 245 9.63 -43.17 -40.50
CA PRO C 245 9.06 -42.87 -39.19
C PRO C 245 7.60 -43.27 -39.10
N ARG C 246 7.06 -43.20 -37.89
CA ARG C 246 5.68 -43.55 -37.62
C ARG C 246 4.78 -42.32 -37.76
N LEU C 247 3.56 -42.56 -38.24
CA LEU C 247 2.60 -41.49 -38.47
C LEU C 247 1.26 -41.86 -37.86
N ARG C 248 0.63 -40.89 -37.20
CA ARG C 248 -0.69 -41.10 -36.59
C ARG C 248 -1.41 -39.76 -36.54
N LEU C 249 -2.73 -39.84 -36.38
CA LEU C 249 -3.59 -38.66 -36.36
C LEU C 249 -4.41 -38.66 -35.08
N THR C 250 -4.39 -37.53 -34.37
CA THR C 250 -5.14 -37.36 -33.14
C THR C 250 -5.79 -35.98 -33.13
N ASP C 251 -6.82 -35.83 -32.30
CA ASP C 251 -7.51 -34.56 -32.17
C ASP C 251 -6.73 -33.64 -31.23
N SER C 252 -7.30 -32.50 -30.89
CA SER C 252 -6.64 -31.55 -29.99
C SER C 252 -6.58 -32.04 -28.56
N GLY C 253 -7.36 -33.07 -28.20
CA GLY C 253 -7.31 -33.61 -26.85
C GLY C 253 -6.43 -34.83 -26.75
N GLY C 254 -6.01 -35.38 -27.88
CA GLY C 254 -5.17 -36.55 -27.92
C GLY C 254 -5.89 -37.84 -28.25
N LYS C 255 -7.19 -37.80 -28.48
CA LYS C 255 -7.93 -39.02 -28.83
C LYS C 255 -7.50 -39.51 -30.20
N PRO C 256 -7.01 -40.74 -30.31
CA PRO C 256 -6.54 -41.23 -31.61
C PRO C 256 -7.67 -41.37 -32.62
N LEU C 257 -7.34 -41.11 -33.87
CA LEU C 257 -8.31 -41.20 -34.97
C LEU C 257 -7.88 -42.12 -36.09
N ALA C 258 -6.59 -42.14 -36.42
CA ALA C 258 -6.09 -43.00 -37.48
C ALA C 258 -4.60 -43.25 -37.27
N PHE C 259 -4.08 -44.25 -37.96
CA PHE C 259 -2.67 -44.59 -37.90
C PHE C 259 -2.14 -44.83 -39.31
N GLY C 260 -0.84 -44.62 -39.48
CA GLY C 260 -0.24 -44.69 -40.80
C GLY C 260 -0.15 -46.11 -41.32
N LEU C 261 -0.23 -46.25 -42.63
CA LEU C 261 -0.13 -47.53 -43.32
C LEU C 261 1.10 -47.55 -44.21
N ILE C 262 1.91 -48.59 -44.08
CA ILE C 262 3.09 -48.74 -44.92
C ILE C 262 2.69 -49.40 -46.23
N ASP C 263 3.02 -48.75 -47.35
CA ASP C 263 2.66 -49.26 -48.66
C ASP C 263 3.51 -50.47 -49.03
N GLN C 264 3.05 -51.22 -50.02
CA GLN C 264 3.81 -52.36 -50.51
C GLN C 264 5.18 -51.95 -51.05
N PRO C 265 5.31 -50.88 -51.86
CA PRO C 265 6.65 -50.32 -52.09
C PRO C 265 7.09 -49.52 -50.88
N GLY C 266 7.65 -50.20 -49.88
CA GLY C 266 7.83 -49.61 -48.57
C GLY C 266 8.86 -48.50 -48.51
N GLU C 267 8.53 -47.37 -49.13
CA GLU C 267 9.34 -46.17 -49.07
C GLU C 267 8.60 -44.97 -48.50
N SER C 268 7.32 -45.14 -48.15
CA SER C 268 6.53 -44.03 -47.62
C SER C 268 5.41 -44.58 -46.75
N VAL C 269 4.84 -43.69 -45.93
CA VAL C 269 3.71 -44.02 -45.07
C VAL C 269 2.58 -43.05 -45.36
N GLU C 270 1.35 -43.55 -45.42
CA GLU C 270 0.20 -42.75 -45.79
C GLU C 270 -0.89 -42.88 -44.74
N LEU C 271 -1.81 -41.94 -44.76
CA LEU C 271 -2.89 -41.88 -43.78
C LEU C 271 -4.14 -41.28 -44.45
N ASN C 272 -5.30 -41.63 -43.92
CA ASN C 272 -6.56 -41.13 -44.44
C ASN C 272 -7.58 -41.05 -43.32
N TYR C 273 -8.47 -40.07 -43.42
CA TYR C 273 -9.51 -39.86 -42.42
C TYR C 273 -10.61 -39.01 -43.04
N THR C 274 -11.80 -39.09 -42.45
CA THR C 274 -12.95 -38.33 -42.90
C THR C 274 -13.64 -37.70 -41.70
N CYS C 275 -14.30 -36.56 -41.92
CA CYS C 275 -14.85 -35.76 -40.84
C CYS C 275 -16.32 -36.12 -40.60
N ASP C 276 -16.66 -36.35 -39.33
CA ASP C 276 -18.01 -36.67 -38.92
C ASP C 276 -18.65 -35.62 -38.02
N GLN C 277 -17.89 -35.03 -37.12
CA GLN C 277 -18.42 -34.04 -36.20
C GLN C 277 -18.59 -32.69 -36.89
N ASP C 278 -19.25 -31.76 -36.19
CA ASP C 278 -19.49 -30.44 -36.76
C ASP C 278 -18.19 -29.66 -36.93
N ILE C 279 -17.33 -29.66 -35.91
CA ILE C 279 -16.03 -29.00 -35.97
C ILE C 279 -14.97 -29.97 -35.49
N CYS C 280 -13.98 -30.22 -36.33
CA CYS C 280 -12.91 -31.16 -36.01
C CYS C 280 -11.56 -30.44 -36.06
N GLU C 281 -10.81 -30.53 -34.98
CA GLU C 281 -9.46 -30.00 -34.89
C GLU C 281 -8.48 -31.16 -34.78
N LEU C 282 -7.55 -31.26 -35.72
CA LEU C 282 -6.68 -32.41 -35.83
C LEU C 282 -5.24 -32.05 -35.54
N VAL C 283 -4.47 -33.04 -35.10
CA VAL C 283 -3.05 -32.90 -34.84
C VAL C 283 -2.34 -34.08 -35.50
N VAL C 284 -1.25 -33.80 -36.21
CA VAL C 284 -0.50 -34.81 -36.95
C VAL C 284 0.80 -35.07 -36.20
N HIS C 285 1.04 -36.35 -35.89
CA HIS C 285 2.22 -36.77 -35.14
C HIS C 285 3.19 -37.48 -36.06
N VAL C 286 4.44 -37.05 -36.05
CA VAL C 286 5.52 -37.71 -36.78
C VAL C 286 6.68 -37.91 -35.82
N ASP C 287 7.08 -39.17 -35.61
CA ASP C 287 8.12 -39.49 -34.66
C ASP C 287 8.99 -40.61 -35.20
N GLY C 288 10.27 -40.57 -34.82
CA GLY C 288 11.19 -41.63 -35.17
C GLY C 288 11.89 -42.20 -33.94
N THR C 289 11.19 -42.18 -32.81
CA THR C 289 11.76 -42.63 -31.55
C THR C 289 11.48 -44.13 -31.34
N ASP C 290 11.89 -44.92 -32.34
CA ASP C 290 11.76 -46.37 -32.23
C ASP C 290 12.63 -46.92 -31.10
N GLY C 291 13.85 -46.40 -30.97
CA GLY C 291 14.73 -46.80 -29.90
C GLY C 291 15.47 -45.64 -29.29
N GLN C 292 16.81 -45.76 -29.18
CA GLN C 292 17.62 -44.68 -28.64
C GLN C 292 18.83 -44.39 -29.52
N LYS C 293 18.80 -44.82 -30.79
CA LYS C 293 19.93 -44.59 -31.69
C LYS C 293 20.03 -43.11 -32.05
N ASP C 294 21.25 -42.58 -32.05
CA ASP C 294 21.51 -41.20 -32.45
C ASP C 294 21.90 -41.17 -33.92
N SER C 295 20.89 -41.32 -34.78
CA SER C 295 21.12 -41.39 -36.22
C SER C 295 21.72 -40.08 -36.74
N GLY C 296 21.34 -38.95 -36.16
CA GLY C 296 21.92 -37.68 -36.56
C GLY C 296 20.95 -36.72 -37.24
N GLU C 297 21.11 -36.53 -38.55
CA GLU C 297 20.40 -35.48 -39.26
C GLU C 297 19.41 -36.04 -40.27
N ALA C 298 18.61 -37.02 -39.86
CA ALA C 298 17.57 -37.55 -40.74
C ALA C 298 16.57 -36.45 -41.11
N VAL C 299 16.22 -36.39 -42.39
CA VAL C 299 15.34 -35.36 -42.91
C VAL C 299 14.26 -36.03 -43.76
N TYR C 300 13.02 -35.56 -43.60
CA TYR C 300 11.88 -36.16 -44.26
C TYR C 300 11.03 -35.08 -44.91
N ARG C 301 10.27 -35.49 -45.93
CA ARG C 301 9.34 -34.61 -46.62
C ARG C 301 7.92 -35.00 -46.24
N LEU C 302 7.11 -34.01 -45.88
CA LEU C 302 5.72 -34.23 -45.48
C LEU C 302 4.80 -33.53 -46.46
N LEU C 303 3.83 -34.27 -47.00
CA LEU C 303 2.83 -33.74 -47.91
C LEU C 303 1.46 -33.92 -47.28
N VAL C 304 0.67 -32.85 -47.26
CA VAL C 304 -0.62 -32.85 -46.61
C VAL C 304 -1.60 -32.07 -47.47
N GLY C 305 -2.86 -32.52 -47.46
CA GLY C 305 -3.88 -31.88 -48.27
C GLY C 305 -5.26 -32.10 -47.70
N ILE C 306 -6.17 -31.18 -48.01
CA ILE C 306 -7.57 -31.27 -47.63
C ILE C 306 -8.39 -31.38 -48.90
N ASN C 307 -9.25 -32.40 -48.96
CA ASN C 307 -10.09 -32.66 -50.14
C ASN C 307 -9.23 -32.86 -51.39
N ALA C 308 -8.06 -33.46 -51.21
CA ALA C 308 -7.10 -33.68 -52.29
C ALA C 308 -6.65 -35.14 -52.26
N PRO C 309 -7.46 -36.05 -52.81
CA PRO C 309 -7.06 -37.47 -52.83
C PRO C 309 -5.91 -37.76 -53.79
N ASN C 310 -5.50 -36.80 -54.63
CA ASN C 310 -4.45 -37.01 -55.61
C ASN C 310 -3.08 -36.59 -55.11
N LEU C 311 -2.84 -36.67 -53.79
CA LEU C 311 -1.54 -36.27 -53.25
C LEU C 311 -0.40 -37.15 -53.76
N ARG C 312 -0.70 -38.36 -54.25
CA ARG C 312 0.35 -39.21 -54.79
C ARG C 312 1.02 -38.55 -55.98
N GLU C 313 0.23 -37.97 -56.88
CA GLU C 313 0.72 -37.22 -58.04
C GLU C 313 -0.05 -35.91 -58.09
N SER C 314 0.43 -34.91 -57.34
CA SER C 314 -0.25 -33.63 -57.30
C SER C 314 -0.09 -32.87 -58.61
N GLY C 315 1.15 -32.70 -59.06
CA GLY C 315 1.43 -31.97 -60.28
C GLY C 315 1.50 -30.47 -60.05
N GLN C 316 0.38 -29.87 -59.63
CA GLN C 316 0.34 -28.45 -59.36
C GLN C 316 1.13 -28.11 -58.10
N THR C 317 1.64 -26.88 -58.07
CA THR C 317 2.28 -26.38 -56.87
C THR C 317 1.23 -26.21 -55.77
N PRO C 318 1.65 -26.23 -54.48
CA PRO C 318 0.68 -26.06 -53.38
C PRO C 318 -0.31 -24.94 -53.60
N VAL C 319 -1.59 -25.29 -53.67
CA VAL C 319 -2.66 -24.33 -53.95
C VAL C 319 -3.48 -24.10 -52.69
N GLY C 320 -4.36 -23.11 -52.75
CA GLY C 320 -5.25 -22.80 -51.65
C GLY C 320 -4.52 -22.23 -50.46
N SER C 321 -5.19 -22.31 -49.31
CA SER C 321 -4.65 -21.80 -48.06
C SER C 321 -3.78 -22.86 -47.39
N SER C 322 -2.99 -22.41 -46.42
CA SER C 322 -2.12 -23.33 -45.69
C SER C 322 -2.95 -24.32 -44.87
N VAL C 323 -2.54 -25.58 -44.92
CA VAL C 323 -3.23 -26.61 -44.16
C VAL C 323 -2.96 -26.46 -42.67
N PHE C 324 -1.70 -26.24 -42.30
CA PHE C 324 -1.32 -26.13 -40.90
C PHE C 324 -1.44 -24.70 -40.40
N LEU C 325 -1.69 -24.57 -39.10
CA LEU C 325 -1.76 -23.25 -38.48
C LEU C 325 -0.39 -22.58 -38.48
N GLU C 326 -0.39 -21.25 -38.52
CA GLU C 326 0.88 -20.51 -38.54
C GLU C 326 1.06 -19.61 -37.32
N SER C 327 2.31 -19.20 -37.07
CA SER C 327 2.59 -18.30 -35.95
C SER C 327 2.45 -16.84 -36.37
N ASP C 328 1.91 -16.02 -35.48
CA ASP C 328 1.72 -14.61 -35.78
C ASP C 328 3.06 -13.87 -35.67
N LEU C 329 3.33 -13.01 -36.64
CA LEU C 329 4.61 -12.32 -36.76
C LEU C 329 4.54 -10.98 -36.03
N VAL C 330 5.56 -10.69 -35.23
CA VAL C 330 5.61 -9.49 -34.41
C VAL C 330 6.86 -8.70 -34.74
N THR C 331 6.71 -7.39 -34.88
CA THR C 331 7.83 -6.48 -35.09
C THR C 331 8.12 -5.72 -33.80
N VAL C 332 9.39 -5.66 -33.41
CA VAL C 332 9.79 -5.09 -32.14
C VAL C 332 10.90 -4.07 -32.37
N GLY C 333 10.94 -3.07 -31.49
CA GLY C 333 11.99 -2.06 -31.52
C GLY C 333 12.17 -1.44 -30.17
N LEU C 334 13.41 -1.06 -29.86
CA LEU C 334 13.75 -0.49 -28.57
C LEU C 334 14.82 0.57 -28.74
N ALA C 335 14.73 1.63 -27.95
CA ALA C 335 15.70 2.72 -27.96
C ALA C 335 16.10 3.06 -26.53
N VAL C 336 17.35 3.48 -26.35
CA VAL C 336 17.88 3.85 -25.05
C VAL C 336 18.08 5.37 -25.04
N ASP C 337 17.52 6.03 -24.03
CA ASP C 337 17.60 7.47 -23.89
C ASP C 337 18.69 7.93 -22.93
N GLN C 338 18.84 7.26 -21.79
CA GLN C 338 19.80 7.69 -20.78
C GLN C 338 20.07 6.55 -19.81
N ILE C 339 21.35 6.35 -19.51
CA ILE C 339 21.76 5.46 -18.42
C ILE C 339 21.81 6.28 -17.14
N VAL C 340 20.95 5.96 -16.19
CA VAL C 340 20.73 6.81 -15.01
C VAL C 340 21.40 6.28 -13.77
N GLY C 341 22.06 5.12 -13.82
CA GLY C 341 22.75 4.63 -12.65
C GLY C 341 23.37 3.25 -12.80
N VAL C 342 24.50 3.05 -12.11
CA VAL C 342 25.17 1.75 -12.08
C VAL C 342 25.56 1.47 -10.64
N ASP C 343 25.18 0.29 -10.14
CA ASP C 343 25.51 -0.14 -8.79
C ASP C 343 26.56 -1.24 -8.90
N GLN C 344 27.78 -0.93 -8.45
CA GLN C 344 28.91 -1.84 -8.64
C GLN C 344 29.02 -2.91 -7.54
N ARG C 345 28.34 -2.73 -6.41
CA ARG C 345 28.35 -3.76 -5.38
C ARG C 345 27.23 -4.76 -5.55
N SER C 346 26.01 -4.29 -5.83
CA SER C 346 24.88 -5.17 -6.06
C SER C 346 24.77 -5.63 -7.51
N GLU C 347 25.61 -5.09 -8.40
CA GLU C 347 25.69 -5.51 -9.80
C GLU C 347 24.35 -5.36 -10.52
N ASN C 348 23.91 -4.11 -10.62
CA ASN C 348 22.71 -3.78 -11.39
C ASN C 348 22.85 -2.37 -11.94
N PHE C 349 22.08 -2.09 -12.98
CA PHE C 349 22.07 -0.78 -13.61
C PHE C 349 20.64 -0.40 -13.97
N SER C 350 20.43 0.91 -14.17
CA SER C 350 19.11 1.45 -14.49
C SER C 350 19.19 2.25 -15.77
N VAL C 351 18.12 2.20 -16.56
CA VAL C 351 18.09 2.81 -17.88
C VAL C 351 16.69 3.34 -18.18
N VAL C 352 16.63 4.37 -19.02
CA VAL C 352 15.38 4.98 -19.47
C VAL C 352 15.32 4.85 -20.98
N GLY C 353 14.19 4.41 -21.50
CA GLY C 353 14.06 4.21 -22.93
C GLY C 353 12.63 4.04 -23.36
N THR C 354 12.47 3.58 -24.62
CA THR C 354 11.16 3.43 -25.25
C THR C 354 11.09 2.06 -25.90
N LEU C 355 9.89 1.47 -25.90
CA LEU C 355 9.64 0.16 -26.49
C LEU C 355 8.41 0.24 -27.40
N LYS C 356 8.44 -0.52 -28.50
CA LYS C 356 7.35 -0.53 -29.46
C LYS C 356 7.15 -1.94 -30.01
N LEU C 357 5.89 -2.35 -30.12
CA LEU C 357 5.51 -3.64 -30.69
C LEU C 357 4.44 -3.43 -31.75
N SER C 358 4.38 -4.35 -32.70
CA SER C 358 3.38 -4.29 -33.77
C SER C 358 3.12 -5.70 -34.30
N TRP C 359 1.85 -5.99 -34.55
CA TRP C 359 1.45 -7.29 -35.10
C TRP C 359 0.12 -7.12 -35.81
N HIS C 360 -0.25 -8.15 -36.56
CA HIS C 360 -1.48 -8.15 -37.36
C HIS C 360 -2.33 -9.36 -36.98
N ASP C 361 -3.59 -9.10 -36.62
CA ASP C 361 -4.50 -10.16 -36.23
C ASP C 361 -5.91 -9.85 -36.73
N PRO C 362 -6.44 -10.63 -37.67
CA PRO C 362 -7.80 -10.37 -38.17
C PRO C 362 -8.88 -10.54 -37.12
N LYS C 363 -8.62 -11.27 -36.03
CA LYS C 363 -9.63 -11.44 -34.99
C LYS C 363 -9.88 -10.16 -34.20
N LEU C 364 -8.95 -9.21 -34.25
CA LEU C 364 -9.14 -7.92 -33.60
C LEU C 364 -9.83 -6.90 -34.49
N GLY C 365 -10.09 -7.23 -35.75
CA GLY C 365 -10.72 -6.30 -36.64
C GLY C 365 -12.18 -6.06 -36.28
N PHE C 366 -12.65 -4.86 -36.64
CA PHE C 366 -14.03 -4.46 -36.39
C PHE C 366 -14.53 -3.64 -37.56
N SER C 367 -15.83 -3.37 -37.56
CA SER C 367 -16.47 -2.62 -38.64
C SER C 367 -16.73 -1.20 -38.20
N PRO C 368 -16.34 -0.20 -38.99
CA PRO C 368 -16.48 1.19 -38.54
C PRO C 368 -17.91 1.65 -38.31
N ASP C 369 -18.88 1.05 -39.02
CA ASP C 369 -20.25 1.53 -38.94
C ASP C 369 -20.91 1.27 -37.59
N GLN C 370 -20.32 0.46 -36.72
CA GLN C 370 -20.87 0.21 -35.40
C GLN C 370 -20.32 1.14 -34.33
N CYS C 371 -19.28 1.92 -34.64
CA CYS C 371 -18.73 2.88 -33.69
C CYS C 371 -18.43 4.24 -34.29
N GLY C 372 -18.42 4.40 -35.62
CA GLY C 372 -18.13 5.69 -36.21
C GLY C 372 -16.71 6.15 -36.01
N CYS C 373 -15.77 5.22 -35.79
CA CYS C 373 -14.38 5.57 -35.56
C CYS C 373 -13.49 4.65 -36.38
N THR C 374 -12.28 5.14 -36.66
CA THR C 374 -11.29 4.37 -37.40
C THR C 374 -10.21 3.79 -36.51
N VAL C 375 -10.06 4.28 -35.27
CA VAL C 375 -9.06 3.80 -34.34
C VAL C 375 -9.72 3.49 -33.02
N LYS C 376 -9.48 2.29 -32.49
CA LYS C 376 -9.93 1.89 -31.17
C LYS C 376 -8.71 1.75 -30.27
N SER C 377 -8.76 2.38 -29.10
CA SER C 377 -7.57 2.53 -28.26
C SER C 377 -7.84 2.07 -26.84
N PHE C 378 -6.80 1.53 -26.22
CA PHE C 378 -6.78 1.18 -24.80
C PHE C 378 -5.60 1.90 -24.16
N GLU C 379 -5.83 2.48 -22.99
CA GLU C 379 -4.83 3.32 -22.34
C GLU C 379 -4.61 2.88 -20.91
N ASP C 380 -3.37 3.09 -20.44
CA ASP C 380 -2.98 2.84 -19.05
C ASP C 380 -3.25 1.40 -18.62
N ALA C 381 -3.02 0.44 -19.52
CA ALA C 381 -3.23 -0.96 -19.22
C ALA C 381 -2.12 -1.79 -19.85
N SER C 382 -1.75 -2.87 -19.18
CA SER C 382 -0.77 -3.80 -19.74
C SER C 382 -1.43 -4.71 -20.78
N ILE C 383 -0.60 -5.42 -21.52
CA ILE C 383 -1.10 -6.34 -22.54
C ILE C 383 -1.88 -7.48 -21.91
N ARG C 384 -1.44 -7.98 -20.76
CA ARG C 384 -2.16 -9.05 -20.07
C ARG C 384 -3.56 -8.61 -19.66
N ALA C 385 -3.68 -7.40 -19.12
CA ALA C 385 -4.98 -6.89 -18.71
C ALA C 385 -5.93 -6.75 -19.89
N VAL C 386 -5.43 -6.21 -21.01
CA VAL C 386 -6.27 -6.06 -22.19
C VAL C 386 -6.69 -7.43 -22.73
N ALA C 387 -5.76 -8.39 -22.75
CA ALA C 387 -6.09 -9.73 -23.22
C ALA C 387 -7.14 -10.38 -22.34
N GLY C 388 -7.04 -10.19 -21.02
CA GLY C 388 -8.07 -10.71 -20.13
C GLY C 388 -9.40 -10.02 -20.30
N GLU C 389 -9.40 -8.72 -20.61
CA GLU C 389 -10.66 -7.99 -20.79
C GLU C 389 -11.36 -8.38 -22.09
N ILE C 390 -10.62 -8.48 -23.20
CA ILE C 390 -11.23 -8.76 -24.49
C ILE C 390 -11.27 -10.25 -24.81
N ASN C 391 -10.77 -11.10 -23.92
CA ASN C 391 -10.84 -12.56 -24.08
C ASN C 391 -10.22 -13.02 -25.39
N LEU C 392 -9.07 -12.46 -25.73
CA LEU C 392 -8.31 -12.89 -26.89
C LEU C 392 -6.83 -12.98 -26.54
N PRO C 393 -6.10 -13.93 -27.13
CA PRO C 393 -4.67 -14.04 -26.84
C PRO C 393 -3.88 -12.92 -27.49
N LEU C 394 -3.00 -12.30 -26.70
CA LEU C 394 -2.16 -11.20 -27.14
C LEU C 394 -0.73 -11.47 -26.74
N PRO C 395 0.25 -10.90 -27.46
CA PRO C 395 1.67 -11.18 -27.16
C PRO C 395 2.22 -10.39 -25.98
N SER C 396 1.97 -10.91 -24.78
CA SER C 396 2.51 -10.31 -23.57
C SER C 396 4.01 -10.56 -23.47
N PHE C 397 4.68 -9.68 -22.73
CA PHE C 397 6.12 -9.73 -22.59
C PHE C 397 6.52 -9.34 -21.17
N SER C 398 7.80 -9.52 -20.87
CA SER C 398 8.36 -9.10 -19.59
C SER C 398 9.86 -8.89 -19.73
N PHE C 399 10.42 -8.13 -18.79
CA PHE C 399 11.87 -7.96 -18.73
C PHE C 399 12.48 -9.10 -17.91
N TYR C 400 13.49 -9.75 -18.47
CA TYR C 400 14.02 -10.97 -17.87
C TYR C 400 14.72 -10.70 -16.54
N ASN C 401 15.55 -9.66 -16.49
CA ASN C 401 16.34 -9.34 -15.31
C ASN C 401 15.79 -8.12 -14.57
N GLN C 402 14.48 -7.94 -14.56
CA GLN C 402 13.87 -6.79 -13.91
C GLN C 402 13.97 -6.93 -12.40
N GLN C 403 14.40 -5.86 -11.74
CA GLN C 403 14.51 -5.81 -10.28
C GLN C 403 13.49 -4.80 -9.75
N GLY C 404 12.51 -5.30 -9.01
CA GLY C 404 11.46 -4.43 -8.49
C GLY C 404 10.43 -4.09 -9.56
N ASN C 405 9.62 -3.09 -9.24
CA ASN C 405 8.58 -2.65 -10.15
C ASN C 405 9.14 -1.75 -11.25
N ARG C 406 8.36 -1.59 -12.31
CA ARG C 406 8.74 -0.80 -13.46
C ARG C 406 7.80 0.40 -13.61
N TRP C 407 8.38 1.57 -13.84
CA TRP C 407 7.62 2.79 -14.06
C TRP C 407 7.37 2.97 -15.56
N SER C 408 6.12 3.18 -15.93
CA SER C 408 5.73 3.26 -17.33
C SER C 408 4.91 4.52 -17.57
N GLN C 409 5.11 5.13 -18.74
CA GLN C 409 4.38 6.31 -19.15
C GLN C 409 3.94 6.17 -20.60
N ASN C 410 2.83 6.84 -20.92
CA ASN C 410 2.29 6.86 -22.29
C ASN C 410 2.02 5.45 -22.81
N GLN C 411 1.50 4.58 -21.94
CA GLN C 411 1.20 3.20 -22.32
C GLN C 411 -0.15 3.17 -23.03
N VAL C 412 -0.16 2.69 -24.27
CA VAL C 412 -1.38 2.72 -25.08
C VAL C 412 -1.33 1.57 -26.08
N ILE C 413 -2.50 0.99 -26.35
CA ILE C 413 -2.68 0.00 -27.41
C ILE C 413 -3.82 0.47 -28.29
N PHE C 414 -3.58 0.57 -29.59
CA PHE C 414 -4.61 0.99 -30.54
C PHE C 414 -4.62 0.08 -31.74
N VAL C 415 -5.83 -0.18 -32.25
CA VAL C 415 -6.07 -1.18 -33.29
C VAL C 415 -6.85 -0.54 -34.43
N THR C 416 -6.58 -0.98 -35.66
CA THR C 416 -7.26 -0.55 -36.87
C THR C 416 -8.30 -1.58 -37.30
N PRO C 417 -9.29 -1.18 -38.10
CA PRO C 417 -10.32 -2.15 -38.52
C PRO C 417 -9.78 -3.33 -39.29
N ASP C 418 -8.70 -3.16 -40.06
CA ASP C 418 -8.13 -4.28 -40.79
C ASP C 418 -7.48 -5.31 -39.87
N GLY C 419 -7.19 -4.95 -38.63
CA GLY C 419 -6.60 -5.85 -37.67
C GLY C 419 -5.16 -5.55 -37.27
N ARG C 420 -4.63 -4.39 -37.66
CA ARG C 420 -3.26 -4.04 -37.30
C ARG C 420 -3.25 -3.39 -35.92
N ALA C 421 -2.42 -3.92 -35.02
CA ALA C 421 -2.31 -3.42 -33.66
C ALA C 421 -0.87 -3.06 -33.34
N SER C 422 -0.70 -2.12 -32.42
CA SER C 422 0.63 -1.68 -32.01
C SER C 422 0.62 -1.28 -30.55
N TYR C 423 1.78 -1.38 -29.92
CA TYR C 423 1.96 -1.08 -28.50
C TYR C 423 3.08 -0.08 -28.33
N PHE C 424 2.90 0.84 -27.37
CA PHE C 424 3.88 1.88 -27.09
C PHE C 424 4.03 2.04 -25.59
N GLU C 425 5.26 2.27 -25.14
CA GLU C 425 5.53 2.43 -23.72
C GLU C 425 6.86 3.15 -23.52
N ARG C 426 6.89 4.04 -22.55
CA ARG C 426 8.12 4.67 -22.08
C ARG C 426 8.40 4.18 -20.66
N PHE C 427 9.59 3.62 -20.45
CA PHE C 427 9.88 2.88 -19.23
C PHE C 427 11.13 3.41 -18.54
N THR C 428 11.16 3.23 -17.22
CA THR C 428 12.37 3.38 -16.41
C THR C 428 12.49 2.13 -15.56
N VAL C 429 13.55 1.37 -15.77
CA VAL C 429 13.68 0.04 -15.18
C VAL C 429 15.09 -0.16 -14.65
N THR C 430 15.21 -1.01 -13.64
CA THR C 430 16.49 -1.44 -13.08
C THR C 430 16.70 -2.91 -13.41
N LEU C 431 17.86 -3.23 -13.97
CA LEU C 431 18.15 -4.58 -14.44
C LEU C 431 19.39 -5.13 -13.77
N GLN C 432 19.33 -6.39 -13.37
CA GLN C 432 20.48 -7.07 -12.78
C GLN C 432 21.51 -7.44 -13.84
N ALA C 433 22.77 -7.35 -13.47
CA ALA C 433 23.90 -7.63 -14.38
C ALA C 433 24.92 -8.50 -13.66
N PRO C 434 24.66 -9.82 -13.58
CA PRO C 434 25.61 -10.70 -12.90
C PRO C 434 26.93 -10.90 -13.65
N ASP C 435 27.03 -10.45 -14.90
CA ASP C 435 28.24 -10.64 -15.69
C ASP C 435 29.27 -9.53 -15.50
N PHE C 436 29.03 -8.57 -14.61
CA PHE C 436 29.97 -7.50 -14.38
C PHE C 436 31.31 -8.04 -13.90
N ASP C 437 32.39 -7.42 -14.37
CA ASP C 437 33.75 -7.81 -13.99
C ASP C 437 34.57 -6.53 -13.81
N PHE C 438 34.91 -6.21 -12.56
CA PHE C 438 35.67 -5.01 -12.24
C PHE C 438 37.11 -5.32 -11.82
N LEU C 439 37.65 -6.43 -12.30
CA LEU C 439 39.02 -6.79 -11.94
C LEU C 439 40.03 -5.79 -12.49
N ALA C 440 39.80 -5.31 -13.71
CA ALA C 440 40.71 -4.39 -14.38
C ALA C 440 40.34 -2.93 -14.14
N TYR C 441 39.70 -2.62 -13.01
CA TYR C 441 39.34 -1.25 -12.70
C TYR C 441 40.60 -0.38 -12.59
N PRO C 442 40.59 0.85 -13.13
CA PRO C 442 39.47 1.49 -13.84
C PRO C 442 39.48 1.30 -15.36
N PHE C 443 40.34 0.42 -15.85
CA PHE C 443 40.46 0.17 -17.29
C PHE C 443 39.50 -0.91 -17.78
N ASP C 444 38.51 -1.28 -16.97
CA ASP C 444 37.59 -2.34 -17.31
C ASP C 444 36.59 -1.88 -18.37
N ARG C 445 36.09 -2.85 -19.14
CA ARG C 445 35.03 -2.63 -20.11
C ARG C 445 33.88 -3.58 -19.80
N GLN C 446 32.66 -3.06 -19.88
CA GLN C 446 31.48 -3.79 -19.45
C GLN C 446 30.48 -3.92 -20.60
N LYS C 447 29.49 -4.78 -20.40
CA LYS C 447 28.41 -4.99 -21.35
C LYS C 447 27.08 -4.79 -20.66
N PHE C 448 26.23 -3.94 -21.22
CA PHE C 448 24.87 -3.70 -20.72
C PHE C 448 23.90 -4.43 -21.64
N SER C 449 23.25 -5.46 -21.12
CA SER C 449 22.35 -6.32 -21.90
C SER C 449 20.91 -6.10 -21.45
N ILE C 450 20.03 -5.85 -22.41
CA ILE C 450 18.60 -5.68 -22.16
C ILE C 450 17.86 -6.76 -22.93
N LYS C 451 17.14 -7.61 -22.21
CA LYS C 451 16.46 -8.77 -22.79
C LYS C 451 14.96 -8.63 -22.63
N VAL C 452 14.23 -8.78 -23.72
CA VAL C 452 12.77 -8.77 -23.73
C VAL C 452 12.30 -10.12 -24.22
N ASP C 453 11.54 -10.82 -23.39
CA ASP C 453 11.08 -12.18 -23.67
C ASP C 453 9.57 -12.20 -23.80
N LEU C 454 9.07 -12.85 -24.85
CA LEU C 454 7.64 -13.08 -24.98
C LEU C 454 7.17 -14.12 -23.97
N ALA C 455 6.00 -13.89 -23.39
CA ALA C 455 5.43 -14.79 -22.39
C ALA C 455 4.51 -15.83 -23.02
N VAL C 456 4.67 -16.13 -24.30
CA VAL C 456 3.82 -17.08 -25.00
C VAL C 456 4.71 -18.04 -25.78
N PRO C 457 4.23 -19.24 -26.07
CA PRO C 457 5.02 -20.20 -26.85
C PRO C 457 5.24 -19.70 -28.28
N THR C 458 6.32 -20.20 -28.89
CA THR C 458 6.70 -19.75 -30.23
C THR C 458 5.70 -20.15 -31.30
N ASN C 459 4.84 -21.13 -31.02
CA ASN C 459 3.83 -21.54 -32.00
C ASN C 459 2.65 -20.57 -32.05
N MET C 460 2.57 -19.62 -31.12
CA MET C 460 1.53 -18.59 -31.13
C MET C 460 2.07 -17.27 -31.65
N PHE C 461 3.13 -16.76 -31.05
CA PHE C 461 3.75 -15.52 -31.47
C PHE C 461 5.26 -15.70 -31.53
N ILE C 462 5.90 -14.97 -32.46
CA ILE C 462 7.34 -15.04 -32.63
C ILE C 462 7.82 -13.70 -33.17
N PHE C 463 8.99 -13.26 -32.71
CA PHE C 463 9.61 -12.04 -33.24
C PHE C 463 10.17 -12.32 -34.63
N ASN C 464 9.90 -11.41 -35.56
CA ASN C 464 10.25 -11.64 -36.96
C ASN C 464 11.15 -10.55 -37.52
N GLU C 465 10.90 -9.30 -37.15
CA GLU C 465 11.64 -8.17 -37.70
C GLU C 465 12.03 -7.21 -36.59
N ILE C 466 13.04 -6.39 -36.87
CA ILE C 466 13.51 -5.36 -35.95
C ILE C 466 13.30 -4.02 -36.61
N GLU C 467 12.61 -3.11 -35.91
CA GLU C 467 12.30 -1.78 -36.42
C GLU C 467 13.15 -0.75 -35.70
N ARG C 468 13.80 0.13 -36.47
CA ARG C 468 14.58 1.22 -35.92
C ARG C 468 13.80 2.52 -36.09
N PHE C 469 12.89 2.77 -35.15
CA PHE C 469 12.10 3.99 -35.18
C PHE C 469 12.89 5.22 -34.75
N GLN C 470 13.92 5.03 -33.91
CA GLN C 470 14.79 6.11 -33.49
C GLN C 470 16.21 5.57 -33.40
N GLN C 471 17.15 6.44 -33.03
CA GLN C 471 18.50 5.98 -32.76
C GLN C 471 18.50 5.09 -31.51
N VAL C 472 19.22 3.97 -31.60
CA VAL C 472 19.25 3.04 -30.48
C VAL C 472 19.88 3.69 -29.25
N VAL C 473 20.97 4.42 -29.44
CA VAL C 473 21.62 5.18 -28.38
C VAL C 473 21.53 6.66 -28.73
N GLY C 474 20.87 7.43 -27.87
CA GLY C 474 20.63 8.84 -28.14
C GLY C 474 21.72 9.72 -27.54
N ASP C 475 21.95 10.86 -28.20
CA ASP C 475 22.92 11.84 -27.74
C ASP C 475 22.28 12.82 -26.77
N GLN C 476 23.04 13.19 -25.74
CA GLN C 476 22.58 14.15 -24.74
C GLN C 476 23.65 15.20 -24.50
N LEU C 477 23.22 16.38 -24.09
CA LEU C 477 24.14 17.47 -23.80
C LEU C 477 24.98 17.15 -22.58
N GLY C 478 26.23 17.60 -22.60
CA GLY C 478 27.16 17.37 -21.51
C GLY C 478 27.88 16.03 -21.63
N GLU C 479 28.78 15.82 -20.68
CA GLU C 479 29.57 14.60 -20.65
C GLU C 479 28.86 13.51 -19.84
N GLU C 480 29.31 12.28 -20.02
CA GLU C 480 28.74 11.13 -19.35
C GLU C 480 29.85 10.34 -18.66
N GLU C 481 29.48 9.65 -17.57
CA GLU C 481 30.43 8.80 -16.87
C GLU C 481 30.78 7.56 -17.70
N TRP C 482 29.80 7.02 -18.42
CA TRP C 482 29.99 5.86 -19.27
C TRP C 482 29.80 6.27 -20.72
N VAL C 483 30.70 5.81 -21.59
CA VAL C 483 30.69 6.14 -23.01
C VAL C 483 30.40 4.88 -23.80
N VAL C 484 29.37 4.93 -24.65
CA VAL C 484 28.99 3.78 -25.47
C VAL C 484 29.87 3.73 -26.71
N THR C 485 30.51 2.60 -26.94
CA THR C 485 31.38 2.42 -28.10
C THR C 485 30.66 1.80 -29.28
N SER C 486 29.83 0.78 -29.04
CA SER C 486 29.08 0.12 -30.10
C SER C 486 27.89 -0.58 -29.49
N TYR C 487 26.97 -1.02 -30.35
CA TYR C 487 25.76 -1.70 -29.91
C TYR C 487 25.35 -2.71 -30.96
N SER C 488 24.48 -3.63 -30.55
CA SER C 488 23.95 -4.65 -31.45
C SER C 488 22.59 -5.10 -30.96
N GLN C 489 21.79 -5.63 -31.89
CA GLN C 489 20.46 -6.14 -31.59
C GLN C 489 20.25 -7.45 -32.35
N GLU C 490 19.67 -8.43 -31.67
CA GLU C 490 19.55 -9.77 -32.23
C GLU C 490 18.30 -10.45 -31.69
N ILE C 491 17.76 -11.38 -32.46
CA ILE C 491 16.59 -12.16 -32.08
C ILE C 491 17.01 -13.63 -32.03
N THR C 492 16.70 -14.29 -30.91
CA THR C 492 17.05 -15.69 -30.71
C THR C 492 15.86 -16.42 -30.11
N GLU C 493 16.06 -17.71 -29.80
CA GLU C 493 15.05 -18.54 -29.18
C GLU C 493 15.64 -19.22 -27.95
N VAL C 494 14.87 -19.28 -26.88
CA VAL C 494 15.33 -19.82 -25.60
C VAL C 494 14.29 -20.79 -25.05
N PRO C 495 14.69 -21.78 -24.27
CA PRO C 495 13.71 -22.74 -23.73
C PRO C 495 12.68 -22.05 -22.84
N PHE C 496 11.47 -22.57 -22.89
CA PHE C 496 10.32 -21.99 -22.19
C PHE C 496 9.71 -23.02 -21.26
N GLU C 497 9.05 -22.52 -20.21
CA GLU C 497 8.38 -23.40 -19.27
C GLU C 497 7.24 -24.14 -19.96
N ARG C 498 6.96 -25.36 -19.46
CA ARG C 498 6.03 -26.28 -20.11
C ARG C 498 6.46 -26.54 -21.56
N GLY C 499 7.75 -26.80 -21.73
CA GLY C 499 8.28 -27.16 -23.03
C GLY C 499 8.21 -26.02 -24.02
N SER C 500 8.27 -26.40 -25.30
CA SER C 500 8.20 -25.48 -26.44
C SER C 500 9.34 -24.47 -26.33
N THR C 501 9.14 -23.26 -26.88
CA THR C 501 10.18 -22.26 -26.96
C THR C 501 9.52 -20.89 -26.96
N ASN C 502 10.27 -19.88 -26.53
CA ASN C 502 9.81 -18.50 -26.56
C ASN C 502 10.89 -17.62 -27.17
N SER C 503 10.45 -16.54 -27.82
CA SER C 503 11.37 -15.63 -28.49
C SER C 503 11.99 -14.65 -27.49
N ARG C 504 13.16 -14.14 -27.86
CA ARG C 504 13.88 -13.18 -27.02
C ARG C 504 14.48 -12.10 -27.91
N PHE C 505 14.33 -10.85 -27.48
CA PHE C 505 14.92 -9.69 -28.15
C PHE C 505 15.97 -9.09 -27.22
N THR C 506 17.20 -8.99 -27.71
CA THR C 506 18.33 -8.58 -26.88
C THR C 506 19.01 -7.35 -27.48
N THR C 507 19.26 -6.37 -26.63
CA THR C 507 20.04 -5.18 -27.00
C THR C 507 21.26 -5.13 -26.10
N THR C 508 22.44 -5.00 -26.71
CA THR C 508 23.71 -5.02 -25.99
C THR C 508 24.45 -3.72 -26.23
N LEU C 509 24.95 -3.13 -25.15
CA LEU C 509 25.73 -1.88 -25.21
C LEU C 509 27.12 -2.14 -24.66
N LEU C 510 28.14 -1.75 -25.42
CA LEU C 510 29.52 -1.84 -24.97
C LEU C 510 29.95 -0.45 -24.49
N VAL C 511 30.42 -0.38 -23.23
CA VAL C 511 30.69 0.89 -22.57
C VAL C 511 32.08 0.86 -21.96
N LYS C 512 32.62 2.05 -21.73
CA LYS C 512 33.90 2.23 -21.05
C LYS C 512 33.85 3.52 -20.23
N ARG C 513 34.79 3.62 -19.30
CA ARG C 513 34.87 4.78 -18.42
C ARG C 513 35.65 5.91 -19.08
N ASN C 514 35.65 7.06 -18.40
CA ASN C 514 36.42 8.23 -18.85
C ASN C 514 37.84 8.10 -18.31
N LEU C 515 38.79 7.83 -19.20
CA LEU C 515 40.16 7.53 -18.77
C LEU C 515 40.92 8.78 -18.34
N GLU C 516 40.67 9.91 -19.00
CA GLU C 516 41.38 11.15 -18.67
C GLU C 516 41.12 11.56 -17.23
N TYR C 517 39.88 11.40 -16.77
CA TYR C 517 39.54 11.73 -15.39
C TYR C 517 40.45 11.00 -14.41
N TYR C 518 40.47 9.67 -14.48
CA TYR C 518 41.29 8.90 -13.55
C TYR C 518 42.78 9.19 -13.72
N ILE C 519 43.25 9.25 -14.96
CA ILE C 519 44.67 9.50 -15.20
C ILE C 519 45.10 10.81 -14.53
N LEU C 520 44.49 11.92 -14.95
CA LEU C 520 44.90 13.22 -14.45
C LEU C 520 44.62 13.38 -12.96
N ARG C 521 43.62 12.69 -12.43
CA ARG C 521 43.29 12.90 -11.03
C ARG C 521 44.15 12.08 -10.08
N ILE C 522 44.65 10.92 -10.51
CA ILE C 522 45.33 9.99 -9.63
C ILE C 522 46.81 9.82 -10.00
N PHE C 523 47.10 9.51 -11.27
CA PHE C 523 48.41 8.95 -11.58
C PHE C 523 49.51 10.00 -11.59
N VAL C 524 49.23 11.21 -12.09
CA VAL C 524 50.26 12.26 -12.10
C VAL C 524 50.68 12.66 -10.69
N PRO C 525 49.77 12.96 -9.75
CA PRO C 525 50.22 13.25 -8.39
C PRO C 525 50.99 12.10 -7.75
N LEU C 526 50.59 10.86 -8.00
CA LEU C 526 51.32 9.72 -7.47
C LEU C 526 52.72 9.66 -8.03
N PHE C 527 52.86 9.90 -9.34
CA PHE C 527 54.18 9.94 -9.96
C PHE C 527 55.04 11.04 -9.34
N LEU C 528 54.45 12.21 -9.08
CA LEU C 528 55.22 13.30 -8.48
C LEU C 528 55.66 12.96 -7.06
N ILE C 529 54.79 12.32 -6.28
CA ILE C 529 55.16 11.92 -4.92
C ILE C 529 56.29 10.90 -4.95
N ILE C 530 56.20 9.91 -5.85
CA ILE C 530 57.26 8.92 -5.99
C ILE C 530 58.57 9.58 -6.41
N SER C 531 58.48 10.58 -7.30
CA SER C 531 59.69 11.30 -7.73
C SER C 531 60.31 12.06 -6.58
N VAL C 532 59.47 12.66 -5.72
CA VAL C 532 60.00 13.37 -4.55
C VAL C 532 60.72 12.38 -3.63
N SER C 533 60.14 11.20 -3.44
CA SER C 533 60.81 10.19 -2.62
C SER C 533 62.11 9.68 -3.26
N TRP C 534 62.18 9.65 -4.58
CA TRP C 534 63.37 9.13 -5.26
C TRP C 534 64.50 10.16 -5.30
N VAL C 535 64.17 11.44 -5.46
CA VAL C 535 65.20 12.44 -5.72
C VAL C 535 66.07 12.73 -4.51
N ILE C 536 65.61 12.40 -3.30
CA ILE C 536 66.32 12.79 -2.09
C ILE C 536 67.62 12.03 -1.87
N PHE C 537 67.87 10.98 -2.65
CA PHE C 537 69.09 10.19 -2.46
C PHE C 537 70.32 10.86 -3.06
N PHE C 538 70.17 12.00 -3.74
CA PHE C 538 71.33 12.76 -4.18
C PHE C 538 71.99 13.52 -3.04
N LEU C 539 71.26 13.77 -1.95
CA LEU C 539 71.81 14.48 -0.81
C LEU C 539 72.84 13.63 -0.07
N LYS C 540 73.84 14.30 0.50
CA LYS C 540 74.84 13.65 1.32
C LYS C 540 74.68 13.95 2.80
N ASP C 541 73.69 14.75 3.18
CA ASP C 541 73.32 14.97 4.58
C ASP C 541 72.12 14.08 4.86
N TYR C 542 72.36 12.99 5.60
CA TYR C 542 71.34 11.94 5.72
C TYR C 542 70.24 12.31 6.70
N GLY C 543 70.46 13.27 7.59
CA GLY C 543 69.38 13.73 8.45
C GLY C 543 68.27 14.41 7.67
N ARG C 544 68.65 15.28 6.74
CA ARG C 544 67.65 15.91 5.86
C ARG C 544 66.93 14.87 5.02
N GLN C 545 67.67 13.89 4.49
CA GLN C 545 67.05 12.84 3.71
C GLN C 545 66.03 12.05 4.53
N LEU C 546 66.40 11.69 5.77
CA LEU C 546 65.48 10.95 6.62
C LEU C 546 64.24 11.78 6.94
N GLU C 547 64.43 13.08 7.25
CA GLU C 547 63.29 13.92 7.57
C GLU C 547 62.35 14.07 6.37
N VAL C 548 62.91 14.27 5.17
CA VAL C 548 62.07 14.42 3.99
C VAL C 548 61.35 13.13 3.66
N ALA C 549 62.02 11.98 3.86
CA ALA C 549 61.34 10.70 3.64
C ALA C 549 60.20 10.51 4.61
N SER C 550 60.41 10.84 5.88
CA SER C 550 59.36 10.71 6.88
C SER C 550 58.17 11.61 6.55
N GLY C 551 58.45 12.83 6.09
CA GLY C 551 57.36 13.71 5.67
C GLY C 551 56.64 13.21 4.43
N ASN C 552 57.39 12.67 3.47
CA ASN C 552 56.79 12.21 2.22
C ASN C 552 55.92 10.99 2.42
N LEU C 553 56.26 10.11 3.37
CA LEU C 553 55.38 9.00 3.67
C LEU C 553 54.02 9.49 4.15
N LEU C 554 54.01 10.48 5.05
CA LEU C 554 52.76 11.05 5.53
C LEU C 554 52.01 11.74 4.40
N VAL C 555 52.72 12.43 3.52
CA VAL C 555 52.08 13.07 2.37
C VAL C 555 51.41 12.02 1.48
N PHE C 556 52.08 10.88 1.28
CA PHE C 556 51.51 9.81 0.49
C PHE C 556 50.25 9.26 1.13
N VAL C 557 50.27 9.05 2.45
CA VAL C 557 49.07 8.57 3.13
C VAL C 557 47.94 9.57 3.01
N ALA C 558 48.26 10.86 3.14
CA ALA C 558 47.25 11.90 3.01
C ALA C 558 46.63 11.90 1.62
N PHE C 559 47.45 11.79 0.58
CA PHE C 559 46.91 11.73 -0.78
C PHE C 559 46.05 10.49 -0.98
N ASN C 560 46.49 9.35 -0.43
CA ASN C 560 45.74 8.11 -0.57
C ASN C 560 44.34 8.26 0.02
N PHE C 561 44.25 8.78 1.24
CA PHE C 561 42.94 8.91 1.85
C PHE C 561 42.15 10.07 1.24
N THR C 562 42.81 11.04 0.62
CA THR C 562 42.10 12.09 -0.11
C THR C 562 41.42 11.53 -1.36
N ILE C 563 42.09 10.61 -2.06
CA ILE C 563 41.51 10.02 -3.25
C ILE C 563 40.71 8.75 -2.94
N SER C 564 40.65 8.33 -1.68
CA SER C 564 39.84 7.18 -1.29
C SER C 564 38.40 7.26 -1.78
N GLY C 565 37.89 8.46 -2.08
CA GLY C 565 36.53 8.58 -2.58
C GLY C 565 36.32 7.89 -3.93
N ASP C 566 37.35 7.88 -4.77
CA ASP C 566 37.30 7.20 -6.07
C ASP C 566 37.82 5.77 -6.00
N LEU C 567 37.75 5.14 -4.83
CA LEU C 567 38.25 3.78 -4.63
C LEU C 567 37.08 2.90 -4.20
N PRO C 568 36.48 2.17 -5.14
CA PRO C 568 35.31 1.33 -4.78
C PRO C 568 35.68 0.23 -3.81
N ARG C 569 34.74 -0.05 -2.90
CA ARG C 569 34.91 -1.12 -1.91
C ARG C 569 34.08 -2.31 -2.39
N LEU C 570 34.74 -3.25 -3.07
CA LEU C 570 34.08 -4.39 -3.68
C LEU C 570 34.32 -5.70 -2.93
N GLY C 571 35.23 -5.72 -1.97
CA GLY C 571 35.61 -6.95 -1.30
C GLY C 571 36.73 -7.72 -1.96
N TYR C 572 37.29 -7.22 -3.06
CA TYR C 572 38.40 -7.87 -3.73
C TYR C 572 39.25 -6.81 -4.40
N LEU C 573 40.47 -7.19 -4.75
CA LEU C 573 41.48 -6.24 -5.20
C LEU C 573 41.33 -5.90 -6.68
N THR C 574 41.62 -4.63 -7.00
CA THR C 574 41.73 -4.14 -8.37
C THR C 574 43.18 -3.74 -8.64
N VAL C 575 43.42 -3.24 -9.86
CA VAL C 575 44.76 -2.81 -10.23
C VAL C 575 45.21 -1.62 -9.39
N LEU C 576 44.31 -0.66 -9.20
CA LEU C 576 44.66 0.56 -8.48
C LEU C 576 45.07 0.26 -7.04
N ASP C 577 44.35 -0.65 -6.37
CA ASP C 577 44.69 -1.01 -5.00
C ASP C 577 46.09 -1.61 -4.92
N ARG C 578 46.41 -2.52 -5.84
CA ARG C 578 47.74 -3.12 -5.85
C ARG C 578 48.82 -2.07 -6.09
N PHE C 579 48.58 -1.15 -7.02
CA PHE C 579 49.56 -0.10 -7.28
C PHE C 579 49.78 0.78 -6.05
N MET C 580 48.69 1.14 -5.37
CA MET C 580 48.82 1.94 -4.15
C MET C 580 49.61 1.21 -3.08
N ILE C 581 49.33 -0.10 -2.91
CA ILE C 581 50.04 -0.88 -1.91
C ILE C 581 51.53 -0.96 -2.22
N VAL C 582 51.89 -1.20 -3.48
CA VAL C 582 53.29 -1.28 -3.86
C VAL C 582 53.98 0.05 -3.63
N SER C 583 53.32 1.15 -3.99
CA SER C 583 53.91 2.47 -3.79
C SER C 583 54.14 2.76 -2.31
N PHE C 584 53.17 2.41 -1.46
CA PHE C 584 53.32 2.62 -0.03
C PHE C 584 54.48 1.80 0.53
N CYS C 585 54.58 0.54 0.10
CA CYS C 585 55.65 -0.32 0.60
C CYS C 585 57.03 0.24 0.20
N LEU C 586 57.17 0.68 -1.04
CA LEU C 586 58.44 1.24 -1.47
C LEU C 586 58.75 2.53 -0.71
N THR C 587 57.74 3.37 -0.48
CA THR C 587 57.96 4.60 0.27
C THR C 587 58.42 4.32 1.70
N ALA C 588 57.89 3.26 2.32
CA ALA C 588 58.35 2.92 3.67
C ALA C 588 59.76 2.34 3.65
N ILE C 589 60.08 1.53 2.64
CA ILE C 589 61.42 0.99 2.52
C ILE C 589 62.44 2.12 2.33
N VAL C 590 62.02 3.21 1.69
CA VAL C 590 62.91 4.37 1.56
C VAL C 590 63.30 4.91 2.93
N VAL C 591 62.32 5.05 3.84
CA VAL C 591 62.60 5.53 5.18
C VAL C 591 63.52 4.56 5.92
N LEU C 592 63.26 3.26 5.76
CA LEU C 592 64.13 2.27 6.42
C LEU C 592 65.58 2.40 5.94
N ILE C 593 65.77 2.53 4.63
CA ILE C 593 67.12 2.67 4.08
C ILE C 593 67.76 3.98 4.55
N SER C 594 66.94 5.02 4.69
CA SER C 594 67.47 6.29 5.18
C SER C 594 67.98 6.15 6.61
N VAL C 595 67.24 5.45 7.47
CA VAL C 595 67.71 5.21 8.83
C VAL C 595 69.00 4.41 8.83
N CYS C 596 69.07 3.37 7.99
CA CYS C 596 70.28 2.55 7.93
C CYS C 596 71.49 3.39 7.48
N GLN C 597 71.29 4.24 6.46
CA GLN C 597 72.37 5.09 5.99
C GLN C 597 72.79 6.11 7.05
N LYS C 598 71.83 6.64 7.81
CA LYS C 598 72.16 7.56 8.89
C LYS C 598 73.05 6.88 9.91
N ARG C 599 72.71 5.65 10.29
CA ARG C 599 73.56 4.92 11.24
C ARG C 599 74.94 4.64 10.65
N LEU C 600 74.99 4.22 9.38
CA LEU C 600 76.28 3.94 8.75
C LEU C 600 77.16 5.18 8.72
N GLY C 601 76.59 6.33 8.39
CA GLY C 601 77.34 7.57 8.43
C GLY C 601 77.78 7.92 9.83
N ALA C 602 76.95 7.60 10.84
CA ALA C 602 77.33 7.85 12.22
C ALA C 602 78.56 7.04 12.61
N VAL C 603 78.62 5.77 12.18
CA VAL C 603 79.74 4.92 12.54
C VAL C 603 81.02 5.27 11.81
N GLY C 604 80.94 5.98 10.68
CA GLY C 604 82.11 6.35 9.92
C GLY C 604 82.36 5.55 8.67
N LYS C 605 81.31 5.17 7.93
CA LYS C 605 81.44 4.39 6.71
C LYS C 605 80.72 5.07 5.55
N GLN C 606 81.01 6.36 5.33
CA GLN C 606 80.28 7.15 4.35
C GLN C 606 80.36 6.58 2.95
N ALA C 607 81.46 5.87 2.63
CA ALA C 607 81.59 5.28 1.30
C ALA C 607 80.50 4.24 1.05
N VAL C 608 80.20 3.41 2.06
CA VAL C 608 79.13 2.44 1.92
C VAL C 608 77.79 3.13 1.71
N ALA C 609 77.57 4.23 2.43
CA ALA C 609 76.32 4.97 2.27
C ALA C 609 76.19 5.55 0.86
N ALA C 610 77.28 6.09 0.31
CA ALA C 610 77.24 6.59 -1.06
C ALA C 610 76.97 5.47 -2.06
N GLN C 611 77.58 4.30 -1.83
CA GLN C 611 77.33 3.16 -2.72
C GLN C 611 75.87 2.74 -2.65
N ILE C 612 75.28 2.72 -1.44
CA ILE C 612 73.87 2.39 -1.30
C ILE C 612 73.00 3.42 -2.02
N ASP C 613 73.36 4.70 -1.92
CA ASP C 613 72.62 5.74 -2.63
C ASP C 613 72.62 5.49 -4.12
N THR C 614 73.79 5.19 -4.69
CA THR C 614 73.86 4.91 -6.12
C THR C 614 73.02 3.69 -6.48
N TRP C 615 73.11 2.63 -5.67
CA TRP C 615 72.34 1.41 -5.95
C TRP C 615 70.85 1.68 -5.96
N VAL C 616 70.36 2.43 -4.96
CA VAL C 616 68.92 2.73 -4.89
C VAL C 616 68.50 3.57 -6.08
N LEU C 617 69.29 4.60 -6.40
CA LEU C 617 68.97 5.47 -7.53
C LEU C 617 68.87 4.69 -8.83
N VAL C 618 69.73 3.68 -9.00
CA VAL C 618 69.67 2.88 -10.22
C VAL C 618 68.51 1.90 -10.19
N ILE C 619 68.21 1.33 -9.01
CA ILE C 619 67.31 0.18 -8.95
C ILE C 619 65.85 0.58 -8.95
N TYR C 620 65.46 1.56 -8.13
CA TYR C 620 64.02 1.89 -7.97
C TYR C 620 63.14 2.07 -9.23
N PRO C 621 63.54 2.92 -10.20
CA PRO C 621 62.70 3.00 -11.41
C PRO C 621 62.63 1.69 -12.18
N LEU C 622 63.69 0.88 -12.16
CA LEU C 622 63.63 -0.42 -12.80
C LEU C 622 62.59 -1.31 -12.15
N VAL C 623 62.52 -1.30 -10.82
CA VAL C 623 61.51 -2.08 -10.11
C VAL C 623 60.11 -1.60 -10.48
N TYR C 624 59.91 -0.28 -10.52
CA TYR C 624 58.59 0.24 -10.90
C TYR C 624 58.20 -0.19 -12.32
N SER C 625 59.13 -0.08 -13.26
CA SER C 625 58.84 -0.45 -14.64
C SER C 625 58.54 -1.94 -14.76
N LEU C 626 59.32 -2.79 -14.07
CA LEU C 626 59.07 -4.22 -14.12
C LEU C 626 57.71 -4.57 -13.54
N TYR C 627 57.33 -3.91 -12.44
CA TYR C 627 56.01 -4.17 -11.87
C TYR C 627 54.90 -3.76 -12.82
N ILE C 628 55.06 -2.61 -13.48
CA ILE C 628 54.03 -2.18 -14.45
C ILE C 628 53.92 -3.17 -15.60
N ILE C 629 55.06 -3.62 -16.12
CA ILE C 629 55.05 -4.59 -17.23
C ILE C 629 54.39 -5.89 -16.79
N TRP C 630 54.70 -6.36 -15.58
CA TRP C 630 54.09 -7.58 -15.08
C TRP C 630 52.58 -7.44 -14.96
N VAL C 631 52.12 -6.29 -14.44
CA VAL C 631 50.68 -6.06 -14.30
C VAL C 631 50.01 -6.08 -15.67
N TYR C 632 50.62 -5.42 -16.66
CA TYR C 632 50.07 -5.42 -18.01
C TYR C 632 50.00 -6.83 -18.58
N LEU C 633 51.05 -7.63 -18.36
CA LEU C 633 51.05 -8.99 -18.87
C LEU C 633 49.98 -9.85 -18.21
N ARG C 634 49.80 -9.71 -16.90
CA ARG C 634 48.91 -10.60 -16.17
C ARG C 634 47.45 -10.14 -16.18
N PHE C 635 47.15 -8.90 -16.57
CA PHE C 635 45.78 -8.43 -16.53
C PHE C 635 45.21 -7.97 -17.86
N PHE C 636 46.03 -7.75 -18.88
CA PHE C 636 45.53 -7.18 -20.14
C PHE C 636 45.96 -7.98 -21.36
N THR C 637 46.45 -9.20 -21.17
CA THR C 637 46.82 -10.07 -22.29
C THR C 637 46.97 -11.52 -21.83
N ARG D 37 -39.22 -47.60 -19.40
CA ARG D 37 -38.44 -48.27 -18.38
C ARG D 37 -37.01 -47.72 -18.34
N VAL D 38 -36.75 -46.84 -17.37
CA VAL D 38 -35.47 -46.14 -17.27
C VAL D 38 -34.92 -46.31 -15.87
N GLN D 39 -33.62 -46.55 -15.76
CA GLN D 39 -32.96 -46.75 -14.48
C GLN D 39 -31.63 -46.02 -14.47
N HIS D 40 -31.24 -45.50 -13.31
CA HIS D 40 -30.00 -44.76 -13.15
C HIS D 40 -29.03 -45.52 -12.26
N PHE D 41 -27.74 -45.35 -12.54
CA PHE D 41 -26.67 -45.94 -11.75
C PHE D 41 -25.49 -44.98 -11.70
N THR D 42 -24.74 -45.05 -10.60
CA THR D 42 -23.53 -44.24 -10.43
C THR D 42 -22.43 -45.11 -9.82
N GLY D 43 -21.21 -44.89 -10.27
CA GLY D 43 -20.10 -45.70 -9.80
C GLY D 43 -18.78 -44.97 -9.94
N TYR D 44 -17.70 -45.72 -9.70
CA TYR D 44 -16.34 -45.21 -9.78
C TYR D 44 -15.45 -46.26 -10.42
N ILE D 45 -14.56 -45.81 -11.31
CA ILE D 45 -13.63 -46.69 -12.01
C ILE D 45 -12.22 -46.38 -11.56
N GLU D 46 -11.46 -47.42 -11.22
CA GLU D 46 -10.10 -47.28 -10.74
C GLU D 46 -9.17 -48.11 -11.61
N ASP D 47 -8.30 -47.44 -12.36
CA ASP D 47 -7.23 -48.09 -13.13
C ASP D 47 -7.77 -49.17 -14.06
N GLY D 48 -8.87 -48.87 -14.73
CA GLY D 48 -9.43 -49.80 -15.69
C GLY D 48 -9.97 -51.09 -15.09
N ARG D 49 -10.70 -50.97 -13.99
CA ARG D 49 -11.40 -52.10 -13.37
C ARG D 49 -12.89 -51.85 -13.55
N GLY D 50 -13.52 -52.63 -14.42
CA GLY D 50 -14.90 -52.38 -14.80
C GLY D 50 -15.91 -52.91 -13.80
N ILE D 51 -17.17 -52.57 -14.06
CA ILE D 51 -18.29 -52.97 -13.23
C ILE D 51 -19.31 -53.68 -14.10
N PHE D 52 -19.77 -54.85 -13.65
CA PHE D 52 -20.77 -55.63 -14.36
C PHE D 52 -22.16 -55.33 -13.81
N TYR D 53 -23.13 -55.26 -14.71
CA TYR D 53 -24.54 -55.12 -14.36
C TYR D 53 -25.33 -56.24 -15.01
N SER D 54 -26.26 -56.81 -14.26
CA SER D 54 -27.01 -57.99 -14.71
C SER D 54 -28.39 -57.57 -15.21
N LEU D 55 -28.78 -58.13 -16.35
CA LEU D 55 -30.09 -57.91 -16.95
C LEU D 55 -30.86 -59.23 -16.97
N PRO D 56 -31.55 -59.58 -15.89
CA PRO D 56 -32.14 -60.93 -15.80
C PRO D 56 -33.33 -61.10 -16.72
N ASP D 57 -33.31 -62.20 -17.48
CA ASP D 57 -34.43 -62.68 -18.28
C ASP D 57 -35.03 -61.61 -19.21
N MET D 58 -34.23 -61.12 -20.15
CA MET D 58 -34.80 -60.33 -21.23
C MET D 58 -35.51 -61.24 -22.22
N LYS D 59 -36.44 -60.64 -22.98
CA LYS D 59 -37.21 -61.37 -23.98
C LYS D 59 -36.76 -60.98 -25.38
N GLN D 60 -36.82 -61.93 -26.30
CA GLN D 60 -36.49 -61.67 -27.69
C GLN D 60 -37.39 -60.58 -28.27
N GLY D 61 -36.79 -59.66 -29.01
CA GLY D 61 -37.49 -58.52 -29.55
C GLY D 61 -37.34 -57.23 -28.78
N ASP D 62 -36.79 -57.29 -27.56
CA ASP D 62 -36.58 -56.09 -26.78
C ASP D 62 -35.40 -55.28 -27.33
N ILE D 63 -35.41 -53.98 -27.07
CA ILE D 63 -34.35 -53.07 -27.48
C ILE D 63 -33.71 -52.48 -26.22
N ILE D 64 -32.40 -52.67 -26.08
CA ILE D 64 -31.67 -52.09 -24.96
C ILE D 64 -31.03 -50.77 -25.39
N TYR D 65 -31.02 -49.81 -24.49
CA TYR D 65 -30.35 -48.52 -24.71
C TYR D 65 -29.39 -48.26 -23.55
N ALA D 66 -28.23 -47.68 -23.87
CA ALA D 66 -27.24 -47.37 -22.85
C ALA D 66 -26.59 -46.02 -23.15
N SER D 67 -26.21 -45.32 -22.09
CA SER D 67 -25.48 -44.07 -22.19
C SER D 67 -24.65 -43.88 -20.94
N MET D 68 -23.40 -43.46 -21.13
CA MET D 68 -22.44 -43.31 -20.03
C MET D 68 -21.71 -41.99 -20.18
N GLN D 69 -21.76 -41.16 -19.14
CA GLN D 69 -21.18 -39.83 -19.17
C GLN D 69 -20.18 -39.65 -18.03
N ASN D 70 -19.14 -38.87 -18.30
CA ASN D 70 -18.13 -38.58 -17.29
C ASN D 70 -18.61 -37.47 -16.37
N THR D 71 -18.48 -37.70 -15.06
CA THR D 71 -18.89 -36.72 -14.06
C THR D 71 -17.75 -36.25 -13.16
N GLY D 72 -16.52 -36.66 -13.44
CA GLY D 72 -15.37 -36.26 -12.65
C GLY D 72 -14.13 -37.04 -13.02
N GLY D 73 -12.98 -36.37 -13.01
CA GLY D 73 -11.74 -37.01 -13.43
C GLY D 73 -11.56 -37.01 -14.93
N ASN D 74 -10.67 -37.89 -15.38
CA ASN D 74 -10.31 -38.03 -16.79
C ASN D 74 -10.89 -39.29 -17.43
N LEU D 75 -11.95 -39.85 -16.86
CA LEU D 75 -12.51 -41.10 -17.35
C LEU D 75 -13.00 -40.99 -18.79
N ASP D 76 -12.71 -42.02 -19.59
CA ASP D 76 -13.21 -42.13 -20.95
C ASP D 76 -14.15 -43.32 -21.04
N PRO D 77 -15.47 -43.11 -21.09
CA PRO D 77 -16.41 -44.22 -20.96
C PRO D 77 -16.33 -45.23 -22.09
N LEU D 78 -16.63 -46.49 -21.75
CA LEU D 78 -16.80 -47.58 -22.70
C LEU D 78 -17.88 -48.52 -22.17
N VAL D 79 -18.74 -49.00 -23.07
CA VAL D 79 -19.84 -49.87 -22.70
C VAL D 79 -19.90 -51.06 -23.66
N GLY D 80 -20.19 -52.24 -23.11
CA GLY D 80 -20.33 -53.43 -23.92
C GLY D 80 -21.35 -54.37 -23.31
N ILE D 81 -21.94 -55.21 -24.15
CA ILE D 81 -23.00 -56.13 -23.74
C ILE D 81 -22.64 -57.54 -24.18
N MET D 82 -22.91 -58.51 -23.31
CA MET D 82 -22.53 -59.90 -23.59
C MET D 82 -23.45 -60.83 -22.78
N ALA D 83 -23.46 -62.10 -23.19
CA ALA D 83 -24.29 -63.10 -22.53
C ALA D 83 -23.62 -63.67 -21.29
N GLU D 84 -22.48 -64.33 -21.47
CA GLU D 84 -21.79 -64.95 -20.34
C GLU D 84 -20.79 -63.98 -19.73
N GLU D 85 -20.85 -63.84 -18.40
CA GLU D 85 -20.01 -62.88 -17.70
C GLU D 85 -18.58 -63.40 -17.60
N ILE D 86 -17.66 -62.73 -18.30
CA ILE D 86 -16.23 -63.01 -18.22
C ILE D 86 -15.49 -61.69 -18.08
N ASP D 87 -14.44 -61.68 -17.25
CA ASP D 87 -13.69 -60.46 -17.01
C ASP D 87 -12.86 -60.09 -18.23
N PRO D 88 -13.06 -58.93 -18.84
CA PRO D 88 -12.27 -58.56 -20.03
C PRO D 88 -10.84 -58.14 -19.71
N ALA D 89 -10.45 -58.10 -18.44
CA ALA D 89 -9.15 -57.54 -18.08
C ALA D 89 -8.00 -58.28 -18.73
N VAL D 90 -8.06 -59.62 -18.74
CA VAL D 90 -6.96 -60.41 -19.30
C VAL D 90 -6.82 -60.17 -20.79
N SER D 91 -7.93 -60.06 -21.52
CA SER D 91 -7.87 -59.85 -22.95
C SER D 91 -7.47 -58.43 -23.29
N LEU D 92 -8.03 -57.44 -22.59
CA LEU D 92 -7.71 -56.04 -22.88
C LEU D 92 -6.28 -55.71 -22.50
N GLY D 93 -5.70 -56.39 -21.51
CA GLY D 93 -4.33 -56.13 -21.12
C GLY D 93 -3.34 -56.40 -22.24
N GLN D 94 -3.60 -57.41 -23.07
CA GLN D 94 -2.71 -57.71 -24.19
C GLN D 94 -2.69 -56.59 -25.22
N VAL D 95 -3.78 -55.82 -25.32
CA VAL D 95 -3.79 -54.67 -26.22
C VAL D 95 -2.81 -53.61 -25.74
N LEU D 96 -2.80 -53.35 -24.42
CA LEU D 96 -1.82 -52.42 -23.87
C LEU D 96 -0.41 -52.98 -23.97
N GLU D 97 -0.27 -54.31 -23.92
CA GLU D 97 1.05 -54.92 -24.04
C GLU D 97 1.65 -54.75 -25.42
N LYS D 98 0.81 -54.68 -26.44
CA LYS D 98 1.34 -54.63 -27.78
C LYS D 98 1.66 -53.25 -28.19
N ALA D 99 0.86 -52.31 -27.78
CA ALA D 99 1.03 -50.95 -28.21
C ALA D 99 2.19 -50.38 -27.51
N LEU D 100 2.38 -50.77 -26.27
CA LEU D 100 3.48 -50.25 -25.49
C LEU D 100 4.82 -50.65 -26.08
N ALA D 101 4.83 -51.55 -27.02
CA ALA D 101 6.13 -52.02 -27.48
C ALA D 101 6.36 -51.72 -28.92
N SER D 102 5.35 -51.24 -29.60
CA SER D 102 5.51 -51.07 -31.01
C SER D 102 4.64 -50.02 -31.58
N GLU D 103 4.32 -50.17 -32.85
CA GLU D 103 3.40 -49.25 -33.48
C GLU D 103 2.08 -49.88 -33.17
N ASN D 104 1.84 -51.06 -33.73
CA ASN D 104 0.63 -51.83 -33.44
C ASN D 104 -0.73 -51.22 -33.76
N ASP D 105 -0.84 -49.90 -33.86
CA ASP D 105 -2.09 -49.28 -34.24
C ASP D 105 -3.22 -49.64 -33.32
N LEU D 106 -3.20 -49.12 -32.11
CA LEU D 106 -4.30 -49.32 -31.17
C LEU D 106 -5.69 -49.35 -31.70
N ILE D 107 -6.08 -48.45 -32.60
CA ILE D 107 -7.49 -48.39 -33.02
C ILE D 107 -7.84 -49.59 -33.82
N SER D 108 -6.87 -50.26 -34.37
CA SER D 108 -7.16 -51.49 -35.04
C SER D 108 -7.24 -52.57 -34.01
N GLU D 109 -6.20 -52.74 -33.19
CA GLU D 109 -6.22 -53.85 -32.24
C GLU D 109 -7.38 -53.83 -31.22
N LEU D 110 -7.85 -52.69 -30.82
CA LEU D 110 -8.97 -52.55 -29.89
C LEU D 110 -10.27 -52.98 -30.55
N THR D 111 -10.49 -52.60 -31.81
CA THR D 111 -11.71 -52.98 -32.49
C THR D 111 -11.79 -54.50 -32.67
N ALA D 112 -10.68 -55.11 -33.06
CA ALA D 112 -10.66 -56.56 -33.26
C ALA D 112 -10.94 -57.31 -31.96
N VAL D 113 -10.34 -56.85 -30.86
CA VAL D 113 -10.57 -57.52 -29.58
C VAL D 113 -11.99 -57.30 -29.09
N ALA D 114 -12.52 -56.08 -29.27
CA ALA D 114 -13.87 -55.78 -28.81
C ALA D 114 -14.92 -56.57 -29.59
N ASP D 115 -14.72 -56.70 -30.91
CA ASP D 115 -15.67 -57.46 -31.72
C ASP D 115 -15.69 -58.94 -31.36
N ARG D 116 -14.71 -59.42 -30.61
CA ARG D 116 -14.70 -60.78 -30.11
C ARG D 116 -15.27 -60.87 -28.69
N ILE D 117 -14.88 -59.94 -27.82
CA ILE D 117 -15.33 -60.01 -26.42
C ILE D 117 -16.82 -59.73 -26.31
N PHE D 118 -17.31 -58.70 -27.01
CA PHE D 118 -18.67 -58.23 -26.83
C PHE D 118 -19.51 -58.51 -28.06
N LEU D 119 -20.82 -58.69 -27.84
CA LEU D 119 -21.76 -58.75 -28.94
C LEU D 119 -22.07 -57.36 -29.50
N GLY D 120 -21.95 -56.33 -28.67
CA GLY D 120 -22.17 -54.96 -29.10
C GLY D 120 -21.51 -53.97 -28.17
N TRP D 121 -21.06 -52.84 -28.70
CA TRP D 121 -20.26 -51.90 -27.92
C TRP D 121 -20.27 -50.55 -28.60
N ASP D 122 -19.83 -49.53 -27.86
CA ASP D 122 -19.70 -48.19 -28.40
C ASP D 122 -18.69 -47.42 -27.56
N ASP D 123 -17.86 -46.61 -28.23
CA ASP D 123 -16.81 -45.84 -27.56
C ASP D 123 -17.20 -44.38 -27.44
N ASP D 124 -17.45 -43.68 -28.54
CA ASP D 124 -17.59 -42.22 -28.55
C ASP D 124 -18.83 -41.77 -29.31
N GLY D 125 -19.93 -42.52 -29.19
CA GLY D 125 -21.12 -42.21 -29.95
C GLY D 125 -21.92 -41.03 -29.45
N GLY D 126 -21.60 -40.50 -28.27
CA GLY D 126 -22.34 -39.43 -27.66
C GLY D 126 -21.64 -38.09 -27.74
N LYS D 127 -22.07 -37.17 -26.90
CA LYS D 127 -21.50 -35.83 -26.86
C LYS D 127 -20.11 -35.90 -26.23
N GLY D 128 -19.09 -35.62 -27.03
CA GLY D 128 -17.73 -35.75 -26.56
C GLY D 128 -17.25 -37.18 -26.61
N TYR D 129 -16.68 -37.66 -25.51
CA TYR D 129 -16.17 -39.02 -25.43
C TYR D 129 -17.18 -39.98 -24.80
N SER D 130 -18.42 -39.53 -24.58
CA SER D 130 -19.44 -40.36 -23.98
C SER D 130 -19.95 -41.40 -24.96
N ALA D 131 -20.38 -42.54 -24.44
CA ALA D 131 -20.85 -43.66 -25.25
C ALA D 131 -22.37 -43.74 -25.26
N SER D 132 -22.90 -44.29 -26.36
CA SER D 132 -24.33 -44.53 -26.49
C SER D 132 -24.53 -45.77 -27.36
N LEU D 133 -25.43 -46.65 -26.94
CA LEU D 133 -25.55 -47.97 -27.55
C LEU D 133 -27.00 -48.37 -27.71
N GLU D 134 -27.32 -48.92 -28.88
CA GLU D 134 -28.61 -49.56 -29.15
C GLU D 134 -28.36 -51.02 -29.51
N PHE D 135 -29.10 -51.92 -28.88
CA PHE D 135 -28.86 -53.36 -29.05
C PHE D 135 -30.19 -54.10 -29.00
N THR D 136 -30.53 -54.77 -30.10
CA THR D 136 -31.73 -55.60 -30.15
C THR D 136 -31.44 -56.96 -29.57
N ILE D 137 -32.26 -57.38 -28.60
CA ILE D 137 -32.06 -58.64 -27.88
C ILE D 137 -32.22 -59.80 -28.85
N PRO D 138 -31.15 -60.58 -29.11
CA PRO D 138 -31.20 -61.63 -30.13
C PRO D 138 -32.22 -62.72 -29.88
N ARG D 139 -32.07 -63.43 -28.76
CA ARG D 139 -32.93 -64.53 -28.37
C ARG D 139 -33.42 -64.28 -26.93
N ASP D 140 -34.06 -65.26 -26.33
CA ASP D 140 -34.60 -65.16 -24.99
C ASP D 140 -33.57 -65.65 -23.98
N GLY D 141 -33.39 -64.89 -22.92
CA GLY D 141 -32.42 -65.23 -21.88
C GLY D 141 -31.99 -63.99 -21.13
N THR D 142 -30.90 -64.14 -20.38
CA THR D 142 -30.31 -63.05 -19.61
C THR D 142 -28.97 -62.62 -20.22
N TYR D 143 -28.59 -61.38 -19.96
CA TYR D 143 -27.36 -60.82 -20.49
C TYR D 143 -26.68 -59.97 -19.44
N HIS D 144 -25.44 -59.55 -19.75
CA HIS D 144 -24.62 -58.73 -18.87
C HIS D 144 -24.18 -57.46 -19.58
N ILE D 145 -24.14 -56.36 -18.83
CA ILE D 145 -23.66 -55.07 -19.33
C ILE D 145 -22.35 -54.74 -18.61
N PHE D 146 -21.35 -54.34 -19.39
CA PHE D 146 -20.02 -54.06 -18.87
C PHE D 146 -19.72 -52.58 -19.05
N ALA D 147 -19.39 -51.89 -17.96
CA ALA D 147 -19.00 -50.49 -17.98
C ALA D 147 -17.56 -50.37 -17.49
N GLY D 148 -16.79 -49.49 -18.13
CA GLY D 148 -15.38 -49.39 -17.80
C GLY D 148 -14.70 -48.30 -18.58
N SER D 149 -13.39 -48.45 -18.73
CA SER D 149 -12.54 -47.46 -19.37
C SER D 149 -11.90 -48.03 -20.63
N THR D 150 -11.87 -47.23 -21.70
CA THR D 150 -11.17 -47.62 -22.90
C THR D 150 -9.68 -47.28 -22.80
N ILE D 151 -8.93 -47.62 -23.84
CA ILE D 151 -7.51 -47.33 -23.93
C ILE D 151 -7.32 -46.13 -24.84
N THR D 152 -6.74 -45.05 -24.30
CA THR D 152 -6.62 -43.79 -25.02
C THR D 152 -5.28 -43.15 -24.73
N ASN D 153 -4.94 -42.16 -25.56
CA ASN D 153 -3.78 -41.30 -25.36
C ASN D 153 -4.26 -39.88 -25.08
N GLN D 154 -3.63 -39.21 -24.11
CA GLN D 154 -4.04 -37.88 -23.71
C GLN D 154 -2.84 -36.92 -23.62
N ARG D 155 -1.84 -37.09 -24.47
CA ARG D 155 -0.66 -36.25 -24.47
C ARG D 155 -0.27 -35.90 -25.89
N LEU D 156 0.42 -34.76 -26.04
CA LEU D 156 0.91 -34.33 -27.33
C LEU D 156 2.44 -34.31 -27.43
N ASP D 157 3.14 -34.47 -26.31
CA ASP D 157 4.61 -34.52 -26.35
C ASP D 157 5.12 -35.92 -26.70
N LYS D 158 4.43 -36.95 -26.26
CA LYS D 158 4.78 -38.33 -26.58
C LYS D 158 3.52 -39.17 -26.59
N PHE D 159 3.61 -40.34 -27.20
CA PHE D 159 2.49 -41.26 -27.32
C PHE D 159 2.60 -42.34 -26.26
N GLN D 160 1.56 -42.46 -25.43
CA GLN D 160 1.55 -43.44 -24.34
C GLN D 160 0.11 -43.81 -24.04
N PRO D 161 -0.36 -44.95 -24.55
CA PRO D 161 -1.73 -45.39 -24.24
C PRO D 161 -1.85 -45.86 -22.80
N THR D 162 -2.95 -45.47 -22.16
CA THR D 162 -3.18 -45.78 -20.75
C THR D 162 -4.68 -45.91 -20.51
N TYR D 163 -5.01 -46.39 -19.31
CA TYR D 163 -6.39 -46.42 -18.84
C TYR D 163 -6.77 -45.05 -18.24
N THR D 164 -8.00 -44.96 -17.74
CA THR D 164 -8.51 -43.71 -17.17
C THR D 164 -9.28 -44.03 -15.90
N THR D 165 -9.42 -43.01 -15.04
CA THR D 165 -10.07 -43.14 -13.74
C THR D 165 -11.04 -41.98 -13.54
N GLY D 166 -12.12 -42.25 -12.82
CA GLY D 166 -13.08 -41.22 -12.50
C GLY D 166 -14.44 -41.80 -12.18
N SER D 167 -15.37 -40.89 -11.92
CA SER D 167 -16.76 -41.23 -11.64
C SER D 167 -17.60 -41.14 -12.91
N PHE D 168 -18.74 -41.83 -12.91
CA PHE D 168 -19.57 -41.89 -14.10
C PHE D 168 -21.04 -42.00 -13.73
N GLN D 169 -21.88 -41.62 -14.68
CA GLN D 169 -23.33 -41.77 -14.59
C GLN D 169 -23.80 -42.65 -15.74
N LEU D 170 -24.57 -43.69 -15.41
CA LEU D 170 -25.03 -44.66 -16.40
C LEU D 170 -26.54 -44.68 -16.43
N ILE D 171 -27.12 -44.52 -17.62
CA ILE D 171 -28.57 -44.56 -17.83
C ILE D 171 -28.88 -45.73 -18.74
N LEU D 172 -29.72 -46.64 -18.26
CA LEU D 172 -30.13 -47.81 -19.03
C LEU D 172 -31.63 -47.74 -19.30
N GLY D 173 -32.03 -48.12 -20.52
CA GLY D 173 -33.42 -48.11 -20.91
C GLY D 173 -33.80 -49.41 -21.61
N LEU D 174 -35.08 -49.76 -21.50
CA LEU D 174 -35.64 -50.92 -22.18
C LEU D 174 -36.84 -50.48 -22.99
N ASN D 175 -36.73 -50.58 -24.32
CA ASN D 175 -37.76 -50.13 -25.24
C ASN D 175 -38.15 -48.67 -24.98
N ALA D 176 -37.14 -47.84 -24.71
CA ALA D 176 -37.31 -46.42 -24.44
C ALA D 176 -36.35 -45.66 -25.35
N PRO D 177 -36.78 -45.32 -26.57
CA PRO D 177 -35.86 -44.71 -27.54
C PRO D 177 -35.33 -43.35 -27.16
N GLN D 178 -35.83 -42.73 -26.08
CA GLN D 178 -35.34 -41.42 -25.68
C GLN D 178 -34.04 -41.51 -24.87
N VAL D 179 -33.59 -42.72 -24.54
CA VAL D 179 -32.39 -42.87 -23.73
C VAL D 179 -31.15 -42.43 -24.49
N ILE D 180 -31.10 -42.69 -25.80
CA ILE D 180 -29.90 -42.39 -26.59
C ILE D 180 -29.68 -40.89 -26.68
N SER D 181 -30.70 -40.10 -26.34
CA SER D 181 -30.51 -38.65 -26.24
C SER D 181 -29.75 -38.27 -24.97
N GLY D 182 -29.65 -39.19 -24.01
CA GLY D 182 -28.95 -38.92 -22.77
C GLY D 182 -29.75 -38.20 -21.70
N GLU D 183 -31.05 -37.99 -21.92
CA GLU D 183 -31.88 -37.22 -21.01
C GLU D 183 -33.05 -38.03 -20.45
N GLY D 184 -32.97 -39.37 -20.47
CA GLY D 184 -34.06 -40.19 -20.01
C GLY D 184 -34.25 -40.11 -18.50
N GLU D 185 -35.45 -39.71 -18.07
CA GLU D 185 -35.82 -39.67 -16.66
C GLU D 185 -36.32 -41.05 -16.21
N PRO D 186 -36.05 -41.44 -14.97
CA PRO D 186 -36.47 -42.77 -14.50
C PRO D 186 -37.98 -42.94 -14.59
N GLU D 187 -38.39 -44.13 -15.04
CA GLU D 187 -39.80 -44.43 -15.22
C GLU D 187 -40.01 -45.94 -15.16
N GLY D 188 -41.25 -46.34 -14.91
CA GLY D 188 -41.60 -47.75 -14.95
C GLY D 188 -41.03 -48.52 -13.77
N GLU D 189 -40.97 -49.84 -13.96
CA GLU D 189 -40.49 -50.77 -12.94
C GLU D 189 -39.11 -51.29 -13.34
N VAL D 190 -38.21 -51.37 -12.37
CA VAL D 190 -36.80 -51.68 -12.59
C VAL D 190 -36.65 -53.03 -13.29
N PHE D 191 -35.53 -53.21 -13.98
CA PHE D 191 -35.26 -54.44 -14.72
C PHE D 191 -33.83 -54.93 -14.60
N ALA D 192 -32.89 -54.12 -14.13
CA ALA D 192 -31.49 -54.52 -13.99
C ALA D 192 -30.99 -54.17 -12.60
N SER D 193 -29.96 -54.87 -12.17
CA SER D 193 -29.42 -54.70 -10.81
C SER D 193 -27.91 -54.91 -10.83
N LEU D 194 -27.27 -54.48 -9.76
CA LEU D 194 -25.82 -54.65 -9.61
C LEU D 194 -25.48 -56.13 -9.53
N ALA D 195 -24.46 -56.54 -10.29
CA ALA D 195 -24.04 -57.93 -10.30
C ALA D 195 -23.21 -58.31 -9.08
N SER D 196 -22.42 -57.38 -8.55
CA SER D 196 -21.51 -57.70 -7.45
C SER D 196 -22.25 -58.10 -6.19
N LEU D 197 -23.51 -57.69 -6.04
CA LEU D 197 -24.31 -58.01 -4.87
C LEU D 197 -24.62 -59.50 -4.75
N GLU D 198 -24.42 -60.27 -5.81
CA GLU D 198 -24.77 -61.69 -5.79
C GLU D 198 -23.74 -62.55 -5.06
N ILE D 199 -22.54 -62.02 -4.76
CA ILE D 199 -21.44 -62.80 -4.21
C ILE D 199 -20.90 -62.08 -2.98
N LYS D 200 -19.85 -62.64 -2.36
CA LYS D 200 -19.17 -61.95 -1.24
C LYS D 200 -18.20 -60.85 -1.73
N PRO D 201 -18.00 -59.76 -0.95
CA PRO D 201 -17.09 -58.65 -1.34
C PRO D 201 -15.58 -58.90 -1.31
N GLU D 202 -14.77 -57.85 -1.52
CA GLU D 202 -13.32 -58.00 -1.55
C GLU D 202 -12.71 -57.36 -0.31
N ALA D 203 -11.85 -58.12 0.36
CA ALA D 203 -11.25 -57.66 1.61
C ALA D 203 -10.02 -56.80 1.35
N HIS D 204 -9.83 -55.82 2.22
CA HIS D 204 -8.66 -54.94 2.19
C HIS D 204 -7.99 -54.99 3.55
N VAL D 205 -6.69 -55.30 3.57
CA VAL D 205 -5.95 -55.51 4.81
C VAL D 205 -4.70 -54.67 4.79
N GLN D 206 -4.37 -54.08 5.93
CA GLN D 206 -3.16 -53.28 6.10
C GLN D 206 -2.61 -53.50 7.49
N GLU D 207 -1.28 -53.59 7.60
CA GLU D 207 -0.60 -53.77 8.87
C GLU D 207 0.43 -52.67 9.06
N LEU D 208 0.43 -52.07 10.25
CA LEU D 208 1.31 -50.95 10.54
C LEU D 208 1.93 -51.13 11.92
N GLU D 209 3.12 -50.57 12.09
CA GLU D 209 3.84 -50.57 13.36
C GLU D 209 3.91 -49.15 13.90
N ILE D 210 3.51 -48.97 15.16
CA ILE D 210 3.47 -47.65 15.78
C ILE D 210 4.23 -47.69 17.10
N ARG D 211 4.73 -46.53 17.49
CA ARG D 211 5.51 -46.37 18.73
C ARG D 211 4.98 -45.16 19.49
N LEU D 212 4.79 -45.33 20.80
CA LEU D 212 4.27 -44.26 21.66
C LEU D 212 5.43 -43.72 22.49
N ASP D 213 5.97 -42.59 22.07
CA ASP D 213 7.05 -41.94 22.80
C ASP D 213 6.51 -41.32 24.08
N LYS D 214 7.41 -40.70 24.84
CA LYS D 214 7.03 -40.06 26.10
C LYS D 214 6.05 -38.91 25.85
N ASP D 215 6.32 -38.10 24.83
CA ASP D 215 5.48 -36.96 24.51
C ASP D 215 4.48 -37.23 23.39
N THR D 216 4.39 -38.47 22.91
CA THR D 216 3.52 -38.84 21.80
C THR D 216 2.70 -40.08 22.16
N ARG D 217 2.09 -40.06 23.34
CA ARG D 217 1.30 -41.19 23.80
C ARG D 217 -0.09 -41.26 23.16
N TYR D 218 -0.49 -40.26 22.39
CA TYR D 218 -1.78 -40.24 21.73
C TYR D 218 -1.59 -40.21 20.22
N LEU D 219 -2.29 -41.09 19.52
CA LEU D 219 -2.18 -41.20 18.06
C LEU D 219 -3.54 -41.47 17.46
N THR D 220 -3.81 -40.85 16.31
CA THR D 220 -5.07 -41.04 15.59
C THR D 220 -4.77 -41.29 14.12
N GLN D 221 -5.63 -42.10 13.49
CA GLN D 221 -5.51 -42.40 12.08
C GLN D 221 -6.88 -42.27 11.42
N HIS D 222 -6.90 -41.73 10.21
CA HIS D 222 -8.12 -41.52 9.46
C HIS D 222 -8.34 -42.65 8.46
N THR D 223 -9.59 -43.07 8.34
CA THR D 223 -9.98 -44.16 7.46
C THR D 223 -10.77 -43.60 6.27
N ARG D 224 -10.66 -44.30 5.14
CA ARG D 224 -11.40 -43.91 3.94
C ARG D 224 -12.90 -44.12 4.15
N ASN D 225 -13.68 -43.58 3.23
CA ASN D 225 -15.13 -43.67 3.33
C ASN D 225 -15.59 -45.11 3.13
N LEU D 226 -16.61 -45.51 3.89
CA LEU D 226 -17.17 -46.86 3.84
C LEU D 226 -18.57 -46.82 3.25
N GLN D 227 -18.83 -47.72 2.32
CA GLN D 227 -20.16 -47.87 1.75
C GLN D 227 -21.10 -48.56 2.74
N PRO D 228 -22.40 -48.29 2.65
CA PRO D 228 -23.35 -48.93 3.57
C PRO D 228 -23.32 -50.45 3.44
N GLY D 229 -23.44 -51.12 4.57
CA GLY D 229 -23.37 -52.57 4.62
C GLY D 229 -21.98 -53.13 4.83
N ASP D 230 -20.94 -52.29 4.77
CA ASP D 230 -19.58 -52.75 4.98
C ASP D 230 -19.30 -52.95 6.47
N THR D 231 -18.18 -53.61 6.77
CA THR D 231 -17.78 -53.89 8.13
C THR D 231 -16.32 -53.51 8.32
N PHE D 232 -15.95 -53.27 9.58
CA PHE D 232 -14.62 -52.78 9.93
C PHE D 232 -14.09 -53.60 11.11
N HIS D 233 -12.82 -53.99 11.02
CA HIS D 233 -12.16 -54.72 12.08
C HIS D 233 -10.76 -54.17 12.30
N ALA D 234 -10.25 -54.33 13.51
CA ALA D 234 -8.91 -53.89 13.86
C ALA D 234 -8.44 -54.63 15.10
N LEU D 235 -7.13 -54.86 15.19
CA LEU D 235 -6.53 -55.49 16.35
C LEU D 235 -5.14 -54.92 16.56
N VAL D 236 -4.70 -54.91 17.81
CA VAL D 236 -3.40 -54.37 18.20
C VAL D 236 -2.69 -55.39 19.07
N GLU D 237 -1.41 -55.65 18.78
CA GLU D 237 -0.61 -56.59 19.54
C GLU D 237 0.75 -55.96 19.80
N PRO D 238 1.17 -55.89 21.06
CA PRO D 238 2.47 -55.27 21.36
C PRO D 238 3.64 -56.10 20.85
N ILE D 239 4.74 -55.42 20.54
CA ILE D 239 5.97 -56.12 20.15
C ILE D 239 6.50 -56.97 21.28
N GLY D 240 6.54 -56.41 22.50
CA GLY D 240 7.09 -57.12 23.63
C GLY D 240 6.28 -56.98 24.90
N GLU D 241 6.95 -56.57 25.98
CA GLU D 241 6.35 -56.47 27.30
C GLU D 241 5.62 -55.15 27.51
N ALA D 242 5.34 -54.40 26.45
CA ALA D 242 4.64 -53.13 26.60
C ALA D 242 3.21 -53.37 27.08
N PRO D 243 2.68 -52.51 27.95
CA PRO D 243 1.30 -52.68 28.42
C PRO D 243 0.30 -52.44 27.31
N LEU D 244 -0.85 -53.09 27.42
CA LEU D 244 -1.88 -52.99 26.41
C LEU D 244 -2.53 -51.61 26.44
N PRO D 245 -2.56 -50.88 25.33
CA PRO D 245 -3.21 -49.57 25.31
C PRO D 245 -4.71 -49.68 25.08
N ARG D 246 -5.38 -48.54 25.14
CA ARG D 246 -6.81 -48.47 24.92
C ARG D 246 -7.11 -48.21 23.45
N LEU D 247 -8.26 -48.69 23.00
CA LEU D 247 -8.68 -48.57 21.61
C LEU D 247 -10.14 -48.15 21.54
N ARG D 248 -10.45 -47.25 20.61
CA ARG D 248 -11.82 -46.80 20.40
C ARG D 248 -11.95 -46.27 18.98
N LEU D 249 -13.20 -46.16 18.53
CA LEU D 249 -13.50 -45.74 17.17
C LEU D 249 -14.45 -44.55 17.21
N THR D 250 -14.06 -43.46 16.54
CA THR D 250 -14.87 -42.25 16.47
C THR D 250 -14.92 -41.77 15.02
N ASP D 251 -15.92 -40.93 14.74
CA ASP D 251 -16.07 -40.35 13.42
C ASP D 251 -15.10 -39.17 13.28
N SER D 252 -15.21 -38.44 12.16
CA SER D 252 -14.36 -37.28 11.95
C SER D 252 -14.69 -36.12 12.88
N GLY D 253 -15.85 -36.15 13.54
CA GLY D 253 -16.22 -35.12 14.49
C GLY D 253 -15.88 -35.51 15.92
N GLY D 254 -15.56 -36.78 16.14
CA GLY D 254 -15.22 -37.27 17.45
C GLY D 254 -16.31 -38.05 18.15
N LYS D 255 -17.45 -38.27 17.49
CA LYS D 255 -18.53 -39.02 18.11
C LYS D 255 -18.14 -40.49 18.21
N PRO D 256 -18.12 -41.07 19.41
CA PRO D 256 -17.69 -42.46 19.54
C PRO D 256 -18.63 -43.44 18.87
N LEU D 257 -18.07 -44.55 18.43
CA LEU D 257 -18.83 -45.61 17.78
C LEU D 257 -18.63 -46.98 18.41
N ALA D 258 -17.42 -47.29 18.87
CA ALA D 258 -17.14 -48.58 19.48
C ALA D 258 -15.91 -48.46 20.37
N PHE D 259 -15.73 -49.45 21.24
CA PHE D 259 -14.61 -49.50 22.15
C PHE D 259 -13.95 -50.88 22.08
N GLY D 260 -12.64 -50.90 22.29
CA GLY D 260 -11.88 -52.14 22.18
C GLY D 260 -12.16 -53.09 23.33
N LEU D 261 -12.13 -54.38 23.02
CA LEU D 261 -12.41 -55.43 23.99
C LEU D 261 -11.15 -56.24 24.24
N ILE D 262 -10.81 -56.45 25.51
CA ILE D 262 -9.65 -57.26 25.87
C ILE D 262 -10.06 -58.73 25.84
N ASP D 263 -9.31 -59.53 25.08
CA ASP D 263 -9.63 -60.95 24.94
C ASP D 263 -9.25 -61.70 26.22
N GLN D 264 -9.81 -62.91 26.35
CA GLN D 264 -9.48 -63.76 27.49
C GLN D 264 -7.98 -64.08 27.54
N PRO D 265 -7.31 -64.45 26.44
CA PRO D 265 -5.84 -64.42 26.45
C PRO D 265 -5.33 -63.00 26.36
N GLY D 266 -5.26 -62.30 27.48
CA GLY D 266 -5.11 -60.86 27.48
C GLY D 266 -3.76 -60.37 26.98
N GLU D 267 -3.52 -60.54 25.69
CA GLU D 267 -2.34 -60.03 25.04
C GLU D 267 -2.65 -59.12 23.86
N SER D 268 -3.93 -58.94 23.52
CA SER D 268 -4.31 -58.12 22.38
C SER D 268 -5.70 -57.56 22.60
N VAL D 269 -6.03 -56.52 21.84
CA VAL D 269 -7.33 -55.86 21.90
C VAL D 269 -7.92 -55.83 20.50
N GLU D 270 -9.23 -56.06 20.40
CA GLU D 270 -9.92 -56.11 19.13
C GLU D 270 -11.09 -55.14 19.13
N LEU D 271 -11.48 -54.71 17.93
CA LEU D 271 -12.55 -53.74 17.76
C LEU D 271 -13.38 -54.14 16.55
N ASN D 272 -14.68 -53.83 16.61
CA ASN D 272 -15.60 -54.20 15.54
C ASN D 272 -16.62 -53.09 15.34
N TYR D 273 -17.07 -52.94 14.10
CA TYR D 273 -18.08 -51.95 13.76
C TYR D 273 -18.75 -52.35 12.45
N THR D 274 -19.97 -51.87 12.26
CA THR D 274 -20.74 -52.13 11.05
C THR D 274 -21.34 -50.82 10.55
N CYS D 275 -21.51 -50.71 9.24
CA CYS D 275 -21.87 -49.46 8.60
C CYS D 275 -23.38 -49.36 8.42
N ASP D 276 -23.94 -48.21 8.77
CA ASP D 276 -25.36 -47.94 8.62
C ASP D 276 -25.67 -46.76 7.72
N GLN D 277 -24.91 -45.67 7.82
CA GLN D 277 -25.17 -44.47 7.05
C GLN D 277 -24.66 -44.64 5.61
N ASP D 278 -25.00 -43.66 4.77
CA ASP D 278 -24.58 -43.70 3.38
C ASP D 278 -23.06 -43.61 3.25
N ILE D 279 -22.44 -42.71 4.00
CA ILE D 279 -20.99 -42.55 4.00
C ILE D 279 -20.52 -42.39 5.44
N CYS D 280 -19.46 -43.11 5.79
CA CYS D 280 -18.89 -43.06 7.14
C CYS D 280 -17.40 -42.75 7.05
N GLU D 281 -16.98 -41.71 7.75
CA GLU D 281 -15.58 -41.34 7.87
C GLU D 281 -15.14 -41.57 9.32
N LEU D 282 -14.25 -42.54 9.51
CA LEU D 282 -13.91 -43.03 10.83
C LEU D 282 -12.49 -42.65 11.20
N VAL D 283 -12.25 -42.55 12.51
CA VAL D 283 -10.93 -42.27 13.07
C VAL D 283 -10.64 -43.29 14.16
N VAL D 284 -9.46 -43.90 14.10
CA VAL D 284 -9.04 -44.91 15.07
C VAL D 284 -8.14 -44.25 16.10
N HIS D 285 -8.47 -44.43 17.37
CA HIS D 285 -7.74 -43.80 18.47
C HIS D 285 -6.96 -44.86 19.23
N VAL D 286 -5.66 -44.63 19.39
CA VAL D 286 -4.81 -45.47 20.23
C VAL D 286 -4.04 -44.56 21.17
N ASP D 287 -4.18 -44.80 22.47
CA ASP D 287 -3.55 -43.96 23.48
C ASP D 287 -2.95 -44.83 24.57
N GLY D 288 -1.83 -44.37 25.12
CA GLY D 288 -1.20 -45.04 26.23
C GLY D 288 -1.05 -44.13 27.43
N THR D 289 -1.96 -43.15 27.55
CA THR D 289 -1.93 -42.19 28.64
C THR D 289 -2.77 -42.69 29.82
N ASP D 290 -2.46 -43.90 30.27
CA ASP D 290 -3.11 -44.44 31.46
C ASP D 290 -2.73 -43.65 32.69
N GLY D 291 -1.47 -43.24 32.79
CA GLY D 291 -1.01 -42.39 33.88
C GLY D 291 -0.03 -41.34 33.41
N GLN D 292 1.11 -41.23 34.09
CA GLN D 292 2.16 -40.31 33.68
C GLN D 292 3.53 -40.96 33.64
N LYS D 293 3.59 -42.30 33.63
CA LYS D 293 4.86 -42.99 33.60
C LYS D 293 5.56 -42.80 32.26
N ASP D 294 6.87 -42.56 32.30
CA ASP D 294 7.68 -42.44 31.09
C ASP D 294 8.32 -43.80 30.78
N SER D 295 7.49 -44.69 30.25
CA SER D 295 7.94 -46.06 29.96
C SER D 295 9.06 -46.07 28.92
N GLY D 296 9.07 -45.11 28.00
CA GLY D 296 10.14 -45.02 27.03
C GLY D 296 9.73 -45.30 25.60
N GLU D 297 10.13 -46.45 25.07
CA GLU D 297 9.99 -46.73 23.65
C GLU D 297 9.01 -47.88 23.38
N ALA D 298 7.85 -47.85 24.02
CA ALA D 298 6.84 -48.86 23.79
C ALA D 298 6.39 -48.83 22.33
N VAL D 299 6.33 -50.01 21.72
CA VAL D 299 6.00 -50.14 20.30
C VAL D 299 4.94 -51.22 20.14
N TYR D 300 3.96 -50.95 19.28
CA TYR D 300 2.84 -51.87 19.07
C TYR D 300 2.66 -52.13 17.58
N ARG D 301 2.04 -53.28 17.29
CA ARG D 301 1.70 -53.67 15.92
C ARG D 301 0.19 -53.55 15.73
N LEU D 302 -0.22 -52.85 14.68
CA LEU D 302 -1.63 -52.62 14.39
C LEU D 302 -2.00 -53.34 13.10
N LEU D 303 -3.08 -54.12 13.15
CA LEU D 303 -3.62 -54.80 11.99
C LEU D 303 -5.06 -54.36 11.79
N VAL D 304 -5.41 -54.00 10.55
CA VAL D 304 -6.72 -53.45 10.25
C VAL D 304 -7.22 -54.05 8.95
N GLY D 305 -8.54 -54.17 8.84
CA GLY D 305 -9.15 -54.72 7.64
C GLY D 305 -10.56 -54.21 7.45
N ILE D 306 -10.97 -54.13 6.19
CA ILE D 306 -12.34 -53.78 5.81
C ILE D 306 -12.92 -54.96 5.06
N ASN D 307 -14.10 -55.42 5.51
CA ASN D 307 -14.73 -56.63 4.98
C ASN D 307 -13.80 -57.82 5.10
N ALA D 308 -13.02 -57.85 6.18
CA ALA D 308 -12.02 -58.89 6.42
C ALA D 308 -12.14 -59.37 7.86
N PRO D 309 -13.10 -60.25 8.15
CA PRO D 309 -13.23 -60.76 9.53
C PRO D 309 -12.13 -61.73 9.94
N ASN D 310 -11.26 -62.13 9.02
CA ASN D 310 -10.22 -63.12 9.30
C ASN D 310 -8.90 -62.47 9.69
N LEU D 311 -8.93 -61.31 10.34
CA LEU D 311 -7.69 -60.64 10.73
C LEU D 311 -6.93 -61.43 11.79
N ARG D 312 -7.59 -62.32 12.52
CA ARG D 312 -6.90 -63.13 13.52
C ARG D 312 -5.83 -64.00 12.88
N GLU D 313 -6.17 -64.66 11.76
CA GLU D 313 -5.22 -65.46 10.99
C GLU D 313 -5.39 -65.05 9.53
N SER D 314 -4.67 -63.98 9.13
CA SER D 314 -4.78 -63.50 7.76
C SER D 314 -4.15 -64.47 6.78
N GLY D 315 -2.88 -64.82 7.00
CA GLY D 315 -2.18 -65.71 6.10
C GLY D 315 -1.58 -64.98 4.92
N GLN D 316 -2.44 -64.38 4.10
CA GLN D 316 -1.99 -63.62 2.95
C GLN D 316 -1.35 -62.30 3.38
N THR D 317 -0.46 -61.80 2.52
CA THR D 317 0.09 -60.46 2.70
C THR D 317 -1.02 -59.43 2.51
N PRO D 318 -0.85 -58.20 3.05
CA PRO D 318 -1.88 -57.16 2.88
C PRO D 318 -2.36 -57.02 1.44
N VAL D 319 -3.64 -57.31 1.23
CA VAL D 319 -4.21 -57.32 -0.10
C VAL D 319 -5.06 -56.05 -0.30
N GLY D 320 -5.42 -55.79 -1.56
CA GLY D 320 -6.29 -54.67 -1.85
C GLY D 320 -5.52 -53.36 -1.85
N SER D 321 -6.03 -52.39 -1.08
CA SER D 321 -5.39 -51.08 -1.01
C SER D 321 -5.13 -50.71 0.46
N SER D 322 -4.76 -49.46 0.69
CA SER D 322 -4.50 -48.96 2.03
C SER D 322 -5.80 -48.54 2.67
N VAL D 323 -6.04 -49.03 3.89
CA VAL D 323 -7.25 -48.66 4.63
C VAL D 323 -7.20 -47.20 5.04
N PHE D 324 -6.07 -46.77 5.59
CA PHE D 324 -5.90 -45.40 6.06
C PHE D 324 -5.58 -44.46 4.92
N LEU D 325 -5.97 -43.19 5.07
CA LEU D 325 -5.62 -42.17 4.11
C LEU D 325 -4.11 -41.91 4.15
N GLU D 326 -3.55 -41.64 2.98
CA GLU D 326 -2.11 -41.40 2.90
C GLU D 326 -1.81 -39.95 2.55
N SER D 327 -0.63 -39.48 2.94
CA SER D 327 -0.24 -38.09 2.66
C SER D 327 0.28 -37.93 1.25
N ASP D 328 -0.11 -36.84 0.59
CA ASP D 328 0.35 -36.55 -0.76
C ASP D 328 1.84 -36.22 -0.75
N LEU D 329 2.57 -36.81 -1.69
CA LEU D 329 4.02 -36.70 -1.76
C LEU D 329 4.40 -35.54 -2.67
N VAL D 330 5.28 -34.67 -2.19
CA VAL D 330 5.70 -33.47 -2.90
C VAL D 330 7.20 -33.52 -3.12
N THR D 331 7.62 -33.22 -4.34
CA THR D 331 9.04 -33.13 -4.69
C THR D 331 9.43 -31.66 -4.79
N VAL D 332 10.56 -31.31 -4.15
CA VAL D 332 10.98 -29.93 -4.03
C VAL D 332 12.42 -29.79 -4.48
N GLY D 333 12.76 -28.62 -5.01
CA GLY D 333 14.13 -28.32 -5.38
C GLY D 333 14.35 -26.83 -5.40
N LEU D 334 15.58 -26.42 -5.10
CA LEU D 334 15.93 -25.02 -5.01
C LEU D 334 17.35 -24.81 -5.51
N ALA D 335 17.58 -23.68 -6.18
CA ALA D 335 18.89 -23.31 -6.70
C ALA D 335 19.17 -21.85 -6.38
N VAL D 336 20.44 -21.55 -6.10
CA VAL D 336 20.89 -20.20 -5.77
C VAL D 336 21.68 -19.66 -6.96
N ASP D 337 21.31 -18.46 -7.41
CA ASP D 337 21.95 -17.83 -8.57
C ASP D 337 23.00 -16.81 -8.18
N GLN D 338 22.70 -15.92 -7.23
CA GLN D 338 23.62 -14.86 -6.86
C GLN D 338 23.27 -14.34 -5.47
N ILE D 339 24.30 -14.14 -4.65
CA ILE D 339 24.16 -13.45 -3.37
C ILE D 339 24.37 -11.96 -3.65
N VAL D 340 23.36 -11.15 -3.35
CA VAL D 340 23.34 -9.75 -3.76
C VAL D 340 23.58 -8.79 -2.62
N GLY D 341 23.70 -9.27 -1.39
CA GLY D 341 24.00 -8.38 -0.29
C GLY D 341 23.96 -9.01 1.08
N VAL D 342 24.81 -8.50 1.98
CA VAL D 342 24.84 -8.93 3.38
C VAL D 342 24.90 -7.69 4.25
N ASP D 343 24.01 -7.62 5.25
CA ASP D 343 23.95 -6.51 6.19
C ASP D 343 24.47 -7.00 7.54
N GLN D 344 25.63 -6.48 7.95
CA GLN D 344 26.30 -6.97 9.14
C GLN D 344 25.81 -6.32 10.43
N ARG D 345 25.09 -5.20 10.35
CA ARG D 345 24.53 -4.59 11.56
C ARG D 345 23.13 -5.10 11.87
N SER D 346 22.28 -5.21 10.84
CA SER D 346 20.93 -5.72 11.02
C SER D 346 20.84 -7.24 10.90
N GLU D 347 21.94 -7.90 10.51
CA GLU D 347 22.02 -9.35 10.44
C GLU D 347 20.97 -9.93 9.48
N ASN D 348 21.10 -9.57 8.21
CA ASN D 348 20.27 -10.13 7.16
C ASN D 348 21.04 -10.16 5.86
N PHE D 349 20.58 -10.99 4.93
CA PHE D 349 21.18 -11.10 3.60
C PHE D 349 20.08 -11.31 2.58
N SER D 350 20.42 -11.02 1.32
CA SER D 350 19.48 -11.13 0.21
C SER D 350 20.05 -12.05 -0.85
N VAL D 351 19.16 -12.81 -1.51
CA VAL D 351 19.56 -13.83 -2.46
C VAL D 351 18.57 -13.89 -3.61
N VAL D 352 19.04 -14.36 -4.76
CA VAL D 352 18.23 -14.55 -5.96
C VAL D 352 18.35 -16.00 -6.38
N GLY D 353 17.21 -16.63 -6.66
CA GLY D 353 17.23 -18.04 -7.00
C GLY D 353 15.92 -18.49 -7.63
N THR D 354 15.78 -19.81 -7.71
CA THR D 354 14.64 -20.45 -8.36
C THR D 354 14.10 -21.56 -7.47
N LEU D 355 12.78 -21.75 -7.47
CA LEU D 355 12.11 -22.76 -6.67
C LEU D 355 11.16 -23.56 -7.56
N LYS D 356 11.03 -24.85 -7.27
CA LYS D 356 10.17 -25.73 -8.06
C LYS D 356 9.53 -26.78 -7.15
N LEU D 357 8.23 -27.01 -7.36
CA LEU D 357 7.48 -28.01 -6.62
C LEU D 357 6.69 -28.88 -7.59
N SER D 358 6.42 -30.12 -7.17
CA SER D 358 5.67 -31.06 -7.99
C SER D 358 4.94 -32.06 -7.10
N TRP D 359 3.70 -32.34 -7.44
CA TRP D 359 2.90 -33.32 -6.70
C TRP D 359 1.86 -33.92 -7.63
N HIS D 360 1.20 -34.97 -7.17
CA HIS D 360 0.21 -35.69 -7.94
C HIS D 360 -1.09 -35.77 -7.16
N ASP D 361 -2.19 -35.34 -7.80
CA ASP D 361 -3.49 -35.33 -7.16
C ASP D 361 -4.58 -35.67 -8.17
N PRO D 362 -5.22 -36.84 -8.05
CA PRO D 362 -6.28 -37.20 -9.01
C PRO D 362 -7.50 -36.29 -8.95
N LYS D 363 -7.71 -35.56 -7.85
CA LYS D 363 -8.83 -34.64 -7.78
C LYS D 363 -8.69 -33.44 -8.71
N LEU D 364 -7.48 -33.19 -9.21
CA LEU D 364 -7.24 -32.12 -10.16
C LEU D 364 -7.43 -32.55 -11.61
N GLY D 365 -7.67 -33.83 -11.85
CA GLY D 365 -7.80 -34.31 -13.22
C GLY D 365 -9.03 -33.76 -13.91
N PHE D 366 -8.94 -33.66 -15.23
CA PHE D 366 -10.03 -33.16 -16.05
C PHE D 366 -10.09 -33.98 -17.33
N SER D 367 -11.12 -33.70 -18.14
CA SER D 367 -11.31 -34.38 -19.41
C SER D 367 -10.94 -33.47 -20.56
N PRO D 368 -10.12 -33.91 -21.51
CA PRO D 368 -9.70 -33.02 -22.60
C PRO D 368 -10.83 -32.49 -23.45
N ASP D 369 -11.90 -33.26 -23.63
CA ASP D 369 -12.95 -32.89 -24.58
C ASP D 369 -13.77 -31.67 -24.15
N GLN D 370 -13.65 -31.21 -22.91
CA GLN D 370 -14.35 -30.02 -22.47
C GLN D 370 -13.54 -28.74 -22.67
N CYS D 371 -12.28 -28.84 -23.06
CA CYS D 371 -11.47 -27.67 -23.36
C CYS D 371 -10.64 -27.79 -24.62
N GLY D 372 -10.46 -28.98 -25.19
CA GLY D 372 -9.63 -29.13 -26.37
C GLY D 372 -8.17 -28.84 -26.13
N CYS D 373 -7.69 -29.05 -24.90
CA CYS D 373 -6.31 -28.75 -24.55
C CYS D 373 -5.76 -29.87 -23.69
N THR D 374 -4.43 -29.97 -23.65
CA THR D 374 -3.75 -30.98 -22.85
C THR D 374 -3.17 -30.42 -21.55
N VAL D 375 -3.01 -29.11 -21.43
CA VAL D 375 -2.44 -28.49 -20.24
C VAL D 375 -3.33 -27.33 -19.82
N LYS D 376 -3.70 -27.30 -18.54
CA LYS D 376 -4.41 -26.19 -17.93
C LYS D 376 -3.47 -25.44 -17.01
N SER D 377 -3.37 -24.13 -17.17
CA SER D 377 -2.33 -23.35 -16.53
C SER D 377 -2.91 -22.12 -15.82
N PHE D 378 -2.25 -21.74 -14.73
CA PHE D 378 -2.55 -20.52 -13.99
C PHE D 378 -1.28 -19.70 -13.89
N GLU D 379 -1.41 -18.39 -14.08
CA GLU D 379 -0.25 -17.50 -14.16
C GLU D 379 -0.42 -16.31 -13.22
N ASP D 380 0.71 -15.83 -12.71
CA ASP D 380 0.77 -14.63 -11.87
C ASP D 380 -0.10 -14.76 -10.63
N ALA D 381 -0.19 -15.95 -10.07
CA ALA D 381 -0.99 -16.19 -8.88
C ALA D 381 -0.23 -17.10 -7.92
N SER D 382 -0.39 -16.86 -6.63
CA SER D 382 0.19 -17.73 -5.63
C SER D 382 -0.66 -19.00 -5.47
N ILE D 383 -0.10 -19.97 -4.73
CA ILE D 383 -0.80 -21.23 -4.52
C ILE D 383 -2.06 -21.01 -3.69
N ARG D 384 -2.02 -20.10 -2.71
CA ARG D 384 -3.20 -19.81 -1.90
C ARG D 384 -4.32 -19.25 -2.76
N ALA D 385 -4.00 -18.33 -3.68
CA ALA D 385 -5.02 -17.74 -4.53
C ALA D 385 -5.65 -18.80 -5.44
N VAL D 386 -4.83 -19.67 -6.02
CA VAL D 386 -5.37 -20.72 -6.89
C VAL D 386 -6.24 -21.68 -6.09
N ALA D 387 -5.82 -22.03 -4.88
CA ALA D 387 -6.61 -22.91 -4.04
C ALA D 387 -7.95 -22.28 -3.69
N GLY D 388 -7.95 -20.98 -3.39
CA GLY D 388 -9.19 -20.28 -3.13
C GLY D 388 -10.09 -20.19 -4.34
N GLU D 389 -9.50 -20.07 -5.53
CA GLU D 389 -10.30 -19.95 -6.74
C GLU D 389 -10.92 -21.28 -7.16
N ILE D 390 -10.18 -22.39 -7.05
CA ILE D 390 -10.67 -23.69 -7.48
C ILE D 390 -11.26 -24.50 -6.34
N ASN D 391 -11.21 -24.01 -5.11
CA ASN D 391 -11.82 -24.65 -3.96
C ASN D 391 -11.30 -26.08 -3.75
N LEU D 392 -9.98 -26.24 -3.80
CA LEU D 392 -9.35 -27.50 -3.49
C LEU D 392 -8.09 -27.26 -2.68
N PRO D 393 -7.72 -28.19 -1.80
CA PRO D 393 -6.50 -28.00 -1.00
C PRO D 393 -5.25 -28.16 -1.86
N LEU D 394 -4.31 -27.23 -1.69
CA LEU D 394 -3.05 -27.22 -2.41
C LEU D 394 -1.91 -26.97 -1.44
N PRO D 395 -0.70 -27.43 -1.76
CA PRO D 395 0.45 -27.28 -0.84
C PRO D 395 1.09 -25.90 -0.87
N SER D 396 0.50 -24.97 -0.12
CA SER D 396 1.07 -23.63 -0.01
C SER D 396 2.34 -23.67 0.85
N PHE D 397 3.16 -22.63 0.71
CA PHE D 397 4.44 -22.55 1.40
C PHE D 397 4.75 -21.10 1.71
N SER D 398 5.78 -20.90 2.54
CA SER D 398 6.27 -19.57 2.86
C SER D 398 7.73 -19.65 3.27
N PHE D 399 8.42 -18.52 3.16
CA PHE D 399 9.80 -18.41 3.64
C PHE D 399 9.78 -18.05 5.12
N TYR D 400 10.59 -18.76 5.91
CA TYR D 400 10.49 -18.67 7.36
C TYR D 400 11.00 -17.32 7.88
N ASN D 401 12.14 -16.86 7.38
CA ASN D 401 12.77 -15.63 7.86
C ASN D 401 12.68 -14.50 6.85
N GLN D 402 11.58 -14.44 6.09
CA GLN D 402 11.42 -13.39 5.09
C GLN D 402 11.21 -12.03 5.77
N GLN D 403 11.93 -11.02 5.28
CA GLN D 403 11.81 -9.66 5.77
C GLN D 403 11.22 -8.80 4.65
N GLY D 404 10.03 -8.26 4.88
CA GLY D 404 9.38 -7.48 3.85
C GLY D 404 8.77 -8.35 2.77
N ASN D 405 8.38 -7.69 1.68
CA ASN D 405 7.75 -8.38 0.57
C ASN D 405 8.79 -9.12 -0.28
N ARG D 406 8.30 -10.07 -1.06
CA ARG D 406 9.14 -10.88 -1.93
C ARG D 406 8.79 -10.60 -3.39
N TRP D 407 9.82 -10.38 -4.20
CA TRP D 407 9.63 -10.13 -5.63
C TRP D 407 9.65 -11.46 -6.39
N SER D 408 8.64 -11.69 -7.21
CA SER D 408 8.45 -12.95 -7.91
C SER D 408 8.30 -12.71 -9.41
N GLN D 409 8.88 -13.60 -10.20
CA GLN D 409 8.78 -13.55 -11.65
C GLN D 409 8.54 -14.95 -12.19
N ASN D 410 7.88 -15.02 -13.36
CA ASN D 410 7.62 -16.28 -14.05
C ASN D 410 6.87 -17.27 -13.15
N GLN D 411 5.89 -16.77 -12.41
CA GLN D 411 5.09 -17.61 -11.52
C GLN D 411 3.98 -18.28 -12.32
N VAL D 412 3.96 -19.61 -12.32
CA VAL D 412 3.01 -20.36 -13.15
C VAL D 412 2.71 -21.69 -12.48
N ILE D 413 1.46 -22.12 -12.56
CA ILE D 413 1.03 -23.45 -12.14
C ILE D 413 0.27 -24.09 -13.30
N PHE D 414 0.70 -25.27 -13.72
CA PHE D 414 0.04 -25.98 -14.81
C PHE D 414 -0.17 -27.44 -14.43
N VAL D 415 -1.29 -27.99 -14.91
CA VAL D 415 -1.78 -29.31 -14.49
C VAL D 415 -2.06 -30.15 -15.73
N THR D 416 -1.76 -31.44 -15.65
CA THR D 416 -2.03 -32.42 -16.69
C THR D 416 -3.33 -33.14 -16.42
N PRO D 417 -3.95 -33.73 -17.45
CA PRO D 417 -5.24 -34.42 -17.24
C PRO D 417 -5.17 -35.56 -16.23
N ASP D 418 -4.03 -36.25 -16.12
CA ASP D 418 -3.91 -37.33 -15.15
C ASP D 418 -3.87 -36.82 -13.71
N GLY D 419 -3.64 -35.53 -13.50
CA GLY D 419 -3.58 -34.96 -12.17
C GLY D 419 -2.21 -34.54 -11.69
N ARG D 420 -1.21 -34.53 -12.56
CA ARG D 420 0.14 -34.12 -12.18
C ARG D 420 0.26 -32.61 -12.28
N ALA D 421 0.68 -31.97 -11.18
CA ALA D 421 0.78 -30.52 -11.10
C ALA D 421 2.18 -30.11 -10.69
N SER D 422 2.59 -28.92 -11.11
CA SER D 422 3.92 -28.41 -10.79
C SER D 422 3.86 -26.89 -10.64
N TYR D 423 4.80 -26.37 -9.85
CA TYR D 423 4.89 -24.95 -9.56
C TYR D 423 6.29 -24.45 -9.88
N PHE D 424 6.38 -23.22 -10.39
CA PHE D 424 7.65 -22.62 -10.75
C PHE D 424 7.65 -21.15 -10.33
N GLU D 425 8.81 -20.66 -9.89
CA GLU D 425 8.93 -19.29 -9.44
C GLU D 425 10.40 -18.86 -9.47
N ARG D 426 10.63 -17.61 -9.84
CA ARG D 426 11.91 -16.94 -9.69
C ARG D 426 11.76 -15.82 -8.69
N PHE D 427 12.58 -15.83 -7.64
CA PHE D 427 12.36 -14.97 -6.49
C PHE D 427 13.60 -14.15 -6.15
N THR D 428 13.35 -13.00 -5.52
CA THR D 428 14.38 -12.20 -4.87
C THR D 428 13.87 -11.85 -3.48
N VAL D 429 14.59 -12.27 -2.44
CA VAL D 429 14.09 -12.18 -1.08
C VAL D 429 15.23 -11.80 -0.14
N THR D 430 14.87 -11.17 0.97
CA THR D 430 15.80 -10.83 2.05
C THR D 430 15.45 -11.66 3.27
N LEU D 431 16.45 -12.34 3.84
CA LEU D 431 16.24 -13.27 4.93
C LEU D 431 17.02 -12.85 6.16
N GLN D 432 16.37 -12.93 7.31
CA GLN D 432 17.04 -12.62 8.57
C GLN D 432 17.96 -13.76 8.99
N ALA D 433 19.12 -13.39 9.55
CA ALA D 433 20.15 -14.35 9.96
C ALA D 433 20.60 -14.01 11.37
N PRO D 434 19.84 -14.42 12.38
CA PRO D 434 20.22 -14.12 13.78
C PRO D 434 21.44 -14.88 14.26
N ASP D 435 21.92 -15.88 13.51
CA ASP D 435 23.05 -16.69 13.94
C ASP D 435 24.40 -16.10 13.53
N PHE D 436 24.42 -14.91 12.92
CA PHE D 436 25.68 -14.29 12.52
C PHE D 436 26.57 -14.05 13.72
N ASP D 437 27.88 -14.26 13.52
CA ASP D 437 28.88 -14.05 14.57
C ASP D 437 30.13 -13.49 13.90
N PHE D 438 30.43 -12.21 14.17
CA PHE D 438 31.57 -11.53 13.58
C PHE D 438 32.70 -11.32 14.58
N LEU D 439 32.82 -12.22 15.57
CA LEU D 439 33.86 -12.08 16.58
C LEU D 439 35.25 -12.23 15.98
N ALA D 440 35.41 -13.16 15.04
CA ALA D 440 36.70 -13.46 14.43
C ALA D 440 36.95 -12.66 13.14
N TYR D 441 36.28 -11.53 12.96
CA TYR D 441 36.47 -10.73 11.77
C TYR D 441 37.92 -10.29 11.64
N PRO D 442 38.51 -10.33 10.43
CA PRO D 442 37.89 -10.74 9.16
C PRO D 442 38.03 -12.22 8.83
N PHE D 443 38.51 -13.03 9.77
CA PHE D 443 38.69 -14.45 9.57
C PHE D 443 37.43 -15.26 9.91
N ASP D 444 36.28 -14.62 9.96
CA ASP D 444 35.03 -15.28 10.34
C ASP D 444 34.48 -16.10 9.18
N ARG D 445 33.72 -17.13 9.53
CA ARG D 445 33.00 -17.95 8.57
C ARG D 445 31.53 -18.02 9.00
N GLN D 446 30.63 -17.88 8.04
CA GLN D 446 29.20 -17.75 8.33
C GLN D 446 28.42 -18.86 7.64
N LYS D 447 27.15 -18.98 8.03
CA LYS D 447 26.23 -19.94 7.44
C LYS D 447 25.00 -19.19 6.92
N PHE D 448 24.68 -19.40 5.65
CA PHE D 448 23.49 -18.83 5.03
C PHE D 448 22.44 -19.92 4.91
N SER D 449 21.36 -19.79 5.68
CA SER D 449 20.31 -20.80 5.74
C SER D 449 19.06 -20.27 5.06
N ILE D 450 18.50 -21.07 4.15
CA ILE D 450 17.26 -20.77 3.46
C ILE D 450 16.26 -21.86 3.83
N LYS D 451 15.15 -21.46 4.43
CA LYS D 451 14.15 -22.40 4.96
C LYS D 451 12.82 -22.20 4.25
N VAL D 452 12.26 -23.29 3.74
CA VAL D 452 10.94 -23.29 3.10
C VAL D 452 10.05 -24.24 3.89
N ASP D 453 8.96 -23.71 4.42
CA ASP D 453 8.03 -24.47 5.26
C ASP D 453 6.67 -24.55 4.59
N LEU D 454 6.10 -25.75 4.56
CA LEU D 454 4.74 -25.93 4.09
C LEU D 454 3.76 -25.37 5.11
N ALA D 455 2.71 -24.70 4.61
CA ALA D 455 1.69 -24.11 5.46
C ALA D 455 0.52 -25.04 5.72
N VAL D 456 0.74 -26.35 5.62
CA VAL D 456 -0.32 -27.33 5.84
C VAL D 456 0.21 -28.41 6.77
N PRO D 457 -0.68 -29.09 7.51
CA PRO D 457 -0.23 -30.18 8.37
C PRO D 457 0.36 -31.33 7.56
N THR D 458 1.21 -32.12 8.22
CA THR D 458 1.90 -33.21 7.54
C THR D 458 0.95 -34.31 7.08
N ASN D 459 -0.27 -34.37 7.62
CA ASN D 459 -1.22 -35.39 7.21
C ASN D 459 -1.90 -35.06 5.90
N MET D 460 -1.73 -33.84 5.38
CA MET D 460 -2.26 -33.45 4.07
C MET D 460 -1.17 -33.48 3.00
N PHE D 461 -0.06 -32.80 3.23
CA PHE D 461 1.06 -32.77 2.29
C PHE D 461 2.36 -32.92 3.06
N ILE D 462 3.36 -33.49 2.41
CA ILE D 462 4.66 -33.73 3.03
C ILE D 462 5.72 -33.79 1.93
N PHE D 463 6.88 -33.19 2.20
CA PHE D 463 8.00 -33.29 1.29
C PHE D 463 8.56 -34.70 1.29
N ASN D 464 8.84 -35.24 0.11
CA ASN D 464 9.24 -36.63 -0.01
C ASN D 464 10.57 -36.80 -0.72
N GLU D 465 10.84 -35.97 -1.73
CA GLU D 465 12.05 -36.12 -2.53
C GLU D 465 12.66 -34.75 -2.81
N ILE D 466 13.93 -34.78 -3.19
CA ILE D 466 14.68 -33.57 -3.56
C ILE D 466 15.09 -33.70 -5.02
N GLU D 467 14.77 -32.69 -5.81
CA GLU D 467 15.06 -32.67 -7.24
C GLU D 467 16.15 -31.64 -7.53
N ARG D 468 17.15 -32.04 -8.32
CA ARG D 468 18.24 -31.15 -8.71
C ARG D 468 18.06 -30.81 -10.19
N PHE D 469 17.25 -29.77 -10.45
CA PHE D 469 17.04 -29.33 -11.82
C PHE D 469 18.21 -28.53 -12.37
N GLN D 470 18.96 -27.83 -11.51
CA GLN D 470 20.14 -27.08 -11.91
C GLN D 470 21.18 -27.22 -10.81
N GLN D 471 22.34 -26.61 -11.04
CA GLN D 471 23.35 -26.53 -10.00
C GLN D 471 22.83 -25.70 -8.84
N VAL D 472 23.04 -26.18 -7.61
CA VAL D 472 22.54 -25.48 -6.43
C VAL D 472 23.20 -24.11 -6.30
N VAL D 473 24.50 -24.05 -6.52
CA VAL D 473 25.25 -22.79 -6.49
C VAL D 473 25.74 -22.51 -7.91
N GLY D 474 25.37 -21.36 -8.45
CA GLY D 474 25.71 -21.02 -9.82
C GLY D 474 26.98 -20.18 -9.90
N ASP D 475 27.69 -20.35 -11.01
CA ASP D 475 28.91 -19.59 -11.26
C ASP D 475 28.61 -18.32 -12.04
N GLN D 476 29.31 -17.24 -11.70
CA GLN D 476 29.14 -15.96 -12.36
C GLN D 476 30.51 -15.39 -12.70
N LEU D 477 30.55 -14.56 -13.75
CA LEU D 477 31.79 -13.93 -14.16
C LEU D 477 32.27 -12.93 -13.12
N GLY D 478 33.59 -12.83 -12.99
CA GLY D 478 34.19 -11.92 -12.03
C GLY D 478 34.34 -12.54 -10.67
N GLU D 479 34.96 -11.77 -9.77
CA GLU D 479 35.20 -12.20 -8.41
C GLU D 479 34.02 -11.85 -7.52
N GLU D 480 33.94 -12.51 -6.37
CA GLU D 480 32.87 -12.30 -5.42
C GLU D 480 33.45 -12.00 -4.04
N GLU D 481 32.71 -11.18 -3.28
CA GLU D 481 33.14 -10.87 -1.92
C GLU D 481 33.04 -12.09 -1.02
N TRP D 482 32.02 -12.92 -1.22
CA TRP D 482 31.83 -14.14 -0.44
C TRP D 482 32.03 -15.34 -1.34
N VAL D 483 32.80 -16.31 -0.87
CA VAL D 483 33.11 -17.53 -1.61
C VAL D 483 32.43 -18.70 -0.92
N VAL D 484 31.67 -19.47 -1.68
CA VAL D 484 30.94 -20.61 -1.13
C VAL D 484 31.85 -21.84 -1.15
N THR D 485 32.01 -22.46 0.02
CA THR D 485 32.88 -23.63 0.14
C THR D 485 32.13 -24.94 -0.05
N SER D 486 30.94 -25.06 0.52
CA SER D 486 30.14 -26.27 0.39
C SER D 486 28.68 -25.93 0.67
N TYR D 487 27.81 -26.88 0.35
CA TYR D 487 26.38 -26.70 0.53
C TYR D 487 25.74 -28.04 0.89
N SER D 488 24.53 -27.98 1.43
CA SER D 488 23.78 -29.18 1.77
C SER D 488 22.30 -28.87 1.73
N GLN D 489 21.50 -29.94 1.56
CA GLN D 489 20.05 -29.84 1.56
C GLN D 489 19.48 -30.99 2.38
N GLU D 490 18.40 -30.72 3.11
CA GLU D 490 17.84 -31.69 4.04
C GLU D 490 16.35 -31.43 4.22
N ILE D 491 15.62 -32.49 4.57
CA ILE D 491 14.20 -32.42 4.86
C ILE D 491 13.98 -32.91 6.29
N THR D 492 13.30 -32.08 7.09
CA THR D 492 13.04 -32.38 8.50
C THR D 492 11.59 -32.05 8.81
N GLU D 493 11.21 -32.23 10.07
CA GLU D 493 9.87 -31.93 10.56
C GLU D 493 9.98 -31.02 11.78
N VAL D 494 9.10 -30.01 11.83
CA VAL D 494 9.13 -29.02 12.90
C VAL D 494 7.72 -28.85 13.45
N PRO D 495 7.56 -28.46 14.72
CA PRO D 495 6.21 -28.27 15.28
C PRO D 495 5.44 -27.20 14.54
N PHE D 496 4.12 -27.37 14.49
CA PHE D 496 3.23 -26.52 13.73
C PHE D 496 2.13 -25.98 14.63
N GLU D 497 1.62 -24.80 14.28
CA GLU D 497 0.52 -24.20 15.03
C GLU D 497 -0.73 -25.08 14.92
N ARG D 498 -1.56 -25.03 15.96
CA ARG D 498 -2.69 -25.95 16.11
C ARG D 498 -2.18 -27.40 16.06
N GLY D 499 -1.07 -27.63 16.76
CA GLY D 499 -0.54 -28.97 16.89
C GLY D 499 -0.04 -29.54 15.57
N SER D 500 0.04 -30.86 15.54
CA SER D 500 0.48 -31.64 14.37
C SER D 500 1.91 -31.20 14.01
N THR D 501 2.26 -31.32 12.73
CA THR D 501 3.62 -31.08 12.27
C THR D 501 3.58 -30.66 10.81
N ASN D 502 4.57 -29.87 10.39
CA ASN D 502 4.71 -29.47 9.00
C ASN D 502 6.14 -29.72 8.54
N SER D 503 6.29 -29.98 7.25
CA SER D 503 7.60 -30.28 6.67
C SER D 503 8.40 -29.00 6.47
N ARG D 504 9.73 -29.15 6.49
CA ARG D 504 10.65 -28.04 6.27
C ARG D 504 11.76 -28.49 5.34
N PHE D 505 12.10 -27.62 4.39
CA PHE D 505 13.19 -27.86 3.43
C PHE D 505 14.24 -26.78 3.62
N THR D 506 15.46 -27.19 3.94
CA THR D 506 16.53 -26.27 4.33
C THR D 506 17.71 -26.39 3.37
N THR D 507 18.20 -25.25 2.89
CA THR D 507 19.41 -25.17 2.09
C THR D 507 20.42 -24.31 2.82
N THR D 508 21.61 -24.87 3.05
CA THR D 508 22.65 -24.21 3.83
C THR D 508 23.88 -23.99 2.98
N LEU D 509 24.41 -22.76 3.01
CA LEU D 509 25.62 -22.40 2.29
C LEU D 509 26.69 -21.99 3.29
N LEU D 510 27.89 -22.55 3.13
CA LEU D 510 29.04 -22.19 3.95
C LEU D 510 29.93 -21.25 3.15
N VAL D 511 30.22 -20.07 3.72
CA VAL D 511 30.90 -19.00 3.01
C VAL D 511 32.07 -18.48 3.83
N LYS D 512 33.01 -17.83 3.14
CA LYS D 512 34.13 -17.16 3.76
C LYS D 512 34.50 -15.94 2.93
N ARG D 513 35.24 -15.03 3.54
CA ARG D 513 35.65 -13.79 2.89
C ARG D 513 36.88 -14.01 2.02
N ASN D 514 37.28 -12.95 1.31
CA ASN D 514 38.48 -12.96 0.51
C ASN D 514 39.66 -12.51 1.38
N LEU D 515 40.56 -13.45 1.69
CA LEU D 515 41.62 -13.16 2.66
C LEU D 515 42.72 -12.30 2.07
N GLU D 516 43.04 -12.47 0.79
CA GLU D 516 44.13 -11.71 0.18
C GLU D 516 43.86 -10.21 0.23
N TYR D 517 42.60 -9.82 0.00
CA TYR D 517 42.24 -8.40 0.04
C TYR D 517 42.61 -7.79 1.39
N TYR D 518 42.13 -8.39 2.48
CA TYR D 518 42.40 -7.85 3.80
C TYR D 518 43.89 -7.90 4.13
N ILE D 519 44.55 -9.02 3.84
CA ILE D 519 45.97 -9.17 4.16
C ILE D 519 46.77 -8.08 3.48
N LEU D 520 46.72 -8.03 2.15
CA LEU D 520 47.54 -7.07 1.41
C LEU D 520 47.14 -5.64 1.69
N ARG D 521 45.86 -5.37 2.00
CA ARG D 521 45.45 -3.99 2.18
C ARG D 521 45.77 -3.46 3.57
N ILE D 522 45.84 -4.32 4.59
CA ILE D 522 45.97 -3.88 5.97
C ILE D 522 47.30 -4.31 6.59
N PHE D 523 47.61 -5.60 6.56
CA PHE D 523 48.62 -6.12 7.47
C PHE D 523 50.04 -5.77 7.04
N VAL D 524 50.33 -5.79 5.74
CA VAL D 524 51.68 -5.44 5.28
C VAL D 524 52.02 -3.99 5.59
N PRO D 525 51.19 -2.98 5.27
CA PRO D 525 51.53 -1.61 5.67
C PRO D 525 51.67 -1.44 7.17
N LEU D 526 50.82 -2.12 7.96
CA LEU D 526 50.94 -2.04 9.41
C LEU D 526 52.27 -2.62 9.88
N PHE D 527 52.69 -3.74 9.30
CA PHE D 527 53.98 -4.32 9.63
C PHE D 527 55.12 -3.37 9.28
N LEU D 528 55.02 -2.70 8.13
CA LEU D 528 56.06 -1.75 7.74
C LEU D 528 56.13 -0.56 8.70
N ILE D 529 54.97 -0.07 9.13
CA ILE D 529 54.95 1.04 10.09
C ILE D 529 55.57 0.62 11.41
N ILE D 530 55.23 -0.60 11.88
CA ILE D 530 55.81 -1.10 13.12
C ILE D 530 57.33 -1.25 12.97
N SER D 531 57.78 -1.72 11.81
CA SER D 531 59.21 -1.85 11.57
C SER D 531 59.91 -0.50 11.59
N VAL D 532 59.27 0.52 11.02
CA VAL D 532 59.84 1.87 11.06
C VAL D 532 59.96 2.35 12.50
N SER D 533 58.92 2.12 13.31
CA SER D 533 58.99 2.50 14.72
C SER D 533 60.04 1.70 15.49
N TRP D 534 60.33 0.48 15.05
CA TRP D 534 61.28 -0.38 15.78
C TRP D 534 62.73 -0.07 15.40
N VAL D 535 63.00 0.25 14.14
CA VAL D 535 64.38 0.35 13.66
C VAL D 535 65.09 1.58 14.20
N ILE D 536 64.36 2.58 14.70
CA ILE D 536 64.98 3.85 15.10
C ILE D 536 65.83 3.73 16.36
N PHE D 537 65.79 2.60 17.06
CA PHE D 537 66.56 2.46 18.29
C PHE D 537 68.03 2.16 18.04
N PHE D 538 68.44 1.95 16.79
CA PHE D 538 69.86 1.80 16.49
C PHE D 538 70.60 3.13 16.52
N LEU D 539 69.88 4.24 16.39
CA LEU D 539 70.51 5.56 16.41
C LEU D 539 71.00 5.90 17.81
N LYS D 540 72.10 6.65 17.87
CA LYS D 540 72.65 7.16 19.12
C LYS D 540 72.40 8.65 19.29
N ASP D 541 71.79 9.32 18.31
CA ASP D 541 71.34 10.69 18.43
C ASP D 541 69.86 10.65 18.77
N TYR D 542 69.54 10.90 20.05
CA TYR D 542 68.19 10.64 20.55
C TYR D 542 67.18 11.71 20.11
N GLY D 543 67.65 12.90 19.74
CA GLY D 543 66.72 13.88 19.19
C GLY D 543 66.10 13.42 17.87
N ARG D 544 66.92 12.86 16.98
CA ARG D 544 66.40 12.31 15.74
C ARG D 544 65.44 11.17 16.01
N GLN D 545 65.78 10.31 16.97
CA GLN D 545 64.89 9.19 17.32
C GLN D 545 63.55 9.71 17.82
N LEU D 546 63.56 10.72 18.69
CA LEU D 546 62.32 11.28 19.21
C LEU D 546 61.49 11.91 18.09
N GLU D 547 62.14 12.66 17.20
CA GLU D 547 61.41 13.30 16.10
C GLU D 547 60.79 12.26 15.17
N VAL D 548 61.54 11.22 14.84
CA VAL D 548 61.02 10.19 13.94
C VAL D 548 59.88 9.43 14.61
N ALA D 549 59.99 9.16 15.92
CA ALA D 549 58.90 8.50 16.62
C ALA D 549 57.64 9.36 16.64
N SER D 550 57.79 10.66 16.89
CA SER D 550 56.65 11.55 16.89
C SER D 550 55.98 11.60 15.51
N GLY D 551 56.79 11.63 14.45
CA GLY D 551 56.22 11.59 13.11
C GLY D 551 55.54 10.27 12.79
N ASN D 552 56.13 9.16 13.24
CA ASN D 552 55.60 7.85 12.91
C ASN D 552 54.30 7.57 13.64
N LEU D 553 54.12 8.13 14.85
CA LEU D 553 52.82 8.01 15.51
C LEU D 553 51.73 8.67 14.68
N LEU D 554 52.00 9.86 14.15
CA LEU D 554 51.03 10.55 13.30
C LEU D 554 50.78 9.76 12.02
N VAL D 555 51.83 9.18 11.44
CA VAL D 555 51.66 8.35 10.25
C VAL D 555 50.76 7.15 10.55
N PHE D 556 50.95 6.53 11.73
CA PHE D 556 50.10 5.42 12.13
C PHE D 556 48.65 5.83 12.26
N VAL D 557 48.41 6.99 12.89
CA VAL D 557 47.03 7.48 13.02
C VAL D 557 46.42 7.74 11.65
N ALA D 558 47.21 8.33 10.75
CA ALA D 558 46.72 8.61 9.40
C ALA D 558 46.35 7.33 8.67
N PHE D 559 47.20 6.30 8.76
CA PHE D 559 46.87 5.02 8.12
C PHE D 559 45.64 4.38 8.75
N ASN D 560 45.52 4.47 10.08
CA ASN D 560 44.37 3.88 10.75
C ASN D 560 43.07 4.51 10.27
N PHE D 561 43.03 5.85 10.21
CA PHE D 561 41.78 6.46 9.75
C PHE D 561 41.61 6.34 8.24
N THR D 562 42.69 6.10 7.50
CA THR D 562 42.55 5.82 6.07
C THR D 562 41.87 4.47 5.84
N ILE D 563 42.24 3.46 6.65
CA ILE D 563 41.63 2.14 6.53
C ILE D 563 40.35 2.01 7.34
N SER D 564 39.97 3.04 8.10
CA SER D 564 38.71 3.03 8.84
C SER D 564 37.51 2.68 7.97
N GLY D 565 37.60 2.89 6.66
CA GLY D 565 36.48 2.54 5.79
C GLY D 565 36.15 1.07 5.79
N ASP D 566 37.17 0.21 5.95
CA ASP D 566 36.98 -1.24 6.02
C ASP D 566 36.88 -1.74 7.46
N LEU D 567 36.40 -0.90 8.38
CA LEU D 567 36.28 -1.26 9.79
C LEU D 567 34.81 -1.15 10.17
N PRO D 568 34.08 -2.27 10.17
CA PRO D 568 32.64 -2.21 10.49
C PRO D 568 32.39 -1.74 11.91
N ARG D 569 31.32 -0.97 12.09
CA ARG D 569 30.92 -0.47 13.40
C ARG D 569 29.77 -1.35 13.89
N LEU D 570 30.11 -2.30 14.77
CA LEU D 570 29.15 -3.28 15.26
C LEU D 570 28.76 -3.08 16.72
N GLY D 571 29.46 -2.23 17.46
CA GLY D 571 29.22 -2.06 18.87
C GLY D 571 30.02 -2.98 19.77
N TYR D 572 30.86 -3.85 19.20
CA TYR D 572 31.70 -4.73 19.99
C TYR D 572 32.99 -4.98 19.24
N LEU D 573 34.01 -5.44 19.97
CA LEU D 573 35.36 -5.52 19.44
C LEU D 573 35.57 -6.78 18.60
N THR D 574 36.37 -6.64 17.55
CA THR D 574 36.85 -7.75 16.74
C THR D 574 38.36 -7.87 16.91
N VAL D 575 38.95 -8.82 16.17
CA VAL D 575 40.40 -9.04 16.26
C VAL D 575 41.16 -7.83 15.73
N LEU D 576 40.70 -7.28 14.61
CA LEU D 576 41.41 -6.17 13.97
C LEU D 576 41.47 -4.96 14.88
N ASP D 577 40.37 -4.65 15.57
CA ASP D 577 40.34 -3.50 16.47
C ASP D 577 41.35 -3.69 17.61
N ARG D 578 41.40 -4.88 18.19
CA ARG D 578 42.34 -5.15 19.27
C ARG D 578 43.78 -5.01 18.79
N PHE D 579 44.07 -5.54 17.59
CA PHE D 579 45.42 -5.42 17.06
C PHE D 579 45.81 -3.97 16.83
N MET D 580 44.88 -3.17 16.29
CA MET D 580 45.15 -1.76 16.08
C MET D 580 45.41 -1.04 17.40
N ILE D 581 44.61 -1.36 18.43
CA ILE D 581 44.80 -0.73 19.73
C ILE D 581 46.16 -1.07 20.32
N VAL D 582 46.56 -2.33 20.25
CA VAL D 582 47.85 -2.74 20.78
C VAL D 582 48.99 -2.05 20.03
N SER D 583 48.89 -1.98 18.70
CA SER D 583 49.92 -1.32 17.92
C SER D 583 50.03 0.16 18.27
N PHE D 584 48.89 0.84 18.42
CA PHE D 584 48.91 2.25 18.79
C PHE D 584 49.54 2.45 20.16
N CYS D 585 49.18 1.60 21.13
CA CYS D 585 49.75 1.74 22.47
C CYS D 585 51.26 1.56 22.45
N LEU D 586 51.75 0.56 21.71
CA LEU D 586 53.20 0.36 21.62
C LEU D 586 53.88 1.52 20.94
N THR D 587 53.26 2.08 19.89
CA THR D 587 53.84 3.22 19.20
C THR D 587 53.95 4.43 20.13
N ALA D 588 52.96 4.64 20.99
CA ALA D 588 53.04 5.75 21.94
C ALA D 588 54.10 5.50 23.01
N ILE D 589 54.21 4.25 23.47
CA ILE D 589 55.25 3.91 24.44
C ILE D 589 56.63 4.15 23.84
N VAL D 590 56.78 3.97 22.53
CA VAL D 590 58.05 4.26 21.88
C VAL D 590 58.42 5.72 22.07
N VAL D 591 57.46 6.64 21.86
CA VAL D 591 57.73 8.06 22.03
C VAL D 591 58.07 8.37 23.49
N LEU D 592 57.34 7.76 24.43
CA LEU D 592 57.64 7.98 25.85
C LEU D 592 59.07 7.55 26.18
N ILE D 593 59.49 6.38 25.71
CA ILE D 593 60.84 5.89 25.96
C ILE D 593 61.86 6.80 25.30
N SER D 594 61.54 7.33 24.12
CA SER D 594 62.45 8.25 23.45
C SER D 594 62.66 9.52 24.27
N VAL D 595 61.58 10.05 24.85
CA VAL D 595 61.72 11.24 25.71
C VAL D 595 62.59 10.90 26.92
N CYS D 596 62.35 9.75 27.54
CA CYS D 596 63.16 9.36 28.70
C CYS D 596 64.63 9.23 28.34
N GLN D 597 64.93 8.62 27.19
CA GLN D 597 66.31 8.48 26.76
C GLN D 597 66.94 9.83 26.44
N LYS D 598 66.17 10.74 25.86
CA LYS D 598 66.70 12.08 25.60
C LYS D 598 67.10 12.77 26.89
N ARG D 599 66.25 12.68 27.92
CA ARG D 599 66.60 13.28 29.20
C ARG D 599 67.83 12.59 29.82
N LEU D 600 67.89 11.27 29.74
CA LEU D 600 69.04 10.54 30.30
C LEU D 600 70.33 10.96 29.62
N GLY D 601 70.31 11.09 28.29
CA GLY D 601 71.48 11.57 27.58
C GLY D 601 71.82 13.00 27.93
N ALA D 602 70.80 13.82 28.20
CA ALA D 602 71.05 15.19 28.64
C ALA D 602 71.79 15.22 29.97
N VAL D 603 71.42 14.33 30.89
CA VAL D 603 72.06 14.31 32.21
C VAL D 603 73.47 13.74 32.19
N GLY D 604 73.81 12.93 31.19
CA GLY D 604 75.12 12.33 31.11
C GLY D 604 75.20 10.87 31.50
N LYS D 605 74.20 10.06 31.16
CA LYS D 605 74.18 8.64 31.48
C LYS D 605 73.94 7.81 30.24
N GLN D 606 74.74 8.04 29.19
CA GLN D 606 74.49 7.43 27.89
C GLN D 606 74.55 5.91 27.94
N ALA D 607 75.29 5.34 28.90
CA ALA D 607 75.35 3.90 29.02
C ALA D 607 73.98 3.30 29.32
N VAL D 608 73.23 3.94 30.21
CA VAL D 608 71.89 3.47 30.52
C VAL D 608 70.99 3.58 29.29
N ALA D 609 71.16 4.64 28.51
CA ALA D 609 70.38 4.80 27.29
C ALA D 609 70.68 3.69 26.28
N ALA D 610 71.95 3.35 26.12
CA ALA D 610 72.30 2.24 25.22
C ALA D 610 71.73 0.92 25.71
N GLN D 611 71.77 0.69 27.03
CA GLN D 611 71.19 -0.52 27.58
C GLN D 611 69.69 -0.58 27.33
N ILE D 612 69.00 0.56 27.48
CA ILE D 612 67.57 0.62 27.20
C ILE D 612 67.30 0.33 25.73
N ASP D 613 68.13 0.87 24.85
CA ASP D 613 67.98 0.61 23.42
C ASP D 613 68.07 -0.89 23.12
N THR D 614 69.09 -1.54 23.69
CA THR D 614 69.23 -2.98 23.48
C THR D 614 68.03 -3.74 24.03
N TRP D 615 67.57 -3.36 25.22
CA TRP D 615 66.42 -4.04 25.82
C TRP D 615 65.17 -3.91 24.95
N VAL D 616 64.89 -2.71 24.45
CA VAL D 616 63.72 -2.51 23.61
C VAL D 616 63.83 -3.32 22.33
N LEU D 617 65.01 -3.26 21.69
CA LEU D 617 65.21 -4.00 20.45
C LEU D 617 64.99 -5.49 20.65
N VAL D 618 65.40 -6.03 21.81
CA VAL D 618 65.18 -7.44 22.07
C VAL D 618 63.71 -7.74 22.39
N ILE D 619 63.05 -6.84 23.13
CA ILE D 619 61.77 -7.18 23.74
C ILE D 619 60.60 -7.01 22.77
N TYR D 620 60.55 -5.89 22.04
CA TYR D 620 59.36 -5.60 21.20
C TYR D 620 58.82 -6.72 20.26
N PRO D 621 59.66 -7.34 19.42
CA PRO D 621 59.11 -8.43 18.59
C PRO D 621 58.60 -9.61 19.41
N LEU D 622 59.23 -9.89 20.55
CA LEU D 622 58.74 -10.96 21.42
C LEU D 622 57.33 -10.64 21.94
N VAL D 623 57.09 -9.39 22.32
CA VAL D 623 55.77 -8.98 22.78
C VAL D 623 54.75 -9.13 21.66
N TYR D 624 55.11 -8.70 20.44
CA TYR D 624 54.18 -8.86 19.32
C TYR D 624 53.86 -10.32 19.06
N SER D 625 54.87 -11.18 19.06
CA SER D 625 54.65 -12.60 18.79
C SER D 625 53.79 -13.25 19.88
N LEU D 626 54.05 -12.90 21.15
CA LEU D 626 53.24 -13.44 22.23
C LEU D 626 51.79 -13.00 22.12
N TYR D 627 51.57 -11.74 21.75
CA TYR D 627 50.19 -11.28 21.58
C TYR D 627 49.49 -12.03 20.44
N ILE D 628 50.20 -12.26 19.33
CA ILE D 628 49.61 -13.00 18.23
C ILE D 628 49.25 -14.42 18.65
N ILE D 629 50.17 -15.08 19.38
CA ILE D 629 49.90 -16.44 19.85
C ILE D 629 48.71 -16.47 20.77
N TRP D 630 48.62 -15.50 21.68
CA TRP D 630 47.49 -15.44 22.61
C TRP D 630 46.18 -15.25 21.86
N VAL D 631 46.17 -14.36 20.86
CA VAL D 631 44.95 -14.13 20.09
C VAL D 631 44.53 -15.40 19.36
N TYR D 632 45.49 -16.09 18.76
CA TYR D 632 45.18 -17.34 18.06
C TYR D 632 44.61 -18.37 19.03
N LEU D 633 45.19 -18.47 20.24
CA LEU D 633 44.68 -19.43 21.22
C LEU D 633 43.27 -19.08 21.67
N ARG D 634 42.99 -17.80 21.88
CA ARG D 634 41.71 -17.40 22.44
C ARG D 634 40.62 -17.19 21.41
N PHE D 635 40.93 -17.24 20.12
CA PHE D 635 39.91 -17.04 19.09
C PHE D 635 39.82 -18.13 18.04
N PHE D 636 40.82 -19.02 17.93
CA PHE D 636 40.84 -19.98 16.84
C PHE D 636 41.13 -21.41 17.30
N THR D 637 40.91 -21.70 18.58
CA THR D 637 41.07 -23.07 19.08
C THR D 637 40.35 -23.24 20.42
N ARG E 37 -52.03 -34.37 14.87
CA ARG E 37 -51.78 -33.59 16.09
C ARG E 37 -50.28 -33.31 16.23
N VAL E 38 -49.87 -32.10 15.86
CA VAL E 38 -48.47 -31.71 15.82
C VAL E 38 -48.29 -30.41 16.61
N GLN E 39 -47.23 -30.34 17.41
CA GLN E 39 -46.94 -29.18 18.22
C GLN E 39 -45.45 -28.86 18.16
N HIS E 40 -45.11 -27.58 18.22
CA HIS E 40 -43.74 -27.12 18.15
C HIS E 40 -43.31 -26.49 19.47
N PHE E 41 -42.03 -26.66 19.80
CA PHE E 41 -41.44 -26.06 20.99
C PHE E 41 -40.00 -25.63 20.66
N THR E 42 -39.55 -24.59 21.36
CA THR E 42 -38.18 -24.09 21.23
C THR E 42 -37.63 -23.79 22.61
N GLY E 43 -36.35 -24.07 22.82
CA GLY E 43 -35.74 -23.86 24.11
C GLY E 43 -34.24 -23.68 24.00
N TYR E 44 -33.59 -23.66 25.17
CA TYR E 44 -32.15 -23.49 25.28
C TYR E 44 -31.64 -24.42 26.37
N ILE E 45 -30.49 -25.07 26.11
CA ILE E 45 -29.87 -25.99 27.05
C ILE E 45 -28.55 -25.40 27.50
N GLU E 46 -28.33 -25.39 28.82
CA GLU E 46 -27.12 -24.83 29.41
C GLU E 46 -26.44 -25.90 30.26
N ASP E 47 -25.26 -26.33 29.83
CA ASP E 47 -24.39 -27.22 30.61
C ASP E 47 -25.12 -28.48 31.05
N GLY E 48 -25.89 -29.07 30.14
CA GLY E 48 -26.58 -30.31 30.41
C GLY E 48 -27.67 -30.21 31.46
N ARG E 49 -28.49 -29.17 31.38
CA ARG E 49 -29.67 -29.01 32.23
C ARG E 49 -30.89 -29.15 31.34
N GLY E 50 -31.59 -30.27 31.49
CA GLY E 50 -32.68 -30.60 30.59
C GLY E 50 -33.98 -29.88 30.90
N ILE E 51 -34.94 -30.06 30.01
CA ILE E 51 -36.27 -29.47 30.12
C ILE E 51 -37.30 -30.58 30.03
N PHE E 52 -38.25 -30.57 30.98
CA PHE E 52 -39.33 -31.54 31.02
C PHE E 52 -40.57 -30.99 30.35
N TYR E 53 -41.26 -31.86 29.60
CA TYR E 53 -42.54 -31.54 28.99
C TYR E 53 -43.57 -32.57 29.43
N SER E 54 -44.77 -32.11 29.76
CA SER E 54 -45.81 -32.95 30.31
C SER E 54 -46.81 -33.35 29.23
N LEU E 55 -47.17 -34.63 29.20
CA LEU E 55 -48.17 -35.17 28.29
C LEU E 55 -49.36 -35.67 29.10
N PRO E 56 -50.33 -34.81 29.42
CA PRO E 56 -51.39 -35.21 30.36
C PRO E 56 -52.36 -36.19 29.74
N ASP E 57 -52.63 -37.27 30.47
CA ASP E 57 -53.69 -38.24 30.17
C ASP E 57 -53.65 -38.77 28.74
N MET E 58 -52.57 -39.46 28.37
CA MET E 58 -52.58 -40.22 27.13
C MET E 58 -53.40 -41.50 27.32
N LYS E 59 -53.87 -42.05 26.21
CA LYS E 59 -54.66 -43.27 26.22
C LYS E 59 -53.85 -44.42 25.66
N GLN E 60 -54.11 -45.62 26.18
CA GLN E 60 -53.45 -46.83 25.69
C GLN E 60 -53.75 -47.03 24.21
N GLY E 61 -52.71 -47.40 23.46
CA GLY E 61 -52.81 -47.54 22.02
C GLY E 61 -52.33 -46.37 21.21
N ASP E 62 -52.07 -45.22 21.84
CA ASP E 62 -51.56 -44.07 21.12
C ASP E 62 -50.09 -44.26 20.77
N ILE E 63 -49.64 -43.57 19.73
CA ILE E 63 -48.26 -43.60 19.28
C ILE E 63 -47.69 -42.19 19.40
N ILE E 64 -46.60 -42.05 20.15
CA ILE E 64 -45.91 -40.78 20.30
C ILE E 64 -44.75 -40.72 19.30
N TYR E 65 -44.53 -39.53 18.74
CA TYR E 65 -43.39 -39.28 17.87
C TYR E 65 -42.64 -38.05 18.37
N ALA E 66 -41.31 -38.10 18.28
CA ALA E 66 -40.47 -37.01 18.73
C ALA E 66 -39.32 -36.79 17.76
N SER E 67 -38.90 -35.54 17.63
CA SER E 67 -37.74 -35.18 16.82
C SER E 67 -37.13 -33.90 17.38
N MET E 68 -35.81 -33.88 17.50
CA MET E 68 -35.09 -32.76 18.08
C MET E 68 -33.89 -32.42 17.22
N GLN E 69 -33.80 -31.15 16.79
CA GLN E 69 -32.76 -30.71 15.89
C GLN E 69 -32.00 -29.53 16.48
N ASN E 70 -30.71 -29.47 16.17
CA ASN E 70 -29.87 -28.38 16.64
C ASN E 70 -30.03 -27.16 15.76
N THR E 71 -30.25 -25.99 16.39
CA THR E 71 -30.43 -24.74 15.67
C THR E 71 -29.38 -23.69 16.01
N GLY E 72 -28.37 -24.04 16.80
CA GLY E 72 -27.33 -23.10 17.17
C GLY E 72 -26.43 -23.66 18.26
N GLY E 73 -25.13 -23.38 18.16
CA GLY E 73 -24.18 -23.93 19.11
C GLY E 73 -23.75 -25.34 18.76
N ASN E 74 -23.19 -26.02 19.76
CA ASN E 74 -22.67 -27.37 19.61
C ASN E 74 -23.55 -28.43 20.27
N LEU E 75 -24.84 -28.14 20.46
CA LEU E 75 -25.73 -29.05 21.17
C LEU E 75 -25.87 -30.39 20.44
N ASP E 76 -25.86 -31.46 21.21
CA ASP E 76 -26.10 -32.80 20.69
C ASP E 76 -27.40 -33.34 21.29
N PRO E 77 -28.50 -33.36 20.55
CA PRO E 77 -29.81 -33.66 21.14
C PRO E 77 -29.92 -35.07 21.72
N LEU E 78 -30.73 -35.19 22.76
CA LEU E 78 -31.13 -36.46 23.35
C LEU E 78 -32.56 -36.34 23.87
N VAL E 79 -33.36 -37.38 23.66
CA VAL E 79 -34.77 -37.38 24.04
C VAL E 79 -35.11 -38.69 24.75
N GLY E 80 -35.91 -38.59 25.81
CA GLY E 80 -36.35 -39.76 26.54
C GLY E 80 -37.74 -39.55 27.10
N ILE E 81 -38.45 -40.66 27.32
CA ILE E 81 -39.83 -40.62 27.78
C ILE E 81 -39.96 -41.51 29.01
N MET E 82 -40.74 -41.04 29.99
CA MET E 82 -40.89 -41.75 31.26
C MET E 82 -42.21 -41.36 31.91
N ALA E 83 -42.63 -42.16 32.87
CA ALA E 83 -43.89 -41.93 33.57
C ALA E 83 -43.74 -40.92 34.70
N GLU E 84 -42.91 -41.27 35.71
CA GLU E 84 -42.73 -40.39 36.86
C GLU E 84 -41.57 -39.43 36.62
N GLU E 85 -41.81 -38.15 36.86
CA GLU E 85 -40.80 -37.12 36.59
C GLU E 85 -39.72 -37.15 37.67
N ILE E 86 -38.51 -37.52 37.28
CA ILE E 86 -37.33 -37.48 38.15
C ILE E 86 -36.19 -36.87 37.37
N ASP E 87 -35.38 -36.05 38.04
CA ASP E 87 -34.28 -35.37 37.38
C ASP E 87 -33.16 -36.36 37.07
N PRO E 88 -32.79 -36.53 35.79
CA PRO E 88 -31.71 -37.49 35.47
C PRO E 88 -30.32 -36.99 35.80
N ALA E 89 -30.18 -35.77 36.31
CA ALA E 89 -28.86 -35.17 36.48
C ALA E 89 -27.98 -35.99 37.42
N VAL E 90 -28.54 -36.45 38.53
CA VAL E 90 -27.75 -37.20 39.51
C VAL E 90 -27.26 -38.52 38.93
N SER E 91 -28.10 -39.21 38.15
CA SER E 91 -27.71 -40.49 37.58
C SER E 91 -26.72 -40.30 36.43
N LEU E 92 -26.98 -39.33 35.55
CA LEU E 92 -26.10 -39.11 34.40
C LEU E 92 -24.75 -38.58 34.83
N GLY E 93 -24.68 -37.86 35.95
CA GLY E 93 -23.40 -37.35 36.41
C GLY E 93 -22.40 -38.45 36.73
N GLN E 94 -22.87 -39.58 37.25
CA GLN E 94 -21.98 -40.69 37.56
C GLN E 94 -21.35 -41.27 36.31
N VAL E 95 -22.02 -41.16 35.16
CA VAL E 95 -21.42 -41.62 33.90
C VAL E 95 -20.22 -40.75 33.54
N LEU E 96 -20.35 -39.43 33.71
CA LEU E 96 -19.20 -38.55 33.48
C LEU E 96 -18.13 -38.78 34.53
N GLU E 97 -18.52 -39.17 35.75
CA GLU E 97 -17.53 -39.43 36.80
C GLU E 97 -16.67 -40.65 36.50
N LYS E 98 -17.22 -41.61 35.78
CA LYS E 98 -16.48 -42.83 35.58
C LYS E 98 -15.59 -42.74 34.41
N ALA E 99 -16.02 -42.07 33.38
CA ALA E 99 -15.27 -41.99 32.16
C ALA E 99 -14.13 -41.10 32.37
N LEU E 100 -14.33 -40.05 33.15
CA LEU E 100 -13.28 -39.10 33.39
C LEU E 100 -12.11 -39.72 34.13
N ALA E 101 -12.27 -40.92 34.63
CA ALA E 101 -11.20 -41.45 35.45
C ALA E 101 -10.61 -42.69 34.87
N SER E 102 -11.23 -43.22 33.83
CA SER E 102 -10.75 -44.48 33.33
C SER E 102 -11.04 -44.69 31.90
N GLU E 103 -11.15 -45.94 31.52
CA GLU E 103 -11.51 -46.27 30.17
C GLU E 103 -13.00 -46.25 30.23
N ASN E 104 -13.58 -47.18 30.99
CA ASN E 104 -15.02 -47.23 31.21
C ASN E 104 -15.96 -47.38 30.03
N ASP E 105 -15.53 -47.03 28.82
CA ASP E 105 -16.35 -47.22 27.65
C ASP E 105 -17.69 -46.53 27.75
N LEU E 106 -17.70 -45.23 27.67
CA LEU E 106 -18.94 -44.46 27.65
C LEU E 106 -20.12 -45.03 26.94
N ILE E 107 -19.96 -45.59 25.74
CA ILE E 107 -21.13 -46.02 24.97
C ILE E 107 -21.77 -47.20 25.62
N SER E 108 -21.03 -47.90 26.44
CA SER E 108 -21.65 -48.96 27.19
C SER E 108 -22.33 -48.36 28.37
N GLU E 109 -21.59 -47.61 29.19
CA GLU E 109 -22.22 -47.09 30.41
C GLU E 109 -23.45 -46.18 30.21
N LEU E 110 -23.50 -45.44 29.15
CA LEU E 110 -24.63 -44.56 28.84
C LEU E 110 -25.86 -45.39 28.46
N THR E 111 -25.69 -46.45 27.67
CA THR E 111 -26.82 -47.28 27.28
C THR E 111 -27.43 -47.96 28.49
N ALA E 112 -26.59 -48.49 29.39
CA ALA E 112 -27.10 -49.18 30.57
C ALA E 112 -27.86 -48.22 31.48
N VAL E 113 -27.35 -47.00 31.66
CA VAL E 113 -28.04 -46.04 32.51
C VAL E 113 -29.34 -45.57 31.86
N ALA E 114 -29.32 -45.33 30.54
CA ALA E 114 -30.51 -44.86 29.85
C ALA E 114 -31.61 -45.91 29.85
N ASP E 115 -31.25 -47.19 29.67
CA ASP E 115 -32.25 -48.25 29.68
C ASP E 115 -32.90 -48.42 31.04
N ARG E 116 -32.33 -47.84 32.09
CA ARG E 116 -32.94 -47.83 33.42
C ARG E 116 -33.75 -46.55 33.66
N ILE E 117 -33.20 -45.40 33.28
CA ILE E 117 -33.88 -44.13 33.55
C ILE E 117 -35.15 -44.00 32.72
N PHE E 118 -35.08 -44.32 31.44
CA PHE E 118 -36.16 -44.05 30.50
C PHE E 118 -36.80 -45.35 30.03
N LEU E 119 -38.09 -45.25 29.70
CA LEU E 119 -38.77 -46.36 29.03
C LEU E 119 -38.41 -46.42 27.55
N GLY E 120 -38.06 -45.29 26.96
CA GLY E 120 -37.66 -45.23 25.56
C GLY E 120 -36.85 -43.98 25.26
N TRP E 121 -35.91 -44.08 24.32
CA TRP E 121 -34.98 -42.99 24.08
C TRP E 121 -34.33 -43.18 22.72
N ASP E 122 -33.68 -42.11 22.25
CA ASP E 122 -32.95 -42.15 20.99
C ASP E 122 -31.89 -41.06 21.00
N ASP E 123 -30.71 -41.38 20.47
CA ASP E 123 -29.59 -40.44 20.44
C ASP E 123 -29.40 -39.83 19.05
N ASP E 124 -29.16 -40.65 18.02
CA ASP E 124 -28.73 -40.17 16.72
C ASP E 124 -29.55 -40.78 15.58
N GLY E 125 -30.84 -40.97 15.81
CA GLY E 125 -31.67 -41.63 14.81
C GLY E 125 -32.03 -40.79 13.60
N GLY E 126 -31.75 -39.49 13.63
CA GLY E 126 -32.13 -38.60 12.57
C GLY E 126 -30.96 -38.18 11.70
N LYS E 127 -31.15 -37.09 10.97
CA LYS E 127 -30.12 -36.57 10.07
C LYS E 127 -29.01 -35.95 10.90
N GLY E 128 -27.84 -36.55 10.86
CA GLY E 128 -26.73 -36.09 11.68
C GLY E 128 -26.85 -36.61 13.09
N TYR E 129 -26.71 -35.72 14.08
CA TYR E 129 -26.78 -36.08 15.48
C TYR E 129 -28.18 -35.86 16.06
N SER E 130 -29.17 -35.57 15.21
CA SER E 130 -30.52 -35.32 15.67
C SER E 130 -31.21 -36.63 16.06
N ALA E 131 -32.13 -36.54 17.02
CA ALA E 131 -32.84 -37.70 17.54
C ALA E 131 -34.23 -37.80 16.96
N SER E 132 -34.73 -39.04 16.89
CA SER E 132 -36.10 -39.32 16.46
C SER E 132 -36.59 -40.57 17.18
N LEU E 133 -37.82 -40.51 17.68
CA LEU E 133 -38.31 -41.55 18.59
C LEU E 133 -39.75 -41.90 18.26
N GLU E 134 -40.05 -43.19 18.26
CA GLU E 134 -41.41 -43.72 18.19
C GLU E 134 -41.68 -44.54 19.45
N PHE E 135 -42.81 -44.29 20.10
CA PHE E 135 -43.11 -44.94 21.38
C PHE E 135 -44.61 -45.20 21.47
N THR E 136 -44.98 -46.47 21.58
CA THR E 136 -46.37 -46.86 21.76
C THR E 136 -46.75 -46.75 23.23
N ILE E 137 -47.82 -46.02 23.53
CA ILE E 137 -48.25 -45.78 24.89
C ILE E 137 -48.66 -47.09 25.56
N PRO E 138 -47.93 -47.54 26.60
CA PRO E 138 -48.20 -48.87 27.17
C PRO E 138 -49.59 -49.04 27.75
N ARG E 139 -49.93 -48.24 28.76
CA ARG E 139 -51.20 -48.28 29.45
C ARG E 139 -51.81 -46.87 29.45
N ASP E 140 -52.88 -46.67 30.20
CA ASP E 140 -53.57 -45.39 30.27
C ASP E 140 -53.02 -44.57 31.42
N GLY E 141 -52.74 -43.30 31.16
CA GLY E 141 -52.20 -42.40 32.16
C GLY E 141 -51.46 -41.26 31.50
N THR E 142 -50.66 -40.55 32.30
CA THR E 142 -49.85 -39.43 31.84
C THR E 142 -48.38 -39.80 31.87
N TYR E 143 -47.59 -39.11 31.04
CA TYR E 143 -46.16 -39.37 30.92
C TYR E 143 -45.41 -38.06 30.77
N HIS E 144 -44.08 -38.15 30.84
CA HIS E 144 -43.18 -37.00 30.75
C HIS E 144 -42.17 -37.22 29.63
N ILE E 145 -41.83 -36.15 28.93
CA ILE E 145 -40.83 -36.15 27.87
C ILE E 145 -39.64 -35.32 28.35
N PHE E 146 -38.44 -35.86 28.21
CA PHE E 146 -37.22 -35.22 28.67
C PHE E 146 -36.34 -34.87 27.47
N ALA E 147 -35.99 -33.60 27.34
CA ALA E 147 -35.09 -33.12 26.30
C ALA E 147 -33.83 -32.56 26.95
N GLY E 148 -32.69 -32.82 26.33
CA GLY E 148 -31.44 -32.41 26.94
C GLY E 148 -30.26 -32.74 26.06
N SER E 149 -29.09 -32.89 26.70
CA SER E 149 -27.82 -33.11 26.02
C SER E 149 -27.24 -34.46 26.41
N THR E 150 -26.72 -35.19 25.43
CA THR E 150 -26.01 -36.42 25.71
C THR E 150 -24.55 -36.13 26.08
N ILE E 151 -23.82 -37.20 26.37
CA ILE E 151 -22.39 -37.12 26.70
C ILE E 151 -21.60 -37.55 25.47
N THR E 152 -20.77 -36.66 24.96
CA THR E 152 -20.04 -36.91 23.72
C THR E 152 -18.63 -36.35 23.81
N ASN E 153 -17.79 -36.78 22.87
CA ASN E 153 -16.45 -36.24 22.68
C ASN E 153 -16.40 -35.52 21.33
N GLN E 154 -15.74 -34.35 21.31
CA GLN E 154 -15.67 -33.54 20.11
C GLN E 154 -14.24 -33.08 19.82
N ARG E 155 -13.25 -33.89 20.15
CA ARG E 155 -11.85 -33.55 19.92
C ARG E 155 -11.10 -34.75 19.36
N LEU E 156 -10.02 -34.47 18.63
CA LEU E 156 -9.16 -35.51 18.09
C LEU E 156 -7.76 -35.53 18.70
N ASP E 157 -7.38 -34.51 19.45
CA ASP E 157 -6.08 -34.50 20.10
C ASP E 157 -6.09 -35.28 21.41
N LYS E 158 -7.20 -35.25 22.14
CA LYS E 158 -7.33 -36.00 23.38
C LYS E 158 -8.80 -36.35 23.57
N PHE E 159 -9.05 -37.32 24.44
CA PHE E 159 -10.40 -37.80 24.72
C PHE E 159 -10.90 -37.16 26.00
N GLN E 160 -12.04 -36.47 25.90
CA GLN E 160 -12.62 -35.77 27.06
C GLN E 160 -14.14 -35.69 26.86
N PRO E 161 -14.90 -36.59 27.49
CA PRO E 161 -16.37 -36.50 27.38
C PRO E 161 -16.91 -35.31 28.16
N THR E 162 -17.88 -34.63 27.55
CA THR E 162 -18.46 -33.42 28.11
C THR E 162 -19.91 -33.29 27.68
N TYR E 163 -20.62 -32.35 28.30
CA TYR E 163 -21.96 -31.98 27.87
C TYR E 163 -21.89 -30.98 26.72
N THR E 164 -23.06 -30.53 26.26
CA THR E 164 -23.15 -29.59 25.14
C THR E 164 -24.20 -28.53 25.45
N THR E 165 -24.08 -27.38 24.78
CA THR E 165 -24.96 -26.25 25.00
C THR E 165 -25.44 -25.70 23.65
N GLY E 166 -26.65 -25.17 23.63
CA GLY E 166 -27.17 -24.56 22.43
C GLY E 166 -28.69 -24.51 22.45
N SER E 167 -29.23 -23.99 21.35
CA SER E 167 -30.67 -23.91 21.14
C SER E 167 -31.16 -25.11 20.34
N PHE E 168 -32.46 -25.40 20.46
CA PHE E 168 -33.02 -26.58 19.81
C PHE E 168 -34.45 -26.33 19.39
N GLN E 169 -34.91 -27.13 18.43
CA GLN E 169 -36.29 -27.15 17.98
C GLN E 169 -36.85 -28.56 18.19
N LEU E 170 -38.01 -28.64 18.86
CA LEU E 170 -38.61 -29.93 19.21
C LEU E 170 -39.99 -30.02 18.58
N ILE E 171 -40.23 -31.11 17.85
CA ILE E 171 -41.51 -31.38 17.21
C ILE E 171 -42.08 -32.65 17.83
N LEU E 172 -43.28 -32.55 18.40
CA LEU E 172 -43.96 -33.69 19.00
C LEU E 172 -45.24 -33.99 18.23
N GLY E 173 -45.52 -35.27 18.03
CA GLY E 173 -46.72 -35.71 17.33
C GLY E 173 -47.43 -36.81 18.08
N LEU E 174 -48.74 -36.89 17.87
CA LEU E 174 -49.57 -37.94 18.43
C LEU E 174 -50.34 -38.61 17.30
N ASN E 175 -50.03 -39.89 17.05
CA ASN E 175 -50.62 -40.65 15.96
C ASN E 175 -50.46 -39.92 14.63
N ALA E 176 -49.28 -39.34 14.42
CA ALA E 176 -48.94 -38.62 13.20
C ALA E 176 -47.62 -39.17 12.69
N PRO E 177 -47.66 -40.21 11.85
CA PRO E 177 -46.42 -40.88 11.44
C PRO E 177 -45.48 -40.03 10.60
N GLN E 178 -45.89 -38.83 10.17
CA GLN E 178 -45.01 -37.98 9.38
C GLN E 178 -44.03 -37.20 10.24
N VAL E 179 -44.14 -37.28 11.56
CA VAL E 179 -43.26 -36.51 12.43
C VAL E 179 -41.83 -37.03 12.36
N ILE E 180 -41.64 -38.34 12.22
CA ILE E 180 -40.29 -38.93 12.23
C ILE E 180 -39.51 -38.50 11.01
N SER E 181 -40.19 -37.96 10.00
CA SER E 181 -39.48 -37.35 8.88
C SER E 181 -38.88 -36.00 9.25
N GLY E 182 -39.31 -35.40 10.35
CA GLY E 182 -38.80 -34.12 10.78
C GLY E 182 -39.44 -32.91 10.13
N GLU E 183 -40.50 -33.10 9.34
CA GLU E 183 -41.13 -32.01 8.59
C GLU E 183 -42.60 -31.82 8.96
N GLY E 184 -43.02 -32.28 10.14
CA GLY E 184 -44.42 -32.19 10.52
C GLY E 184 -44.84 -30.76 10.80
N GLU E 185 -45.84 -30.26 10.08
CA GLU E 185 -46.43 -28.94 10.31
C GLU E 185 -47.48 -29.01 11.41
N PRO E 186 -47.61 -27.96 12.22
CA PRO E 186 -48.59 -28.00 13.32
C PRO E 186 -50.00 -28.21 12.80
N GLU E 187 -50.76 -29.05 13.52
CA GLU E 187 -52.12 -29.40 13.13
C GLU E 187 -52.89 -29.85 14.36
N GLY E 188 -54.21 -29.81 14.24
CA GLY E 188 -55.06 -30.34 15.30
C GLY E 188 -55.06 -29.47 16.55
N GLU E 189 -55.48 -30.10 17.65
CA GLU E 189 -55.58 -29.43 18.95
C GLU E 189 -54.47 -29.93 19.86
N VAL E 190 -53.85 -29.00 20.59
CA VAL E 190 -52.66 -29.26 21.38
C VAL E 190 -52.90 -30.36 22.41
N PHE E 191 -51.83 -31.03 22.83
CA PHE E 191 -51.92 -32.12 23.79
C PHE E 191 -50.84 -32.12 24.85
N ALA E 192 -49.77 -31.35 24.69
CA ALA E 192 -48.68 -31.30 25.66
C ALA E 192 -48.34 -29.84 25.97
N SER E 193 -47.75 -29.63 27.14
CA SER E 193 -47.45 -28.29 27.60
C SER E 193 -46.16 -28.31 28.41
N LEU E 194 -45.60 -27.12 28.64
CA LEU E 194 -44.39 -26.98 29.44
C LEU E 194 -44.67 -27.39 30.88
N ALA E 195 -43.75 -28.20 31.44
CA ALA E 195 -43.91 -28.66 32.81
C ALA E 195 -43.52 -27.62 33.83
N SER E 196 -42.54 -26.76 33.52
CA SER E 196 -42.04 -25.81 34.51
C SER E 196 -43.11 -24.79 34.91
N LEU E 197 -44.11 -24.57 34.05
CA LEU E 197 -45.17 -23.60 34.35
C LEU E 197 -46.04 -24.02 35.52
N GLU E 198 -45.96 -25.27 35.97
CA GLU E 198 -46.82 -25.75 37.05
C GLU E 198 -46.35 -25.30 38.43
N ILE E 199 -45.13 -24.80 38.56
CA ILE E 199 -44.53 -24.49 39.86
C ILE E 199 -43.98 -23.07 39.83
N LYS E 200 -43.46 -22.60 40.96
CA LYS E 200 -42.83 -21.28 41.01
C LYS E 200 -41.44 -21.33 40.34
N PRO E 201 -41.14 -20.34 39.47
CA PRO E 201 -39.87 -20.27 38.72
C PRO E 201 -38.59 -20.18 39.56
N GLU E 202 -37.46 -20.57 38.96
CA GLU E 202 -36.17 -20.53 39.66
C GLU E 202 -35.64 -19.11 39.90
N ALA E 203 -34.87 -18.93 40.96
CA ALA E 203 -34.36 -17.61 41.28
C ALA E 203 -32.85 -17.54 41.11
N HIS E 204 -32.37 -16.35 40.74
CA HIS E 204 -30.95 -16.06 40.65
C HIS E 204 -30.64 -14.83 41.50
N VAL E 205 -29.62 -14.92 42.34
CA VAL E 205 -29.23 -13.84 43.24
C VAL E 205 -27.74 -13.58 43.08
N GLN E 206 -27.37 -12.30 43.00
CA GLN E 206 -25.97 -11.90 42.93
C GLN E 206 -25.75 -10.68 43.80
N GLU E 207 -24.60 -10.62 44.47
CA GLU E 207 -24.22 -9.49 45.29
C GLU E 207 -22.84 -9.00 44.88
N LEU E 208 -22.67 -7.67 44.86
CA LEU E 208 -21.41 -7.06 44.48
C LEU E 208 -21.10 -5.90 45.41
N GLU E 209 -19.80 -5.61 45.56
CA GLU E 209 -19.33 -4.48 46.33
C GLU E 209 -18.75 -3.44 45.37
N ILE E 210 -19.21 -2.20 45.51
CA ILE E 210 -18.81 -1.12 44.60
C ILE E 210 -18.33 0.06 45.42
N ARG E 211 -17.43 0.84 44.81
CA ARG E 211 -16.85 2.02 45.45
C ARG E 211 -16.96 3.20 44.50
N LEU E 212 -17.43 4.34 45.02
CA LEU E 212 -17.60 5.55 44.23
C LEU E 212 -16.48 6.52 44.60
N ASP E 213 -15.46 6.57 43.77
CA ASP E 213 -14.34 7.46 43.99
C ASP E 213 -14.74 8.91 43.69
N LYS E 214 -13.78 9.82 43.87
CA LYS E 214 -14.06 11.24 43.61
C LYS E 214 -14.39 11.48 42.14
N ASP E 215 -13.66 10.82 41.23
CA ASP E 215 -13.86 10.98 39.80
C ASP E 215 -14.72 9.87 39.19
N THR E 216 -15.27 8.97 40.02
CA THR E 216 -16.06 7.84 39.55
C THR E 216 -17.37 7.76 40.33
N ARG E 217 -18.06 8.90 40.42
CA ARG E 217 -19.30 8.97 41.19
C ARG E 217 -20.51 8.40 40.45
N TYR E 218 -20.36 8.01 39.18
CA TYR E 218 -21.44 7.43 38.40
C TYR E 218 -21.03 6.04 37.94
N LEU E 219 -21.92 5.07 38.11
CA LEU E 219 -21.65 3.69 37.76
C LEU E 219 -22.89 3.05 37.16
N THR E 220 -22.71 2.24 36.12
CA THR E 220 -23.79 1.53 35.47
C THR E 220 -23.39 0.08 35.24
N GLN E 221 -24.39 -0.81 35.30
CA GLN E 221 -24.19 -2.23 35.04
C GLN E 221 -25.29 -2.74 34.13
N HIS E 222 -24.94 -3.72 33.30
CA HIS E 222 -25.87 -4.29 32.34
C HIS E 222 -26.37 -5.64 32.82
N THR E 223 -27.66 -5.90 32.57
CA THR E 223 -28.33 -7.12 33.00
C THR E 223 -28.63 -7.99 31.78
N ARG E 224 -28.68 -9.30 32.01
CA ARG E 224 -29.02 -10.24 30.95
C ARG E 224 -30.49 -10.06 30.54
N ASN E 225 -30.84 -10.66 29.42
CA ASN E 225 -32.19 -10.55 28.90
C ASN E 225 -33.19 -11.22 29.82
N LEU E 226 -34.39 -10.64 29.91
CA LEU E 226 -35.47 -11.17 30.72
C LEU E 226 -36.63 -11.58 29.81
N GLN E 227 -37.16 -12.78 30.04
CA GLN E 227 -38.34 -13.24 29.33
C GLN E 227 -39.59 -12.58 29.90
N PRO E 228 -40.67 -12.52 29.12
CA PRO E 228 -41.90 -11.89 29.61
C PRO E 228 -42.42 -12.57 30.87
N GLY E 229 -42.93 -11.76 31.79
CA GLY E 229 -43.45 -12.24 33.05
C GLY E 229 -42.46 -12.28 34.19
N ASP E 230 -41.17 -12.08 33.92
CA ASP E 230 -40.17 -12.10 34.96
C ASP E 230 -40.27 -10.84 35.82
N THR E 231 -39.59 -10.87 36.96
CA THR E 231 -39.55 -9.75 37.89
C THR E 231 -38.11 -9.44 38.26
N PHE E 232 -37.88 -8.18 38.62
CA PHE E 232 -36.55 -7.67 38.89
C PHE E 232 -36.56 -6.87 40.19
N HIS E 233 -35.58 -7.14 41.05
CA HIS E 233 -35.46 -6.48 42.34
C HIS E 233 -34.02 -6.01 42.55
N ALA E 234 -33.88 -4.92 43.30
CA ALA E 234 -32.56 -4.37 43.60
C ALA E 234 -32.62 -3.62 44.92
N LEU E 235 -31.52 -3.69 45.67
CA LEU E 235 -31.41 -2.95 46.93
C LEU E 235 -29.95 -2.60 47.16
N VAL E 236 -29.72 -1.47 47.84
CA VAL E 236 -28.39 -0.97 48.11
C VAL E 236 -28.32 -0.56 49.58
N GLU E 237 -27.23 -0.95 50.26
CA GLU E 237 -27.03 -0.62 51.66
C GLU E 237 -25.57 -0.21 51.85
N PRO E 238 -25.32 0.93 52.49
CA PRO E 238 -23.93 1.37 52.67
C PRO E 238 -23.16 0.47 53.61
N ILE E 239 -21.84 0.39 53.37
CA ILE E 239 -20.96 -0.35 54.26
C ILE E 239 -20.90 0.33 55.63
N GLY E 240 -20.76 1.65 55.65
CA GLY E 240 -20.65 2.38 56.90
C GLY E 240 -21.48 3.65 56.93
N GLU E 241 -20.84 4.77 57.26
CA GLU E 241 -21.52 6.05 57.38
C GLU E 241 -21.65 6.78 56.04
N ALA E 242 -21.43 6.09 54.93
CA ALA E 242 -21.55 6.74 53.64
C ALA E 242 -22.99 7.15 53.37
N PRO E 243 -23.23 8.30 52.74
CA PRO E 243 -24.60 8.72 52.47
C PRO E 243 -25.28 7.83 51.45
N LEU E 244 -26.60 7.79 51.53
CA LEU E 244 -27.38 6.95 50.64
C LEU E 244 -27.37 7.51 49.22
N PRO E 245 -26.94 6.75 48.21
CA PRO E 245 -26.95 7.24 46.84
C PRO E 245 -28.30 7.04 46.18
N ARG E 246 -28.41 7.54 44.94
CA ARG E 246 -29.63 7.42 44.16
C ARG E 246 -29.58 6.21 43.25
N LEU E 247 -30.75 5.60 43.04
CA LEU E 247 -30.87 4.39 42.24
C LEU E 247 -32.03 4.53 41.26
N ARG E 248 -31.83 4.03 40.03
CA ARG E 248 -32.86 4.06 39.01
C ARG E 248 -32.57 2.97 37.99
N LEU E 249 -33.60 2.64 37.20
CA LEU E 249 -33.53 1.56 36.23
C LEU E 249 -33.97 2.09 34.86
N THR E 250 -33.18 1.82 33.84
CA THR E 250 -33.47 2.21 32.47
C THR E 250 -33.16 1.06 31.52
N ASP E 251 -33.64 1.18 30.30
CA ASP E 251 -33.36 0.19 29.26
C ASP E 251 -31.97 0.46 28.67
N SER E 252 -31.64 -0.23 27.59
CA SER E 252 -30.36 -0.01 26.92
C SER E 252 -30.29 1.32 26.20
N GLY E 253 -31.42 1.96 25.92
CA GLY E 253 -31.42 3.25 25.25
C GLY E 253 -31.48 4.41 26.21
N GLY E 254 -31.77 4.11 27.48
CA GLY E 254 -31.88 5.14 28.50
C GLY E 254 -33.29 5.52 28.90
N LYS E 255 -34.30 4.86 28.33
CA LYS E 255 -35.68 5.18 28.68
C LYS E 255 -35.95 4.79 30.13
N PRO E 256 -36.41 5.71 30.97
CA PRO E 256 -36.62 5.38 32.38
C PRO E 256 -37.74 4.37 32.56
N LEU E 257 -37.54 3.48 33.52
CA LEU E 257 -38.51 2.42 33.82
C LEU E 257 -38.92 2.39 35.28
N ALA E 258 -38.00 2.66 36.21
CA ALA E 258 -38.31 2.63 37.63
C ALA E 258 -37.33 3.52 38.37
N PHE E 259 -37.71 3.86 39.60
CA PHE E 259 -36.87 4.68 40.46
C PHE E 259 -36.88 4.12 41.88
N GLY E 260 -35.78 4.34 42.59
CA GLY E 260 -35.63 3.76 43.91
C GLY E 260 -36.46 4.49 44.95
N LEU E 261 -36.93 3.73 45.94
CA LEU E 261 -37.74 4.26 47.03
C LEU E 261 -36.99 4.09 48.35
N ILE E 262 -36.93 5.16 49.13
CA ILE E 262 -36.27 5.11 50.43
C ILE E 262 -37.24 4.53 51.45
N ASP E 263 -36.80 3.48 52.14
CA ASP E 263 -37.65 2.81 53.12
C ASP E 263 -37.81 3.67 54.37
N GLN E 264 -38.83 3.34 55.17
CA GLN E 264 -39.05 4.04 56.43
C GLN E 264 -37.86 3.92 57.37
N PRO E 265 -37.26 2.74 57.57
CA PRO E 265 -35.93 2.70 58.21
C PRO E 265 -34.86 3.13 57.21
N GLY E 266 -34.64 4.43 57.08
CA GLY E 266 -33.91 4.97 55.95
C GLY E 266 -32.44 4.63 55.95
N GLU E 267 -32.13 3.35 55.76
CA GLU E 267 -30.76 2.89 55.60
C GLU E 267 -30.53 2.18 54.27
N SER E 268 -31.55 2.08 53.42
CA SER E 268 -31.40 1.39 52.15
C SER E 268 -32.43 1.93 51.15
N VAL E 269 -32.17 1.66 49.88
CA VAL E 269 -33.05 2.04 48.77
C VAL E 269 -33.37 0.79 47.99
N GLU E 270 -34.65 0.63 47.63
CA GLU E 270 -35.12 -0.58 46.96
C GLU E 270 -35.82 -0.21 45.66
N LEU E 271 -35.92 -1.19 44.76
CA LEU E 271 -36.48 -0.99 43.43
C LEU E 271 -37.13 -2.29 42.98
N ASN E 272 -38.14 -2.16 42.11
CA ASN E 272 -38.88 -3.31 41.63
C ASN E 272 -39.39 -3.03 40.22
N TYR E 273 -39.50 -4.08 39.42
CA TYR E 273 -39.96 -3.94 38.04
C TYR E 273 -40.43 -5.30 37.54
N THR E 274 -41.26 -5.27 36.50
CA THR E 274 -41.79 -6.48 35.88
C THR E 274 -41.70 -6.34 34.37
N CYS E 275 -41.54 -7.47 33.69
CA CYS E 275 -41.29 -7.49 32.25
C CYS E 275 -42.60 -7.63 31.49
N ASP E 276 -42.74 -6.85 30.42
CA ASP E 276 -43.92 -6.89 29.57
C ASP E 276 -43.62 -7.26 28.12
N GLN E 277 -42.53 -6.76 27.57
CA GLN E 277 -42.22 -6.99 26.16
C GLN E 277 -41.64 -8.39 25.96
N ASP E 278 -41.40 -8.74 24.69
CA ASP E 278 -40.84 -10.04 24.38
C ASP E 278 -39.43 -10.20 24.92
N ILE E 279 -38.60 -9.17 24.76
CA ILE E 279 -37.23 -9.18 25.26
C ILE E 279 -36.96 -7.84 25.94
N CYS E 280 -36.45 -7.89 27.16
CA CYS E 280 -36.12 -6.70 27.93
C CYS E 280 -34.65 -6.71 28.29
N GLU E 281 -33.96 -5.61 27.98
CA GLU E 281 -32.58 -5.38 28.39
C GLU E 281 -32.57 -4.23 29.38
N LEU E 282 -32.04 -4.49 30.58
CA LEU E 282 -32.11 -3.53 31.67
C LEU E 282 -30.72 -3.07 32.06
N VAL E 283 -30.63 -1.81 32.50
CA VAL E 283 -29.39 -1.21 32.97
C VAL E 283 -29.67 -0.54 34.32
N VAL E 284 -28.82 -0.82 35.30
CA VAL E 284 -28.98 -0.30 36.65
C VAL E 284 -28.04 0.88 36.83
N HIS E 285 -28.58 2.00 37.28
CA HIS E 285 -27.80 3.22 37.51
C HIS E 285 -27.68 3.46 39.01
N VAL E 286 -26.45 3.58 39.49
CA VAL E 286 -26.17 3.96 40.87
C VAL E 286 -25.20 5.15 40.84
N ASP E 287 -25.64 6.27 41.39
CA ASP E 287 -24.86 7.50 41.33
C ASP E 287 -24.89 8.20 42.67
N GLY E 288 -23.80 8.88 42.98
CA GLY E 288 -23.70 9.69 44.19
C GLY E 288 -23.31 11.11 43.89
N THR E 289 -23.68 11.59 42.71
CA THR E 289 -23.33 12.95 42.27
C THR E 289 -24.43 13.93 42.67
N ASP E 290 -24.76 13.92 43.96
CA ASP E 290 -25.74 14.88 44.49
C ASP E 290 -25.20 16.30 44.39
N GLY E 291 -23.93 16.49 44.71
CA GLY E 291 -23.29 17.79 44.61
C GLY E 291 -21.89 17.71 44.05
N GLN E 292 -20.93 18.34 44.73
CA GLN E 292 -19.54 18.30 44.30
C GLN E 292 -18.59 17.98 45.45
N LYS E 293 -19.10 17.44 46.56
CA LYS E 293 -18.25 17.13 47.70
C LYS E 293 -17.34 15.96 47.38
N ASP E 294 -16.06 16.09 47.77
CA ASP E 294 -15.09 15.02 47.60
C ASP E 294 -14.97 14.22 48.90
N SER E 295 -16.02 13.42 49.16
CA SER E 295 -16.10 12.66 50.39
C SER E 295 -14.95 11.66 50.51
N GLY E 296 -14.49 11.10 49.40
CA GLY E 296 -13.38 10.18 49.44
C GLY E 296 -13.70 8.75 49.03
N GLU E 297 -13.71 7.85 50.01
CA GLU E 297 -13.75 6.41 49.71
C GLU E 297 -15.06 5.76 50.17
N ALA E 298 -16.19 6.37 49.86
CA ALA E 298 -17.47 5.75 50.16
C ALA E 298 -17.62 4.43 49.41
N VAL E 299 -18.09 3.42 50.14
CA VAL E 299 -18.24 2.07 49.59
C VAL E 299 -19.62 1.54 49.99
N TYR E 300 -20.27 0.84 49.07
CA TYR E 300 -21.63 0.35 49.27
C TYR E 300 -21.71 -1.12 48.86
N ARG E 301 -22.76 -1.78 49.36
CA ARG E 301 -23.09 -3.16 49.00
C ARG E 301 -24.34 -3.16 48.14
N LEU E 302 -24.27 -3.82 46.98
CA LEU E 302 -25.39 -3.90 46.05
C LEU E 302 -25.86 -5.33 45.95
N LEU E 303 -27.16 -5.54 46.17
CA LEU E 303 -27.78 -6.85 46.06
C LEU E 303 -28.85 -6.79 44.97
N VAL E 304 -28.82 -7.75 44.05
CA VAL E 304 -29.72 -7.76 42.92
C VAL E 304 -30.09 -9.20 42.60
N GLY E 305 -31.32 -9.41 42.17
CA GLY E 305 -31.80 -10.75 41.86
C GLY E 305 -32.89 -10.73 40.81
N ILE E 306 -33.06 -11.88 40.16
CA ILE E 306 -34.13 -12.09 39.19
C ILE E 306 -35.06 -13.17 39.72
N ASN E 307 -36.36 -12.87 39.75
CA ASN E 307 -37.36 -13.76 40.33
C ASN E 307 -37.02 -14.11 41.78
N ALA E 308 -36.52 -13.12 42.52
CA ALA E 308 -36.10 -13.30 43.91
C ALA E 308 -36.74 -12.20 44.75
N PRO E 309 -38.02 -12.36 45.12
CA PRO E 309 -38.67 -11.36 45.98
C PRO E 309 -38.15 -11.36 47.40
N ASN E 310 -37.38 -12.37 47.82
CA ASN E 310 -36.88 -12.49 49.18
C ASN E 310 -35.47 -11.93 49.35
N LEU E 311 -35.10 -10.91 48.56
CA LEU E 311 -33.76 -10.34 48.67
C LEU E 311 -33.53 -9.67 50.02
N ARG E 312 -34.60 -9.29 50.73
CA ARG E 312 -34.43 -8.69 52.05
C ARG E 312 -33.74 -9.66 53.01
N GLU E 313 -34.17 -10.92 53.02
CA GLU E 313 -33.53 -11.98 53.80
C GLU E 313 -33.35 -13.17 52.86
N SER E 314 -32.25 -13.15 52.11
CA SER E 314 -31.97 -14.23 51.17
C SER E 314 -31.63 -15.53 51.90
N GLY E 315 -30.72 -15.45 52.86
CA GLY E 315 -30.33 -16.62 53.61
C GLY E 315 -29.27 -17.45 52.90
N GLN E 316 -29.63 -17.98 51.73
CA GLN E 316 -28.70 -18.77 50.95
C GLN E 316 -27.64 -17.89 50.31
N THR E 317 -26.48 -18.48 50.04
CA THR E 317 -25.46 -17.80 49.26
C THR E 317 -25.96 -17.60 47.82
N PRO E 318 -25.38 -16.62 47.09
CA PRO E 318 -25.78 -16.39 45.70
C PRO E 318 -25.95 -17.66 44.88
N VAL E 319 -27.15 -17.86 44.34
CA VAL E 319 -27.48 -19.09 43.63
C VAL E 319 -27.65 -18.78 42.14
N GLY E 320 -27.81 -19.84 41.36
CA GLY E 320 -28.05 -19.73 39.93
C GLY E 320 -26.87 -19.21 39.15
N SER E 321 -27.06 -18.09 38.45
CA SER E 321 -26.02 -17.50 37.64
C SER E 321 -25.99 -16.00 37.89
N SER E 322 -24.94 -15.36 37.39
CA SER E 322 -24.78 -13.92 37.58
C SER E 322 -25.91 -13.16 36.90
N VAL E 323 -26.49 -12.21 37.63
CA VAL E 323 -27.50 -11.34 37.04
C VAL E 323 -26.85 -10.37 36.05
N PHE E 324 -25.72 -9.79 36.43
CA PHE E 324 -24.99 -8.87 35.57
C PHE E 324 -24.13 -9.63 34.57
N LEU E 325 -23.99 -9.03 33.38
CA LEU E 325 -23.10 -9.59 32.37
C LEU E 325 -21.65 -9.45 32.81
N GLU E 326 -20.81 -10.39 32.39
CA GLU E 326 -19.39 -10.33 32.70
C GLU E 326 -18.56 -10.20 31.43
N SER E 327 -17.40 -9.55 31.53
CA SER E 327 -16.54 -9.35 30.36
C SER E 327 -15.79 -10.61 29.96
N ASP E 328 -15.54 -10.79 28.67
CA ASP E 328 -14.80 -11.95 28.20
C ASP E 328 -13.33 -11.84 28.57
N LEU E 329 -12.76 -12.95 28.99
CA LEU E 329 -11.38 -12.99 29.49
C LEU E 329 -10.43 -13.40 28.37
N VAL E 330 -9.34 -12.65 28.23
CA VAL E 330 -8.37 -12.88 27.16
C VAL E 330 -7.00 -13.14 27.80
N THR E 331 -6.34 -14.20 27.34
CA THR E 331 -4.98 -14.52 27.76
C THR E 331 -4.00 -14.08 26.68
N VAL E 332 -2.96 -13.36 27.10
CA VAL E 332 -2.01 -12.76 26.15
C VAL E 332 -0.60 -13.17 26.54
N GLY E 333 0.28 -13.20 25.53
CA GLY E 333 1.68 -13.50 25.75
C GLY E 333 2.52 -12.94 24.63
N LEU E 334 3.72 -12.48 24.98
CA LEU E 334 4.62 -11.86 24.01
C LEU E 334 6.04 -12.32 24.28
N ALA E 335 6.80 -12.52 23.20
CA ALA E 335 8.20 -12.92 23.27
C ALA E 335 9.02 -12.06 22.32
N VAL E 336 10.21 -11.70 22.75
CA VAL E 336 11.13 -10.87 21.95
C VAL E 336 12.26 -11.75 21.46
N ASP E 337 12.51 -11.73 20.15
CA ASP E 337 13.53 -12.55 19.53
C ASP E 337 14.82 -11.80 19.27
N GLN E 338 14.75 -10.59 18.71
CA GLN E 338 15.95 -9.87 18.32
C GLN E 338 15.65 -8.38 18.26
N ILE E 339 16.59 -7.57 18.76
CA ILE E 339 16.56 -6.13 18.58
C ILE E 339 17.38 -5.81 17.34
N VAL E 340 16.74 -5.22 16.34
CA VAL E 340 17.34 -5.07 15.01
C VAL E 340 17.80 -3.65 14.72
N GLY E 341 17.59 -2.71 15.64
CA GLY E 341 18.08 -1.36 15.41
C GLY E 341 17.59 -0.32 16.37
N VAL E 342 18.41 0.71 16.61
CA VAL E 342 18.04 1.84 17.45
C VAL E 342 18.46 3.11 16.73
N ASP E 343 17.52 4.05 16.60
CA ASP E 343 17.77 5.35 15.96
C ASP E 343 17.88 6.39 17.05
N GLN E 344 19.08 6.92 17.26
CA GLN E 344 19.34 7.82 18.37
C GLN E 344 18.98 9.28 18.08
N ARG E 345 18.79 9.64 16.81
CA ARG E 345 18.38 11.00 16.47
C ARG E 345 16.86 11.15 16.43
N SER E 346 16.16 10.20 15.82
CA SER E 346 14.70 10.23 15.75
C SER E 346 14.04 9.55 16.93
N GLU E 347 14.81 8.92 17.82
CA GLU E 347 14.31 8.31 19.05
C GLU E 347 13.25 7.24 18.75
N ASN E 348 13.70 6.19 18.06
CA ASN E 348 12.85 5.03 17.82
C ASN E 348 13.73 3.79 17.69
N PHE E 349 13.12 2.63 17.89
CA PHE E 349 13.82 1.36 17.80
C PHE E 349 12.91 0.34 17.14
N SER E 350 13.53 -0.75 16.66
CA SER E 350 12.83 -1.81 15.96
C SER E 350 13.10 -3.15 16.64
N VAL E 351 12.13 -4.05 16.59
CA VAL E 351 12.20 -5.32 17.29
C VAL E 351 11.46 -6.38 16.49
N VAL E 352 11.89 -7.63 16.65
CA VAL E 352 11.26 -8.80 16.02
C VAL E 352 10.81 -9.74 17.12
N GLY E 353 9.59 -10.22 17.03
CA GLY E 353 9.07 -11.08 18.07
C GLY E 353 7.79 -11.77 17.66
N THR E 354 7.12 -12.35 18.66
CA THR E 354 5.90 -13.13 18.45
C THR E 354 4.84 -12.69 19.45
N LEU E 355 3.58 -12.72 19.01
CA LEU E 355 2.45 -12.36 19.84
C LEU E 355 1.39 -13.46 19.77
N LYS E 356 0.73 -13.72 20.90
CA LYS E 356 -0.27 -14.77 20.99
C LYS E 356 -1.44 -14.31 21.85
N LEU E 357 -2.65 -14.59 21.38
CA LEU E 357 -3.87 -14.28 22.11
C LEU E 357 -4.78 -15.51 22.14
N SER E 358 -5.57 -15.63 23.20
CA SER E 358 -6.49 -16.74 23.34
C SER E 358 -7.70 -16.30 24.16
N TRP E 359 -8.88 -16.69 23.72
CA TRP E 359 -10.11 -16.36 24.42
C TRP E 359 -11.17 -17.41 24.09
N HIS E 360 -12.23 -17.41 24.89
CA HIS E 360 -13.31 -18.38 24.77
C HIS E 360 -14.63 -17.65 24.54
N ASP E 361 -15.34 -18.03 23.50
CA ASP E 361 -16.62 -17.42 23.15
C ASP E 361 -17.56 -18.45 22.54
N PRO E 362 -18.62 -18.83 23.25
CA PRO E 362 -19.53 -19.85 22.69
C PRO E 362 -20.26 -19.42 21.43
N LYS E 363 -20.38 -18.12 21.17
CA LYS E 363 -21.07 -17.66 19.97
C LYS E 363 -20.32 -18.02 18.70
N LEU E 364 -19.02 -18.34 18.79
CA LEU E 364 -18.25 -18.75 17.63
C LEU E 364 -18.28 -20.26 17.41
N GLY E 365 -18.88 -21.01 18.31
CA GLY E 365 -18.92 -22.45 18.16
C GLY E 365 -19.79 -22.87 16.99
N PHE E 366 -19.51 -24.07 16.48
CA PHE E 366 -20.23 -24.61 15.35
C PHE E 366 -20.38 -26.12 15.52
N SER E 367 -21.24 -26.72 14.70
CA SER E 367 -21.54 -28.14 14.79
C SER E 367 -20.73 -28.89 13.75
N PRO E 368 -20.01 -29.94 14.14
CA PRO E 368 -19.14 -30.66 13.17
C PRO E 368 -19.91 -31.27 12.01
N ASP E 369 -21.16 -31.69 12.21
CA ASP E 369 -21.88 -32.45 11.19
C ASP E 369 -22.20 -31.63 9.95
N GLN E 370 -22.02 -30.31 9.97
CA GLN E 370 -22.18 -29.49 8.77
C GLN E 370 -20.88 -29.24 8.04
N CYS E 371 -19.74 -29.63 8.61
CA CYS E 371 -18.46 -29.52 7.93
C CYS E 371 -17.57 -30.73 8.06
N GLY E 372 -17.85 -31.66 8.97
CA GLY E 372 -17.02 -32.84 9.12
C GLY E 372 -15.58 -32.56 9.52
N CYS E 373 -15.36 -31.53 10.33
CA CYS E 373 -14.01 -31.16 10.74
C CYS E 373 -14.03 -30.76 12.22
N THR E 374 -12.84 -30.70 12.80
CA THR E 374 -12.69 -30.30 14.19
C THR E 374 -12.10 -28.90 14.34
N VAL E 375 -11.42 -28.38 13.32
CA VAL E 375 -10.76 -27.08 13.39
C VAL E 375 -11.19 -26.24 12.18
N LYS E 376 -11.66 -25.03 12.45
CA LYS E 376 -11.95 -24.04 11.43
C LYS E 376 -11.01 -22.85 11.60
N SER E 377 -10.38 -22.45 10.50
CA SER E 377 -9.29 -21.48 10.58
C SER E 377 -9.47 -20.37 9.57
N PHE E 378 -8.95 -19.19 9.92
CA PHE E 378 -8.86 -18.04 9.05
C PHE E 378 -7.40 -17.62 8.95
N GLU E 379 -6.93 -17.33 7.74
CA GLU E 379 -5.52 -17.11 7.49
C GLU E 379 -5.29 -15.79 6.77
N ASP E 380 -4.14 -15.18 7.05
CA ASP E 380 -3.67 -13.98 6.36
C ASP E 380 -4.66 -12.82 6.46
N ALA E 381 -5.32 -12.68 7.61
CA ALA E 381 -6.27 -11.60 7.81
C ALA E 381 -6.14 -11.08 9.24
N SER E 382 -6.41 -9.79 9.41
CA SER E 382 -6.42 -9.20 10.74
C SER E 382 -7.69 -9.57 11.49
N ILE E 383 -7.68 -9.32 12.80
CA ILE E 383 -8.85 -9.61 13.61
C ILE E 383 -10.03 -8.73 13.21
N ARG E 384 -9.77 -7.48 12.84
CA ARG E 384 -10.84 -6.59 12.42
C ARG E 384 -11.52 -7.10 11.16
N ALA E 385 -10.73 -7.57 10.19
CA ALA E 385 -11.29 -8.08 8.95
C ALA E 385 -12.18 -9.31 9.19
N VAL E 386 -11.71 -10.23 10.03
CA VAL E 386 -12.51 -11.42 10.32
C VAL E 386 -13.78 -11.04 11.07
N ALA E 387 -13.67 -10.10 12.01
CA ALA E 387 -14.85 -9.65 12.75
C ALA E 387 -15.87 -9.01 11.82
N GLY E 388 -15.41 -8.21 10.86
CA GLY E 388 -16.32 -7.63 9.89
C GLY E 388 -16.90 -8.65 8.94
N GLU E 389 -16.17 -9.72 8.66
CA GLU E 389 -16.68 -10.77 7.78
C GLU E 389 -17.75 -11.62 8.46
N ILE E 390 -17.54 -11.99 9.72
CA ILE E 390 -18.46 -12.88 10.41
C ILE E 390 -19.46 -12.15 11.28
N ASN E 391 -19.41 -10.82 11.30
CA ASN E 391 -20.39 -9.99 12.02
C ASN E 391 -20.48 -10.36 13.50
N LEU E 392 -19.32 -10.59 14.13
CA LEU E 392 -19.26 -10.84 15.56
C LEU E 392 -18.15 -10.02 16.19
N PRO E 393 -18.32 -9.61 17.45
CA PRO E 393 -17.26 -8.82 18.10
C PRO E 393 -16.07 -9.69 18.47
N LEU E 394 -14.89 -9.21 18.13
CA LEU E 394 -13.64 -9.90 18.40
C LEU E 394 -12.66 -8.93 19.04
N PRO E 395 -11.71 -9.43 19.83
CA PRO E 395 -10.75 -8.54 20.54
C PRO E 395 -9.60 -8.05 19.68
N SER E 396 -9.87 -6.98 18.92
CA SER E 396 -8.84 -6.35 18.11
C SER E 396 -7.85 -5.59 18.98
N PHE E 397 -6.65 -5.37 18.44
CA PHE E 397 -5.57 -4.74 19.19
C PHE E 397 -4.73 -3.89 18.24
N SER E 398 -3.81 -3.13 18.82
CA SER E 398 -2.87 -2.33 18.05
C SER E 398 -1.64 -2.04 18.91
N PHE E 399 -0.55 -1.67 18.24
CA PHE E 399 0.64 -1.20 18.93
C PHE E 399 0.53 0.30 19.15
N TYR E 400 0.72 0.74 20.39
CA TYR E 400 0.43 2.12 20.74
C TYR E 400 1.39 3.10 20.07
N ASN E 401 2.68 2.77 20.03
CA ASN E 401 3.69 3.66 19.47
C ASN E 401 4.22 3.17 18.13
N GLN E 402 3.37 2.54 17.32
CA GLN E 402 3.81 2.01 16.03
C GLN E 402 4.10 3.14 15.06
N GLN E 403 5.23 3.04 14.36
CA GLN E 403 5.64 4.01 13.36
C GLN E 403 5.62 3.33 12.00
N GLY E 404 4.72 3.79 11.12
CA GLY E 404 4.58 3.18 9.81
C GLY E 404 3.84 1.85 9.86
N ASN E 405 3.94 1.13 8.74
CA ASN E 405 3.26 -0.15 8.63
C ASN E 405 4.04 -1.25 9.37
N ARG E 406 3.34 -2.33 9.67
CA ARG E 406 3.89 -3.47 10.38
C ARG E 406 3.91 -4.69 9.48
N TRP E 407 5.03 -5.40 9.48
CA TRP E 407 5.19 -6.63 8.71
C TRP E 407 4.79 -7.82 9.57
N SER E 408 3.94 -8.69 9.01
CA SER E 408 3.39 -9.82 9.75
C SER E 408 3.58 -11.11 8.97
N GLN E 409 3.83 -12.20 9.69
CA GLN E 409 3.99 -13.52 9.10
C GLN E 409 3.22 -14.54 9.92
N ASN E 410 2.76 -15.60 9.25
CA ASN E 410 2.08 -16.72 9.89
C ASN E 410 0.86 -16.25 10.70
N GLN E 411 0.14 -15.27 10.16
CA GLN E 411 -1.04 -14.74 10.83
C GLN E 411 -2.22 -15.68 10.60
N VAL E 412 -2.77 -16.23 11.68
CA VAL E 412 -3.82 -17.24 11.56
C VAL E 412 -4.73 -17.16 12.79
N ILE E 413 -6.02 -17.35 12.56
CA ILE E 413 -7.02 -17.48 13.62
C ILE E 413 -7.75 -18.80 13.40
N PHE E 414 -7.83 -19.62 14.45
CA PHE E 414 -8.51 -20.90 14.35
C PHE E 414 -9.38 -21.12 15.58
N VAL E 415 -10.52 -21.79 15.37
CA VAL E 415 -11.55 -21.94 16.38
C VAL E 415 -11.91 -23.42 16.50
N THR E 416 -12.30 -23.83 17.71
CA THR E 416 -12.79 -25.16 18.03
C THR E 416 -14.30 -25.15 18.17
N PRO E 417 -14.97 -26.30 18.00
CA PRO E 417 -16.44 -26.31 18.11
C PRO E 417 -16.97 -25.85 19.45
N ASP E 418 -16.22 -26.04 20.53
CA ASP E 418 -16.65 -25.52 21.83
C ASP E 418 -16.65 -24.00 21.88
N GLY E 419 -15.95 -23.34 20.96
CA GLY E 419 -15.86 -21.90 20.93
C GLY E 419 -14.53 -21.32 21.35
N ARG E 420 -13.51 -22.16 21.59
CA ARG E 420 -12.20 -21.67 22.00
C ARG E 420 -11.41 -21.24 20.76
N ALA E 421 -10.98 -19.97 20.75
CA ALA E 421 -10.26 -19.40 19.64
C ALA E 421 -8.94 -18.81 20.12
N SER E 422 -7.97 -18.74 19.20
CA SER E 422 -6.67 -18.19 19.52
C SER E 422 -6.07 -17.52 18.29
N TYR E 423 -5.17 -16.57 18.54
CA TYR E 423 -4.55 -15.77 17.48
C TYR E 423 -3.03 -15.90 17.58
N PHE E 424 -2.38 -15.91 16.42
CA PHE E 424 -0.93 -16.05 16.36
C PHE E 424 -0.39 -15.11 15.27
N GLU E 425 0.75 -14.50 15.54
CA GLU E 425 1.37 -13.58 14.59
C GLU E 425 2.85 -13.44 14.89
N ARG E 426 3.66 -13.38 13.84
CA ARG E 426 5.07 -13.05 13.92
C ARG E 426 5.28 -11.70 13.25
N PHE E 427 5.87 -10.76 13.98
CA PHE E 427 5.87 -9.36 13.57
C PHE E 427 7.27 -8.77 13.59
N THR E 428 7.46 -7.75 12.76
CA THR E 428 8.63 -6.87 12.80
C THR E 428 8.11 -5.43 12.77
N VAL E 429 8.37 -4.67 13.82
CA VAL E 429 7.75 -3.37 14.00
C VAL E 429 8.78 -2.36 14.50
N THR E 430 8.52 -1.09 14.22
CA THR E 430 9.32 0.03 14.70
C THR E 430 8.47 0.87 15.64
N LEU E 431 9.01 1.16 16.82
CA LEU E 431 8.26 1.84 17.88
C LEU E 431 8.97 3.12 18.30
N GLN E 432 8.17 4.17 18.49
CA GLN E 432 8.70 5.44 18.97
C GLN E 432 9.04 5.36 20.45
N ALA E 433 10.12 6.03 20.84
CA ALA E 433 10.61 6.02 22.22
C ALA E 433 10.96 7.44 22.63
N PRO E 434 9.96 8.25 22.99
CA PRO E 434 10.22 9.64 23.39
C PRO E 434 10.97 9.77 24.71
N ASP E 435 11.08 8.71 25.51
CA ASP E 435 11.70 8.79 26.82
C ASP E 435 13.20 8.59 26.79
N PHE E 436 13.81 8.45 25.61
CA PHE E 436 15.24 8.25 25.52
C PHE E 436 16.01 9.44 26.10
N ASP E 437 17.12 9.14 26.77
CA ASP E 437 17.97 10.16 27.37
C ASP E 437 19.42 9.71 27.22
N PHE E 438 20.17 10.41 26.36
CA PHE E 438 21.56 10.07 26.09
C PHE E 438 22.53 11.06 26.72
N LEU E 439 22.15 11.67 27.84
CA LEU E 439 23.03 12.64 28.49
C LEU E 439 24.29 11.98 29.03
N ALA E 440 24.15 10.78 29.59
CA ALA E 440 25.27 10.06 30.18
C ALA E 440 25.97 9.13 29.19
N TYR E 441 25.89 9.42 27.90
CA TYR E 441 26.53 8.59 26.89
C TYR E 441 28.05 8.58 27.12
N PRO E 442 28.72 7.43 26.97
CA PRO E 442 28.16 6.12 26.60
C PRO E 442 27.74 5.26 27.79
N PHE E 443 27.73 5.82 29.00
CA PHE E 443 27.36 5.10 30.20
C PHE E 443 25.85 5.16 30.48
N ASP E 444 25.05 5.48 29.47
CA ASP E 444 23.61 5.62 29.65
C ASP E 444 22.92 4.26 29.70
N ARG E 445 21.75 4.24 30.35
CA ARG E 445 20.90 3.06 30.41
C ARG E 445 19.52 3.46 29.91
N GLN E 446 18.91 2.59 29.11
CA GLN E 446 17.65 2.89 28.43
C GLN E 446 16.62 1.82 28.76
N LYS E 447 15.36 2.17 28.51
CA LYS E 447 14.23 1.26 28.69
C LYS E 447 13.50 1.10 27.36
N PHE E 448 13.31 -0.15 26.94
CA PHE E 448 12.54 -0.47 25.74
C PHE E 448 11.17 -0.98 26.19
N SER E 449 10.13 -0.19 25.90
CA SER E 449 8.77 -0.51 26.32
C SER E 449 7.93 -0.86 25.10
N ILE E 450 7.21 -1.97 25.18
CA ILE E 450 6.31 -2.43 24.13
C ILE E 450 4.91 -2.47 24.71
N LYS E 451 4.00 -1.70 24.12
CA LYS E 451 2.64 -1.55 24.63
C LYS E 451 1.64 -2.13 23.62
N VAL E 452 0.74 -2.98 24.12
CA VAL E 452 -0.33 -3.55 23.31
C VAL E 452 -1.65 -3.16 23.96
N ASP E 453 -2.50 -2.47 23.22
CA ASP E 453 -3.76 -1.95 23.73
C ASP E 453 -4.92 -2.58 22.97
N LEU E 454 -5.93 -3.04 23.71
CA LEU E 454 -7.15 -3.53 23.08
C LEU E 454 -7.97 -2.36 22.53
N ALA E 455 -8.55 -2.56 21.36
CA ALA E 455 -9.37 -1.54 20.71
C ALA E 455 -10.85 -1.66 21.05
N VAL E 456 -11.17 -2.25 22.20
CA VAL E 456 -12.57 -2.41 22.63
C VAL E 456 -12.67 -1.99 24.09
N PRO E 457 -13.86 -1.56 24.52
CA PRO E 457 -14.04 -1.19 25.92
C PRO E 457 -13.86 -2.38 26.84
N THR E 458 -13.47 -2.09 28.09
CA THR E 458 -13.19 -3.14 29.06
C THR E 458 -14.43 -3.95 29.43
N ASN E 459 -15.63 -3.42 29.19
CA ASN E 459 -16.84 -4.18 29.47
C ASN E 459 -17.13 -5.25 28.42
N MET E 460 -16.39 -5.28 27.32
CA MET E 460 -16.51 -6.33 26.32
C MET E 460 -15.40 -7.36 26.44
N PHE E 461 -14.14 -6.93 26.39
CA PHE E 461 -13.00 -7.81 26.54
C PHE E 461 -12.00 -7.17 27.50
N ILE E 462 -11.26 -8.02 28.20
CA ILE E 462 -10.26 -7.55 29.16
C ILE E 462 -9.17 -8.61 29.29
N PHE E 463 -7.92 -8.15 29.39
CA PHE E 463 -6.81 -9.06 29.66
C PHE E 463 -6.93 -9.60 31.08
N ASN E 464 -6.69 -10.90 31.25
CA ASN E 464 -6.89 -11.53 32.55
C ASN E 464 -5.64 -12.24 33.04
N GLU E 465 -4.92 -12.91 32.14
CA GLU E 465 -3.76 -13.70 32.52
C GLU E 465 -2.63 -13.47 31.53
N ILE E 466 -1.41 -13.77 31.97
CA ILE E 466 -0.21 -13.66 31.15
C ILE E 466 0.34 -15.07 30.93
N GLU E 467 0.60 -15.41 29.68
CA GLU E 467 1.09 -16.72 29.30
C GLU E 467 2.55 -16.62 28.86
N ARG E 468 3.40 -17.49 29.41
CA ARG E 468 4.81 -17.55 29.02
C ARG E 468 5.01 -18.81 28.16
N PHE E 469 4.70 -18.67 26.86
CA PHE E 469 4.87 -19.78 25.94
C PHE E 469 6.32 -20.01 25.55
N GLN E 470 7.15 -18.97 25.55
CA GLN E 470 8.58 -19.08 25.28
C GLN E 470 9.30 -18.12 26.21
N GLN E 471 10.63 -18.13 26.13
CA GLN E 471 11.41 -17.15 26.87
C GLN E 471 11.10 -15.75 26.35
N VAL E 472 10.91 -14.81 27.27
CA VAL E 472 10.56 -13.44 26.88
C VAL E 472 11.69 -12.81 26.07
N VAL E 473 12.93 -13.00 26.51
CA VAL E 473 14.11 -12.54 25.78
C VAL E 473 14.87 -13.76 25.31
N GLY E 474 15.07 -13.86 23.99
CA GLY E 474 15.71 -15.02 23.40
C GLY E 474 17.21 -14.83 23.24
N ASP E 475 17.94 -15.93 23.35
CA ASP E 475 19.39 -15.92 23.18
C ASP E 475 19.75 -16.19 21.73
N GLN E 476 20.76 -15.47 21.24
CA GLN E 476 21.23 -15.61 19.87
C GLN E 476 22.74 -15.72 19.85
N LEU E 477 23.26 -16.39 18.83
CA LEU E 477 24.70 -16.57 18.70
C LEU E 477 25.40 -15.25 18.42
N GLY E 478 26.61 -15.11 18.96
CA GLY E 478 27.38 -13.89 18.78
C GLY E 478 27.06 -12.85 19.83
N GLU E 479 27.83 -11.77 19.78
CA GLU E 479 27.66 -10.66 20.71
C GLU E 479 26.62 -9.67 20.19
N GLU E 480 26.14 -8.83 21.10
CA GLU E 480 25.13 -7.84 20.78
C GLU E 480 25.59 -6.47 21.23
N GLU E 481 25.10 -5.44 20.53
CA GLU E 481 25.41 -4.06 20.93
C GLU E 481 24.71 -3.69 22.23
N TRP E 482 23.49 -4.18 22.42
CA TRP E 482 22.69 -3.90 23.62
C TRP E 482 22.53 -5.18 24.41
N VAL E 483 22.74 -5.09 25.73
CA VAL E 483 22.65 -6.23 26.64
C VAL E 483 21.46 -6.02 27.56
N VAL E 484 20.57 -7.01 27.60
CA VAL E 484 19.38 -6.93 28.44
C VAL E 484 19.73 -7.38 29.85
N THR E 485 19.43 -6.52 30.84
CA THR E 485 19.71 -6.84 32.23
C THR E 485 18.52 -7.49 32.93
N SER E 486 17.31 -7.02 32.64
CA SER E 486 16.11 -7.58 33.26
C SER E 486 14.91 -7.20 32.39
N TYR E 487 13.77 -7.82 32.70
CA TYR E 487 12.53 -7.57 31.98
C TYR E 487 11.35 -7.75 32.91
N SER E 488 10.21 -7.21 32.51
CA SER E 488 8.99 -7.35 33.29
C SER E 488 7.79 -7.25 32.35
N GLN E 489 6.67 -7.80 32.80
CA GLN E 489 5.41 -7.75 32.08
C GLN E 489 4.28 -7.42 33.05
N GLU E 490 3.34 -6.60 32.60
CA GLU E 490 2.29 -6.11 33.48
C GLU E 490 1.04 -5.80 32.67
N ILE E 491 -0.12 -5.91 33.32
CA ILE E 491 -1.41 -5.57 32.74
C ILE E 491 -2.00 -4.42 33.53
N THR E 492 -2.41 -3.37 32.83
CA THR E 492 -2.96 -2.17 33.46
C THR E 492 -4.18 -1.71 32.69
N GLU E 493 -4.75 -0.59 33.12
CA GLU E 493 -5.92 0.02 32.49
C GLU E 493 -5.63 1.47 32.19
N VAL E 494 -6.03 1.94 31.01
CA VAL E 494 -5.75 3.29 30.55
C VAL E 494 -7.03 3.93 30.05
N PRO E 495 -7.17 5.26 30.12
CA PRO E 495 -8.38 5.91 29.62
C PRO E 495 -8.58 5.67 28.14
N PHE E 496 -9.85 5.55 27.75
CA PHE E 496 -10.22 5.21 26.38
C PHE E 496 -11.14 6.29 25.81
N GLU E 497 -11.10 6.44 24.49
CA GLU E 497 -11.96 7.40 23.83
C GLU E 497 -13.43 7.02 24.02
N ARG E 498 -14.30 8.03 24.05
CA ARG E 498 -15.71 7.85 24.39
C ARG E 498 -15.84 7.18 25.76
N GLY E 499 -15.06 7.68 26.72
CA GLY E 499 -15.15 7.22 28.09
C GLY E 499 -14.68 5.77 28.23
N SER E 500 -15.16 5.16 29.32
CA SER E 500 -14.88 3.76 29.66
C SER E 500 -13.37 3.57 29.82
N THR E 501 -12.88 2.36 29.55
CA THR E 501 -11.48 2.02 29.76
C THR E 501 -11.13 0.87 28.83
N ASN E 502 -9.85 0.79 28.46
CA ASN E 502 -9.34 -0.30 27.64
C ASN E 502 -8.11 -0.91 28.31
N SER E 503 -7.90 -2.19 28.04
CA SER E 503 -6.79 -2.92 28.66
C SER E 503 -5.49 -2.65 27.92
N ARG E 504 -4.38 -2.74 28.65
CA ARG E 504 -3.05 -2.53 28.11
C ARG E 504 -2.10 -3.59 28.66
N PHE E 505 -1.28 -4.16 27.78
CA PHE E 505 -0.26 -5.13 28.14
C PHE E 505 1.10 -4.56 27.77
N THR E 506 1.98 -4.43 28.76
CA THR E 506 3.25 -3.72 28.59
C THR E 506 4.41 -4.67 28.89
N THR E 507 5.41 -4.67 28.01
CA THR E 507 6.66 -5.40 28.22
C THR E 507 7.81 -4.39 28.21
N THR E 508 8.62 -4.43 29.27
CA THR E 508 9.70 -3.46 29.45
C THR E 508 11.03 -4.19 29.51
N LEU E 509 12.02 -3.71 28.75
CA LEU E 509 13.36 -4.27 28.73
C LEU E 509 14.34 -3.21 29.20
N LEU E 510 15.24 -3.59 30.11
CA LEU E 510 16.33 -2.73 30.56
C LEU E 510 17.60 -3.13 29.84
N VAL E 511 18.24 -2.17 29.18
CA VAL E 511 19.38 -2.45 28.32
C VAL E 511 20.54 -1.50 28.67
N LYS E 512 21.74 -1.93 28.30
CA LYS E 512 22.94 -1.11 28.45
C LYS E 512 23.89 -1.42 27.31
N ARG E 513 24.89 -0.56 27.15
CA ARG E 513 25.86 -0.69 26.08
C ARG E 513 27.01 -1.61 26.50
N ASN E 514 27.89 -1.89 25.54
CA ASN E 514 29.09 -2.68 25.79
C ASN E 514 30.22 -1.75 26.23
N LEU E 515 30.60 -1.83 27.50
CA LEU E 515 31.52 -0.86 28.07
C LEU E 515 32.97 -1.10 27.63
N GLU E 516 33.37 -2.36 27.49
CA GLU E 516 34.75 -2.66 27.12
C GLU E 516 35.10 -2.08 25.76
N TYR E 517 34.15 -2.13 24.82
CA TYR E 517 34.36 -1.55 23.50
C TYR E 517 34.78 -0.09 23.59
N TYR E 518 33.94 0.74 24.21
CA TYR E 518 34.24 2.16 24.32
C TYR E 518 35.53 2.39 25.11
N ILE E 519 35.69 1.71 26.24
CA ILE E 519 36.87 1.91 27.08
C ILE E 519 38.13 1.66 26.28
N LEU E 520 38.30 0.43 25.78
CA LEU E 520 39.53 0.07 25.09
C LEU E 520 39.72 0.85 23.80
N ARG E 521 38.64 1.24 23.12
CA ARG E 521 38.80 1.89 21.83
C ARG E 521 39.09 3.38 21.95
N ILE E 522 38.66 4.03 23.03
CA ILE E 522 38.75 5.48 23.16
C ILE E 522 39.68 5.90 24.28
N PHE E 523 39.45 5.41 25.50
CA PHE E 523 40.02 6.08 26.67
C PHE E 523 41.51 5.80 26.83
N VAL E 524 41.96 4.57 26.55
CA VAL E 524 43.39 4.25 26.70
C VAL E 524 44.25 5.07 25.73
N PRO E 525 43.95 5.14 24.43
CA PRO E 525 44.76 6.01 23.56
C PRO E 525 44.74 7.48 23.98
N LEU E 526 43.59 7.98 24.44
CA LEU E 526 43.52 9.35 24.91
C LEU E 526 44.41 9.56 26.12
N PHE E 527 44.41 8.60 27.05
CA PHE E 527 45.29 8.67 28.20
C PHE E 527 46.75 8.67 27.77
N LEU E 528 47.10 7.85 26.78
CA LEU E 528 48.49 7.82 26.32
C LEU E 528 48.90 9.14 25.67
N ILE E 529 48.00 9.75 24.90
CA ILE E 529 48.31 11.05 24.29
C ILE E 529 48.49 12.11 25.36
N ILE E 530 47.62 12.11 26.37
CA ILE E 530 47.76 13.07 27.48
C ILE E 530 49.08 12.85 28.21
N SER E 531 49.46 11.58 28.40
CA SER E 531 50.73 11.29 29.06
C SER E 531 51.91 11.78 28.24
N VAL E 532 51.84 11.64 26.91
CA VAL E 532 52.90 12.15 26.05
C VAL E 532 53.01 13.66 26.19
N SER E 533 51.87 14.35 26.21
CA SER E 533 51.90 15.80 26.42
C SER E 533 52.43 16.19 27.79
N TRP E 534 52.20 15.36 28.81
CA TRP E 534 52.65 15.67 30.16
C TRP E 534 54.14 15.42 30.35
N VAL E 535 54.68 14.37 29.72
CA VAL E 535 56.04 13.93 30.01
C VAL E 535 57.10 14.88 29.51
N ILE E 536 56.80 15.72 28.52
CA ILE E 536 57.82 16.54 27.87
C ILE E 536 58.37 17.64 28.77
N PHE E 537 57.77 17.88 29.94
CA PHE E 537 58.23 18.96 30.80
C PHE E 537 59.48 18.59 31.60
N PHE E 538 59.92 17.33 31.56
CA PHE E 538 61.18 16.99 32.19
C PHE E 538 62.38 17.48 31.39
N LEU E 539 62.21 17.72 30.10
CA LEU E 539 63.31 18.20 29.27
C LEU E 539 63.68 19.63 29.64
N LYS E 540 64.98 19.93 29.54
CA LYS E 540 65.48 21.28 29.75
C LYS E 540 65.85 21.97 28.44
N ASP E 541 65.70 21.31 27.31
CA ASP E 541 65.84 21.94 25.99
C ASP E 541 64.43 22.28 25.52
N TYR E 542 64.09 23.57 25.57
CA TYR E 542 62.70 23.99 25.37
C TYR E 542 62.29 23.99 23.91
N GLY E 543 63.24 24.05 22.98
CA GLY E 543 62.90 23.91 21.57
C GLY E 543 62.33 22.54 21.25
N ARG E 544 62.96 21.49 21.76
CA ARG E 544 62.44 20.13 21.58
C ARG E 544 61.07 19.99 22.24
N GLN E 545 60.89 20.56 23.42
CA GLN E 545 59.60 20.51 24.09
C GLN E 545 58.52 21.18 23.26
N LEU E 546 58.81 22.37 22.71
CA LEU E 546 57.85 23.07 21.88
C LEU E 546 57.51 22.26 20.63
N GLU E 547 58.53 21.68 19.98
CA GLU E 547 58.28 20.90 18.78
C GLU E 547 57.42 19.67 19.07
N VAL E 548 57.71 18.97 20.17
CA VAL E 548 56.94 17.77 20.50
C VAL E 548 55.52 18.14 20.89
N ALA E 549 55.33 19.27 21.59
CA ALA E 549 53.98 19.71 21.92
C ALA E 549 53.19 20.06 20.67
N SER E 550 53.83 20.75 19.71
CA SER E 550 53.15 21.10 18.47
C SER E 550 52.76 19.84 17.69
N GLY E 551 53.64 18.84 17.67
CA GLY E 551 53.29 17.59 17.00
C GLY E 551 52.19 16.84 17.73
N ASN E 552 52.22 16.84 19.06
CA ASN E 552 51.23 16.09 19.83
C ASN E 552 49.85 16.70 19.73
N LEU E 553 49.75 18.03 19.57
CA LEU E 553 48.44 18.63 19.34
C LEU E 553 47.82 18.11 18.04
N LEU E 554 48.62 18.04 16.97
CA LEU E 554 48.13 17.52 15.71
C LEU E 554 47.77 16.04 15.84
N VAL E 555 48.57 15.28 16.59
CA VAL E 555 48.25 13.87 16.83
C VAL E 555 46.90 13.75 17.55
N PHE E 556 46.67 14.62 18.53
CA PHE E 556 45.39 14.60 19.25
C PHE E 556 44.22 14.90 18.32
N VAL E 557 44.39 15.90 17.44
CA VAL E 557 43.32 16.22 16.50
C VAL E 557 43.07 15.04 15.57
N ALA E 558 44.14 14.40 15.10
CA ALA E 558 44.01 13.26 14.20
C ALA E 558 43.26 12.12 14.88
N PHE E 559 43.60 11.82 16.13
CA PHE E 559 42.89 10.76 16.84
C PHE E 559 41.42 11.13 17.07
N ASN E 560 41.16 12.40 17.39
CA ASN E 560 39.78 12.84 17.62
C ASN E 560 38.93 12.63 16.37
N PHE E 561 39.44 13.06 15.22
CA PHE E 561 38.63 12.87 14.02
C PHE E 561 38.64 11.42 13.54
N THR E 562 39.63 10.62 13.96
CA THR E 562 39.58 9.19 13.65
C THR E 562 38.47 8.50 14.43
N ILE E 563 38.28 8.87 15.69
CA ILE E 563 37.20 8.30 16.50
C ILE E 563 35.89 9.03 16.33
N SER E 564 35.85 10.12 15.56
CA SER E 564 34.62 10.84 15.28
C SER E 564 33.48 9.94 14.81
N GLY E 565 33.78 8.76 14.26
CA GLY E 565 32.73 7.87 13.82
C GLY E 565 31.88 7.34 14.95
N ASP E 566 32.45 7.24 16.15
CA ASP E 566 31.72 6.80 17.34
C ASP E 566 31.21 7.96 18.19
N LEU E 567 31.01 9.13 17.58
CA LEU E 567 30.56 10.34 18.28
C LEU E 567 29.21 10.75 17.72
N PRO E 568 28.12 10.43 18.43
CA PRO E 568 26.79 10.77 17.91
C PRO E 568 26.58 12.27 17.79
N ARG E 569 25.86 12.68 16.75
CA ARG E 569 25.53 14.08 16.53
C ARG E 569 24.06 14.28 16.92
N LEU E 570 23.85 14.68 18.17
CA LEU E 570 22.50 14.81 18.72
C LEU E 570 22.04 16.25 18.86
N GLY E 571 22.93 17.23 18.69
CA GLY E 571 22.60 18.61 18.93
C GLY E 571 22.79 19.07 20.36
N TYR E 572 23.24 18.19 21.25
CA TYR E 572 23.53 18.56 22.62
C TYR E 572 24.72 17.75 23.11
N LEU E 573 25.35 18.24 24.19
CA LEU E 573 26.61 17.69 24.65
C LEU E 573 26.42 16.44 25.49
N THR E 574 27.35 15.50 25.34
CA THR E 574 27.45 14.32 26.18
C THR E 574 28.75 14.40 27.00
N VAL E 575 29.00 13.38 27.80
CA VAL E 575 30.20 13.36 28.64
C VAL E 575 31.45 13.27 27.78
N LEU E 576 31.42 12.43 26.75
CA LEU E 576 32.60 12.23 25.90
C LEU E 576 33.01 13.52 25.21
N ASP E 577 32.03 14.29 24.71
CA ASP E 577 32.34 15.56 24.06
C ASP E 577 33.01 16.53 25.03
N ARG E 578 32.50 16.63 26.25
CA ARG E 578 33.09 17.52 27.24
C ARG E 578 34.52 17.09 27.57
N PHE E 579 34.75 15.79 27.72
CA PHE E 579 36.10 15.31 28.02
C PHE E 579 37.06 15.62 26.89
N MET E 580 36.61 15.43 25.64
CA MET E 580 37.45 15.74 24.49
C MET E 580 37.79 17.23 24.45
N ILE E 581 36.79 18.08 24.71
CA ILE E 581 37.04 19.52 24.70
C ILE E 581 38.05 19.92 25.77
N VAL E 582 37.90 19.39 26.99
CA VAL E 582 38.83 19.73 28.06
C VAL E 582 40.24 19.28 27.71
N SER E 583 40.37 18.05 27.17
CA SER E 583 41.68 17.55 26.81
C SER E 583 42.33 18.40 25.73
N PHE E 584 41.56 18.80 24.71
CA PHE E 584 42.09 19.65 23.65
C PHE E 584 42.55 20.99 24.20
N CYS E 585 41.75 21.59 25.09
CA CYS E 585 42.12 22.88 25.66
C CYS E 585 43.42 22.78 26.45
N LEU E 586 43.56 21.72 27.26
CA LEU E 586 44.79 21.55 28.03
C LEU E 586 45.98 21.31 27.11
N THR E 587 45.78 20.55 26.02
CA THR E 587 46.87 20.31 25.08
C THR E 587 47.33 21.61 24.43
N ALA E 588 46.40 22.50 24.10
CA ALA E 588 46.80 23.80 23.52
C ALA E 588 47.50 24.68 24.55
N ILE E 589 47.02 24.65 25.80
CA ILE E 589 47.69 25.40 26.86
C ILE E 589 49.11 24.91 27.06
N VAL E 590 49.37 23.62 26.84
CA VAL E 590 50.73 23.10 26.93
C VAL E 590 51.63 23.79 25.92
N VAL E 591 51.16 23.95 24.68
CA VAL E 591 51.96 24.63 23.65
C VAL E 591 52.19 26.09 24.03
N LEU E 592 51.15 26.75 24.55
CA LEU E 592 51.31 28.14 24.97
C LEU E 592 52.39 28.28 26.05
N ILE E 593 52.35 27.40 27.05
CA ILE E 593 53.33 27.44 28.13
C ILE E 593 54.72 27.12 27.59
N SER E 594 54.80 26.21 26.61
CA SER E 594 56.09 25.90 25.99
C SER E 594 56.69 27.13 25.30
N VAL E 595 55.86 27.88 24.58
CA VAL E 595 56.34 29.11 23.94
C VAL E 595 56.84 30.10 24.99
N CYS E 596 56.05 30.26 26.07
CA CYS E 596 56.45 31.20 27.12
C CYS E 596 57.79 30.79 27.75
N GLN E 597 57.96 29.49 28.02
CA GLN E 597 59.21 29.01 28.61
C GLN E 597 60.38 29.18 27.65
N LYS E 598 60.15 28.95 26.35
CA LYS E 598 61.20 29.17 25.37
C LYS E 598 61.67 30.62 25.39
N ARG E 599 60.72 31.56 25.43
CA ARG E 599 61.11 32.96 25.50
C ARG E 599 61.85 33.28 26.80
N LEU E 600 61.36 32.77 27.93
CA LEU E 600 62.02 33.03 29.21
C LEU E 600 63.44 32.49 29.22
N GLY E 601 63.65 31.31 28.67
CA GLY E 601 65.00 30.78 28.54
C GLY E 601 65.85 31.60 27.60
N ALA E 602 65.24 32.16 26.55
CA ALA E 602 65.98 33.01 25.63
C ALA E 602 66.49 34.26 26.33
N VAL E 603 65.67 34.86 27.21
CA VAL E 603 66.08 36.08 27.90
C VAL E 603 67.04 35.83 29.04
N GLY E 604 67.24 34.57 29.44
CA GLY E 604 68.16 34.25 30.50
C GLY E 604 67.58 34.09 31.88
N LYS E 605 66.38 33.50 31.99
CA LYS E 605 65.74 33.29 33.28
C LYS E 605 65.35 31.82 33.45
N GLN E 606 66.32 30.92 33.23
CA GLN E 606 66.03 29.49 33.22
C GLN E 606 65.45 28.99 34.54
N ALA E 607 65.77 29.67 35.65
CA ALA E 607 65.21 29.25 36.94
C ALA E 607 63.69 29.35 36.95
N VAL E 608 63.15 30.45 36.41
CA VAL E 608 61.70 30.60 36.33
C VAL E 608 61.09 29.51 35.46
N ALA E 609 61.77 29.17 34.36
CA ALA E 609 61.25 28.11 33.48
C ALA E 609 61.23 26.76 34.19
N ALA E 610 62.28 26.45 34.96
CA ALA E 610 62.30 25.21 35.71
C ALA E 610 61.18 25.18 36.76
N GLN E 611 60.96 26.31 37.43
CA GLN E 611 59.88 26.39 38.42
C GLN E 611 58.52 26.18 37.76
N ILE E 612 58.32 26.76 36.57
CA ILE E 612 57.07 26.56 35.84
C ILE E 612 56.92 25.10 35.44
N ASP E 613 58.01 24.46 35.04
CA ASP E 613 57.96 23.03 34.71
C ASP E 613 57.50 22.21 35.90
N THR E 614 58.08 22.47 37.07
CA THR E 614 57.67 21.74 38.28
C THR E 614 56.21 21.99 38.60
N TRP E 615 55.76 23.25 38.48
CA TRP E 615 54.37 23.58 38.78
C TRP E 615 53.41 22.84 37.85
N VAL E 616 53.72 22.80 36.54
CA VAL E 616 52.85 22.11 35.59
C VAL E 616 52.82 20.62 35.88
N LEU E 617 53.99 20.03 36.14
CA LEU E 617 54.06 18.60 36.43
C LEU E 617 53.23 18.25 37.66
N VAL E 618 53.22 19.14 38.67
CA VAL E 618 52.42 18.88 39.86
C VAL E 618 50.93 19.08 39.56
N ILE E 619 50.58 20.09 38.76
CA ILE E 619 49.20 20.54 38.69
C ILE E 619 48.36 19.69 37.73
N TYR E 620 48.87 19.44 36.53
CA TYR E 620 48.03 18.75 35.50
C TYR E 620 47.23 17.49 35.89
N PRO E 621 47.88 16.46 36.47
CA PRO E 621 47.06 15.30 36.87
C PRO E 621 46.02 15.63 37.92
N LEU E 622 46.31 16.58 38.82
CA LEU E 622 45.31 17.00 39.80
C LEU E 622 44.10 17.62 39.11
N VAL E 623 44.34 18.45 38.09
CA VAL E 623 43.23 19.06 37.35
C VAL E 623 42.40 17.98 36.66
N TYR E 624 43.07 17.00 36.03
CA TYR E 624 42.31 15.93 35.37
C TYR E 624 41.47 15.14 36.37
N SER E 625 42.05 14.81 37.52
CA SER E 625 41.31 14.05 38.53
C SER E 625 40.13 14.84 39.07
N LEU E 626 40.33 16.14 39.32
CA LEU E 626 39.24 16.97 39.81
C LEU E 626 38.11 17.06 38.78
N TYR E 627 38.46 17.18 37.49
CA TYR E 627 37.43 17.20 36.46
C TYR E 627 36.66 15.89 36.43
N ILE E 628 37.35 14.76 36.55
CA ILE E 628 36.67 13.47 36.54
C ILE E 628 35.72 13.36 37.73
N ILE E 629 36.19 13.79 38.92
CA ILE E 629 35.35 13.74 40.11
C ILE E 629 34.12 14.63 39.94
N TRP E 630 34.31 15.83 39.39
CA TRP E 630 33.18 16.72 39.17
C TRP E 630 32.17 16.13 38.21
N VAL E 631 32.64 15.52 37.12
CA VAL E 631 31.73 14.91 36.15
C VAL E 631 30.94 13.78 36.79
N TYR E 632 31.63 12.94 37.58
CA TYR E 632 30.93 11.86 38.27
C TYR E 632 29.88 12.39 39.22
N LEU E 633 30.21 13.45 39.96
CA LEU E 633 29.26 14.03 40.91
C LEU E 633 28.05 14.62 40.18
N ARG E 634 28.27 15.30 39.06
CA ARG E 634 27.20 16.03 38.40
C ARG E 634 26.39 15.20 37.42
N PHE E 635 26.84 14.00 37.06
CA PHE E 635 26.11 13.18 36.10
C PHE E 635 25.72 11.79 36.57
N PHE E 636 26.28 11.30 37.69
CA PHE E 636 26.03 9.93 38.12
C PHE E 636 25.60 9.84 39.58
N THR E 637 25.24 10.96 40.20
CA THR E 637 24.74 10.94 41.58
C THR E 637 24.03 12.25 41.91
C1 OCT F . 28.05 28.56 27.26
C2 OCT F . 26.71 28.65 28.01
C3 OCT F . 25.66 29.44 27.23
C4 OCT F . 24.34 28.69 27.31
C5 OCT F . 23.57 28.83 25.99
C6 OCT F . 22.30 27.98 25.99
C7 OCT F . 22.62 26.61 26.57
C8 OCT F . 21.95 25.56 25.68
C1 OCT G . 33.31 32.63 23.38
C2 OCT G . 34.35 31.65 22.85
C3 OCT G . 35.72 32.31 22.75
C4 OCT G . 36.43 32.34 24.11
C5 OCT G . 37.19 31.05 24.40
C6 OCT G . 38.01 31.21 25.68
C7 OCT G . 38.74 29.91 26.00
C8 OCT G . 39.25 29.83 27.44
C1 D10 H . 30.92 33.69 14.57
C2 D10 H . 31.28 35.13 14.20
C3 D10 H . 30.96 36.06 15.37
C4 D10 H . 29.44 36.29 15.50
C5 D10 H . 29.19 37.48 16.44
C6 D10 H . 27.72 37.90 16.55
C7 D10 H . 26.79 36.78 17.04
C8 D10 H . 25.59 37.40 17.78
C9 D10 H . 24.84 36.46 18.72
C10 D10 H . 23.34 36.77 18.75
C1 D10 I . 40.52 40.81 21.89
C2 D10 I . 40.83 39.90 20.70
C3 D10 I . 39.77 38.80 20.56
C4 D10 I . 40.09 37.81 19.44
C5 D10 I . 39.10 36.65 19.53
C6 D10 I . 39.23 35.83 18.24
C7 D10 I . 37.96 35.09 17.79
C8 D10 I . 37.43 34.04 18.78
C9 D10 I . 36.11 33.53 18.20
C10 D10 I . 35.56 32.33 18.97
C01 C14 J . 52.85 44.71 22.63
C02 C14 J . 51.85 44.07 23.58
C03 C14 J . 50.41 44.18 23.07
C04 C14 J . 49.46 43.41 23.99
C05 C14 J . 47.98 43.50 23.59
C06 C14 J . 47.18 42.48 24.42
C07 C14 J . 45.76 42.25 23.87
C08 C14 J . 45.19 40.89 24.29
C09 C14 J . 45.48 39.82 23.24
C10 C14 J . 45.11 38.43 23.75
C11 C14 J . 45.37 37.35 22.70
C12 C14 J . 44.16 37.16 21.79
C13 C14 J . 44.49 36.38 20.53
C14 C14 J . 44.75 37.36 19.39
C1 D10 K . 45.58 34.01 25.43
C2 D10 K . 46.91 33.47 25.95
C3 D10 K . 47.81 34.61 26.41
C4 D10 K . 49.22 34.10 26.75
C5 D10 K . 50.21 35.27 26.91
C6 D10 K . 51.68 34.82 27.04
C7 D10 K . 52.64 35.89 27.59
C8 D10 K . 54.06 35.57 27.07
C9 D10 K . 55.02 36.77 26.95
C10 D10 K . 56.48 36.33 27.17
C1 OCT L . 42.10 39.29 5.96
C2 OCT L . 41.76 38.37 4.79
C3 OCT L . 40.24 38.16 4.73
C4 OCT L . 39.94 37.23 3.55
C5 OCT L . 38.49 36.74 3.42
C6 OCT L . 37.40 37.80 3.61
C7 OCT L . 36.05 37.11 3.76
C8 OCT L . 34.95 38.15 3.99
C1 OCT M . 32.78 37.73 -4.27
C2 OCT M . 31.51 38.49 -4.66
C3 OCT M . 30.98 38.09 -6.04
C4 OCT M . 29.47 37.92 -5.95
C5 OCT M . 29.02 36.77 -6.85
C6 OCT M . 27.53 36.49 -6.70
C7 OCT M . 27.18 36.49 -5.22
C8 OCT M . 26.28 35.30 -4.94
C1 OCT N . 39.72 35.53 -6.78
C2 OCT N . 40.34 34.63 -5.70
C3 OCT N . 41.87 34.76 -5.70
C4 OCT N . 42.32 36.02 -4.96
C5 OCT N . 42.46 35.78 -3.44
C6 OCT N . 43.08 37.01 -2.78
C7 OCT N . 43.17 36.78 -1.27
C8 OCT N . 43.39 38.07 -0.49
C1 D10 O . 39.21 27.84 -11.77
C2 D10 O . 40.17 28.02 -12.94
C3 D10 O . 40.10 29.46 -13.46
C4 D10 O . 38.81 29.70 -14.24
C5 D10 O . 38.94 31.03 -15.01
C6 D10 O . 37.76 31.33 -15.96
C7 D10 O . 36.39 31.39 -15.25
C8 D10 O . 35.46 32.33 -16.02
C9 D10 O . 34.27 32.87 -15.22
C10 D10 O . 33.04 33.05 -16.12
C1 D10 P . 49.76 37.03 -11.04
C2 D10 P . 49.83 35.58 -10.56
C3 D10 P . 48.45 35.07 -10.14
C4 D10 P . 48.50 33.65 -9.57
C5 D10 P . 47.12 33.32 -9.00
C6 D10 P . 47.09 31.82 -8.72
C7 D10 P . 45.70 31.16 -8.80
C8 D10 P . 44.66 31.69 -7.80
C9 D10 P . 43.34 30.98 -8.15
C10 D10 P . 42.25 31.26 -7.12
C01 C14 Q . 62.38 38.87 -8.76
C02 C14 Q . 61.07 39.54 -8.31
C03 C14 Q . 59.90 39.14 -9.21
C04 C14 Q . 58.60 39.73 -8.65
C05 C14 Q . 57.35 39.43 -9.49
C06 C14 Q . 56.10 39.84 -8.70
C07 C14 Q . 54.81 39.28 -9.31
C08 C14 Q . 53.68 39.17 -8.27
C09 C14 Q . 53.66 37.78 -7.63
C10 C14 Q . 52.69 37.75 -6.44
C11 C14 Q . 52.63 36.36 -5.79
C12 C14 Q . 51.59 35.48 -6.48
C13 C14 Q . 51.75 34.00 -6.12
C14 C14 Q . 52.52 33.31 -7.23
C1 D10 R . 51.08 37.62 -1.96
C2 D10 R . 52.00 37.87 -0.77
C3 D10 R . 53.22 38.71 -1.17
C4 D10 R . 54.23 38.78 -0.02
C5 D10 R . 55.57 39.35 -0.52
C6 D10 R . 56.70 39.27 0.53
C7 D10 R . 57.93 40.16 0.25
C8 D10 R . 59.16 39.51 0.93
C9 D10 R . 60.52 39.83 0.30
C10 D10 R . 61.63 39.82 1.37
C1 OCT S . 52.76 21.68 -14.68
C2 OCT S . 52.24 20.25 -14.46
C3 OCT S . 50.79 20.15 -14.95
C4 OCT S . 50.31 18.73 -14.71
C5 OCT S . 48.82 18.45 -14.97
C6 OCT S . 48.23 19.05 -16.25
C7 OCT S . 46.71 18.97 -16.20
C8 OCT S . 46.11 19.59 -17.46
C1 OCT T . 45.12 11.81 -20.88
C2 OCT T . 44.34 11.76 -22.19
C3 OCT T . 43.90 10.34 -22.55
C4 OCT T . 42.45 10.39 -23.02
C5 OCT T . 41.69 9.14 -22.56
C6 OCT T . 40.21 9.22 -22.92
C7 OCT T . 39.70 10.61 -22.55
C8 OCT T . 38.35 10.44 -21.86
C1 OCT U . 50.86 8.51 -16.93
C2 OCT U . 50.91 9.16 -15.55
C3 OCT U . 52.34 9.16 -15.00
C4 OCT U . 53.15 10.31 -15.60
C5 OCT U . 52.96 11.63 -14.83
C6 OCT U . 53.93 12.69 -15.36
C7 OCT U . 53.71 14.00 -14.62
C8 OCT U . 54.33 15.21 -15.33
C1 D10 V . 47.98 1.03 -12.44
C2 D10 V . 49.08 -0.01 -12.59
C3 D10 V . 49.67 0.05 -14.00
C4 D10 V . 48.71 -0.56 -15.02
C5 D10 V . 49.47 -0.79 -16.35
C6 D10 V . 48.66 -1.52 -17.42
C7 D10 V . 47.35 -0.81 -17.80
C8 D10 V . 47.00 -1.16 -19.26
C9 D10 V . 46.02 -0.19 -19.94
C10 D10 V . 45.11 -0.93 -20.93
C1 D10 W . 61.13 4.87 -15.37
C2 D10 W . 60.54 4.78 -13.95
C3 D10 W . 59.02 5.01 -13.98
C4 D10 W . 58.42 5.01 -12.57
C5 D10 W . 56.95 5.45 -12.69
C6 D10 W . 56.28 5.15 -11.34
C7 D10 W . 54.77 4.88 -11.41
C8 D10 W . 53.91 6.01 -11.97
C9 D10 W . 52.47 5.47 -12.06
C10 D10 W . 51.45 6.56 -12.40
C01 C14 X . 72.96 7.38 -10.71
C02 C14 X . 72.00 8.07 -11.68
C03 C14 X . 70.89 7.12 -12.16
C04 C14 X . 69.87 7.89 -13.01
C05 C14 X . 68.74 7.03 -13.58
C06 C14 X . 67.66 7.94 -14.19
C07 C14 X . 66.36 7.19 -14.49
C08 C14 X . 65.15 8.14 -14.52
C09 C14 X . 64.48 8.24 -13.15
C10 C14 X . 63.42 9.34 -13.12
C11 C14 X . 62.72 9.43 -11.77
C12 C14 X . 61.51 8.49 -11.71
C13 C14 X . 61.01 8.28 -10.28
C14 C14 X . 61.60 6.97 -9.76
C1 D10 Y . 61.30 13.49 -12.17
C2 D10 Y . 62.06 14.67 -11.56
C3 D10 Y . 63.56 14.58 -11.89
C4 D10 Y . 64.35 15.65 -11.13
C5 D10 Y . 65.86 15.37 -11.19
C6 D10 Y . 66.70 16.28 -10.28
C7 D10 Y . 68.20 16.32 -10.59
C8 D10 Y . 68.96 16.69 -9.30
C9 D10 Y . 70.40 16.19 -9.19
C10 D10 Y . 71.26 17.16 -8.36
C1 OCT Z . 58.14 -4.28 -2.49
C2 OCT Z . 57.06 -4.59 -1.45
C3 OCT Z . 55.78 -5.05 -2.15
C4 OCT Z . 54.72 -5.35 -1.08
C5 OCT Z . 53.30 -5.65 -1.58
C6 OCT Z . 53.20 -6.61 -2.76
C7 OCT Z . 51.78 -6.56 -3.33
C8 OCT Z . 51.66 -7.48 -4.54
C1 OCT AA . 48.09 -13.51 0.37
C2 OCT AA . 47.54 -14.72 -0.38
C3 OCT AA . 46.62 -15.58 0.50
C4 OCT AA . 45.39 -15.97 -0.34
C5 OCT AA . 44.15 -15.99 0.54
C6 OCT AA . 42.89 -16.25 -0.28
C7 OCT AA . 42.93 -15.39 -1.53
C8 OCT AA . 41.55 -14.76 -1.72
C1 OCT BA . 51.39 -11.20 6.94
C2 OCT BA . 51.51 -9.67 6.88
C3 OCT BA . 52.73 -9.20 7.68
C4 OCT BA . 54.02 -9.34 6.87
C5 OCT BA . 54.26 -8.14 5.95
C6 OCT BA . 55.65 -8.26 5.30
C7 OCT BA . 55.88 -7.08 4.36
C8 OCT BA . 57.02 -7.32 3.36
C1 D10 CA . 45.13 -9.72 13.50
C2 D10 CA . 45.72 -10.27 14.80
C3 D10 CA . 46.48 -11.58 14.51
C4 D10 CA . 45.51 -12.73 14.26
C5 D10 CA . 46.28 -14.07 14.31
C6 D10 CA . 45.40 -15.31 14.21
C7 D10 CA . 44.57 -15.38 12.93
C8 D10 CA . 44.30 -16.85 12.56
C9 D10 CA . 43.92 -17.11 11.11
C10 D10 CA . 42.92 -18.27 10.99
C1 D10 DA . 58.98 -11.34 14.91
C2 D10 DA . 58.21 -10.04 15.21
C3 D10 DA . 56.94 -9.95 14.37
C4 D10 DA . 56.20 -8.63 14.59
C5 D10 DA . 55.07 -8.53 13.56
C6 D10 DA . 54.15 -7.38 13.98
C7 D10 DA . 52.69 -7.51 13.54
C8 D10 DA . 52.44 -7.58 12.04
C9 D10 DA . 50.94 -7.84 11.84
C10 D10 DA . 50.51 -7.73 10.38
C01 C14 EA . 70.04 -6.37 19.47
C02 C14 EA . 69.59 -6.98 18.14
C03 C14 EA . 68.26 -7.75 18.30
C04 C14 EA . 67.78 -8.24 16.93
C05 C14 EA . 66.49 -9.06 16.97
C06 C14 EA . 65.97 -9.26 15.55
C07 C14 EA . 64.53 -9.78 15.50
C08 C14 EA . 63.82 -9.43 14.17
C09 C14 EA . 63.06 -8.12 14.29
C10 C14 EA . 62.55 -7.65 12.92
C11 C14 EA . 61.77 -6.34 13.01
C12 C14 EA . 60.29 -6.62 13.30
C13 C14 EA . 59.55 -5.35 13.75
C14 C14 EA . 59.48 -5.37 15.27
C1 D10 FA . 62.19 -5.18 8.87
C2 D10 FA . 63.27 -4.21 8.42
C3 D10 FA . 64.62 -4.57 9.03
C4 D10 FA . 65.68 -3.48 8.73
C5 D10 FA . 66.94 -3.69 9.60
C6 D10 FA . 67.94 -2.53 9.51
C7 D10 FA . 69.36 -2.83 10.00
C8 D10 FA . 70.01 -1.51 10.46
C9 D10 FA . 71.10 -1.63 11.53
C10 D10 FA . 72.15 -0.52 11.38
C1 OCT GA . 50.78 -2.68 25.68
C2 OCT GA . 49.54 -1.80 25.85
C3 OCT GA . 48.29 -2.61 25.44
C4 OCT GA . 47.07 -1.69 25.61
C5 OCT GA . 45.73 -2.24 25.08
C6 OCT GA . 45.41 -3.69 25.44
C7 OCT GA . 44.23 -4.16 24.58
C8 OCT GA . 43.92 -5.62 24.90
C1 OCT HA . 40.81 24.39 31.00
C2 OCT HA . 40.02 24.89 29.79
C3 OCT HA . 38.63 24.24 29.78
C4 OCT HA . 37.88 24.75 28.55
C5 OCT HA . 36.51 24.08 28.26
C6 OCT HA . 35.59 23.89 29.45
C7 OCT HA . 34.45 22.96 29.06
C8 OCT HA . 33.53 22.71 30.25
C1 OCT IA . 37.57 -3.21 30.09
C2 OCT IA . 36.68 -4.35 30.62
C3 OCT IA . 35.38 -3.83 31.24
C4 OCT IA . 34.23 -4.72 30.76
C5 OCT IA . 32.99 -3.87 30.54
C6 OCT IA . 31.85 -4.71 29.95
C7 OCT IA . 32.41 -5.55 28.81
C8 OCT IA . 31.45 -5.46 27.63
C1 OCT JA . 40.57 3.67 31.84
C2 OCT JA . 41.31 4.17 30.60
C3 OCT JA . 42.49 5.06 30.98
C4 OCT JA . 43.71 4.22 31.38
C5 OCT JA . 44.55 3.81 30.16
C6 OCT JA . 45.84 3.13 30.63
C7 OCT JA . 46.65 2.69 29.43
C8 OCT JA . 47.73 1.66 29.77
C1 D10 KA . 34.61 10.45 30.18
C2 D10 KA . 34.74 11.43 31.34
C3 D10 KA . 34.94 10.67 32.65
C4 D10 KA . 33.62 10.02 33.13
C5 D10 KA . 33.78 9.57 34.58
C6 D10 KA . 32.49 9.03 35.22
C7 D10 KA . 31.88 7.83 34.47
C8 D10 KA . 31.10 6.96 35.47
C9 D10 KA . 30.85 5.52 35.01
C10 D10 KA . 29.49 5.01 35.52
C1 D10 LA . 46.28 10.84 37.93
C2 D10 LA . 46.06 11.62 36.63
C3 D10 LA . 45.06 10.89 35.71
C4 D10 LA . 44.90 11.61 34.36
C5 D10 LA . 44.06 10.71 33.46
C6 D10 LA . 43.64 11.55 32.25
C7 D10 LA . 42.32 11.14 31.58
C8 D10 LA . 42.29 9.71 31.02
C9 D10 LA . 40.85 9.47 30.51
C10 D10 LA . 40.71 8.16 29.75
C01 C14 MA . 57.65 16.65 40.08
C02 C14 MA . 57.17 15.21 39.93
C03 C14 MA . 55.65 15.10 40.07
C04 C14 MA . 55.20 13.66 39.80
C05 C14 MA . 53.68 13.42 39.96
C06 C14 MA . 53.34 12.03 39.41
C07 C14 MA . 51.83 11.83 39.21
C08 C14 MA . 51.53 10.75 38.17
C09 C14 MA . 51.36 11.37 36.78
C10 C14 MA . 51.27 10.27 35.70
C11 C14 MA . 51.08 10.86 34.30
C12 C14 MA . 49.59 11.06 33.99
C13 C14 MA . 49.37 11.97 32.79
C14 C14 MA . 49.09 13.38 33.28
C1 D10 NA . 52.50 7.43 32.09
C2 D10 NA . 53.94 7.35 31.57
C3 D10 NA . 54.93 7.75 32.66
C4 D10 NA . 56.35 7.85 32.10
C5 D10 NA . 57.29 8.55 33.11
C6 D10 NA . 58.68 8.87 32.53
C7 D10 NA . 59.77 9.19 33.57
C8 D10 NA . 60.84 10.09 32.90
C9 D10 NA . 61.62 11.01 33.84
C10 D10 NA . 63.04 11.26 33.31
#